data_5IUD
#
_entry.id   5IUD
#
_cell.length_a   137.040
_cell.length_b   132.030
_cell.length_c   163.139
_cell.angle_alpha   90.000
_cell.angle_beta   109.130
_cell.angle_gamma   90.000
#
_symmetry.space_group_name_H-M   'P 1 21 1'
#
loop_
_entity.id
_entity.type
_entity.pdbx_description
1 polymer 'DNA polymerase alpha catalytic subunit'
2 polymer 'DNA template'
3 polymer 'DNA primer'
4 water water
#
loop_
_entity_poly.entity_id
_entity_poly.type
_entity_poly.pdbx_seq_one_letter_code
_entity_poly.pdbx_strand_id
1 'polypeptide(L)'
;EQVFHFYWLDAYEDQYNQPGVVFLFGKVWIESAETHVSCCVMVKNIERTLYFLPREMKIDLNTGKETGTPISMKDVYEEF
DEKIATKYKIMKFKSKPVEKNYAFEIPDVPEKSEYLEVKYSAEMPQLPQDLKGETFSHVFGTNTSSLELFLMNRKIKGPC
WLEVKSPQLLNQPVSWCKVEAMALKPDLVNVIKDVSPPPLVVMAFSMKTMQNAKNHQNEIIAMAALVHHSFALDKAAPKP
PFQSHFCVVSKPKDCIFPYAFKEVIEKKNVKVEVAATERTLLGFFLAKVHKIDPDIIVGHNIYGFELEVLLQRINVCKAP
HWSKIGRLKRSNMPKLGGRSGFGERNATCGRMICDVEISAKELIRCKSYHLSELVQQILKTERVVIPMENIQNMYSESSQ
LLYLLEHTWKDAKFILQIMCELNVLPLALQITNIAGNIMSRTLMGGRSERNEFLLLHAFYENNYIVPDKQIFRKPQQKLG
DEDEEIDGDTNKYKKGRKKAAYAGGLVLDPKVGFYDKFILLLDFNSLYPSIIQEFNICFTTVQRVASEAQKVTEDGEQEQ
IPELPDPSLEMGILPREIRKLVERRKQVKQLMKQQDLNPDLILQYDIRQKALKLTANSMYGCLGFSYSRFYAKPLAALVT
YKGREILMHTKEMVQKMNLEVIYGDTDSIMINTNSTNLEEVFKLGNKVKSEVNKLYKLLEIDIDGVFKSLLLLKKKKYAA
LVVEPTSDGNYVTKQELKGLDIVRRDWCDLAKDTGNFVIGQILSDQSRDTIVENIQKRLIEIGENVLNGSVPVSQFEINK
ALTKDPQDYPDKKSLPHVHVALWINSQGGRKVKAGDTVSYVICQDGSNLTASQRAYAPEQLQKQDNLTIDTQYYLAQQIH
PVVARICEPIDGIDAVLIATWLGLDPTQFRVHHYHKDE
;
A,D,G,J
2 'polydeoxyribonucleotide' (DA)(DT)(DG)(DG)(DT)(DA)(DG)(DG)(DG)(DG)(DA)(DA)(DG)(DG)(DA)(DT) B,E,H,K
3 'polydeoxyribonucleotide' (DA)(DT)(DC)(DC)(DT)(DT)(DC)(DC)(DC)(DC)(DT)(DA)(DC) C,F,I,L
#
loop_
_chem_comp.id
_chem_comp.type
_chem_comp.name
_chem_comp.formula
DA DNA linking 2'-DEOXYADENOSINE-5'-MONOPHOSPHATE 'C10 H14 N5 O6 P'
DC DNA linking 2'-DEOXYCYTIDINE-5'-MONOPHOSPHATE 'C9 H14 N3 O7 P'
DG DNA linking 2'-DEOXYGUANOSINE-5'-MONOPHOSPHATE 'C10 H14 N5 O7 P'
DT DNA linking THYMIDINE-5'-MONOPHOSPHATE 'C10 H15 N2 O8 P'
#
# COMPACT_ATOMS: atom_id res chain seq x y z
N GLU A 1 25.17 6.88 -14.25
CA GLU A 1 24.06 7.81 -14.18
C GLU A 1 23.46 7.84 -12.78
N GLN A 2 22.20 7.44 -12.66
CA GLN A 2 21.55 7.40 -11.35
C GLN A 2 22.07 6.24 -10.52
N VAL A 3 22.16 5.05 -11.14
CA VAL A 3 22.67 3.86 -10.48
C VAL A 3 23.62 3.14 -11.44
N PHE A 4 24.33 2.16 -10.91
CA PHE A 4 25.29 1.37 -11.67
C PHE A 4 25.08 -0.10 -11.33
N HIS A 5 24.61 -0.87 -12.30
CA HIS A 5 24.36 -2.30 -12.13
C HIS A 5 25.51 -3.09 -12.74
N PHE A 6 26.15 -3.94 -11.92
CA PHE A 6 27.22 -4.79 -12.41
C PHE A 6 27.18 -6.11 -11.64
N TYR A 7 27.84 -7.11 -12.21
CA TYR A 7 27.88 -8.46 -11.64
C TYR A 7 29.31 -8.72 -11.16
N TRP A 8 29.50 -8.69 -9.85
CA TRP A 8 30.84 -8.81 -9.28
C TRP A 8 31.30 -10.27 -9.31
N LEU A 9 32.59 -10.46 -9.54
CA LEU A 9 33.20 -11.78 -9.64
C LEU A 9 34.37 -11.98 -8.67
N ASP A 10 35.21 -10.96 -8.50
CA ASP A 10 36.36 -11.06 -7.63
C ASP A 10 36.54 -9.75 -6.87
N ALA A 11 37.26 -9.83 -5.75
CA ALA A 11 37.52 -8.66 -4.93
C ALA A 11 38.98 -8.67 -4.48
N TYR A 12 39.55 -7.48 -4.34
CA TYR A 12 40.94 -7.31 -3.94
C TYR A 12 41.02 -6.25 -2.85
N GLU A 13 41.79 -6.56 -1.79
CA GLU A 13 41.97 -5.66 -0.66
C GLU A 13 43.46 -5.50 -0.39
N ASP A 14 43.91 -4.25 -0.31
CA ASP A 14 45.30 -3.93 0.03
C ASP A 14 45.31 -3.40 1.46
N GLN A 15 45.63 -4.29 2.41
CA GLN A 15 45.56 -3.93 3.82
C GLN A 15 46.58 -2.85 4.18
N TYR A 16 47.77 -2.92 3.59
CA TYR A 16 48.88 -2.07 3.99
C TYR A 16 49.05 -0.82 3.13
N ASN A 17 48.95 -0.93 1.81
CA ASN A 17 49.23 0.20 0.93
C ASN A 17 48.02 1.10 0.71
N GLN A 18 46.81 0.63 1.01
CA GLN A 18 45.62 1.45 0.84
C GLN A 18 44.47 0.88 1.67
N PRO A 19 44.38 1.21 2.95
CA PRO A 19 43.40 0.57 3.82
C PRO A 19 42.02 1.18 3.70
N GLY A 20 41.01 0.36 3.98
CA GLY A 20 39.63 0.79 3.93
C GLY A 20 39.02 0.84 2.55
N VAL A 21 39.68 0.28 1.54
CA VAL A 21 39.18 0.28 0.18
C VAL A 21 39.12 -1.17 -0.31
N VAL A 22 38.00 -1.54 -0.91
CA VAL A 22 37.79 -2.87 -1.47
C VAL A 22 37.46 -2.72 -2.94
N PHE A 23 38.35 -3.23 -3.80
CA PHE A 23 38.11 -3.21 -5.24
C PHE A 23 37.26 -4.40 -5.65
N LEU A 24 36.20 -4.14 -6.40
CA LEU A 24 35.35 -5.17 -6.98
C LEU A 24 35.58 -5.23 -8.48
N PHE A 25 35.60 -6.44 -9.03
CA PHE A 25 35.82 -6.65 -10.46
C PHE A 25 34.72 -7.56 -10.99
N GLY A 26 34.10 -7.15 -12.09
CA GLY A 26 33.04 -7.95 -12.67
C GLY A 26 32.63 -7.55 -14.07
N LYS A 27 31.38 -7.86 -14.43
CA LYS A 27 30.86 -7.60 -15.76
C LYS A 27 29.78 -6.54 -15.70
N VAL A 28 29.60 -5.83 -16.82
CA VAL A 28 28.54 -4.84 -16.95
C VAL A 28 28.10 -4.80 -18.42
N TRP A 29 26.81 -4.60 -18.63
CA TRP A 29 26.22 -4.66 -19.98
C TRP A 29 26.35 -3.32 -20.68
N ILE A 30 26.94 -3.33 -21.87
CA ILE A 30 27.07 -2.15 -22.70
C ILE A 30 26.12 -2.35 -23.88
N GLU A 31 24.96 -1.71 -23.82
CA GLU A 31 23.94 -1.90 -24.86
C GLU A 31 24.45 -1.48 -26.23
N SER A 32 25.27 -0.43 -26.28
CA SER A 32 25.78 0.05 -27.57
C SER A 32 26.62 -1.01 -28.27
N ALA A 33 27.50 -1.69 -27.52
CA ALA A 33 28.31 -2.75 -28.10
C ALA A 33 27.60 -4.10 -28.08
N GLU A 34 26.51 -4.23 -27.31
CA GLU A 34 25.79 -5.49 -27.16
C GLU A 34 26.70 -6.60 -26.64
N THR A 35 27.54 -6.26 -25.65
CA THR A 35 28.44 -7.22 -25.04
C THR A 35 28.72 -6.78 -23.62
N HIS A 36 28.98 -7.75 -22.74
CA HIS A 36 29.46 -7.44 -21.41
C HIS A 36 30.95 -7.09 -21.46
N VAL A 37 31.33 -6.09 -20.68
CA VAL A 37 32.73 -5.71 -20.56
C VAL A 37 33.14 -5.82 -19.11
N SER A 38 34.45 -5.84 -18.88
CA SER A 38 34.98 -5.89 -17.53
C SER A 38 34.88 -4.53 -16.87
N CYS A 39 34.46 -4.52 -15.60
CA CYS A 39 34.31 -3.28 -14.85
C CYS A 39 34.97 -3.42 -13.49
N CYS A 40 35.40 -2.29 -12.94
CA CYS A 40 36.04 -2.24 -11.63
C CYS A 40 35.36 -1.18 -10.80
N VAL A 41 34.75 -1.59 -9.68
CA VAL A 41 34.05 -0.68 -8.78
C VAL A 41 34.89 -0.54 -7.52
N MET A 42 35.18 0.70 -7.14
CA MET A 42 36.04 1.00 -6.00
C MET A 42 35.15 1.43 -4.83
N VAL A 43 35.07 0.59 -3.81
CA VAL A 43 34.27 0.87 -2.62
C VAL A 43 35.21 1.45 -1.56
N LYS A 44 34.97 2.70 -1.19
CA LYS A 44 35.82 3.41 -0.24
C LYS A 44 35.15 3.49 1.14
N ASN A 45 35.93 3.98 2.11
CA ASN A 45 35.43 4.35 3.43
C ASN A 45 34.79 3.15 4.15
N ILE A 46 35.47 2.01 4.11
CA ILE A 46 35.08 0.88 4.94
C ILE A 46 35.54 1.15 6.37
N GLU A 47 34.60 1.15 7.30
CA GLU A 47 34.90 1.51 8.68
C GLU A 47 35.67 0.40 9.38
N ARG A 48 36.15 0.72 10.58
CA ARG A 48 36.77 -0.24 11.49
C ARG A 48 35.79 -0.47 12.62
N THR A 49 35.09 -1.61 12.59
CA THR A 49 34.09 -1.92 13.60
C THR A 49 34.75 -2.63 14.77
N LEU A 50 34.77 -1.96 15.93
CA LEU A 50 35.32 -2.50 17.17
C LEU A 50 34.21 -2.71 18.18
N TYR A 51 34.46 -3.63 19.12
CA TYR A 51 33.50 -3.95 20.17
C TYR A 51 34.24 -4.09 21.49
N PHE A 52 34.00 -3.17 22.41
CA PHE A 52 34.62 -3.18 23.73
C PHE A 52 33.66 -3.81 24.73
N LEU A 53 34.11 -4.87 25.39
CA LEU A 53 33.30 -5.54 26.40
C LEU A 53 33.58 -4.92 27.77
N PRO A 54 32.65 -4.18 28.35
CA PRO A 54 32.94 -3.50 29.62
C PRO A 54 33.03 -4.48 30.77
N ARG A 55 33.89 -4.15 31.73
CA ARG A 55 34.02 -4.95 32.94
C ARG A 55 32.89 -4.63 33.91
N GLU A 56 32.71 -5.51 34.90
CA GLU A 56 31.66 -5.30 35.89
C GLU A 56 32.05 -4.21 36.86
N MET A 57 33.33 -4.12 37.22
CA MET A 57 33.83 -3.13 38.16
C MET A 57 35.14 -2.56 37.64
N LYS A 58 35.35 -1.26 37.87
CA LYS A 58 36.59 -0.62 37.44
C LYS A 58 37.75 -1.11 38.29
N ILE A 59 38.80 -1.57 37.62
CA ILE A 59 39.99 -2.09 38.30
C ILE A 59 41.21 -1.35 37.77
N ASP A 60 42.23 -1.24 38.63
CA ASP A 60 43.48 -0.60 38.24
C ASP A 60 44.35 -1.61 37.49
N LEU A 61 44.90 -1.17 36.35
CA LEU A 61 45.62 -2.09 35.47
C LEU A 61 46.89 -2.64 36.12
N ASN A 62 47.54 -1.85 36.98
CA ASN A 62 48.78 -2.31 37.60
C ASN A 62 48.51 -3.25 38.75
N THR A 63 47.63 -2.87 39.68
CA THR A 63 47.32 -3.73 40.81
C THR A 63 46.45 -4.92 40.40
N GLY A 64 45.60 -4.75 39.39
CA GLY A 64 44.71 -5.81 38.99
C GLY A 64 43.63 -6.15 39.99
N LYS A 65 43.40 -5.31 40.98
CA LYS A 65 42.42 -5.54 42.02
C LYS A 65 41.21 -4.62 41.82
N GLU A 66 40.09 -5.03 42.42
CA GLU A 66 38.87 -4.26 42.30
C GLU A 66 38.97 -2.98 43.14
N THR A 67 38.65 -1.84 42.51
CA THR A 67 38.66 -0.56 43.20
C THR A 67 37.32 -0.23 43.86
N GLY A 68 36.26 -0.97 43.55
CA GLY A 68 34.97 -0.71 44.11
C GLY A 68 34.13 0.30 43.36
N THR A 69 34.57 0.74 42.18
CA THR A 69 33.84 1.72 41.41
C THR A 69 33.12 1.03 40.26
N PRO A 70 31.79 1.08 40.19
CA PRO A 70 31.08 0.44 39.08
C PRO A 70 31.43 1.08 37.75
N ILE A 71 31.45 0.24 36.71
CA ILE A 71 31.75 0.67 35.36
C ILE A 71 30.45 0.84 34.58
N SER A 72 30.28 2.00 33.95
CA SER A 72 29.10 2.30 33.15
C SER A 72 29.51 2.49 31.69
N MET A 73 28.51 2.61 30.82
CA MET A 73 28.78 2.80 29.40
C MET A 73 29.45 4.14 29.10
N LYS A 74 29.26 5.14 29.96
CA LYS A 74 29.96 6.40 29.78
C LYS A 74 31.40 6.32 30.26
N ASP A 75 31.68 5.45 31.23
CA ASP A 75 33.05 5.31 31.73
C ASP A 75 33.93 4.59 30.71
N VAL A 76 33.41 3.56 30.06
CA VAL A 76 34.19 2.87 29.03
C VAL A 76 34.38 3.78 27.81
N TYR A 77 33.40 4.63 27.52
CA TYR A 77 33.59 5.63 26.47
C TYR A 77 34.66 6.65 26.86
N GLU A 78 34.76 6.95 28.16
CA GLU A 78 35.75 7.92 28.61
C GLU A 78 37.18 7.39 28.43
N GLU A 79 37.40 6.13 28.84
CA GLU A 79 38.75 5.57 28.77
C GLU A 79 39.25 5.50 27.33
N PHE A 80 38.35 5.22 26.38
CA PHE A 80 38.76 5.15 24.98
C PHE A 80 39.11 6.54 24.45
N ASP A 81 38.23 7.52 24.66
CA ASP A 81 38.47 8.87 24.17
C ASP A 81 39.66 9.52 24.86
N GLU A 82 39.91 9.18 26.12
CA GLU A 82 40.96 9.81 26.90
C GLU A 82 42.31 9.10 26.75
N LYS A 83 42.36 7.81 27.09
CA LYS A 83 43.64 7.10 27.19
C LYS A 83 43.94 6.18 26.01
N ILE A 84 42.93 5.75 25.25
CA ILE A 84 43.14 4.81 24.16
C ILE A 84 43.26 5.53 22.81
N ALA A 85 42.26 6.36 22.48
CA ALA A 85 42.29 7.05 21.19
C ALA A 85 43.44 8.04 21.10
N THR A 86 43.88 8.58 22.24
CA THR A 86 44.99 9.52 22.24
C THR A 86 46.33 8.80 22.14
N LYS A 87 46.48 7.69 22.87
CA LYS A 87 47.75 6.96 22.86
C LYS A 87 48.00 6.29 21.51
N TYR A 88 46.94 5.90 20.81
CA TYR A 88 47.07 5.26 19.51
C TYR A 88 46.75 6.21 18.36
N LYS A 89 46.63 7.51 18.64
CA LYS A 89 46.46 8.54 17.61
C LYS A 89 45.24 8.26 16.72
N ILE A 90 44.07 8.27 17.36
CA ILE A 90 42.80 8.14 16.67
C ILE A 90 42.08 9.48 16.81
N MET A 91 42.22 10.33 15.80
CA MET A 91 41.70 11.69 15.86
C MET A 91 40.17 11.70 15.91
N LYS A 92 39.52 11.28 14.83
CA LYS A 92 38.07 11.25 14.74
C LYS A 92 37.57 9.81 14.74
N PHE A 93 36.43 9.58 15.36
CA PHE A 93 35.82 8.25 15.42
C PHE A 93 34.34 8.41 15.74
N LYS A 94 33.66 7.27 15.82
CA LYS A 94 32.24 7.22 16.17
C LYS A 94 32.05 6.28 17.35
N SER A 95 30.94 6.48 18.07
CA SER A 95 30.66 5.67 19.25
C SER A 95 29.15 5.53 19.40
N LYS A 96 28.73 4.31 19.75
CA LYS A 96 27.32 4.02 19.99
C LYS A 96 27.19 2.70 20.73
N PRO A 97 26.46 2.66 21.85
CA PRO A 97 26.26 1.38 22.55
C PRO A 97 25.36 0.46 21.74
N VAL A 98 25.68 -0.84 21.76
CA VAL A 98 24.93 -1.85 21.03
C VAL A 98 24.95 -3.14 21.84
N GLU A 99 23.98 -4.00 21.56
CA GLU A 99 23.89 -5.32 22.19
C GLU A 99 24.30 -6.38 21.18
N LYS A 100 25.33 -7.13 21.52
CA LYS A 100 25.84 -8.18 20.65
C LYS A 100 25.79 -9.53 21.36
N ASN A 101 25.61 -10.58 20.58
CA ASN A 101 25.63 -11.95 21.07
C ASN A 101 27.00 -12.57 20.84
N TYR A 102 27.36 -13.53 21.68
CA TYR A 102 28.66 -14.17 21.60
C TYR A 102 28.57 -15.56 22.21
N ALA A 103 29.21 -16.53 21.56
CA ALA A 103 29.27 -17.88 22.07
C ALA A 103 30.48 -18.60 21.50
N PHE A 104 31.67 -18.27 21.98
CA PHE A 104 32.90 -18.76 21.37
C PHE A 104 33.93 -19.01 22.46
N GLU A 105 35.21 -19.01 22.07
CA GLU A 105 36.26 -19.61 22.89
C GLU A 105 36.72 -18.71 24.04
N ILE A 106 36.62 -17.39 23.90
CA ILE A 106 37.11 -16.51 24.97
C ILE A 106 36.29 -16.73 26.22
N PRO A 107 36.90 -16.98 27.37
CA PRO A 107 36.14 -17.18 28.60
C PRO A 107 35.75 -15.85 29.23
N ASP A 108 34.83 -15.94 30.20
CA ASP A 108 34.33 -14.77 30.93
C ASP A 108 33.68 -13.76 29.99
N VAL A 109 32.91 -14.25 29.01
CA VAL A 109 32.16 -13.41 28.10
C VAL A 109 30.70 -13.86 28.12
N PRO A 110 29.75 -12.97 28.41
CA PRO A 110 28.35 -13.38 28.44
C PRO A 110 27.82 -13.66 27.03
N GLU A 111 26.75 -14.45 26.97
CA GLU A 111 26.09 -14.71 25.70
C GLU A 111 25.56 -13.41 25.10
N LYS A 112 24.74 -12.69 25.84
CA LYS A 112 24.26 -11.38 25.45
C LYS A 112 24.85 -10.33 26.38
N SER A 113 25.33 -9.24 25.80
CA SER A 113 25.94 -8.18 26.58
C SER A 113 25.89 -6.88 25.79
N GLU A 114 26.16 -5.78 26.48
CA GLU A 114 26.20 -4.45 25.86
C GLU A 114 27.66 -4.10 25.59
N TYR A 115 28.00 -3.95 24.31
CA TYR A 115 29.33 -3.56 23.89
C TYR A 115 29.31 -2.11 23.40
N LEU A 116 30.50 -1.54 23.28
CA LEU A 116 30.67 -0.16 22.78
C LEU A 116 31.17 -0.24 21.35
N GLU A 117 30.25 -0.06 20.39
CA GLU A 117 30.62 -0.08 18.98
C GLU A 117 31.37 1.19 18.61
N VAL A 118 32.61 1.05 18.16
CA VAL A 118 33.46 2.17 17.81
C VAL A 118 33.90 1.99 16.36
N LYS A 119 33.61 2.99 15.53
CA LYS A 119 33.98 2.99 14.12
C LYS A 119 34.90 4.16 13.83
N TYR A 120 36.04 3.88 13.21
CA TYR A 120 36.94 4.94 12.76
C TYR A 120 37.61 4.51 11.46
N SER A 121 38.35 5.45 10.87
CA SER A 121 38.93 5.23 9.55
C SER A 121 40.02 4.15 9.61
N ALA A 122 40.12 3.39 8.51
CA ALA A 122 41.15 2.36 8.42
C ALA A 122 42.53 2.97 8.20
N GLU A 123 42.60 4.25 7.82
CA GLU A 123 43.89 4.92 7.68
C GLU A 123 44.53 5.23 9.02
N MET A 124 43.79 5.13 10.12
CA MET A 124 44.27 5.39 11.46
C MET A 124 44.88 4.12 12.06
N PRO A 125 45.78 4.26 13.03
CA PRO A 125 46.50 3.08 13.56
C PRO A 125 45.56 2.02 14.11
N GLN A 126 46.02 0.77 14.03
CA GLN A 126 45.26 -0.38 14.51
C GLN A 126 45.62 -0.68 15.96
N LEU A 127 44.60 -0.97 16.77
CA LEU A 127 44.82 -1.31 18.15
C LEU A 127 45.45 -2.69 18.28
N PRO A 128 46.02 -3.03 19.44
CA PRO A 128 46.44 -4.40 19.69
C PRO A 128 45.26 -5.31 19.96
N GLN A 129 45.40 -6.58 19.56
CA GLN A 129 44.31 -7.52 19.75
C GLN A 129 44.10 -7.85 21.23
N ASP A 130 45.19 -8.01 21.98
CA ASP A 130 45.13 -8.35 23.39
C ASP A 130 45.02 -7.12 24.29
N LEU A 131 44.40 -6.05 23.79
CA LEU A 131 44.33 -4.81 24.57
C LEU A 131 43.34 -4.96 25.72
N LYS A 132 43.77 -4.55 26.91
CA LYS A 132 42.94 -4.53 28.10
C LYS A 132 42.83 -3.10 28.62
N GLY A 133 41.82 -2.87 29.46
CA GLY A 133 41.59 -1.54 29.98
C GLY A 133 40.99 -1.59 31.38
N GLU A 134 40.96 -0.43 32.02
CA GLU A 134 40.43 -0.34 33.38
C GLU A 134 38.93 -0.55 33.41
N THR A 135 38.23 -0.24 32.32
CA THR A 135 36.78 -0.39 32.24
C THR A 135 36.33 -1.55 31.37
N PHE A 136 37.10 -1.90 30.35
CA PHE A 136 36.76 -2.98 29.44
C PHE A 136 37.73 -4.15 29.62
N SER A 137 37.19 -5.37 29.54
CA SER A 137 37.99 -6.57 29.73
C SER A 137 38.62 -7.07 28.43
N HIS A 138 37.88 -7.02 27.33
CA HIS A 138 38.37 -7.47 26.04
C HIS A 138 37.80 -6.58 24.95
N VAL A 139 38.38 -6.68 23.75
CA VAL A 139 37.94 -5.90 22.61
C VAL A 139 37.97 -6.80 21.37
N PHE A 140 36.90 -6.79 20.60
CA PHE A 140 36.76 -7.61 19.41
C PHE A 140 36.82 -6.75 18.15
N GLY A 141 36.95 -7.42 17.01
CA GLY A 141 37.00 -6.72 15.74
C GLY A 141 38.25 -5.92 15.51
N THR A 142 39.34 -6.24 16.21
CA THR A 142 40.56 -5.44 16.12
C THR A 142 41.15 -5.49 14.72
N ASN A 143 41.29 -6.68 14.16
CA ASN A 143 41.96 -6.88 12.88
C ASN A 143 40.99 -7.33 11.78
N THR A 144 39.70 -7.09 11.94
CA THR A 144 38.73 -7.49 10.93
C THR A 144 39.00 -6.73 9.63
N SER A 145 39.19 -7.47 8.54
CA SER A 145 39.58 -6.88 7.28
C SER A 145 38.43 -6.07 6.67
N SER A 146 38.78 -5.20 5.73
CA SER A 146 37.77 -4.39 5.05
C SER A 146 36.90 -5.24 4.15
N LEU A 147 37.49 -6.22 3.46
CA LEU A 147 36.73 -7.09 2.58
C LEU A 147 35.72 -7.91 3.37
N GLU A 148 36.13 -8.42 4.54
CA GLU A 148 35.22 -9.22 5.36
C GLU A 148 34.07 -8.36 5.86
N LEU A 149 34.37 -7.15 6.34
CA LEU A 149 33.31 -6.26 6.80
C LEU A 149 32.36 -5.91 5.66
N PHE A 150 32.90 -5.67 4.46
CA PHE A 150 32.05 -5.30 3.33
C PHE A 150 31.17 -6.46 2.90
N LEU A 151 31.72 -7.68 2.86
CA LEU A 151 30.93 -8.83 2.41
C LEU A 151 29.86 -9.21 3.42
N MET A 152 30.13 -9.03 4.72
CA MET A 152 29.14 -9.40 5.73
C MET A 152 28.06 -8.34 5.88
N ASN A 153 28.46 -7.06 5.95
CA ASN A 153 27.50 -6.00 6.20
C ASN A 153 26.49 -5.90 5.06
N ARG A 154 26.91 -6.17 3.83
CA ARG A 154 26.05 -6.04 2.67
C ARG A 154 25.44 -7.36 2.23
N LYS A 155 25.67 -8.44 2.97
CA LYS A 155 25.07 -9.75 2.68
C LYS A 155 25.44 -10.24 1.29
N ILE A 156 26.69 -9.96 0.87
CA ILE A 156 27.18 -10.41 -0.43
C ILE A 156 27.54 -11.88 -0.34
N LYS A 157 26.60 -12.75 -0.70
CA LYS A 157 26.80 -14.19 -0.61
C LYS A 157 27.11 -14.74 -2.00
N GLY A 158 28.38 -14.59 -2.39
CA GLY A 158 28.85 -15.09 -3.66
C GLY A 158 28.71 -14.08 -4.78
N PRO A 159 29.15 -14.46 -5.98
CA PRO A 159 28.98 -13.57 -7.14
C PRO A 159 27.50 -13.33 -7.43
N CYS A 160 27.16 -12.06 -7.63
CA CYS A 160 25.78 -11.67 -7.87
C CYS A 160 25.76 -10.29 -8.51
N TRP A 161 24.57 -9.83 -8.87
CA TRP A 161 24.41 -8.49 -9.39
C TRP A 161 24.36 -7.49 -8.24
N LEU A 162 25.06 -6.37 -8.41
CA LEU A 162 25.09 -5.31 -7.42
C LEU A 162 24.70 -4.00 -8.08
N GLU A 163 23.94 -3.19 -7.36
CA GLU A 163 23.69 -1.81 -7.75
C GLU A 163 24.50 -0.89 -6.86
N VAL A 164 25.05 0.16 -7.45
CA VAL A 164 25.88 1.12 -6.72
C VAL A 164 25.17 2.46 -6.79
N LYS A 165 24.38 2.75 -5.76
CA LYS A 165 23.71 4.03 -5.67
C LYS A 165 24.74 5.15 -5.53
N SER A 166 24.46 6.28 -6.18
CA SER A 166 25.38 7.42 -6.22
C SER A 166 26.78 7.01 -6.68
N PRO A 167 26.93 6.48 -7.90
CA PRO A 167 28.27 6.15 -8.38
C PRO A 167 29.07 7.40 -8.70
N GLN A 168 30.39 7.28 -8.61
CA GLN A 168 31.30 8.40 -8.80
C GLN A 168 32.31 8.09 -9.89
N LEU A 169 32.66 9.12 -10.65
CA LEU A 169 33.74 9.01 -11.62
C LEU A 169 35.07 8.86 -10.89
N LEU A 170 35.97 8.06 -11.46
CA LEU A 170 37.31 7.92 -10.93
C LEU A 170 38.21 9.00 -11.50
N ASN A 171 39.03 9.60 -10.64
CA ASN A 171 39.89 10.70 -11.07
C ASN A 171 40.84 10.26 -12.17
N GLN A 172 41.71 9.30 -11.87
CA GLN A 172 42.56 8.68 -12.88
C GLN A 172 42.18 7.22 -13.03
N PRO A 173 42.32 6.66 -14.24
CA PRO A 173 42.00 5.24 -14.43
C PRO A 173 42.86 4.34 -13.55
N VAL A 174 42.24 3.68 -12.58
CA VAL A 174 42.97 2.85 -11.63
C VAL A 174 43.06 1.39 -12.09
N SER A 175 42.22 0.97 -13.02
CA SER A 175 42.09 -0.43 -13.39
C SER A 175 42.36 -0.62 -14.88
N TRP A 176 42.59 -1.89 -15.24
CA TRP A 176 42.72 -2.30 -16.64
C TRP A 176 41.39 -2.69 -17.25
N CYS A 177 40.27 -2.38 -16.59
CA CYS A 177 38.95 -2.76 -17.08
C CYS A 177 38.41 -1.69 -18.02
N LYS A 178 37.30 -2.03 -18.69
CA LYS A 178 36.68 -1.11 -19.63
C LYS A 178 35.95 0.03 -18.91
N VAL A 179 35.22 -0.29 -17.86
CA VAL A 179 34.38 0.66 -17.15
C VAL A 179 34.80 0.68 -15.68
N GLU A 180 34.79 1.87 -15.08
CA GLU A 180 35.16 2.03 -13.68
C GLU A 180 34.18 2.98 -13.00
N ALA A 181 33.98 2.75 -11.71
CA ALA A 181 33.11 3.59 -10.90
C ALA A 181 33.57 3.51 -9.45
N MET A 182 33.16 4.48 -8.65
CA MET A 182 33.56 4.57 -7.26
C MET A 182 32.34 4.66 -6.35
N ALA A 183 32.46 4.05 -5.17
CA ALA A 183 31.44 4.14 -4.13
C ALA A 183 32.03 4.87 -2.94
N LEU A 184 31.33 5.93 -2.50
CA LEU A 184 31.81 6.68 -1.34
C LEU A 184 31.76 5.84 -0.08
N LYS A 185 30.61 5.25 0.23
CA LYS A 185 30.42 4.47 1.43
C LYS A 185 29.89 3.09 1.07
N PRO A 186 30.23 2.06 1.87
CA PRO A 186 29.73 0.71 1.59
C PRO A 186 28.21 0.61 1.60
N ASP A 187 27.50 1.51 2.28
CA ASP A 187 26.05 1.47 2.32
C ASP A 187 25.40 1.72 0.96
N LEU A 188 26.19 2.15 -0.03
CA LEU A 188 25.66 2.47 -1.36
C LEU A 188 25.63 1.26 -2.28
N VAL A 189 26.00 0.08 -1.79
CA VAL A 189 26.04 -1.14 -2.61
C VAL A 189 24.98 -2.09 -2.08
N ASN A 190 24.06 -2.49 -2.96
CA ASN A 190 23.00 -3.42 -2.63
C ASN A 190 23.07 -4.62 -3.57
N VAL A 191 22.25 -5.63 -3.27
CA VAL A 191 22.24 -6.88 -4.01
C VAL A 191 20.95 -6.95 -4.83
N ILE A 192 21.09 -7.12 -6.13
CA ILE A 192 19.96 -7.39 -7.02
C ILE A 192 19.89 -8.88 -7.26
N LYS A 193 18.69 -9.45 -7.15
CA LYS A 193 18.50 -10.89 -7.19
C LYS A 193 17.71 -11.40 -8.37
N ASP A 194 16.94 -10.56 -9.06
CA ASP A 194 16.05 -11.01 -10.13
C ASP A 194 16.69 -10.86 -11.51
N VAL A 195 17.99 -11.14 -11.63
CA VAL A 195 18.70 -11.03 -12.90
C VAL A 195 19.56 -12.26 -13.11
N SER A 196 19.56 -12.78 -14.34
CA SER A 196 20.37 -13.93 -14.68
C SER A 196 21.85 -13.56 -14.70
N PRO A 197 22.74 -14.52 -14.37
CA PRO A 197 24.17 -14.22 -14.39
C PRO A 197 24.68 -14.07 -15.81
N PRO A 198 25.68 -13.23 -16.03
CA PRO A 198 26.20 -13.01 -17.38
C PRO A 198 27.21 -14.07 -17.74
N PRO A 199 27.40 -14.35 -19.03
CA PRO A 199 28.49 -15.23 -19.44
C PRO A 199 29.84 -14.59 -19.13
N LEU A 200 30.87 -15.43 -19.08
CA LEU A 200 32.21 -14.98 -18.73
C LEU A 200 33.14 -15.16 -19.91
N VAL A 201 34.29 -14.48 -19.84
CA VAL A 201 35.36 -14.62 -20.83
C VAL A 201 36.41 -15.53 -20.24
N VAL A 202 36.57 -16.71 -20.82
CA VAL A 202 37.49 -17.73 -20.34
C VAL A 202 38.67 -17.83 -21.30
N MET A 203 39.87 -17.95 -20.73
CA MET A 203 41.10 -18.10 -21.53
C MET A 203 41.96 -19.17 -20.89
N ALA A 204 42.02 -20.34 -21.52
CA ALA A 204 42.93 -21.40 -21.11
C ALA A 204 44.22 -21.29 -21.91
N PHE A 205 45.34 -21.51 -21.23
CA PHE A 205 46.64 -21.28 -21.86
C PHE A 205 47.66 -22.30 -21.38
N SER A 206 48.75 -22.40 -22.13
CA SER A 206 49.89 -23.24 -21.74
C SER A 206 51.16 -22.57 -22.25
N MET A 207 52.29 -23.01 -21.71
CA MET A 207 53.58 -22.44 -22.07
C MET A 207 54.65 -23.52 -21.98
N LYS A 208 55.71 -23.34 -22.77
CA LYS A 208 56.87 -24.22 -22.77
C LYS A 208 58.10 -23.44 -22.36
N THR A 209 58.89 -23.99 -21.45
CA THR A 209 60.06 -23.33 -20.90
C THR A 209 61.33 -24.08 -21.31
N MET A 210 62.47 -23.55 -20.89
CA MET A 210 63.77 -24.11 -21.21
C MET A 210 64.82 -23.45 -20.34
N GLN A 211 65.73 -24.25 -19.79
CA GLN A 211 66.79 -23.71 -18.95
C GLN A 211 67.91 -23.13 -19.82
N ASN A 212 68.39 -21.95 -19.42
CA ASN A 212 69.46 -21.30 -20.16
C ASN A 212 70.79 -22.01 -19.92
N ALA A 213 71.69 -21.89 -20.89
CA ALA A 213 72.99 -22.53 -20.78
C ALA A 213 73.87 -21.86 -19.73
N LYS A 214 73.83 -20.54 -19.65
CA LYS A 214 74.65 -19.82 -18.67
C LYS A 214 73.98 -19.79 -17.30
N ASN A 215 72.77 -19.24 -17.23
CA ASN A 215 72.03 -19.15 -15.99
C ASN A 215 71.02 -20.30 -15.89
N HIS A 216 70.77 -20.74 -14.66
CA HIS A 216 69.87 -21.87 -14.44
C HIS A 216 68.40 -21.46 -14.44
N GLN A 217 68.09 -20.18 -14.64
CA GLN A 217 66.70 -19.75 -14.69
C GLN A 217 66.04 -20.23 -15.98
N ASN A 218 64.72 -20.40 -15.91
CA ASN A 218 63.96 -20.84 -17.07
C ASN A 218 63.82 -19.71 -18.08
N GLU A 219 63.11 -20.00 -19.16
CA GLU A 219 62.93 -19.03 -20.25
C GLU A 219 61.71 -19.44 -21.06
N ILE A 220 60.80 -18.50 -21.27
CA ILE A 220 59.57 -18.78 -22.01
C ILE A 220 59.90 -18.87 -23.50
N ILE A 221 59.68 -20.04 -24.08
CA ILE A 221 59.92 -20.23 -25.51
C ILE A 221 58.65 -20.01 -26.33
N ALA A 222 57.52 -20.55 -25.88
CA ALA A 222 56.29 -20.46 -26.64
C ALA A 222 55.10 -20.48 -25.69
N MET A 223 54.07 -19.70 -26.03
CA MET A 223 52.82 -19.67 -25.29
C MET A 223 51.66 -19.78 -26.27
N ALA A 224 50.61 -20.48 -25.85
CA ALA A 224 49.39 -20.60 -26.64
C ALA A 224 48.20 -20.42 -25.71
N ALA A 225 47.09 -19.94 -26.28
CA ALA A 225 45.89 -19.69 -25.48
C ALA A 225 44.65 -19.82 -26.34
N LEU A 226 43.60 -20.36 -25.75
CA LEU A 226 42.28 -20.44 -26.38
C LEU A 226 41.32 -19.56 -25.60
N VAL A 227 40.43 -18.87 -26.33
CA VAL A 227 39.54 -17.88 -25.73
C VAL A 227 38.11 -18.17 -26.14
N HIS A 228 37.19 -18.08 -25.17
CA HIS A 228 35.77 -18.07 -25.44
C HIS A 228 35.17 -16.87 -24.72
N HIS A 229 34.35 -16.10 -25.42
CA HIS A 229 33.91 -14.80 -24.93
C HIS A 229 32.53 -14.83 -24.27
N SER A 230 31.79 -15.93 -24.38
CA SER A 230 30.47 -16.04 -23.77
C SER A 230 30.32 -17.43 -23.12
N PHE A 231 31.24 -17.75 -22.23
CA PHE A 231 31.21 -19.02 -21.50
C PHE A 231 30.23 -18.89 -20.35
N ALA A 232 29.12 -19.60 -20.43
CA ALA A 232 28.06 -19.48 -19.44
C ALA A 232 28.34 -20.40 -18.25
N LEU A 233 28.21 -19.86 -17.04
CA LEU A 233 28.27 -20.66 -15.83
C LEU A 233 26.92 -21.31 -15.50
N ASP A 234 25.83 -20.79 -16.07
CA ASP A 234 24.49 -21.24 -15.76
C ASP A 234 24.09 -22.49 -16.54
N LYS A 235 24.82 -22.85 -17.58
CA LYS A 235 24.46 -23.98 -18.42
C LYS A 235 25.73 -24.78 -18.73
N ALA A 236 25.61 -25.75 -19.63
CA ALA A 236 26.73 -26.60 -19.99
C ALA A 236 27.77 -25.79 -20.76
N ALA A 237 28.93 -26.41 -20.94
CA ALA A 237 30.04 -25.74 -21.61
C ALA A 237 29.74 -25.61 -23.11
N PRO A 238 30.25 -24.56 -23.74
CA PRO A 238 30.01 -24.38 -25.18
C PRO A 238 30.76 -25.40 -26.01
N LYS A 239 30.20 -25.70 -27.18
CA LYS A 239 30.83 -26.61 -28.13
C LYS A 239 30.95 -25.94 -29.50
N PRO A 240 32.18 -25.58 -29.90
CA PRO A 240 33.45 -25.81 -29.20
C PRO A 240 33.67 -24.88 -27.99
N PRO A 241 34.50 -25.30 -27.05
CA PRO A 241 34.72 -24.50 -25.84
C PRO A 241 35.55 -23.24 -26.07
N PHE A 242 35.96 -22.95 -27.30
CA PHE A 242 36.76 -21.77 -27.59
C PHE A 242 36.32 -21.16 -28.91
N GLN A 243 36.45 -19.84 -29.02
CA GLN A 243 36.08 -19.11 -30.22
C GLN A 243 37.26 -18.53 -30.97
N SER A 244 38.38 -18.29 -30.30
CA SER A 244 39.56 -17.72 -30.94
C SER A 244 40.80 -18.25 -30.24
N HIS A 245 41.96 -17.96 -30.83
CA HIS A 245 43.22 -18.46 -30.29
C HIS A 245 44.36 -17.58 -30.80
N PHE A 246 45.49 -17.68 -30.10
CA PHE A 246 46.73 -17.05 -30.55
C PHE A 246 47.90 -17.84 -30.00
N CYS A 247 48.96 -17.95 -30.80
CA CYS A 247 50.16 -18.69 -30.44
C CYS A 247 51.38 -17.81 -30.67
N VAL A 248 52.30 -17.82 -29.71
CA VAL A 248 53.51 -17.00 -29.76
C VAL A 248 54.73 -17.90 -29.65
N VAL A 249 55.84 -17.47 -30.24
CA VAL A 249 57.08 -18.23 -30.22
C VAL A 249 58.25 -17.27 -30.38
N SER A 250 59.31 -17.49 -29.58
CA SER A 250 60.49 -16.65 -29.64
C SER A 250 61.77 -17.49 -29.63
N LYS A 251 62.93 -16.82 -29.55
CA LYS A 251 64.23 -17.45 -29.54
C LYS A 251 64.96 -17.19 -28.23
N PRO A 252 65.79 -18.12 -27.78
CA PRO A 252 66.75 -17.80 -26.71
C PRO A 252 67.81 -16.83 -27.20
N LYS A 253 68.80 -16.53 -26.34
CA LYS A 253 69.81 -15.55 -26.71
C LYS A 253 70.74 -16.08 -27.79
N ASP A 254 71.23 -17.31 -27.63
CA ASP A 254 72.21 -17.90 -28.53
C ASP A 254 71.59 -18.86 -29.54
N CYS A 255 70.28 -18.74 -29.80
CA CYS A 255 69.58 -19.60 -30.74
C CYS A 255 68.87 -18.76 -31.79
N ILE A 256 68.86 -19.27 -33.03
CA ILE A 256 68.22 -18.61 -34.16
C ILE A 256 67.25 -19.60 -34.80
N PHE A 257 66.26 -19.05 -35.49
CA PHE A 257 65.13 -19.82 -36.02
C PHE A 257 65.53 -20.59 -37.28
N PRO A 258 64.85 -21.71 -37.54
CA PRO A 258 64.99 -22.36 -38.85
C PRO A 258 64.46 -21.46 -39.96
N TYR A 259 64.86 -21.79 -41.19
CA TYR A 259 64.71 -20.88 -42.32
C TYR A 259 63.24 -20.74 -42.73
N ALA A 260 62.89 -19.51 -43.11
CA ALA A 260 61.61 -19.19 -43.75
C ALA A 260 60.43 -19.46 -42.83
N PHE A 261 60.60 -19.13 -41.55
CA PHE A 261 59.53 -19.35 -40.59
C PHE A 261 58.29 -18.55 -40.96
N LYS A 262 58.48 -17.26 -41.29
CA LYS A 262 57.35 -16.41 -41.66
C LYS A 262 56.63 -16.97 -42.88
N GLU A 263 57.37 -17.19 -43.97
CA GLU A 263 56.75 -17.68 -45.20
C GLU A 263 56.04 -19.02 -44.96
N VAL A 264 56.72 -19.97 -44.34
CA VAL A 264 56.10 -21.27 -44.07
C VAL A 264 54.85 -21.09 -43.20
N ILE A 265 54.94 -20.26 -42.17
CA ILE A 265 53.76 -19.95 -41.38
C ILE A 265 52.74 -19.18 -42.22
N GLU A 266 53.22 -18.19 -42.98
CA GLU A 266 52.34 -17.49 -43.91
C GLU A 266 51.79 -18.45 -44.97
N LYS A 267 52.57 -19.48 -45.33
CA LYS A 267 52.06 -20.49 -46.24
C LYS A 267 51.07 -21.41 -45.54
N LYS A 268 51.38 -21.81 -44.30
CA LYS A 268 50.48 -22.67 -43.54
C LYS A 268 49.23 -21.96 -43.06
N ASN A 269 49.19 -20.63 -43.15
CA ASN A 269 48.04 -19.80 -42.80
C ASN A 269 47.65 -19.92 -41.32
N VAL A 270 48.52 -20.47 -40.48
CA VAL A 270 48.24 -20.60 -39.06
C VAL A 270 48.52 -19.27 -38.38
N LYS A 271 47.61 -18.87 -37.48
CA LYS A 271 47.73 -17.60 -36.76
C LYS A 271 48.78 -17.76 -35.67
N VAL A 272 50.04 -17.54 -36.03
CA VAL A 272 51.17 -17.67 -35.12
C VAL A 272 51.99 -16.39 -35.17
N GLU A 273 52.33 -15.84 -34.00
CA GLU A 273 53.12 -14.62 -33.89
C GLU A 273 54.58 -14.97 -33.63
N VAL A 274 55.48 -14.25 -34.30
CA VAL A 274 56.92 -14.44 -34.17
C VAL A 274 57.48 -13.30 -33.34
N ALA A 275 58.15 -13.63 -32.25
CA ALA A 275 58.79 -12.66 -31.38
C ALA A 275 60.30 -12.79 -31.49
N ALA A 276 60.99 -11.67 -31.67
CA ALA A 276 62.44 -11.68 -31.76
C ALA A 276 63.07 -12.17 -30.45
N THR A 277 62.87 -11.41 -29.38
CA THR A 277 63.37 -11.78 -28.07
C THR A 277 62.22 -12.18 -27.16
N GLU A 278 62.57 -12.86 -26.07
CA GLU A 278 61.55 -13.29 -25.11
C GLU A 278 60.81 -12.09 -24.51
N ARG A 279 61.48 -10.95 -24.38
CA ARG A 279 60.81 -9.75 -23.90
C ARG A 279 59.70 -9.32 -24.84
N THR A 280 59.92 -9.45 -26.15
CA THR A 280 58.87 -9.17 -27.11
C THR A 280 57.71 -10.15 -26.97
N LEU A 281 58.00 -11.40 -26.61
CA LEU A 281 56.95 -12.41 -26.46
C LEU A 281 56.05 -12.08 -25.28
N LEU A 282 56.64 -11.74 -24.13
CA LEU A 282 55.85 -11.46 -22.94
C LEU A 282 54.99 -10.21 -23.14
N GLY A 283 55.53 -9.18 -23.80
CA GLY A 283 54.73 -8.01 -24.08
C GLY A 283 53.56 -8.30 -24.99
N PHE A 284 53.71 -9.27 -25.90
CA PHE A 284 52.60 -9.67 -26.75
C PHE A 284 51.52 -10.39 -25.94
N PHE A 285 51.94 -11.27 -25.03
CA PHE A 285 50.97 -12.02 -24.22
C PHE A 285 50.25 -11.09 -23.25
N LEU A 286 50.98 -10.16 -22.62
CA LEU A 286 50.35 -9.20 -21.73
C LEU A 286 49.31 -8.37 -22.47
N ALA A 287 49.66 -7.89 -23.67
CA ALA A 287 48.71 -7.10 -24.46
C ALA A 287 47.53 -7.94 -24.90
N LYS A 288 47.73 -9.24 -25.10
CA LYS A 288 46.61 -10.11 -25.46
C LYS A 288 45.68 -10.32 -24.28
N VAL A 289 46.25 -10.55 -23.08
CA VAL A 289 45.43 -10.66 -21.88
C VAL A 289 44.66 -9.36 -21.66
N HIS A 290 45.30 -8.22 -21.93
CA HIS A 290 44.67 -6.93 -21.72
C HIS A 290 43.50 -6.72 -22.68
N LYS A 291 43.67 -7.10 -23.95
CA LYS A 291 42.62 -6.91 -24.95
C LYS A 291 41.51 -7.93 -24.77
N ILE A 292 41.87 -9.20 -24.59
CA ILE A 292 40.86 -10.22 -24.33
C ILE A 292 40.13 -9.93 -23.04
N ASP A 293 40.87 -9.53 -21.99
CA ASP A 293 40.33 -9.24 -20.68
C ASP A 293 39.50 -10.41 -20.14
N PRO A 294 40.13 -11.57 -19.91
CA PRO A 294 39.36 -12.71 -19.43
C PRO A 294 39.01 -12.57 -17.97
N ASP A 295 37.89 -13.19 -17.60
CA ASP A 295 37.50 -13.27 -16.19
C ASP A 295 38.14 -14.46 -15.50
N ILE A 296 38.40 -15.53 -16.22
CA ILE A 296 38.95 -16.77 -15.67
C ILE A 296 40.10 -17.20 -16.57
N ILE A 297 41.29 -17.37 -15.99
CA ILE A 297 42.44 -17.92 -16.68
C ILE A 297 42.61 -19.35 -16.25
N VAL A 298 42.72 -20.27 -17.21
CA VAL A 298 42.78 -21.70 -16.95
C VAL A 298 44.14 -22.22 -17.39
N GLY A 299 44.66 -23.17 -16.63
CA GLY A 299 45.95 -23.76 -16.95
C GLY A 299 46.21 -24.95 -16.06
N HIS A 300 47.39 -25.52 -16.22
CA HIS A 300 47.83 -26.67 -15.41
C HIS A 300 49.10 -26.30 -14.68
N ASN A 301 49.19 -26.70 -13.41
CA ASN A 301 50.35 -26.45 -12.57
C ASN A 301 50.71 -24.97 -12.55
N ILE A 302 49.69 -24.14 -12.31
CA ILE A 302 49.87 -22.69 -12.40
C ILE A 302 50.64 -22.16 -11.19
N TYR A 303 50.16 -22.47 -9.98
CA TYR A 303 50.82 -21.93 -8.80
C TYR A 303 52.15 -22.60 -8.53
N GLY A 304 52.31 -23.86 -8.89
CA GLY A 304 53.55 -24.55 -8.61
C GLY A 304 54.72 -24.05 -9.45
N PHE A 305 54.45 -23.71 -10.72
CA PHE A 305 55.55 -23.42 -11.63
C PHE A 305 55.21 -22.33 -12.65
N GLU A 306 54.10 -22.48 -13.37
CA GLU A 306 53.87 -21.67 -14.56
C GLU A 306 53.73 -20.19 -14.22
N LEU A 307 52.85 -19.84 -13.28
CA LEU A 307 52.64 -18.44 -12.97
C LEU A 307 53.88 -17.83 -12.30
N GLU A 308 54.54 -18.59 -11.42
CA GLU A 308 55.73 -18.08 -10.76
C GLU A 308 56.83 -17.78 -11.76
N VAL A 309 56.95 -18.60 -12.81
CA VAL A 309 57.96 -18.35 -13.84
C VAL A 309 57.58 -17.15 -14.68
N LEU A 310 56.30 -17.05 -15.08
CA LEU A 310 55.85 -15.95 -15.91
C LEU A 310 56.17 -14.60 -15.28
N LEU A 311 55.83 -14.44 -14.00
CA LEU A 311 56.16 -13.20 -13.30
C LEU A 311 57.66 -13.00 -13.21
N GLN A 312 58.42 -14.09 -13.01
CA GLN A 312 59.86 -13.97 -12.86
C GLN A 312 60.51 -13.53 -14.17
N ARG A 313 60.10 -14.11 -15.29
CA ARG A 313 60.66 -13.73 -16.59
C ARG A 313 60.29 -12.29 -16.94
N ILE A 314 59.05 -11.89 -16.66
CA ILE A 314 58.64 -10.52 -16.89
C ILE A 314 59.50 -9.57 -16.07
N ASN A 315 59.84 -9.95 -14.84
CA ASN A 315 60.72 -9.13 -14.02
C ASN A 315 62.13 -9.12 -14.59
N VAL A 316 62.65 -10.28 -15.00
CA VAL A 316 64.01 -10.36 -15.52
C VAL A 316 64.11 -9.63 -16.86
N CYS A 317 63.24 -9.97 -17.81
CA CYS A 317 63.27 -9.35 -19.12
C CYS A 317 62.81 -7.90 -19.11
N LYS A 318 62.26 -7.42 -17.99
CA LYS A 318 61.76 -6.05 -17.87
C LYS A 318 60.68 -5.76 -18.90
N ALA A 319 59.69 -6.66 -18.97
CA ALA A 319 58.58 -6.47 -19.88
C ALA A 319 57.64 -5.40 -19.32
N PRO A 320 57.19 -4.45 -20.13
CA PRO A 320 56.39 -3.35 -19.60
C PRO A 320 54.98 -3.80 -19.25
N HIS A 321 54.41 -3.13 -18.24
CA HIS A 321 53.03 -3.32 -17.82
C HIS A 321 52.77 -4.75 -17.37
N TRP A 322 53.48 -5.16 -16.31
CA TRP A 322 53.27 -6.49 -15.76
C TRP A 322 51.88 -6.66 -15.18
N SER A 323 51.32 -5.58 -14.62
CA SER A 323 50.04 -5.66 -13.92
C SER A 323 48.88 -5.96 -14.86
N LYS A 324 49.10 -6.00 -16.18
CA LYS A 324 48.06 -6.39 -17.10
C LYS A 324 47.67 -7.86 -16.94
N ILE A 325 48.52 -8.67 -16.29
CA ILE A 325 48.16 -10.04 -15.99
C ILE A 325 46.95 -10.09 -15.06
N GLY A 326 46.69 -9.00 -14.32
CA GLY A 326 45.49 -8.86 -13.52
C GLY A 326 44.59 -7.77 -14.05
N ARG A 327 43.90 -7.06 -13.16
CA ARG A 327 42.99 -6.00 -13.56
C ARG A 327 43.20 -4.69 -12.83
N LEU A 328 44.16 -4.61 -11.91
CA LEU A 328 44.43 -3.41 -11.14
C LEU A 328 45.84 -2.92 -11.44
N LYS A 329 45.95 -1.65 -11.82
CA LYS A 329 47.26 -1.08 -12.12
C LYS A 329 48.12 -1.03 -10.87
N ARG A 330 49.31 -1.60 -10.95
CA ARG A 330 50.26 -1.62 -9.84
C ARG A 330 51.66 -1.38 -10.38
N SER A 331 52.48 -0.71 -9.57
CA SER A 331 53.81 -0.30 -10.02
C SER A 331 54.83 -1.44 -9.91
N ASN A 332 54.80 -2.19 -8.81
CA ASN A 332 55.76 -3.26 -8.59
C ASN A 332 55.04 -4.51 -8.09
N MET A 333 55.57 -5.70 -8.50
CA MET A 333 55.03 -7.01 -8.19
C MET A 333 55.59 -7.54 -6.89
N PRO A 334 54.84 -8.40 -6.19
CA PRO A 334 55.34 -8.97 -4.94
C PRO A 334 56.41 -10.02 -5.19
N LYS A 335 57.05 -10.43 -4.10
CA LYS A 335 58.09 -11.45 -4.17
C LYS A 335 57.47 -12.85 -4.30
N LEU A 336 58.16 -13.71 -5.02
CA LEU A 336 57.69 -15.08 -5.22
C LEU A 336 58.78 -16.09 -4.90
N GLY A 343 52.02 -16.97 -0.30
CA GLY A 343 51.76 -15.66 -0.87
C GLY A 343 51.76 -15.69 -2.39
N GLU A 344 51.82 -14.51 -3.00
CA GLU A 344 51.83 -14.29 -4.45
C GLU A 344 50.55 -14.74 -5.14
N ARG A 345 49.56 -15.28 -4.41
CA ARG A 345 48.28 -15.61 -5.02
C ARG A 345 47.49 -14.36 -5.38
N ASN A 346 47.74 -13.26 -4.68
CA ASN A 346 47.11 -11.97 -4.98
C ASN A 346 47.90 -11.21 -6.03
N ALA A 347 48.30 -11.91 -7.09
CA ALA A 347 49.04 -11.31 -8.20
C ALA A 347 48.19 -11.07 -9.42
N THR A 348 47.19 -11.93 -9.66
CA THR A 348 46.26 -11.80 -10.78
C THR A 348 44.88 -11.36 -10.30
N CYS A 349 44.85 -10.38 -9.39
CA CYS A 349 43.59 -9.92 -8.82
C CYS A 349 42.67 -9.39 -9.92
N GLY A 350 41.37 -9.59 -9.74
CA GLY A 350 40.37 -9.29 -10.74
C GLY A 350 40.16 -10.40 -11.74
N ARG A 351 41.09 -11.35 -11.85
CA ARG A 351 40.97 -12.49 -12.74
C ARG A 351 41.04 -13.76 -11.92
N MET A 352 40.13 -14.69 -12.17
CA MET A 352 40.13 -15.97 -11.47
C MET A 352 41.13 -16.92 -12.11
N ILE A 353 41.80 -17.71 -11.28
CA ILE A 353 42.80 -18.67 -11.72
C ILE A 353 42.28 -20.07 -11.44
N CYS A 354 42.11 -20.85 -12.50
CA CYS A 354 41.66 -22.24 -12.40
C CYS A 354 42.80 -23.15 -12.80
N ASP A 355 43.28 -23.94 -11.85
CA ASP A 355 44.29 -24.97 -12.09
C ASP A 355 43.56 -26.30 -12.17
N VAL A 356 43.51 -26.89 -13.37
CA VAL A 356 42.72 -28.10 -13.57
C VAL A 356 43.27 -29.24 -12.74
N GLU A 357 44.58 -29.26 -12.48
CA GLU A 357 45.17 -30.31 -11.67
C GLU A 357 44.73 -30.19 -10.22
N ILE A 358 44.50 -28.97 -9.74
CA ILE A 358 43.99 -28.79 -8.38
C ILE A 358 42.51 -29.12 -8.31
N SER A 359 41.74 -28.66 -9.30
CA SER A 359 40.30 -28.93 -9.31
C SER A 359 40.03 -30.42 -9.47
N ALA A 360 40.87 -31.12 -10.23
CA ALA A 360 40.68 -32.56 -10.39
C ALA A 360 40.89 -33.30 -9.09
N LYS A 361 41.81 -32.82 -8.24
CA LYS A 361 42.07 -33.47 -6.97
C LYS A 361 40.86 -33.41 -6.04
N GLU A 362 39.92 -32.50 -6.29
CA GLU A 362 38.73 -32.38 -5.46
C GLU A 362 37.52 -33.08 -6.06
N LEU A 363 37.57 -33.44 -7.35
CA LEU A 363 36.41 -34.00 -8.03
C LEU A 363 36.55 -35.45 -8.43
N ILE A 364 37.75 -35.90 -8.79
CA ILE A 364 37.98 -37.27 -9.24
C ILE A 364 39.15 -37.86 -8.45
N ARG A 365 39.42 -39.14 -8.71
CA ARG A 365 40.48 -39.87 -8.03
C ARG A 365 41.37 -40.53 -9.08
N CYS A 366 42.65 -40.19 -9.07
CA CYS A 366 43.60 -40.71 -10.04
C CYS A 366 44.89 -41.10 -9.34
N LYS A 367 45.68 -41.95 -10.01
CA LYS A 367 46.99 -42.30 -9.47
C LYS A 367 47.90 -41.09 -9.44
N SER A 368 47.98 -40.35 -10.54
CA SER A 368 48.73 -39.11 -10.62
C SER A 368 47.82 -38.02 -11.16
N TYR A 369 48.07 -36.79 -10.73
CA TYR A 369 47.24 -35.65 -11.10
C TYR A 369 47.95 -34.67 -12.03
N HIS A 370 48.99 -35.11 -12.72
CA HIS A 370 49.61 -34.25 -13.72
C HIS A 370 48.76 -34.24 -15.00
N LEU A 371 48.99 -33.22 -15.83
CA LEU A 371 48.15 -33.01 -17.01
C LEU A 371 48.15 -34.24 -17.92
N SER A 372 49.32 -34.83 -18.16
CA SER A 372 49.40 -36.00 -19.04
C SER A 372 48.52 -37.13 -18.56
N GLU A 373 48.44 -37.33 -17.23
CA GLU A 373 47.60 -38.38 -16.68
C GLU A 373 46.13 -37.99 -16.69
N LEU A 374 45.81 -36.70 -16.60
CA LEU A 374 44.42 -36.27 -16.65
C LEU A 374 43.81 -36.50 -18.02
N VAL A 375 44.56 -36.17 -19.08
CA VAL A 375 44.06 -36.37 -20.44
C VAL A 375 43.83 -37.84 -20.74
N GLN A 376 44.62 -38.71 -20.10
CA GLN A 376 44.47 -40.15 -20.33
C GLN A 376 43.24 -40.72 -19.65
N GLN A 377 42.78 -40.10 -18.56
CA GLN A 377 41.65 -40.61 -17.79
C GLN A 377 40.35 -39.87 -18.08
N ILE A 378 40.40 -38.55 -18.31
CA ILE A 378 39.20 -37.77 -18.55
C ILE A 378 38.88 -37.74 -20.04
N LEU A 379 39.85 -37.30 -20.84
CA LEU A 379 39.63 -37.09 -22.27
C LEU A 379 39.83 -38.36 -23.11
N LYS A 380 40.26 -39.45 -22.49
CA LYS A 380 40.42 -40.74 -23.18
C LYS A 380 41.34 -40.62 -24.39
N THR A 381 42.31 -39.72 -24.34
CA THR A 381 43.27 -39.50 -25.41
C THR A 381 44.66 -39.41 -24.83
N GLU A 382 45.62 -40.00 -25.52
CA GLU A 382 47.01 -39.98 -25.06
C GLU A 382 47.63 -38.62 -25.35
N ARG A 383 48.56 -38.22 -24.48
CA ARG A 383 49.30 -36.98 -24.62
C ARG A 383 50.78 -37.30 -24.74
N VAL A 384 51.39 -36.85 -25.83
CA VAL A 384 52.83 -36.98 -26.03
C VAL A 384 53.52 -35.72 -25.52
N VAL A 385 54.54 -35.90 -24.68
CA VAL A 385 55.26 -34.80 -24.08
C VAL A 385 56.65 -34.74 -24.68
N ILE A 386 57.13 -33.52 -24.94
CA ILE A 386 58.47 -33.33 -25.50
C ILE A 386 59.46 -33.18 -24.35
N PRO A 387 60.55 -33.94 -24.36
CA PRO A 387 61.53 -33.80 -23.27
C PRO A 387 62.24 -32.46 -23.32
N MET A 388 62.50 -31.89 -22.14
CA MET A 388 63.16 -30.60 -22.05
C MET A 388 64.59 -30.62 -22.56
N GLU A 389 65.14 -31.80 -22.85
CA GLU A 389 66.49 -31.91 -23.40
C GLU A 389 66.49 -31.89 -24.93
N ASN A 390 65.40 -32.35 -25.56
CA ASN A 390 65.32 -32.41 -27.01
C ASN A 390 64.73 -31.15 -27.62
N ILE A 391 64.27 -30.19 -26.81
CA ILE A 391 63.73 -28.95 -27.36
C ILE A 391 64.83 -28.07 -27.92
N GLN A 392 66.07 -28.21 -27.45
CA GLN A 392 67.18 -27.47 -28.04
C GLN A 392 67.46 -27.94 -29.46
N ASN A 393 67.45 -29.26 -29.67
CA ASN A 393 67.61 -29.79 -31.02
C ASN A 393 66.37 -29.56 -31.88
N MET A 394 65.22 -29.28 -31.26
CA MET A 394 64.03 -28.96 -32.02
C MET A 394 64.14 -27.63 -32.76
N TYR A 395 65.07 -26.78 -32.35
CA TYR A 395 65.32 -25.52 -33.04
C TYR A 395 66.15 -25.70 -34.31
N SER A 396 66.49 -26.94 -34.68
CA SER A 396 67.27 -27.17 -35.89
C SER A 396 66.41 -27.09 -37.13
N GLU A 397 65.27 -27.79 -37.13
CA GLU A 397 64.33 -27.77 -38.24
C GLU A 397 62.99 -27.20 -37.77
N SER A 398 62.37 -26.38 -38.61
CA SER A 398 61.08 -25.79 -38.26
C SER A 398 59.98 -26.84 -38.19
N SER A 399 60.11 -27.93 -38.95
CA SER A 399 59.14 -29.03 -38.85
C SER A 399 59.14 -29.64 -37.46
N GLN A 400 60.29 -29.63 -36.78
CA GLN A 400 60.36 -30.09 -35.40
C GLN A 400 60.01 -29.00 -34.40
N LEU A 401 60.05 -27.73 -34.81
CA LEU A 401 59.68 -26.62 -33.94
C LEU A 401 58.23 -26.19 -34.12
N LEU A 402 57.69 -26.27 -35.34
CA LEU A 402 56.27 -26.00 -35.51
C LEU A 402 55.43 -27.11 -34.86
N TYR A 403 55.98 -28.32 -34.78
CA TYR A 403 55.33 -29.36 -33.98
C TYR A 403 55.41 -29.05 -32.50
N LEU A 404 56.42 -28.26 -32.09
CA LEU A 404 56.54 -27.89 -30.68
C LEU A 404 55.44 -26.90 -30.28
N LEU A 405 55.10 -25.97 -31.17
CA LEU A 405 54.00 -25.06 -30.89
C LEU A 405 52.67 -25.81 -30.91
N GLU A 406 52.47 -26.65 -31.92
CA GLU A 406 51.26 -27.46 -31.99
C GLU A 406 51.10 -28.34 -30.76
N HIS A 407 52.20 -28.76 -30.15
CA HIS A 407 52.13 -29.55 -28.93
C HIS A 407 51.57 -28.71 -27.78
N THR A 408 52.18 -27.56 -27.51
CA THR A 408 51.70 -26.72 -26.41
C THR A 408 50.32 -26.13 -26.73
N TRP A 409 50.04 -25.86 -28.00
CA TRP A 409 48.70 -25.41 -28.36
C TRP A 409 47.67 -26.50 -28.10
N LYS A 410 48.01 -27.76 -28.42
CA LYS A 410 47.12 -28.87 -28.10
C LYS A 410 47.01 -29.07 -26.59
N ASP A 411 48.06 -28.70 -25.84
CA ASP A 411 47.98 -28.79 -24.39
C ASP A 411 46.97 -27.80 -23.83
N ALA A 412 46.93 -26.58 -24.39
CA ALA A 412 45.94 -25.60 -23.95
C ALA A 412 44.53 -26.10 -24.22
N LYS A 413 44.33 -26.81 -25.33
CA LYS A 413 43.01 -27.35 -25.62
C LYS A 413 42.63 -28.46 -24.64
N PHE A 414 43.58 -29.32 -24.29
CA PHE A 414 43.33 -30.34 -23.27
C PHE A 414 42.90 -29.73 -21.95
N ILE A 415 43.59 -28.66 -21.53
CA ILE A 415 43.25 -27.99 -20.29
C ILE A 415 41.83 -27.44 -20.35
N LEU A 416 41.50 -26.78 -21.46
CA LEU A 416 40.14 -26.25 -21.63
C LEU A 416 39.12 -27.37 -21.68
N GLN A 417 39.47 -28.49 -22.33
CA GLN A 417 38.54 -29.61 -22.41
C GLN A 417 38.35 -30.25 -21.04
N ILE A 418 39.41 -30.38 -20.26
CA ILE A 418 39.30 -30.98 -18.93
C ILE A 418 38.45 -30.10 -18.02
N MET A 419 38.61 -28.78 -18.13
CA MET A 419 37.79 -27.87 -17.32
C MET A 419 36.32 -28.05 -17.62
N CYS A 420 35.97 -28.29 -18.88
CA CYS A 420 34.57 -28.43 -19.27
C CYS A 420 33.99 -29.75 -18.82
N GLU A 421 34.74 -30.85 -18.98
CA GLU A 421 34.21 -32.17 -18.62
C GLU A 421 33.97 -32.29 -17.13
N LEU A 422 34.84 -31.70 -16.31
CA LEU A 422 34.66 -31.73 -14.87
C LEU A 422 33.62 -30.72 -14.38
N ASN A 423 33.17 -29.82 -15.23
CA ASN A 423 32.17 -28.80 -14.87
C ASN A 423 32.61 -28.01 -13.64
N VAL A 424 33.90 -27.68 -13.57
CA VAL A 424 34.43 -27.02 -12.38
C VAL A 424 33.91 -25.59 -12.28
N LEU A 425 33.70 -24.92 -13.41
CA LEU A 425 33.18 -23.56 -13.33
C LEU A 425 31.72 -23.52 -12.86
N PRO A 426 30.78 -24.26 -13.47
CA PRO A 426 29.40 -24.21 -12.95
C PRO A 426 29.30 -24.71 -11.51
N LEU A 427 30.17 -25.63 -11.10
CA LEU A 427 30.13 -26.15 -9.74
C LEU A 427 30.74 -25.18 -8.75
N ALA A 428 31.84 -24.53 -9.12
CA ALA A 428 32.48 -23.57 -8.21
C ALA A 428 31.56 -22.41 -7.90
N LEU A 429 30.80 -21.94 -8.89
CA LEU A 429 29.86 -20.85 -8.64
C LEU A 429 28.80 -21.28 -7.64
N GLN A 430 28.27 -22.50 -7.78
CA GLN A 430 27.26 -22.98 -6.84
C GLN A 430 27.85 -23.14 -5.45
N ILE A 431 29.06 -23.70 -5.34
CA ILE A 431 29.73 -23.83 -4.06
C ILE A 431 29.96 -22.46 -3.44
N THR A 432 30.24 -21.45 -4.27
CA THR A 432 30.48 -20.11 -3.76
C THR A 432 29.18 -19.41 -3.37
N ASN A 433 28.12 -19.60 -4.14
CA ASN A 433 26.83 -18.99 -3.79
C ASN A 433 26.21 -19.65 -2.57
N ILE A 434 26.51 -20.92 -2.33
CA ILE A 434 26.03 -21.59 -1.12
C ILE A 434 26.84 -21.13 0.09
N ALA A 435 28.17 -21.17 -0.02
CA ALA A 435 29.00 -20.81 1.12
C ALA A 435 29.00 -19.31 1.37
N GLY A 436 29.01 -18.51 0.30
CA GLY A 436 29.00 -17.07 0.44
C GLY A 436 30.38 -16.48 0.60
N ASN A 437 31.36 -17.04 -0.10
CA ASN A 437 32.75 -16.59 -0.07
C ASN A 437 33.11 -15.97 -1.42
N ILE A 438 34.38 -16.08 -1.81
CA ILE A 438 34.88 -15.55 -3.07
C ILE A 438 35.16 -16.72 -4.00
N MET A 439 34.75 -16.59 -5.27
CA MET A 439 34.83 -17.72 -6.19
C MET A 439 36.28 -18.06 -6.51
N SER A 440 37.16 -17.06 -6.58
CA SER A 440 38.57 -17.34 -6.83
C SER A 440 39.16 -18.18 -5.71
N ARG A 441 38.70 -17.97 -4.49
CA ARG A 441 39.15 -18.78 -3.36
C ARG A 441 38.52 -20.17 -3.41
N THR A 442 37.30 -20.30 -3.93
CA THR A 442 36.69 -21.61 -4.06
C THR A 442 37.49 -22.48 -5.02
N LEU A 443 37.94 -21.89 -6.13
CA LEU A 443 38.65 -22.66 -7.14
C LEU A 443 39.97 -23.20 -6.60
N MET A 444 40.68 -22.40 -5.80
CA MET A 444 42.00 -22.74 -5.33
C MET A 444 42.05 -23.16 -3.86
N GLY A 445 41.54 -22.32 -2.97
CA GLY A 445 41.64 -22.59 -1.55
C GLY A 445 40.97 -23.89 -1.14
N GLY A 446 41.22 -24.27 0.11
CA GLY A 446 40.66 -25.48 0.66
C GLY A 446 39.20 -25.33 1.03
N ARG A 447 38.62 -26.43 1.52
CA ARG A 447 37.22 -26.43 1.92
C ARG A 447 37.01 -25.72 3.25
N SER A 448 38.07 -25.46 4.02
CA SER A 448 37.90 -24.83 5.32
C SER A 448 37.49 -23.38 5.20
N GLU A 449 38.03 -22.66 4.21
CA GLU A 449 37.72 -21.25 4.07
C GLU A 449 36.28 -21.03 3.64
N ARG A 450 35.67 -22.02 2.97
CA ARG A 450 34.29 -21.88 2.53
C ARG A 450 33.34 -21.89 3.72
N ASN A 451 33.30 -23.02 4.46
CA ASN A 451 32.43 -23.11 5.63
C ASN A 451 32.78 -22.05 6.68
N GLU A 452 34.01 -21.56 6.67
CA GLU A 452 34.34 -20.39 7.49
C GLU A 452 33.48 -19.19 7.09
N PHE A 453 33.32 -18.97 5.78
CA PHE A 453 32.49 -17.86 5.32
C PHE A 453 31.02 -18.12 5.59
N LEU A 454 30.59 -19.38 5.48
CA LEU A 454 29.18 -19.70 5.69
C LEU A 454 28.77 -19.40 7.13
N LEU A 455 29.65 -19.64 8.09
CA LEU A 455 29.35 -19.34 9.48
C LEU A 455 29.52 -17.85 9.78
N LEU A 456 30.53 -17.21 9.17
CA LEU A 456 30.71 -15.77 9.35
C LEU A 456 29.48 -15.00 8.91
N HIS A 457 28.84 -15.43 7.82
CA HIS A 457 27.56 -14.85 7.44
C HIS A 457 26.50 -15.19 8.47
N ALA A 458 26.35 -16.48 8.80
CA ALA A 458 25.26 -16.94 9.65
C ALA A 458 25.24 -16.20 10.99
N PHE A 459 26.41 -15.98 11.58
CA PHE A 459 26.46 -15.29 12.87
C PHE A 459 26.31 -13.78 12.71
N TYR A 460 26.77 -13.22 11.59
CA TYR A 460 26.52 -11.81 11.32
C TYR A 460 25.02 -11.57 11.13
N GLU A 461 24.34 -12.47 10.44
CA GLU A 461 22.89 -12.34 10.25
C GLU A 461 22.17 -12.28 11.59
N ASN A 462 22.65 -13.04 12.58
CA ASN A 462 21.99 -13.17 13.86
C ASN A 462 22.64 -12.32 14.95
N ASN A 463 23.39 -11.28 14.55
CA ASN A 463 23.96 -10.30 15.48
C ASN A 463 24.86 -10.97 16.52
N TYR A 464 25.90 -11.65 16.01
CA TYR A 464 26.89 -12.29 16.85
C TYR A 464 28.26 -11.68 16.59
N ILE A 465 29.08 -11.61 17.64
CA ILE A 465 30.47 -11.21 17.50
C ILE A 465 31.27 -12.45 17.11
N VAL A 466 31.78 -12.47 15.89
CA VAL A 466 32.51 -13.61 15.37
C VAL A 466 33.95 -13.56 15.90
N PRO A 467 34.61 -14.71 16.08
CA PRO A 467 35.99 -14.69 16.57
C PRO A 467 36.91 -14.01 15.57
N ASP A 468 37.90 -13.30 16.09
CA ASP A 468 38.86 -12.62 15.24
C ASP A 468 39.72 -13.64 14.49
N LYS A 469 40.31 -13.18 13.39
CA LYS A 469 41.16 -14.03 12.56
C LYS A 469 42.50 -14.22 13.26
N GLN A 470 42.82 -15.47 13.59
CA GLN A 470 44.06 -15.77 14.28
C GLN A 470 45.26 -15.51 13.38
N ILE A 471 46.38 -15.14 14.00
CA ILE A 471 47.61 -14.85 13.27
C ILE A 471 48.54 -16.06 13.28
N LYS A 499 49.96 -36.80 16.65
CA LYS A 499 48.79 -37.65 16.49
C LYS A 499 47.55 -36.83 16.18
N ALA A 500 46.41 -37.25 16.71
CA ALA A 500 45.14 -36.58 16.51
C ALA A 500 44.83 -35.70 17.73
N ALA A 501 43.57 -35.32 17.90
CA ALA A 501 43.16 -34.45 19.00
C ALA A 501 41.89 -34.91 19.70
N TYR A 502 41.07 -35.76 19.08
CA TYR A 502 39.86 -36.25 19.71
C TYR A 502 39.48 -37.58 19.06
N ALA A 503 38.56 -38.29 19.68
CA ALA A 503 38.17 -39.60 19.19
C ALA A 503 37.23 -39.48 17.99
N GLY A 504 37.32 -40.46 17.09
CA GLY A 504 36.52 -40.42 15.88
C GLY A 504 35.45 -41.49 15.83
N GLY A 505 35.27 -42.11 14.66
CA GLY A 505 34.24 -43.10 14.50
C GLY A 505 34.57 -44.40 15.22
N LEU A 506 33.59 -45.29 15.23
CA LEU A 506 33.72 -46.59 15.86
C LEU A 506 33.69 -47.67 14.78
N VAL A 507 34.76 -48.45 14.70
CA VAL A 507 34.86 -49.56 13.75
C VAL A 507 34.78 -50.85 14.55
N LEU A 508 33.64 -51.54 14.46
CA LEU A 508 33.50 -52.83 15.11
C LEU A 508 34.47 -53.84 14.53
N ASP A 509 34.93 -54.76 15.37
CA ASP A 509 35.86 -55.77 14.91
C ASP A 509 35.12 -56.76 14.00
N PRO A 510 35.63 -57.03 12.81
CA PRO A 510 34.88 -57.84 11.85
C PRO A 510 34.98 -59.34 12.14
N LYS A 511 33.89 -60.03 11.82
CA LYS A 511 33.87 -61.50 11.82
C LYS A 511 34.42 -61.96 10.48
N VAL A 512 35.73 -62.20 10.44
CA VAL A 512 36.42 -62.50 9.20
C VAL A 512 35.91 -63.81 8.61
N GLY A 513 35.78 -63.85 7.30
CA GLY A 513 35.38 -65.06 6.61
C GLY A 513 34.69 -64.73 5.31
N PHE A 514 34.25 -65.80 4.63
CA PHE A 514 33.49 -65.70 3.39
C PHE A 514 32.05 -66.10 3.65
N TYR A 515 31.12 -65.34 3.08
CA TYR A 515 29.70 -65.51 3.34
C TYR A 515 28.98 -65.86 2.03
N ASP A 516 28.26 -66.98 2.05
CA ASP A 516 27.50 -67.42 0.88
C ASP A 516 26.08 -66.91 0.87
N LYS A 517 25.49 -66.64 2.03
CA LYS A 517 24.13 -66.17 2.12
C LYS A 517 24.08 -64.65 1.90
N PHE A 518 22.87 -64.10 1.91
CA PHE A 518 22.69 -62.68 1.68
C PHE A 518 23.13 -61.87 2.91
N ILE A 519 24.01 -60.90 2.68
CA ILE A 519 24.47 -59.99 3.73
C ILE A 519 23.72 -58.67 3.57
N LEU A 520 23.13 -58.21 4.67
CA LEU A 520 22.35 -56.97 4.67
C LEU A 520 23.19 -55.84 5.26
N LEU A 521 23.12 -54.67 4.62
CA LEU A 521 23.91 -53.51 5.01
C LEU A 521 22.98 -52.34 5.29
N LEU A 522 23.02 -51.83 6.52
CA LEU A 522 22.26 -50.66 6.93
C LEU A 522 23.22 -49.56 7.36
N ASP A 523 22.82 -48.31 7.14
CA ASP A 523 23.64 -47.18 7.55
C ASP A 523 22.79 -45.93 7.64
N PHE A 524 23.31 -44.94 8.37
CA PHE A 524 22.65 -43.65 8.53
C PHE A 524 23.16 -42.68 7.47
N ASN A 525 22.23 -42.06 6.74
CA ASN A 525 22.60 -41.09 5.72
C ASN A 525 23.06 -39.79 6.38
N SER A 526 24.29 -39.38 6.07
CA SER A 526 24.91 -38.17 6.63
C SER A 526 24.72 -38.11 8.15
N LEU A 527 25.48 -38.98 8.82
CA LEU A 527 25.29 -39.18 10.26
C LEU A 527 25.63 -37.92 11.05
N TYR A 528 26.82 -37.38 10.84
CA TYR A 528 27.27 -36.25 11.64
C TYR A 528 26.43 -34.99 11.40
N PRO A 529 26.03 -34.67 10.17
CA PRO A 529 25.05 -33.56 10.01
C PRO A 529 23.73 -33.83 10.70
N SER A 530 23.27 -35.07 10.69
CA SER A 530 22.01 -35.39 11.37
C SER A 530 22.19 -35.41 12.88
N ILE A 531 23.34 -35.89 13.36
CA ILE A 531 23.63 -35.83 14.80
C ILE A 531 23.54 -34.40 15.31
N ILE A 532 24.05 -33.45 14.52
CA ILE A 532 24.01 -32.04 14.93
C ILE A 532 22.57 -31.55 15.04
N GLN A 533 21.72 -31.89 14.07
CA GLN A 533 20.33 -31.47 14.12
C GLN A 533 19.55 -32.24 15.18
N GLU A 534 19.78 -33.55 15.28
CA GLU A 534 19.01 -34.38 16.19
C GLU A 534 19.23 -33.97 17.64
N PHE A 535 20.44 -33.52 17.98
CA PHE A 535 20.79 -33.21 19.35
C PHE A 535 21.05 -31.73 19.57
N ASN A 536 20.83 -30.90 18.56
CA ASN A 536 20.94 -29.44 18.68
C ASN A 536 22.32 -29.02 19.19
N ILE A 537 23.33 -29.45 18.46
CA ILE A 537 24.73 -29.19 18.84
C ILE A 537 25.19 -27.93 18.13
N CYS A 538 25.53 -26.90 18.90
CA CYS A 538 25.97 -25.63 18.35
C CYS A 538 26.86 -24.94 19.38
N PHE A 539 27.56 -23.91 18.92
CA PHE A 539 28.35 -23.08 19.83
C PHE A 539 27.46 -22.41 20.88
N THR A 540 26.18 -22.21 20.55
CA THR A 540 25.26 -21.44 21.38
C THR A 540 24.41 -22.31 22.29
N THR A 541 24.22 -23.59 21.98
CA THR A 541 23.32 -24.44 22.73
C THR A 541 23.98 -25.12 23.92
N VAL A 542 25.30 -25.28 23.91
CA VAL A 542 26.02 -25.94 24.99
C VAL A 542 26.79 -24.91 25.78
N GLN A 543 27.16 -25.27 27.01
CA GLN A 543 27.96 -24.40 27.87
C GLN A 543 29.45 -24.75 27.75
N ARG A 544 29.93 -24.66 26.51
CA ARG A 544 31.32 -24.97 26.20
C ARG A 544 32.27 -23.94 26.80
N ILE A 561 33.57 -31.12 28.47
CA ILE A 561 33.01 -30.06 29.30
C ILE A 561 31.54 -29.80 28.97
N PRO A 562 31.19 -29.49 27.72
CA PRO A 562 29.79 -29.23 27.40
C PRO A 562 29.02 -30.52 27.18
N GLU A 563 27.76 -30.50 27.60
CA GLU A 563 26.87 -31.63 27.35
C GLU A 563 25.59 -31.11 26.71
N LEU A 564 24.95 -32.00 25.95
CA LEU A 564 23.72 -31.74 25.19
C LEU A 564 22.73 -30.92 26.00
N PRO A 565 22.04 -29.97 25.37
CA PRO A 565 21.11 -29.13 26.12
C PRO A 565 19.74 -29.78 26.24
N ASP A 566 18.82 -29.09 26.92
CA ASP A 566 17.45 -29.58 27.03
C ASP A 566 16.84 -29.67 25.64
N PRO A 567 16.22 -30.80 25.29
CA PRO A 567 15.54 -30.88 23.98
C PRO A 567 14.46 -29.84 23.78
N SER A 568 13.96 -29.22 24.86
CA SER A 568 13.01 -28.12 24.73
C SER A 568 13.67 -26.84 24.23
N LEU A 569 15.00 -26.77 24.22
CA LEU A 569 15.69 -25.58 23.75
C LEU A 569 15.55 -25.43 22.24
N GLU A 570 15.49 -24.19 21.78
CA GLU A 570 15.34 -23.92 20.36
C GLU A 570 16.58 -24.35 19.59
N MET A 571 16.38 -24.66 18.31
CA MET A 571 17.48 -25.15 17.48
C MET A 571 18.55 -24.07 17.30
N GLY A 572 19.80 -24.45 17.46
CA GLY A 572 20.90 -23.51 17.40
C GLY A 572 21.18 -23.01 16.00
N ILE A 573 22.20 -22.18 15.90
CA ILE A 573 22.56 -21.57 14.62
C ILE A 573 23.19 -22.61 13.69
N LEU A 574 24.17 -23.36 14.20
CA LEU A 574 24.80 -24.38 13.38
C LEU A 574 23.82 -25.46 12.92
N PRO A 575 22.94 -26.01 13.77
CA PRO A 575 21.99 -27.00 13.25
C PRO A 575 20.97 -26.40 12.28
N ARG A 576 20.56 -25.15 12.51
CA ARG A 576 19.56 -24.54 11.63
C ARG A 576 20.12 -24.27 10.24
N GLU A 577 21.43 -24.01 10.14
CA GLU A 577 22.04 -23.84 8.83
C GLU A 577 22.10 -25.16 8.08
N ILE A 578 22.40 -26.25 8.79
CA ILE A 578 22.40 -27.57 8.15
C ILE A 578 20.98 -27.94 7.72
N ARG A 579 19.98 -27.54 8.50
CA ARG A 579 18.59 -27.81 8.11
C ARG A 579 18.22 -27.07 6.84
N LYS A 580 18.76 -25.87 6.63
CA LYS A 580 18.47 -25.13 5.40
C LYS A 580 19.04 -25.86 4.19
N LEU A 581 20.30 -26.24 4.25
CA LEU A 581 20.94 -26.92 3.12
C LEU A 581 20.19 -28.20 2.75
N VAL A 582 19.77 -28.97 3.74
CA VAL A 582 19.03 -30.20 3.46
C VAL A 582 17.68 -29.87 2.83
N GLU A 583 16.99 -28.87 3.37
CA GLU A 583 15.71 -28.47 2.79
C GLU A 583 15.89 -27.90 1.39
N ARG A 584 16.95 -27.10 1.19
CA ARG A 584 17.21 -26.56 -0.14
C ARG A 584 17.54 -27.67 -1.12
N ARG A 585 18.35 -28.65 -0.71
CA ARG A 585 18.66 -29.77 -1.57
C ARG A 585 17.40 -30.57 -1.90
N LYS A 586 16.49 -30.70 -0.94
CA LYS A 586 15.25 -31.42 -1.19
C LYS A 586 14.41 -30.71 -2.24
N GLN A 587 14.33 -29.38 -2.15
CA GLN A 587 13.52 -28.63 -3.10
C GLN A 587 14.10 -28.72 -4.51
N VAL A 588 15.43 -28.75 -4.63
CA VAL A 588 16.05 -28.92 -5.94
C VAL A 588 15.75 -30.32 -6.48
N LYS A 589 15.78 -31.33 -5.61
CA LYS A 589 15.44 -32.68 -6.03
C LYS A 589 14.01 -32.75 -6.56
N GLN A 590 13.08 -32.04 -5.92
CA GLN A 590 11.71 -32.01 -6.39
C GLN A 590 11.60 -31.32 -7.74
N LEU A 591 12.46 -30.33 -7.99
CA LEU A 591 12.42 -29.64 -9.28
C LEU A 591 12.92 -30.53 -10.41
N MET A 592 13.80 -31.48 -10.12
CA MET A 592 14.27 -32.41 -11.14
C MET A 592 13.21 -33.42 -11.54
N LYS A 593 12.12 -33.55 -10.77
CA LYS A 593 11.07 -34.51 -11.07
C LYS A 593 10.14 -34.05 -12.19
N GLN A 594 10.06 -32.75 -12.45
CA GLN A 594 9.09 -32.22 -13.39
C GLN A 594 9.35 -32.71 -14.81
N GLN A 595 8.27 -32.87 -15.56
CA GLN A 595 8.32 -33.20 -16.98
C GLN A 595 8.07 -31.95 -17.81
N ASP A 596 8.35 -32.05 -19.11
CA ASP A 596 8.27 -30.93 -20.03
C ASP A 596 9.11 -29.75 -19.54
N LEU A 597 10.34 -30.06 -19.13
CA LEU A 597 11.25 -29.08 -18.56
C LEU A 597 12.46 -28.91 -19.48
N ASN A 598 13.14 -27.78 -19.32
CA ASN A 598 14.33 -27.48 -20.09
C ASN A 598 15.39 -28.55 -19.85
N PRO A 599 15.85 -29.27 -20.88
CA PRO A 599 16.86 -30.31 -20.66
C PRO A 599 18.15 -29.78 -20.04
N ASP A 600 18.43 -28.49 -20.18
CA ASP A 600 19.62 -27.89 -19.57
C ASP A 600 19.45 -27.62 -18.08
N LEU A 601 18.23 -27.69 -17.56
CA LEU A 601 18.02 -27.39 -16.14
C LEU A 601 18.32 -28.61 -15.28
N ILE A 602 17.95 -29.81 -15.73
CA ILE A 602 18.21 -31.01 -14.95
C ILE A 602 19.71 -31.20 -14.74
N LEU A 603 20.52 -30.76 -15.72
CA LEU A 603 21.96 -30.82 -15.55
C LEU A 603 22.44 -29.76 -14.57
N GLN A 604 21.78 -28.60 -14.57
CA GLN A 604 22.16 -27.53 -13.65
C GLN A 604 21.60 -27.81 -12.25
N TYR A 605 20.37 -28.32 -12.17
CA TYR A 605 19.84 -28.74 -10.88
C TYR A 605 20.71 -29.83 -10.25
N ASP A 606 21.24 -30.73 -11.07
CA ASP A 606 22.14 -31.76 -10.57
C ASP A 606 23.41 -31.14 -9.99
N ILE A 607 23.97 -30.15 -10.68
CA ILE A 607 25.16 -29.47 -10.16
C ILE A 607 24.86 -28.79 -8.83
N ARG A 608 23.66 -28.21 -8.72
CA ARG A 608 23.31 -27.50 -7.49
C ARG A 608 23.13 -28.47 -6.32
N GLN A 609 22.31 -29.51 -6.50
CA GLN A 609 22.06 -30.45 -5.40
C GLN A 609 23.34 -31.14 -4.95
N LYS A 610 24.29 -31.35 -5.87
CA LYS A 610 25.59 -31.87 -5.47
C LYS A 610 26.33 -30.89 -4.57
N ALA A 611 26.21 -29.60 -4.88
CA ALA A 611 26.87 -28.58 -4.06
C ALA A 611 26.23 -28.47 -2.68
N LEU A 612 24.91 -28.64 -2.61
CA LEU A 612 24.22 -28.57 -1.32
C LEU A 612 24.68 -29.67 -0.39
N LYS A 613 24.84 -30.90 -0.91
CA LYS A 613 25.32 -32.00 -0.07
C LYS A 613 26.78 -31.81 0.30
N LEU A 614 27.62 -31.40 -0.66
CA LEU A 614 29.03 -31.19 -0.39
C LEU A 614 29.25 -30.11 0.66
N THR A 615 28.33 -29.15 0.76
CA THR A 615 28.45 -28.11 1.77
C THR A 615 27.99 -28.61 3.14
N ALA A 616 26.87 -29.33 3.18
CA ALA A 616 26.35 -29.80 4.46
C ALA A 616 27.24 -30.87 5.08
N ASN A 617 27.94 -31.65 4.24
CA ASN A 617 28.80 -32.71 4.77
C ASN A 617 30.14 -32.18 5.27
N SER A 618 30.64 -31.09 4.67
CA SER A 618 31.90 -30.51 5.10
C SER A 618 31.76 -29.64 6.34
N MET A 619 30.54 -29.50 6.88
CA MET A 619 30.33 -28.64 8.03
C MET A 619 31.03 -29.19 9.27
N TYR A 620 30.98 -30.51 9.47
CA TYR A 620 31.63 -31.12 10.62
C TYR A 620 33.14 -30.90 10.60
N GLY A 621 33.77 -31.11 9.43
CA GLY A 621 35.20 -31.01 9.35
C GLY A 621 35.74 -29.64 9.73
N CYS A 622 34.92 -28.60 9.58
CA CYS A 622 35.34 -27.27 10.00
C CYS A 622 35.42 -27.14 11.51
N LEU A 623 34.77 -28.05 12.26
CA LEU A 623 34.83 -28.01 13.71
C LEU A 623 36.09 -28.66 14.25
N GLY A 624 36.57 -29.73 13.60
CA GLY A 624 37.77 -30.42 14.04
C GLY A 624 39.07 -29.85 13.54
N PHE A 625 39.04 -28.98 12.55
CA PHE A 625 40.25 -28.37 12.02
C PHE A 625 40.82 -27.40 13.05
N SER A 626 42.08 -27.63 13.44
CA SER A 626 42.67 -26.86 14.53
C SER A 626 42.90 -25.41 14.13
N TYR A 627 43.20 -25.14 12.86
CA TYR A 627 43.43 -23.79 12.38
C TYR A 627 42.16 -23.11 11.91
N SER A 628 40.99 -23.69 12.16
CA SER A 628 39.75 -23.10 11.72
C SER A 628 39.37 -21.90 12.60
N ARG A 629 38.81 -20.87 11.96
CA ARG A 629 38.35 -19.70 12.70
C ARG A 629 37.29 -20.09 13.73
N PHE A 630 36.45 -21.06 13.38
CA PHE A 630 35.41 -21.56 14.27
C PHE A 630 35.80 -22.90 14.89
N TYR A 631 37.05 -23.01 15.34
CA TYR A 631 37.54 -24.25 15.93
C TYR A 631 36.77 -24.56 17.21
N ALA A 632 36.19 -25.76 17.28
CA ALA A 632 35.47 -26.21 18.46
C ALA A 632 35.70 -27.72 18.60
N LYS A 633 36.85 -28.08 19.15
CA LYS A 633 37.14 -29.48 19.41
C LYS A 633 36.15 -30.12 20.38
N PRO A 634 35.70 -29.45 21.46
CA PRO A 634 34.65 -30.07 22.28
C PRO A 634 33.40 -30.42 21.51
N LEU A 635 32.98 -29.56 20.58
CA LEU A 635 31.78 -29.86 19.79
C LEU A 635 32.05 -30.99 18.81
N ALA A 636 33.25 -31.03 18.22
CA ALA A 636 33.59 -32.12 17.32
C ALA A 636 33.62 -33.46 18.06
N ALA A 637 34.26 -33.49 19.23
CA ALA A 637 34.29 -34.71 20.02
C ALA A 637 32.88 -35.12 20.45
N LEU A 638 32.04 -34.14 20.76
CA LEU A 638 30.66 -34.44 21.15
C LEU A 638 29.90 -35.11 20.01
N VAL A 639 30.10 -34.64 18.79
CA VAL A 639 29.45 -35.25 17.64
C VAL A 639 29.94 -36.68 17.44
N THR A 640 31.26 -36.86 17.36
CA THR A 640 31.82 -38.19 17.13
C THR A 640 31.47 -39.16 18.25
N TYR A 641 31.39 -38.67 19.49
CA TYR A 641 30.97 -39.53 20.59
C TYR A 641 29.55 -40.05 20.36
N LYS A 642 28.62 -39.14 20.03
CA LYS A 642 27.25 -39.55 19.77
C LYS A 642 27.19 -40.58 18.65
N GLY A 643 28.00 -40.40 17.61
CA GLY A 643 28.03 -41.39 16.54
C GLY A 643 28.41 -42.76 17.04
N ARG A 644 29.42 -42.83 17.90
CA ARG A 644 29.81 -44.10 18.48
C ARG A 644 28.69 -44.69 19.34
N GLU A 645 28.07 -43.85 20.17
CA GLU A 645 26.96 -44.32 21.00
C GLU A 645 25.77 -44.75 20.15
N ILE A 646 25.46 -43.99 19.10
CA ILE A 646 24.34 -44.35 18.23
C ILE A 646 24.63 -45.67 17.53
N LEU A 647 25.88 -45.87 17.10
CA LEU A 647 26.24 -47.13 16.44
C LEU A 647 26.24 -48.29 17.43
N MET A 648 26.88 -48.09 18.59
CA MET A 648 26.96 -49.15 19.58
C MET A 648 25.56 -49.57 20.03
N HIS A 649 24.67 -48.60 20.27
CA HIS A 649 23.31 -48.93 20.64
C HIS A 649 22.57 -49.64 19.51
N THR A 650 22.89 -49.30 18.26
CA THR A 650 22.24 -49.95 17.13
C THR A 650 22.68 -51.41 17.03
N LYS A 651 23.99 -51.66 17.15
CA LYS A 651 24.51 -53.02 17.06
C LYS A 651 23.89 -53.90 18.14
N GLU A 652 23.83 -53.39 19.37
CA GLU A 652 23.25 -54.17 20.46
C GLU A 652 21.76 -54.38 20.27
N MET A 653 21.07 -53.42 19.64
CA MET A 653 19.65 -53.60 19.37
C MET A 653 19.44 -54.71 18.34
N VAL A 654 20.27 -54.76 17.29
CA VAL A 654 20.15 -55.81 16.30
C VAL A 654 20.46 -57.17 16.91
N GLN A 655 21.46 -57.24 17.77
CA GLN A 655 21.82 -58.50 18.41
C GLN A 655 20.69 -59.00 19.29
N LYS A 656 20.01 -58.10 20.00
CA LYS A 656 18.87 -58.50 20.82
C LYS A 656 17.74 -59.10 19.99
N MET A 657 17.65 -58.75 18.71
CA MET A 657 16.67 -59.32 17.79
C MET A 657 17.08 -60.69 17.26
N ASN A 658 18.05 -61.35 17.90
CA ASN A 658 18.56 -62.65 17.47
C ASN A 658 19.10 -62.60 16.05
N LEU A 659 19.83 -61.52 15.74
CA LEU A 659 20.49 -61.37 14.46
C LEU A 659 21.99 -61.24 14.67
N GLU A 660 22.76 -61.76 13.72
CA GLU A 660 24.21 -61.79 13.81
C GLU A 660 24.80 -60.63 13.01
N VAL A 661 25.45 -59.70 13.70
CA VAL A 661 26.21 -58.63 13.06
C VAL A 661 27.64 -59.10 12.88
N ILE A 662 28.22 -58.83 11.71
CA ILE A 662 29.54 -59.32 11.38
C ILE A 662 30.55 -58.20 11.18
N TYR A 663 30.12 -56.97 10.88
CA TYR A 663 31.04 -55.87 10.68
C TYR A 663 30.28 -54.56 10.82
N GLY A 664 30.99 -53.53 11.28
CA GLY A 664 30.40 -52.22 11.43
C GLY A 664 31.44 -51.11 11.48
N ASP A 665 31.32 -50.13 10.59
CA ASP A 665 32.24 -49.00 10.60
C ASP A 665 31.56 -47.78 11.22
N THR A 666 31.91 -46.58 10.77
CA THR A 666 31.50 -45.37 11.47
C THR A 666 29.98 -45.27 11.55
N ASP A 667 29.28 -45.47 10.43
CA ASP A 667 27.84 -45.34 10.41
C ASP A 667 27.09 -46.56 9.87
N SER A 668 27.80 -47.61 9.47
CA SER A 668 27.17 -48.75 8.83
C SER A 668 27.23 -49.99 9.72
N ILE A 669 26.31 -50.91 9.48
CA ILE A 669 26.25 -52.20 10.16
C ILE A 669 25.90 -53.27 9.13
N MET A 670 26.64 -54.37 9.15
CA MET A 670 26.43 -55.48 8.22
C MET A 670 25.85 -56.66 9.00
N ILE A 671 24.68 -57.13 8.56
CA ILE A 671 23.94 -58.19 9.24
C ILE A 671 23.99 -59.45 8.39
N ASN A 672 24.32 -60.58 9.02
CA ASN A 672 24.29 -61.88 8.36
C ASN A 672 22.92 -62.50 8.60
N THR A 673 22.22 -62.84 7.52
CA THR A 673 20.84 -63.31 7.60
C THR A 673 20.70 -64.82 7.48
N ASN A 674 21.62 -65.48 6.78
CA ASN A 674 21.53 -66.91 6.51
C ASN A 674 20.22 -67.26 5.81
N SER A 675 19.90 -66.48 4.77
CA SER A 675 18.69 -66.67 3.99
C SER A 675 18.98 -66.33 2.53
N THR A 676 18.39 -67.10 1.63
CA THR A 676 18.60 -66.94 0.19
C THR A 676 17.38 -66.36 -0.52
N ASN A 677 16.35 -65.97 0.23
CA ASN A 677 15.14 -65.38 -0.33
C ASN A 677 15.14 -63.89 -0.04
N LEU A 678 15.19 -63.07 -1.10
CA LEU A 678 15.17 -61.62 -0.92
C LEU A 678 13.84 -61.15 -0.32
N GLU A 679 12.77 -61.93 -0.48
CA GLU A 679 11.49 -61.56 0.12
C GLU A 679 11.58 -61.51 1.63
N GLU A 680 12.39 -62.38 2.24
CA GLU A 680 12.61 -62.36 3.67
C GLU A 680 13.73 -61.43 4.09
N VAL A 681 14.68 -61.15 3.19
CA VAL A 681 15.78 -60.24 3.52
C VAL A 681 15.29 -58.81 3.53
N PHE A 682 14.56 -58.40 2.48
CA PHE A 682 14.03 -57.04 2.43
C PHE A 682 12.94 -56.83 3.47
N LYS A 683 12.21 -57.87 3.83
CA LYS A 683 11.24 -57.77 4.91
C LYS A 683 11.95 -57.56 6.24
N LEU A 684 12.99 -58.35 6.51
CA LEU A 684 13.80 -58.15 7.71
C LEU A 684 14.60 -56.85 7.64
N GLY A 685 14.92 -56.41 6.42
CA GLY A 685 15.65 -55.15 6.29
C GLY A 685 14.87 -53.96 6.79
N ASN A 686 13.58 -53.91 6.46
CA ASN A 686 12.73 -52.82 6.94
C ASN A 686 12.26 -53.01 8.36
N LYS A 687 12.21 -54.25 8.85
CA LYS A 687 11.87 -54.49 10.25
C LYS A 687 12.93 -53.89 11.18
N VAL A 688 14.21 -54.09 10.85
CA VAL A 688 15.27 -53.46 11.63
C VAL A 688 15.29 -51.96 11.39
N LYS A 689 14.97 -51.54 10.16
CA LYS A 689 14.95 -50.12 9.84
C LYS A 689 13.92 -49.37 10.69
N SER A 690 12.68 -49.83 10.68
CA SER A 690 11.62 -49.14 11.41
C SER A 690 11.85 -49.22 12.92
N GLU A 691 12.45 -50.30 13.40
CA GLU A 691 12.70 -50.42 14.85
C GLU A 691 13.76 -49.42 15.30
N VAL A 692 14.76 -49.17 14.47
CA VAL A 692 15.80 -48.21 14.84
C VAL A 692 15.26 -46.79 14.75
N ASN A 693 14.58 -46.46 13.65
CA ASN A 693 14.09 -45.11 13.42
C ASN A 693 13.00 -44.70 14.41
N LYS A 694 12.51 -45.62 15.23
CA LYS A 694 11.52 -45.26 16.25
C LYS A 694 12.13 -44.51 17.43
N LEU A 695 13.45 -44.38 17.47
CA LEU A 695 14.13 -43.72 18.58
C LEU A 695 14.57 -42.30 18.28
N TYR A 696 14.75 -41.95 17.00
CA TYR A 696 15.29 -40.66 16.61
C TYR A 696 14.26 -39.88 15.83
N LYS A 697 14.22 -38.56 16.07
CA LYS A 697 13.26 -37.70 15.38
C LYS A 697 13.67 -37.43 13.94
N LEU A 698 14.92 -36.98 13.75
CA LEU A 698 15.42 -36.62 12.43
C LEU A 698 16.44 -37.60 11.88
N LEU A 699 17.17 -38.29 12.74
CA LEU A 699 18.15 -39.28 12.30
C LEU A 699 17.42 -40.55 11.88
N GLU A 700 17.77 -41.07 10.69
CA GLU A 700 17.14 -42.27 10.18
C GLU A 700 18.19 -43.19 9.57
N ILE A 701 17.86 -44.49 9.54
CA ILE A 701 18.72 -45.52 8.97
C ILE A 701 17.96 -46.17 7.82
N ASP A 702 18.69 -46.58 6.79
CA ASP A 702 18.08 -47.12 5.59
C ASP A 702 18.93 -48.27 5.04
N ILE A 703 18.29 -49.11 4.24
CA ILE A 703 18.99 -50.21 3.59
C ILE A 703 19.91 -49.66 2.51
N ASP A 704 21.18 -50.04 2.57
CA ASP A 704 22.18 -49.60 1.60
C ASP A 704 22.51 -50.70 0.60
N GLY A 705 21.67 -51.73 0.50
CA GLY A 705 21.90 -52.80 -0.44
C GLY A 705 22.16 -54.15 0.21
N VAL A 706 22.01 -55.22 -0.57
CA VAL A 706 22.26 -56.57 -0.11
C VAL A 706 23.49 -57.10 -0.82
N PHE A 707 24.18 -58.04 -0.18
CA PHE A 707 25.38 -58.66 -0.72
C PHE A 707 25.12 -60.14 -0.97
N LYS A 708 25.22 -60.55 -2.24
CA LYS A 708 25.05 -61.97 -2.57
C LYS A 708 26.17 -62.80 -1.95
N SER A 709 27.42 -62.36 -2.10
CA SER A 709 28.56 -62.99 -1.47
C SER A 709 29.46 -61.89 -0.90
N LEU A 710 30.15 -62.22 0.18
CA LEU A 710 30.98 -61.26 0.89
C LEU A 710 32.29 -61.90 1.32
N LEU A 711 33.40 -61.20 1.09
CA LEU A 711 34.73 -61.62 1.54
C LEU A 711 35.23 -60.56 2.51
N LEU A 712 34.93 -60.75 3.80
CA LEU A 712 35.30 -59.79 4.84
C LEU A 712 36.67 -60.18 5.38
N LEU A 713 37.69 -59.39 5.05
CA LEU A 713 39.07 -59.73 5.39
C LEU A 713 39.52 -59.10 6.70
N LYS A 714 39.55 -57.77 6.76
CA LYS A 714 39.98 -57.05 7.95
C LYS A 714 39.14 -55.79 8.07
N LYS A 715 39.52 -54.92 9.01
CA LYS A 715 38.82 -53.66 9.19
C LYS A 715 39.01 -52.77 7.97
N LYS A 716 37.89 -52.24 7.46
CA LYS A 716 37.88 -51.34 6.30
C LYS A 716 38.43 -52.01 5.03
N LYS A 717 38.42 -53.33 4.98
CA LYS A 717 38.91 -54.08 3.81
C LYS A 717 37.98 -55.26 3.58
N TYR A 718 37.22 -55.22 2.49
CA TYR A 718 36.30 -56.30 2.16
C TYR A 718 35.92 -56.20 0.69
N ALA A 719 35.31 -57.27 0.20
CA ALA A 719 34.80 -57.34 -1.17
C ALA A 719 33.47 -58.10 -1.17
N ALA A 720 32.53 -57.62 -1.98
CA ALA A 720 31.19 -58.20 -1.97
C ALA A 720 30.59 -58.08 -3.37
N LEU A 721 29.47 -58.79 -3.56
CA LEU A 721 28.67 -58.73 -4.78
C LEU A 721 27.37 -58.00 -4.44
N VAL A 722 27.31 -56.72 -4.79
CA VAL A 722 26.17 -55.89 -4.42
C VAL A 722 24.94 -56.35 -5.19
N VAL A 723 23.88 -56.70 -4.46
CA VAL A 723 22.62 -57.09 -5.08
C VAL A 723 21.96 -55.85 -5.67
N GLU A 724 21.61 -55.92 -6.95
CA GLU A 724 20.93 -54.83 -7.64
C GLU A 724 19.57 -55.30 -8.09
N PRO A 725 18.48 -54.70 -7.61
CA PRO A 725 17.15 -55.17 -8.00
C PRO A 725 16.87 -54.93 -9.48
N THR A 726 16.04 -55.79 -10.05
CA THR A 726 15.71 -55.68 -11.46
C THR A 726 14.19 -55.72 -11.63
N SER A 727 13.75 -55.36 -12.84
CA SER A 727 12.34 -55.39 -13.17
C SER A 727 11.77 -56.80 -13.12
N ASP A 728 12.60 -57.81 -13.43
CA ASP A 728 12.17 -59.20 -13.37
C ASP A 728 11.94 -59.68 -11.94
N GLY A 729 12.30 -58.89 -10.93
CA GLY A 729 12.20 -59.31 -9.56
C GLY A 729 13.33 -60.17 -9.05
N ASN A 730 14.30 -60.51 -9.90
CA ASN A 730 15.42 -61.38 -9.54
C ASN A 730 16.73 -60.69 -9.89
N TYR A 731 17.65 -60.70 -8.94
CA TYR A 731 18.77 -59.75 -8.94
C TYR A 731 19.74 -59.97 -10.11
N VAL A 732 20.54 -58.92 -10.35
CA VAL A 732 21.78 -58.97 -11.10
C VAL A 732 22.84 -58.30 -10.24
N THR A 733 24.07 -58.81 -10.25
CA THR A 733 25.07 -58.41 -9.26
C THR A 733 26.28 -57.76 -9.91
N LYS A 734 26.81 -56.75 -9.22
CA LYS A 734 28.12 -56.17 -9.50
C LYS A 734 28.97 -56.25 -8.25
N GLN A 735 30.29 -56.24 -8.44
CA GLN A 735 31.21 -56.35 -7.32
C GLN A 735 31.64 -54.95 -6.84
N GLU A 736 31.84 -54.84 -5.53
CA GLU A 736 32.33 -53.61 -4.91
C GLU A 736 33.60 -53.93 -4.13
N LEU A 737 34.64 -53.13 -4.35
CA LEU A 737 35.93 -53.32 -3.70
C LEU A 737 36.23 -52.12 -2.83
N LYS A 738 36.53 -52.38 -1.55
CA LYS A 738 36.81 -51.31 -0.60
C LYS A 738 37.93 -51.76 0.32
N GLY A 739 39.04 -51.01 0.32
CA GLY A 739 40.14 -51.23 1.23
C GLY A 739 41.16 -52.26 0.78
N LEU A 740 40.80 -53.15 -0.14
CA LEU A 740 41.72 -54.19 -0.58
C LEU A 740 42.96 -53.57 -1.24
N ASP A 741 44.05 -54.33 -1.21
CA ASP A 741 45.29 -53.86 -1.81
C ASP A 741 45.12 -53.63 -3.31
N ILE A 742 44.17 -54.33 -3.93
CA ILE A 742 43.90 -54.14 -5.35
C ILE A 742 43.18 -52.83 -5.64
N VAL A 743 42.76 -52.09 -4.61
CA VAL A 743 42.06 -50.83 -4.77
C VAL A 743 43.04 -49.68 -4.65
N ARG A 744 44.10 -49.88 -3.86
CA ARG A 744 45.10 -48.85 -3.62
C ARG A 744 45.93 -48.63 -4.89
N ARG A 745 46.74 -47.58 -4.86
CA ARG A 745 47.60 -47.24 -5.98
C ARG A 745 49.08 -47.43 -5.69
N ASP A 746 49.43 -47.84 -4.47
CA ASP A 746 50.82 -48.14 -4.13
C ASP A 746 51.18 -49.61 -4.36
N TRP A 747 50.30 -50.37 -5.01
CA TRP A 747 50.58 -51.73 -5.43
C TRP A 747 50.60 -51.79 -6.96
N CYS A 748 51.46 -52.64 -7.49
CA CYS A 748 51.64 -52.72 -8.93
C CYS A 748 50.40 -53.30 -9.59
N ASP A 749 50.17 -52.90 -10.84
CA ASP A 749 49.00 -53.37 -11.58
C ASP A 749 49.06 -54.87 -11.87
N LEU A 750 50.26 -55.47 -11.84
CA LEU A 750 50.34 -56.91 -12.01
C LEU A 750 49.70 -57.64 -10.82
N ALA A 751 49.98 -57.18 -9.60
CA ALA A 751 49.37 -57.80 -8.43
C ALA A 751 47.91 -57.38 -8.25
N LYS A 752 47.55 -56.18 -8.68
CA LYS A 752 46.17 -55.73 -8.54
C LYS A 752 45.25 -56.42 -9.53
N ASP A 753 45.73 -56.71 -10.73
CA ASP A 753 44.89 -57.39 -11.72
C ASP A 753 44.72 -58.86 -11.37
N THR A 754 45.80 -59.51 -10.90
CA THR A 754 45.69 -60.91 -10.51
C THR A 754 44.81 -61.06 -9.28
N GLY A 755 44.94 -60.17 -8.31
CA GLY A 755 44.08 -60.21 -7.14
C GLY A 755 42.63 -59.95 -7.49
N ASN A 756 42.38 -59.09 -8.48
CA ASN A 756 41.01 -58.85 -8.91
C ASN A 756 40.43 -60.07 -9.61
N PHE A 757 41.26 -60.87 -10.28
CA PHE A 757 40.79 -62.12 -10.85
C PHE A 757 40.48 -63.13 -9.76
N VAL A 758 41.26 -63.13 -8.67
CA VAL A 758 41.00 -64.03 -7.56
C VAL A 758 39.70 -63.64 -6.85
N ILE A 759 39.48 -62.34 -6.66
CA ILE A 759 38.24 -61.87 -6.04
C ILE A 759 37.04 -62.30 -6.90
N GLY A 760 37.17 -62.22 -8.22
CA GLY A 760 36.10 -62.65 -9.09
C GLY A 760 35.84 -64.15 -9.02
N GLN A 761 36.87 -64.94 -8.73
CA GLN A 761 36.68 -66.38 -8.59
C GLN A 761 36.07 -66.75 -7.24
N ILE A 762 36.48 -66.06 -6.18
CA ILE A 762 35.95 -66.35 -4.86
C ILE A 762 34.46 -66.01 -4.79
N LEU A 763 34.07 -64.85 -5.31
CA LEU A 763 32.67 -64.44 -5.32
C LEU A 763 31.84 -65.14 -6.39
N SER A 764 32.47 -65.90 -7.28
CA SER A 764 31.76 -66.54 -8.36
C SER A 764 30.78 -67.59 -7.83
N ASP A 765 29.80 -67.93 -8.67
CA ASP A 765 28.79 -68.93 -8.32
C ASP A 765 29.15 -70.29 -8.92
N GLN A 766 30.32 -70.79 -8.50
CA GLN A 766 30.85 -72.07 -8.94
C GLN A 766 31.10 -72.96 -7.73
N SER A 767 31.51 -74.19 -8.00
CA SER A 767 31.83 -75.13 -6.93
C SER A 767 33.10 -74.70 -6.20
N ARG A 768 33.25 -75.18 -4.97
CA ARG A 768 34.45 -74.85 -4.20
C ARG A 768 35.68 -75.52 -4.77
N ASP A 769 35.53 -76.74 -5.29
CA ASP A 769 36.68 -77.48 -5.82
C ASP A 769 37.17 -76.93 -7.14
N THR A 770 36.32 -76.23 -7.90
CA THR A 770 36.74 -75.67 -9.18
C THR A 770 37.28 -74.26 -9.08
N ILE A 771 36.96 -73.54 -8.00
CA ILE A 771 37.50 -72.20 -7.83
C ILE A 771 38.99 -72.25 -7.59
N VAL A 772 39.45 -73.18 -6.75
CA VAL A 772 40.87 -73.31 -6.47
C VAL A 772 41.64 -73.80 -7.69
N GLU A 773 40.96 -74.48 -8.63
CA GLU A 773 41.63 -74.95 -9.84
C GLU A 773 41.88 -73.82 -10.82
N ASN A 774 40.93 -72.89 -10.94
CA ASN A 774 41.12 -71.76 -11.83
C ASN A 774 42.18 -70.80 -11.31
N ILE A 775 42.27 -70.63 -9.99
CA ILE A 775 43.29 -69.77 -9.41
C ILE A 775 44.66 -70.38 -9.59
N GLN A 776 44.77 -71.70 -9.45
CA GLN A 776 46.06 -72.37 -9.64
C GLN A 776 46.55 -72.22 -11.08
N LYS A 777 45.67 -72.42 -12.05
CA LYS A 777 46.08 -72.37 -13.45
C LYS A 777 46.51 -70.97 -13.87
N ARG A 778 45.95 -69.93 -13.25
CA ARG A 778 46.33 -68.57 -13.58
C ARG A 778 47.49 -68.05 -12.74
N LEU A 779 47.61 -68.49 -11.49
CA LEU A 779 48.71 -68.04 -10.66
C LEU A 779 50.04 -68.64 -11.11
N ILE A 780 50.00 -69.81 -11.75
CA ILE A 780 51.23 -70.36 -12.32
C ILE A 780 51.51 -69.71 -13.67
N GLU A 781 50.48 -69.20 -14.35
CA GLU A 781 50.69 -68.53 -15.63
C GLU A 781 51.34 -67.17 -15.43
N ILE A 782 50.89 -66.41 -14.43
CA ILE A 782 51.50 -65.11 -14.15
C ILE A 782 52.95 -65.29 -13.72
N GLY A 783 53.25 -66.37 -12.99
CA GLY A 783 54.62 -66.66 -12.60
C GLY A 783 55.54 -66.95 -13.77
N GLU A 784 54.98 -67.28 -14.94
CA GLU A 784 55.76 -67.55 -16.13
C GLU A 784 55.90 -66.34 -17.05
N ASN A 785 54.88 -65.47 -17.10
CA ASN A 785 54.94 -64.29 -17.95
C ASN A 785 55.80 -63.18 -17.39
N VAL A 786 56.15 -63.25 -16.09
CA VAL A 786 57.02 -62.23 -15.51
C VAL A 786 58.46 -62.43 -15.99
N LEU A 787 58.97 -63.65 -15.85
CA LEU A 787 60.34 -63.94 -16.28
C LEU A 787 60.45 -64.04 -17.80
N ASN A 788 59.34 -64.27 -18.51
CA ASN A 788 59.37 -64.32 -19.96
C ASN A 788 59.33 -62.95 -20.61
N GLY A 789 58.92 -61.92 -19.86
CA GLY A 789 58.84 -60.58 -20.40
C GLY A 789 57.59 -60.27 -21.18
N SER A 790 56.57 -61.13 -21.12
CA SER A 790 55.35 -60.90 -21.88
C SER A 790 54.54 -59.74 -21.34
N VAL A 791 54.68 -59.41 -20.06
CA VAL A 791 53.94 -58.32 -19.44
C VAL A 791 54.68 -57.01 -19.65
N PRO A 792 53.98 -55.91 -19.91
CA PRO A 792 54.65 -54.62 -20.12
C PRO A 792 55.30 -54.11 -18.83
N VAL A 793 56.13 -53.07 -19.00
CA VAL A 793 56.79 -52.46 -17.86
C VAL A 793 55.82 -51.65 -17.02
N SER A 794 54.68 -51.25 -17.59
CA SER A 794 53.70 -50.48 -16.84
C SER A 794 53.02 -51.29 -15.75
N GLN A 795 53.11 -52.61 -15.81
CA GLN A 795 52.50 -53.46 -14.80
C GLN A 795 53.35 -53.60 -13.54
N PHE A 796 54.58 -53.07 -13.55
CA PHE A 796 55.50 -53.21 -12.43
C PHE A 796 55.69 -51.92 -11.64
N GLU A 797 55.06 -50.83 -12.03
CA GLU A 797 55.27 -49.55 -11.38
C GLU A 797 54.28 -49.37 -10.24
N ILE A 798 54.80 -48.94 -9.09
CA ILE A 798 53.99 -48.62 -7.92
C ILE A 798 54.09 -47.11 -7.68
N ASN A 799 52.99 -46.53 -7.22
CA ASN A 799 52.84 -45.08 -7.14
C ASN A 799 52.70 -44.64 -5.69
N LYS A 800 53.56 -43.71 -5.28
CA LYS A 800 53.47 -43.08 -3.97
C LYS A 800 53.74 -41.60 -4.14
N ALA A 801 53.03 -40.78 -3.37
CA ALA A 801 53.15 -39.33 -3.46
C ALA A 801 53.92 -38.76 -2.28
N LEU A 802 54.59 -37.64 -2.51
CA LEU A 802 55.37 -36.98 -1.48
C LEU A 802 54.50 -36.02 -0.69
N THR A 803 54.55 -36.12 0.64
CA THR A 803 53.88 -35.17 1.51
C THR A 803 54.75 -33.97 1.86
N LYS A 804 56.03 -34.01 1.52
CA LYS A 804 56.95 -32.90 1.73
C LYS A 804 57.92 -32.86 0.56
N ASP A 805 58.81 -31.88 0.58
CA ASP A 805 59.82 -31.79 -0.47
C ASP A 805 60.80 -32.96 -0.33
N PRO A 806 61.24 -33.54 -1.45
CA PRO A 806 62.17 -34.68 -1.36
C PRO A 806 63.50 -34.33 -0.71
N GLN A 807 63.89 -33.05 -0.72
CA GLN A 807 65.10 -32.65 -0.01
C GLN A 807 64.86 -32.48 1.47
N ASP A 808 63.62 -32.18 1.87
CA ASP A 808 63.27 -31.96 3.27
C ASP A 808 63.00 -33.25 4.04
N TYR A 809 63.32 -34.40 3.47
CA TYR A 809 63.12 -35.66 4.18
C TYR A 809 64.30 -35.94 5.11
N PRO A 810 64.07 -36.65 6.21
CA PRO A 810 65.17 -36.99 7.12
C PRO A 810 66.17 -37.95 6.46
N ASP A 811 65.66 -38.99 5.82
CA ASP A 811 66.51 -39.94 5.10
C ASP A 811 65.80 -40.30 3.80
N LYS A 812 66.46 -40.01 2.68
CA LYS A 812 65.89 -40.31 1.37
C LYS A 812 66.22 -41.73 0.90
N LYS A 813 67.41 -42.24 1.20
CA LYS A 813 67.76 -43.62 0.87
C LYS A 813 66.87 -44.64 1.56
N SER A 814 66.13 -44.24 2.59
CA SER A 814 65.20 -45.14 3.27
C SER A 814 63.93 -45.34 2.45
N LEU A 815 63.25 -44.25 2.11
CA LEU A 815 62.00 -44.36 1.36
C LEU A 815 62.27 -44.47 -0.13
N PRO A 816 61.55 -45.35 -0.83
CA PRO A 816 61.83 -45.57 -2.26
C PRO A 816 61.42 -44.39 -3.14
N HIS A 817 60.19 -43.91 -2.97
CA HIS A 817 59.68 -42.87 -3.86
C HIS A 817 60.46 -41.57 -3.73
N VAL A 818 61.10 -41.34 -2.57
CA VAL A 818 61.90 -40.14 -2.41
C VAL A 818 63.24 -40.28 -3.13
N HIS A 819 63.79 -41.49 -3.16
CA HIS A 819 65.04 -41.70 -3.90
C HIS A 819 64.83 -41.48 -5.39
N VAL A 820 63.67 -41.87 -5.91
CA VAL A 820 63.35 -41.64 -7.32
C VAL A 820 63.04 -40.17 -7.55
N ALA A 821 62.42 -39.51 -6.57
CA ALA A 821 62.11 -38.08 -6.72
C ALA A 821 63.39 -37.26 -6.81
N LEU A 822 64.42 -37.63 -6.04
CA LEU A 822 65.68 -36.89 -6.10
C LEU A 822 66.38 -37.09 -7.43
N TRP A 823 66.19 -38.24 -8.07
CA TRP A 823 66.77 -38.46 -9.39
C TRP A 823 66.08 -37.58 -10.43
N ILE A 824 64.75 -37.45 -10.33
CA ILE A 824 64.02 -36.57 -11.26
C ILE A 824 64.44 -35.13 -11.06
N ASN A 825 64.69 -34.72 -9.81
CA ASN A 825 65.10 -33.35 -9.54
C ASN A 825 66.53 -33.09 -9.99
N SER A 826 67.33 -34.14 -10.22
CA SER A 826 68.66 -33.96 -10.78
C SER A 826 68.63 -33.74 -12.29
N GLN A 827 67.60 -34.23 -12.97
CA GLN A 827 67.46 -34.06 -14.41
C GLN A 827 66.88 -32.68 -14.74
N GLY A 828 66.85 -32.36 -16.02
CA GLY A 828 66.29 -31.10 -16.48
C GLY A 828 64.78 -31.09 -16.62
N GLY A 829 64.13 -32.24 -16.45
CA GLY A 829 62.69 -32.32 -16.58
C GLY A 829 61.96 -31.62 -15.45
N ARG A 830 60.64 -31.66 -15.54
CA ARG A 830 59.79 -30.97 -14.56
C ARG A 830 59.98 -31.56 -13.17
N LYS A 831 60.21 -30.69 -12.20
CA LYS A 831 60.54 -31.12 -10.85
C LYS A 831 59.36 -31.81 -10.18
N VAL A 832 59.65 -32.48 -9.07
CA VAL A 832 58.65 -33.18 -8.27
C VAL A 832 58.61 -32.51 -6.90
N LYS A 833 57.52 -31.81 -6.61
CA LYS A 833 57.35 -31.12 -5.34
C LYS A 833 56.40 -31.91 -4.45
N ALA A 834 55.95 -31.27 -3.38
CA ALA A 834 55.03 -31.93 -2.45
C ALA A 834 53.68 -32.18 -3.11
N GLY A 835 53.05 -33.29 -2.72
CA GLY A 835 51.79 -33.70 -3.28
C GLY A 835 51.86 -34.42 -4.61
N ASP A 836 53.01 -34.40 -5.28
CA ASP A 836 53.15 -35.05 -6.57
C ASP A 836 53.36 -36.54 -6.40
N THR A 837 52.71 -37.33 -7.26
CA THR A 837 52.86 -38.77 -7.25
C THR A 837 53.97 -39.18 -8.21
N VAL A 838 54.93 -39.96 -7.72
CA VAL A 838 56.04 -40.46 -8.53
C VAL A 838 55.88 -41.97 -8.68
N SER A 839 55.87 -42.42 -9.93
CA SER A 839 55.80 -43.85 -10.23
C SER A 839 57.21 -44.40 -10.38
N TYR A 840 57.49 -45.52 -9.71
CA TYR A 840 58.82 -46.10 -9.73
C TYR A 840 58.72 -47.61 -9.86
N VAL A 841 59.77 -48.19 -10.44
CA VAL A 841 59.88 -49.63 -10.64
C VAL A 841 61.21 -50.07 -10.03
N ILE A 842 61.14 -50.92 -8.99
CA ILE A 842 62.37 -51.42 -8.39
C ILE A 842 63.01 -52.45 -9.32
N CYS A 843 64.33 -52.41 -9.41
CA CYS A 843 65.04 -53.25 -10.37
C CYS A 843 66.15 -54.07 -9.70
N GLN A 844 66.96 -54.74 -10.51
CA GLN A 844 68.10 -55.50 -10.04
C GLN A 844 69.37 -54.85 -10.59
N ASP A 845 70.12 -54.19 -9.72
CA ASP A 845 71.35 -53.50 -10.10
C ASP A 845 72.61 -54.28 -9.73
N GLY A 846 72.46 -55.57 -9.43
CA GLY A 846 73.59 -56.39 -9.04
C GLY A 846 74.05 -56.20 -7.61
N SER A 847 73.45 -55.28 -6.86
CA SER A 847 73.82 -55.02 -5.48
C SER A 847 72.86 -55.73 -4.54
N ASN A 848 73.37 -56.13 -3.38
CA ASN A 848 72.58 -56.79 -2.35
C ASN A 848 71.90 -55.81 -1.41
N LEU A 849 71.67 -54.57 -1.85
CA LEU A 849 70.93 -53.62 -1.04
C LEU A 849 69.48 -54.05 -0.94
N THR A 850 68.78 -53.49 0.06
CA THR A 850 67.38 -53.83 0.27
C THR A 850 66.55 -53.49 -0.96
N ALA A 851 65.44 -54.22 -1.14
CA ALA A 851 64.58 -54.01 -2.29
C ALA A 851 64.02 -52.60 -2.35
N SER A 852 63.93 -51.91 -1.21
CA SER A 852 63.51 -50.52 -1.20
C SER A 852 64.62 -49.58 -1.63
N GLN A 853 65.87 -49.91 -1.30
CA GLN A 853 67.00 -49.10 -1.75
C GLN A 853 67.27 -49.28 -3.24
N ARG A 854 66.83 -50.40 -3.83
CA ARG A 854 66.96 -50.65 -5.26
C ARG A 854 65.76 -50.16 -6.05
N ALA A 855 65.28 -48.95 -5.75
CA ALA A 855 64.11 -48.39 -6.42
C ALA A 855 64.56 -47.39 -7.47
N TYR A 856 64.09 -47.57 -8.70
CA TYR A 856 64.47 -46.73 -9.83
C TYR A 856 63.22 -46.25 -10.56
N ALA A 857 63.41 -45.22 -11.39
CA ALA A 857 62.34 -44.71 -12.21
C ALA A 857 62.15 -45.59 -13.45
N PRO A 858 60.93 -45.68 -13.97
CA PRO A 858 60.72 -46.48 -15.20
C PRO A 858 61.47 -45.94 -16.39
N GLU A 859 61.76 -44.64 -16.44
CA GLU A 859 62.58 -44.09 -17.50
C GLU A 859 64.04 -44.51 -17.39
N GLN A 860 64.49 -44.86 -16.18
CA GLN A 860 65.85 -45.36 -16.00
C GLN A 860 66.01 -46.80 -16.44
N LEU A 861 64.92 -47.55 -16.56
CA LEU A 861 65.00 -48.95 -16.95
C LEU A 861 65.33 -49.10 -18.43
N GLN A 862 64.70 -48.29 -19.28
CA GLN A 862 64.97 -48.37 -20.72
C GLN A 862 66.29 -47.70 -21.10
N LYS A 863 66.67 -46.64 -20.38
CA LYS A 863 67.92 -45.94 -20.70
C LYS A 863 69.13 -46.76 -20.27
N GLN A 864 69.21 -47.11 -18.99
CA GLN A 864 70.32 -47.88 -18.47
C GLN A 864 70.08 -49.37 -18.73
N ASP A 865 70.98 -49.98 -19.49
CA ASP A 865 70.82 -51.40 -19.83
C ASP A 865 71.16 -52.32 -18.67
N ASN A 866 71.86 -51.82 -17.65
CA ASN A 866 72.24 -52.62 -16.50
C ASN A 866 71.13 -52.73 -15.46
N LEU A 867 69.95 -52.18 -15.73
CA LEU A 867 68.82 -52.26 -14.82
C LEU A 867 67.75 -53.15 -15.45
N THR A 868 67.42 -54.24 -14.77
CA THR A 868 66.43 -55.19 -15.24
C THR A 868 65.37 -55.42 -14.17
N ILE A 869 64.18 -55.81 -14.60
CA ILE A 869 63.06 -55.98 -13.68
C ILE A 869 63.36 -57.13 -12.73
N ASP A 870 63.26 -56.86 -11.43
CA ASP A 870 63.44 -57.87 -10.39
C ASP A 870 62.28 -58.87 -10.48
N THR A 871 62.52 -59.98 -11.17
CA THR A 871 61.45 -60.95 -11.40
C THR A 871 61.00 -61.60 -10.10
N GLN A 872 61.95 -61.92 -9.21
CA GLN A 872 61.59 -62.64 -7.98
C GLN A 872 60.87 -61.73 -7.00
N TYR A 873 61.10 -60.42 -7.06
CA TYR A 873 60.47 -59.50 -6.12
C TYR A 873 58.96 -59.48 -6.29
N TYR A 874 58.50 -59.17 -7.51
CA TYR A 874 57.07 -59.04 -7.75
C TYR A 874 56.33 -60.35 -7.55
N LEU A 875 57.00 -61.48 -7.75
CA LEU A 875 56.38 -62.78 -7.51
C LEU A 875 56.31 -63.12 -6.02
N ALA A 876 57.13 -62.48 -5.20
CA ALA A 876 57.19 -62.79 -3.77
C ALA A 876 56.74 -61.64 -2.89
N GLN A 877 57.09 -60.40 -3.23
CA GLN A 877 56.80 -59.25 -2.38
C GLN A 877 55.56 -58.47 -2.81
N GLN A 878 55.06 -58.69 -4.03
CA GLN A 878 53.90 -57.96 -4.52
C GLN A 878 52.73 -58.88 -4.84
N ILE A 879 52.88 -59.81 -5.79
CA ILE A 879 51.76 -60.64 -6.20
C ILE A 879 51.40 -61.65 -5.11
N HIS A 880 52.42 -62.21 -4.44
CA HIS A 880 52.13 -63.23 -3.43
C HIS A 880 51.36 -62.68 -2.23
N PRO A 881 51.80 -61.61 -1.55
CA PRO A 881 51.04 -61.17 -0.36
C PRO A 881 49.65 -60.67 -0.69
N VAL A 882 49.44 -60.11 -1.88
CA VAL A 882 48.11 -59.65 -2.26
C VAL A 882 47.15 -60.83 -2.38
N VAL A 883 47.58 -61.88 -3.06
CA VAL A 883 46.74 -63.06 -3.23
C VAL A 883 46.66 -63.88 -1.94
N ALA A 884 47.75 -63.90 -1.16
CA ALA A 884 47.75 -64.67 0.08
C ALA A 884 46.75 -64.11 1.08
N ARG A 885 46.71 -62.78 1.22
CA ARG A 885 45.79 -62.18 2.18
C ARG A 885 44.35 -62.31 1.72
N ILE A 886 44.11 -62.36 0.40
CA ILE A 886 42.76 -62.51 -0.11
C ILE A 886 42.23 -63.92 0.16
N CYS A 887 43.08 -64.92 -0.04
CA CYS A 887 42.68 -66.32 0.10
C CYS A 887 42.89 -66.86 1.52
N GLU A 888 43.18 -65.99 2.48
CA GLU A 888 43.39 -66.45 3.86
C GLU A 888 42.14 -67.09 4.48
N PRO A 889 40.94 -66.52 4.36
CA PRO A 889 39.78 -67.14 5.02
C PRO A 889 39.24 -68.36 4.27
N ILE A 890 39.32 -68.36 2.94
CA ILE A 890 38.78 -69.48 2.18
C ILE A 890 39.68 -70.69 2.37
N ASP A 891 39.05 -71.85 2.63
CA ASP A 891 39.79 -73.07 2.89
C ASP A 891 40.18 -73.74 1.57
N GLY A 892 41.43 -74.20 1.49
CA GLY A 892 41.92 -74.86 0.31
C GLY A 892 43.22 -74.27 -0.21
N ILE A 893 43.29 -72.95 -0.27
CA ILE A 893 44.46 -72.23 -0.77
C ILE A 893 45.29 -71.76 0.41
N ASP A 894 46.57 -72.09 0.41
CA ASP A 894 47.49 -71.78 1.49
C ASP A 894 48.50 -70.73 1.02
N ALA A 895 49.25 -70.19 1.99
CA ALA A 895 50.30 -69.24 1.66
C ALA A 895 51.46 -69.93 0.94
N VAL A 896 51.89 -71.09 1.47
CA VAL A 896 52.96 -71.84 0.83
C VAL A 896 52.46 -72.49 -0.46
N LEU A 897 51.19 -72.88 -0.51
CA LEU A 897 50.64 -73.45 -1.73
C LEU A 897 50.58 -72.41 -2.84
N ILE A 898 50.29 -71.15 -2.49
CA ILE A 898 50.29 -70.09 -3.49
C ILE A 898 51.71 -69.78 -3.94
N ALA A 899 52.66 -69.83 -3.01
CA ALA A 899 54.06 -69.58 -3.38
C ALA A 899 54.59 -70.69 -4.28
N THR A 900 54.17 -71.93 -4.05
CA THR A 900 54.56 -73.03 -4.92
C THR A 900 53.92 -72.92 -6.30
N TRP A 901 52.81 -72.21 -6.42
CA TRP A 901 52.17 -72.04 -7.72
C TRP A 901 52.89 -70.99 -8.57
N LEU A 902 53.33 -69.90 -7.95
CA LEU A 902 54.05 -68.87 -8.71
C LEU A 902 55.41 -69.39 -9.18
N GLY A 903 56.09 -70.18 -8.35
CA GLY A 903 57.36 -70.75 -8.73
C GLY A 903 58.52 -70.28 -7.88
N LEU A 904 58.38 -70.40 -6.56
CA LEU A 904 59.44 -70.02 -5.63
C LEU A 904 59.49 -71.03 -4.50
N ASP A 905 60.58 -70.96 -3.72
CA ASP A 905 60.80 -71.87 -2.60
C ASP A 905 59.70 -71.71 -1.55
N PRO A 906 58.88 -72.75 -1.35
CA PRO A 906 57.76 -72.61 -0.41
C PRO A 906 58.20 -72.56 1.04
N THR A 907 58.15 -71.36 1.63
CA THR A 907 58.51 -71.13 3.03
C THR A 907 57.40 -70.26 3.64
N GLN A 908 56.37 -70.90 4.17
CA GLN A 908 55.24 -70.19 4.76
C GLN A 908 54.47 -71.08 5.73
N GLU D 1 8.34 -7.03 -3.40
CA GLU D 1 8.07 -6.14 -2.28
C GLU D 1 8.59 -4.73 -2.56
N GLN D 2 9.90 -4.59 -2.67
CA GLN D 2 10.50 -3.28 -2.93
C GLN D 2 10.37 -2.90 -4.40
N VAL D 3 11.03 -3.65 -5.28
CA VAL D 3 11.01 -3.39 -6.72
C VAL D 3 10.78 -4.69 -7.46
N PHE D 4 10.27 -4.56 -8.69
CA PHE D 4 9.97 -5.70 -9.55
C PHE D 4 10.66 -5.49 -10.88
N HIS D 5 11.59 -6.38 -11.23
CA HIS D 5 12.35 -6.30 -12.47
C HIS D 5 11.89 -7.39 -13.41
N PHE D 6 11.42 -7.00 -14.60
CA PHE D 6 11.02 -7.96 -15.62
C PHE D 6 11.41 -7.41 -16.98
N TYR D 7 11.32 -8.28 -18.00
CA TYR D 7 11.71 -7.96 -19.36
C TYR D 7 10.50 -8.17 -20.27
N TRP D 8 9.86 -7.08 -20.67
CA TRP D 8 8.61 -7.16 -21.41
C TRP D 8 8.87 -7.49 -22.88
N LEU D 9 7.93 -8.20 -23.48
CA LEU D 9 8.01 -8.62 -24.87
C LEU D 9 6.80 -8.21 -25.69
N ASP D 10 5.60 -8.33 -25.14
CA ASP D 10 4.37 -7.95 -25.83
C ASP D 10 3.48 -7.16 -24.88
N ALA D 11 2.64 -6.31 -25.46
CA ALA D 11 1.71 -5.51 -24.70
C ALA D 11 0.30 -5.74 -25.24
N TYR D 12 -0.68 -5.64 -24.35
CA TYR D 12 -2.08 -5.83 -24.71
C TYR D 12 -2.92 -4.72 -24.10
N GLU D 13 -3.96 -4.34 -24.84
CA GLU D 13 -4.86 -3.27 -24.39
C GLU D 13 -6.26 -3.60 -24.88
N ASP D 14 -7.24 -3.45 -23.99
CA ASP D 14 -8.66 -3.64 -24.32
C ASP D 14 -9.39 -2.40 -23.83
N GLN D 15 -9.57 -1.43 -24.73
CA GLN D 15 -10.20 -0.17 -24.36
C GLN D 15 -11.67 -0.33 -23.97
N TYR D 16 -12.30 -1.44 -24.37
CA TYR D 16 -13.72 -1.64 -24.07
C TYR D 16 -13.91 -2.17 -22.65
N ASN D 17 -13.44 -3.38 -22.38
CA ASN D 17 -13.73 -4.02 -21.10
C ASN D 17 -12.83 -3.54 -19.97
N GLN D 18 -11.66 -3.00 -20.28
CA GLN D 18 -10.74 -2.50 -19.24
C GLN D 18 -9.94 -1.32 -19.78
N PRO D 19 -10.56 -0.15 -19.86
CA PRO D 19 -9.83 1.04 -20.32
C PRO D 19 -8.86 1.52 -19.25
N GLY D 20 -7.90 2.33 -19.70
CA GLY D 20 -6.88 2.85 -18.79
C GLY D 20 -5.90 1.84 -18.26
N VAL D 21 -5.90 0.63 -18.80
CA VAL D 21 -5.02 -0.44 -18.33
C VAL D 21 -4.30 -1.04 -19.54
N VAL D 22 -3.00 -1.28 -19.39
CA VAL D 22 -2.19 -1.95 -20.40
C VAL D 22 -1.53 -3.15 -19.74
N PHE D 23 -1.77 -4.34 -20.29
CA PHE D 23 -1.14 -5.56 -19.83
C PHE D 23 0.22 -5.72 -20.51
N LEU D 24 1.24 -6.05 -19.73
CA LEU D 24 2.57 -6.33 -20.25
C LEU D 24 2.91 -7.80 -19.99
N PHE D 25 3.54 -8.43 -20.98
CA PHE D 25 3.92 -9.83 -20.88
C PHE D 25 5.41 -9.95 -21.18
N GLY D 26 6.13 -10.66 -20.32
CA GLY D 26 7.56 -10.83 -20.49
C GLY D 26 8.13 -11.94 -19.66
N LYS D 27 9.40 -11.78 -19.28
CA LYS D 27 10.14 -12.80 -18.55
C LYS D 27 10.71 -12.20 -17.26
N VAL D 28 10.67 -12.99 -16.18
CA VAL D 28 11.37 -12.66 -14.95
C VAL D 28 12.41 -13.73 -14.69
N TRP D 29 13.26 -13.49 -13.70
CA TRP D 29 14.29 -14.43 -13.28
C TRP D 29 13.94 -14.95 -11.90
N ILE D 30 13.84 -16.26 -11.77
CA ILE D 30 13.57 -16.93 -10.50
C ILE D 30 14.84 -17.69 -10.11
N GLU D 31 15.53 -17.20 -9.09
CA GLU D 31 16.81 -17.80 -8.71
C GLU D 31 16.65 -19.21 -8.20
N SER D 32 15.54 -19.51 -7.52
CA SER D 32 15.32 -20.86 -7.01
C SER D 32 15.27 -21.87 -8.15
N ALA D 33 14.50 -21.57 -9.19
CA ALA D 33 14.42 -22.43 -10.36
C ALA D 33 15.60 -22.22 -11.31
N GLU D 34 16.40 -21.18 -11.10
CA GLU D 34 17.58 -20.91 -11.94
C GLU D 34 17.20 -20.84 -13.41
N THR D 35 16.08 -20.17 -13.70
CA THR D 35 15.57 -20.08 -15.05
C THR D 35 14.65 -18.87 -15.14
N HIS D 36 14.25 -18.54 -16.36
CA HIS D 36 13.28 -17.47 -16.61
C HIS D 36 11.89 -18.08 -16.75
N VAL D 37 10.89 -17.39 -16.21
CA VAL D 37 9.50 -17.81 -16.33
C VAL D 37 8.69 -16.63 -16.87
N SER D 38 7.48 -16.94 -17.33
CA SER D 38 6.59 -15.92 -17.89
C SER D 38 5.98 -15.08 -16.79
N CYS D 39 5.88 -13.78 -17.04
CA CYS D 39 5.27 -12.86 -16.09
C CYS D 39 4.33 -11.92 -16.83
N CYS D 40 3.38 -11.37 -16.09
CA CYS D 40 2.41 -10.42 -16.62
C CYS D 40 2.27 -9.28 -15.62
N VAL D 41 2.72 -8.09 -16.00
CA VAL D 41 2.59 -6.89 -15.18
C VAL D 41 1.42 -6.07 -15.69
N MET D 42 0.54 -5.67 -14.78
CA MET D 42 -0.67 -4.93 -15.11
C MET D 42 -0.50 -3.47 -14.69
N VAL D 43 -0.49 -2.58 -15.66
CA VAL D 43 -0.35 -1.15 -15.42
C VAL D 43 -1.74 -0.52 -15.46
N LYS D 44 -2.13 0.14 -14.38
CA LYS D 44 -3.46 0.72 -14.26
C LYS D 44 -3.37 2.24 -14.14
N ASN D 45 -4.53 2.89 -14.28
CA ASN D 45 -4.67 4.33 -14.14
C ASN D 45 -3.82 5.08 -15.19
N ILE D 46 -4.10 4.79 -16.44
CA ILE D 46 -3.49 5.51 -17.57
C ILE D 46 -4.49 6.57 -18.00
N GLU D 47 -4.27 7.80 -17.54
CA GLU D 47 -5.23 8.88 -17.77
C GLU D 47 -5.08 9.44 -19.18
N ARG D 48 -6.22 9.80 -19.78
CA ARG D 48 -6.20 10.46 -21.07
C ARG D 48 -5.62 11.86 -20.94
N THR D 49 -4.76 12.22 -21.89
CA THR D 49 -4.15 13.55 -21.93
C THR D 49 -4.73 14.30 -23.11
N LEU D 50 -5.43 15.41 -22.84
CA LEU D 50 -6.03 16.24 -23.86
C LEU D 50 -5.26 17.56 -23.98
N TYR D 51 -5.53 18.29 -25.05
CA TYR D 51 -4.88 19.57 -25.30
C TYR D 51 -5.84 20.47 -26.06
N PHE D 52 -6.43 21.44 -25.38
CA PHE D 52 -7.30 22.42 -26.02
C PHE D 52 -6.46 23.60 -26.51
N LEU D 53 -6.69 24.02 -27.75
CA LEU D 53 -5.96 25.14 -28.33
C LEU D 53 -6.80 26.40 -28.19
N PRO D 54 -6.39 27.36 -27.36
CA PRO D 54 -7.23 28.54 -27.14
C PRO D 54 -7.23 29.48 -28.34
N ARG D 55 -8.36 30.16 -28.52
CA ARG D 55 -8.53 31.14 -29.58
C ARG D 55 -8.02 32.51 -29.14
N GLU D 56 -7.86 33.41 -30.12
CA GLU D 56 -7.46 34.76 -29.83
C GLU D 56 -8.57 35.60 -29.23
N MET D 57 -9.83 35.18 -29.40
CA MET D 57 -10.97 35.90 -28.85
C MET D 57 -12.15 34.95 -28.74
N LYS D 58 -13.08 35.29 -27.86
CA LYS D 58 -14.28 34.48 -27.68
C LYS D 58 -15.16 34.54 -28.92
N ILE D 59 -15.74 33.40 -29.29
CA ILE D 59 -16.62 33.31 -30.45
C ILE D 59 -17.79 32.40 -30.08
N ASP D 60 -19.00 32.93 -30.17
CA ASP D 60 -20.19 32.15 -29.86
C ASP D 60 -20.55 31.24 -31.02
N LEU D 61 -20.97 30.02 -30.69
CA LEU D 61 -21.33 29.03 -31.71
C LEU D 61 -22.63 29.38 -32.41
N ASN D 62 -23.42 30.32 -31.89
CA ASN D 62 -24.66 30.70 -32.54
C ASN D 62 -24.41 31.59 -33.75
N THR D 63 -23.63 32.65 -33.57
CA THR D 63 -23.35 33.59 -34.66
C THR D 63 -22.03 33.32 -35.37
N GLY D 64 -21.08 32.65 -34.72
CA GLY D 64 -19.80 32.36 -35.33
C GLY D 64 -18.82 33.52 -35.37
N LYS D 65 -19.24 34.71 -35.00
CA LYS D 65 -18.36 35.88 -34.99
C LYS D 65 -17.74 36.06 -33.60
N GLU D 66 -16.83 37.02 -33.52
CA GLU D 66 -16.15 37.29 -32.26
C GLU D 66 -17.07 38.00 -31.29
N THR D 67 -16.96 37.65 -30.01
CA THR D 67 -17.73 38.31 -28.97
C THR D 67 -17.12 39.62 -28.51
N GLY D 68 -15.90 39.94 -28.97
CA GLY D 68 -15.22 41.16 -28.57
C GLY D 68 -14.36 41.05 -27.33
N THR D 69 -14.50 39.97 -26.56
CA THR D 69 -13.73 39.78 -25.35
C THR D 69 -12.59 38.80 -25.61
N PRO D 70 -11.35 39.17 -25.34
CA PRO D 70 -10.24 38.22 -25.52
C PRO D 70 -10.34 37.06 -24.56
N ILE D 71 -9.63 35.98 -24.90
CA ILE D 71 -9.66 34.74 -24.13
C ILE D 71 -8.32 34.59 -23.43
N SER D 72 -8.37 34.46 -22.10
CA SER D 72 -7.19 34.27 -21.28
C SER D 72 -6.99 32.78 -21.00
N MET D 73 -5.89 32.46 -20.31
CA MET D 73 -5.63 31.07 -19.94
C MET D 73 -6.62 30.57 -18.90
N LYS D 74 -7.05 31.43 -17.97
CA LYS D 74 -8.07 31.05 -17.01
C LYS D 74 -9.47 30.97 -17.62
N ASP D 75 -9.69 31.63 -18.76
CA ASP D 75 -11.00 31.62 -19.39
C ASP D 75 -11.30 30.27 -20.03
N VAL D 76 -10.30 29.65 -20.65
CA VAL D 76 -10.53 28.34 -21.27
C VAL D 76 -10.72 27.27 -20.21
N TYR D 77 -10.13 27.46 -19.02
CA TYR D 77 -10.35 26.51 -17.94
C TYR D 77 -11.79 26.57 -17.44
N GLU D 78 -12.36 27.78 -17.35
CA GLU D 78 -13.73 27.91 -16.85
C GLU D 78 -14.74 27.30 -17.83
N GLU D 79 -14.44 27.31 -19.12
CA GLU D 79 -15.37 26.75 -20.10
C GLU D 79 -15.42 25.23 -20.00
N PHE D 80 -14.26 24.59 -19.81
CA PHE D 80 -14.23 23.13 -19.70
C PHE D 80 -14.90 22.68 -18.41
N ASP D 81 -14.57 23.32 -17.29
CA ASP D 81 -15.09 22.89 -16.00
C ASP D 81 -16.61 23.06 -15.93
N GLU D 82 -17.13 24.14 -16.51
CA GLU D 82 -18.54 24.47 -16.38
C GLU D 82 -19.40 23.97 -17.54
N LYS D 83 -18.84 23.87 -18.75
CA LYS D 83 -19.65 23.53 -19.92
C LYS D 83 -19.21 22.25 -20.61
N ILE D 84 -17.91 22.01 -20.77
CA ILE D 84 -17.44 20.85 -21.51
C ILE D 84 -17.39 19.60 -20.65
N ALA D 85 -16.90 19.69 -19.42
CA ALA D 85 -16.81 18.51 -18.57
C ALA D 85 -18.17 18.10 -18.01
N THR D 86 -19.04 19.07 -17.73
CA THR D 86 -20.34 18.76 -17.16
C THR D 86 -21.23 18.08 -18.20
N LYS D 87 -21.13 18.48 -19.46
CA LYS D 87 -21.97 17.90 -20.50
C LYS D 87 -21.63 16.43 -20.74
N TYR D 88 -20.34 16.10 -20.76
CA TYR D 88 -19.90 14.74 -21.03
C TYR D 88 -19.59 13.97 -19.75
N LYS D 89 -20.05 14.46 -18.59
CA LYS D 89 -19.98 13.74 -17.32
C LYS D 89 -18.54 13.32 -16.99
N ILE D 90 -17.68 14.32 -16.82
CA ILE D 90 -16.31 14.12 -16.38
C ILE D 90 -16.25 14.62 -14.94
N MET D 91 -16.30 13.69 -13.99
CA MET D 91 -16.42 14.05 -12.58
C MET D 91 -15.17 14.77 -12.09
N LYS D 92 -14.04 14.08 -12.07
CA LYS D 92 -12.77 14.64 -11.60
C LYS D 92 -11.76 14.67 -12.74
N PHE D 93 -10.85 15.64 -12.68
CA PHE D 93 -9.82 15.79 -13.70
C PHE D 93 -8.72 16.68 -13.15
N LYS D 94 -7.59 16.68 -13.86
CA LYS D 94 -6.43 17.49 -13.52
C LYS D 94 -6.03 18.33 -14.73
N SER D 95 -5.73 19.61 -14.47
CA SER D 95 -5.39 20.53 -15.54
C SER D 95 -4.21 21.40 -15.13
N LYS D 96 -3.34 21.70 -16.09
CA LYS D 96 -2.24 22.63 -15.88
C LYS D 96 -1.80 23.16 -17.24
N PRO D 97 -1.54 24.46 -17.38
CA PRO D 97 -1.14 25.00 -18.68
C PRO D 97 0.32 24.70 -18.99
N VAL D 98 0.56 24.13 -20.16
CA VAL D 98 1.91 23.82 -20.63
C VAL D 98 1.98 24.14 -22.12
N GLU D 99 3.12 24.67 -22.55
CA GLU D 99 3.32 25.02 -23.96
C GLU D 99 3.89 23.82 -24.72
N LYS D 100 3.36 23.61 -25.93
CA LYS D 100 3.77 22.49 -26.75
C LYS D 100 3.82 22.91 -28.21
N ASN D 101 4.65 22.23 -28.99
CA ASN D 101 4.85 22.58 -30.40
C ASN D 101 3.94 21.75 -31.30
N TYR D 102 3.54 22.36 -32.41
CA TYR D 102 2.80 21.68 -33.46
C TYR D 102 3.43 22.05 -34.79
N ALA D 103 3.66 21.04 -35.64
CA ALA D 103 4.30 21.28 -36.91
C ALA D 103 3.74 20.38 -38.02
N PHE D 104 2.50 19.94 -37.88
CA PHE D 104 1.88 19.04 -38.84
C PHE D 104 0.79 19.74 -39.62
N GLU D 105 -0.01 18.97 -40.36
CA GLU D 105 -0.90 19.49 -41.39
C GLU D 105 -2.30 19.68 -40.82
N ILE D 106 -2.57 20.89 -40.34
CA ILE D 106 -3.92 21.34 -39.96
C ILE D 106 -3.84 22.86 -39.84
N PRO D 107 -4.90 23.60 -40.19
CA PRO D 107 -4.82 25.06 -40.14
C PRO D 107 -5.08 25.61 -38.75
N ASP D 108 -4.72 26.89 -38.59
CA ASP D 108 -5.00 27.67 -37.38
C ASP D 108 -4.32 27.09 -36.15
N VAL D 109 -3.16 26.46 -36.31
CA VAL D 109 -2.36 25.98 -35.21
C VAL D 109 -0.98 26.61 -35.32
N PRO D 110 -0.51 27.33 -34.31
CA PRO D 110 0.82 27.93 -34.38
C PRO D 110 1.92 26.91 -34.09
N GLU D 111 3.12 27.22 -34.56
CA GLU D 111 4.27 26.34 -34.33
C GLU D 111 4.54 26.17 -32.84
N LYS D 112 4.15 27.13 -32.02
CA LYS D 112 4.19 27.02 -30.57
C LYS D 112 2.99 27.76 -30.00
N SER D 113 2.47 27.24 -28.89
CA SER D 113 1.28 27.83 -28.28
C SER D 113 1.23 27.39 -26.82
N GLU D 114 0.24 27.88 -26.10
CA GLU D 114 0.02 27.55 -24.70
C GLU D 114 -1.33 26.85 -24.59
N TYR D 115 -1.29 25.55 -24.30
CA TYR D 115 -2.48 24.76 -24.02
C TYR D 115 -2.51 24.43 -22.53
N LEU D 116 -3.68 24.03 -22.05
CA LEU D 116 -3.80 23.39 -20.74
C LEU D 116 -4.20 21.94 -20.98
N GLU D 117 -3.39 21.02 -20.47
CA GLU D 117 -3.65 19.60 -20.67
C GLU D 117 -4.60 19.12 -19.59
N VAL D 118 -5.66 18.42 -20.01
CA VAL D 118 -6.68 17.91 -19.12
C VAL D 118 -6.52 16.40 -19.03
N LYS D 119 -6.20 15.91 -17.83
CA LYS D 119 -6.05 14.50 -17.55
C LYS D 119 -7.24 14.01 -16.74
N TYR D 120 -7.91 12.97 -17.24
CA TYR D 120 -8.98 12.35 -16.48
C TYR D 120 -9.01 10.86 -16.82
N SER D 121 -9.69 10.11 -15.97
CA SER D 121 -9.70 8.64 -16.07
C SER D 121 -10.27 8.19 -17.41
N ALA D 122 -9.67 7.13 -17.96
CA ALA D 122 -10.16 6.56 -19.21
C ALA D 122 -11.50 5.86 -19.04
N GLU D 123 -11.89 5.55 -17.79
CA GLU D 123 -13.20 4.96 -17.56
C GLU D 123 -14.31 5.96 -17.89
N MET D 124 -14.11 7.23 -17.57
CA MET D 124 -15.08 8.25 -17.89
C MET D 124 -15.17 8.44 -19.41
N PRO D 125 -16.32 8.87 -19.91
CA PRO D 125 -16.52 8.91 -21.36
C PRO D 125 -15.54 9.85 -22.06
N GLN D 126 -15.46 9.68 -23.38
CA GLN D 126 -14.46 10.32 -24.22
C GLN D 126 -15.05 11.51 -24.95
N LEU D 127 -14.26 12.57 -25.10
CA LEU D 127 -14.71 13.75 -25.81
C LEU D 127 -14.71 13.48 -27.32
N PRO D 128 -15.59 14.16 -28.07
CA PRO D 128 -15.62 13.95 -29.52
C PRO D 128 -14.35 14.42 -30.20
N GLN D 129 -14.15 13.91 -31.42
CA GLN D 129 -12.95 14.26 -32.19
C GLN D 129 -13.00 15.71 -32.65
N ASP D 130 -14.10 16.13 -33.26
CA ASP D 130 -14.25 17.47 -33.80
C ASP D 130 -14.91 18.43 -32.82
N LEU D 131 -14.37 18.48 -31.60
CA LEU D 131 -14.94 19.32 -30.55
C LEU D 131 -14.35 20.72 -30.64
N LYS D 132 -15.21 21.71 -30.88
CA LYS D 132 -14.82 23.11 -30.89
C LYS D 132 -15.59 23.85 -29.80
N GLY D 133 -14.97 24.91 -29.27
CA GLY D 133 -15.56 25.68 -28.20
C GLY D 133 -15.41 27.17 -28.44
N GLU D 134 -15.99 27.94 -27.51
CA GLU D 134 -15.87 29.39 -27.59
C GLU D 134 -14.46 29.85 -27.24
N THR D 135 -13.86 29.25 -26.22
CA THR D 135 -12.51 29.61 -25.81
C THR D 135 -11.42 28.86 -26.57
N PHE D 136 -11.70 27.63 -26.99
CA PHE D 136 -10.71 26.81 -27.68
C PHE D 136 -11.16 26.52 -29.10
N SER D 137 -10.20 26.51 -30.03
CA SER D 137 -10.49 26.25 -31.43
C SER D 137 -10.43 24.77 -31.79
N HIS D 138 -9.59 23.99 -31.10
CA HIS D 138 -9.47 22.57 -31.38
C HIS D 138 -8.95 21.87 -30.14
N VAL D 139 -9.16 20.56 -30.09
CA VAL D 139 -8.71 19.70 -29.01
C VAL D 139 -7.84 18.60 -29.59
N PHE D 140 -6.75 18.27 -28.90
CA PHE D 140 -5.79 17.29 -29.37
C PHE D 140 -5.65 16.15 -28.36
N GLY D 141 -5.23 15.00 -28.87
CA GLY D 141 -5.04 13.83 -28.02
C GLY D 141 -6.32 13.26 -27.45
N THR D 142 -7.44 13.44 -28.14
CA THR D 142 -8.73 12.99 -27.60
C THR D 142 -8.93 11.49 -27.75
N ASN D 143 -8.29 10.86 -28.74
CA ASN D 143 -8.47 9.45 -29.01
C ASN D 143 -7.21 8.63 -28.73
N THR D 144 -6.17 9.25 -28.17
CA THR D 144 -4.91 8.55 -27.95
C THR D 144 -5.12 7.38 -26.99
N SER D 145 -4.67 6.20 -27.41
CA SER D 145 -4.89 4.99 -26.64
C SER D 145 -3.98 4.95 -25.41
N SER D 146 -4.28 4.03 -24.50
CA SER D 146 -3.49 3.89 -23.29
C SER D 146 -2.10 3.34 -23.60
N LEU D 147 -2.03 2.37 -24.52
CA LEU D 147 -0.74 1.80 -24.89
C LEU D 147 0.17 2.83 -25.54
N GLU D 148 -0.41 3.72 -26.36
CA GLU D 148 0.40 4.78 -26.96
C GLU D 148 0.85 5.78 -25.91
N LEU D 149 -0.05 6.17 -25.00
CA LEU D 149 0.33 7.10 -23.95
C LEU D 149 1.37 6.48 -23.03
N PHE D 150 1.24 5.19 -22.73
CA PHE D 150 2.18 4.55 -21.82
C PHE D 150 3.57 4.43 -22.45
N LEU D 151 3.63 3.97 -23.69
CA LEU D 151 4.93 3.74 -24.32
C LEU D 151 5.67 5.04 -24.58
N MET D 152 4.93 6.11 -24.93
CA MET D 152 5.58 7.38 -25.22
C MET D 152 6.00 8.12 -23.96
N ASN D 153 5.12 8.14 -22.95
CA ASN D 153 5.41 8.88 -21.73
C ASN D 153 6.58 8.27 -20.96
N ARG D 154 6.77 6.96 -21.07
CA ARG D 154 7.82 6.28 -20.33
C ARG D 154 9.06 5.99 -21.16
N LYS D 155 9.10 6.46 -22.42
CA LYS D 155 10.25 6.27 -23.30
C LYS D 155 10.59 4.79 -23.46
N ILE D 156 9.56 3.96 -23.61
CA ILE D 156 9.74 2.52 -23.81
C ILE D 156 9.86 2.26 -25.30
N LYS D 157 11.07 1.95 -25.75
CA LYS D 157 11.37 1.75 -27.17
C LYS D 157 11.70 0.27 -27.39
N GLY D 158 10.68 -0.54 -27.58
CA GLY D 158 10.85 -1.95 -27.83
C GLY D 158 11.05 -2.76 -26.56
N PRO D 159 11.32 -4.05 -26.70
CA PRO D 159 11.52 -4.89 -25.52
C PRO D 159 12.77 -4.47 -24.76
N CYS D 160 12.66 -4.43 -23.44
CA CYS D 160 13.75 -4.04 -22.56
C CYS D 160 13.40 -4.42 -21.14
N TRP D 161 14.36 -4.25 -20.24
CA TRP D 161 14.14 -4.49 -18.83
C TRP D 161 13.41 -3.31 -18.20
N LEU D 162 12.37 -3.60 -17.43
CA LEU D 162 11.56 -2.60 -16.77
C LEU D 162 11.68 -2.76 -15.25
N GLU D 163 11.63 -1.63 -14.56
CA GLU D 163 11.58 -1.60 -13.10
C GLU D 163 10.22 -1.06 -12.68
N VAL D 164 9.60 -1.73 -11.71
CA VAL D 164 8.27 -1.34 -11.23
C VAL D 164 8.40 -0.92 -9.78
N LYS D 165 8.28 0.38 -9.52
CA LYS D 165 8.31 0.89 -8.16
C LYS D 165 7.02 0.52 -7.43
N SER D 166 7.17 0.11 -6.17
CA SER D 166 6.06 -0.27 -5.31
C SER D 166 5.07 -1.20 -6.03
N PRO D 167 5.47 -2.43 -6.33
CA PRO D 167 4.56 -3.34 -7.04
C PRO D 167 3.46 -3.84 -6.12
N GLN D 168 2.34 -4.22 -6.74
CA GLN D 168 1.15 -4.66 -6.02
C GLN D 168 0.76 -6.06 -6.46
N LEU D 169 -0.04 -6.70 -5.63
CA LEU D 169 -0.54 -8.04 -5.90
C LEU D 169 -1.95 -7.98 -6.47
N LEU D 170 -2.25 -8.93 -7.35
CA LEU D 170 -3.59 -9.07 -7.89
C LEU D 170 -4.47 -9.87 -6.94
N ASN D 171 -5.76 -9.54 -6.91
CA ASN D 171 -6.68 -10.25 -6.04
C ASN D 171 -6.79 -11.72 -6.44
N GLN D 172 -6.92 -11.98 -7.73
CA GLN D 172 -6.87 -13.32 -8.28
C GLN D 172 -6.22 -13.25 -9.64
N PRO D 173 -5.57 -14.31 -10.10
CA PRO D 173 -4.76 -14.23 -11.32
C PRO D 173 -5.56 -13.76 -12.53
N VAL D 174 -4.91 -12.95 -13.37
CA VAL D 174 -5.52 -12.44 -14.59
C VAL D 174 -4.88 -13.03 -15.84
N SER D 175 -3.72 -13.66 -15.73
CA SER D 175 -3.00 -14.21 -16.86
C SER D 175 -2.67 -15.68 -16.61
N TRP D 176 -2.21 -16.35 -17.67
CA TRP D 176 -1.71 -17.72 -17.57
C TRP D 176 -0.20 -17.77 -17.36
N CYS D 177 0.38 -16.76 -16.71
CA CYS D 177 1.81 -16.69 -16.48
C CYS D 177 2.15 -17.17 -15.07
N LYS D 178 3.44 -17.44 -14.86
CA LYS D 178 3.89 -17.91 -13.56
C LYS D 178 3.85 -16.80 -12.52
N VAL D 179 4.28 -15.60 -12.89
CA VAL D 179 4.33 -14.46 -11.98
C VAL D 179 3.39 -13.37 -12.50
N GLU D 180 2.77 -12.65 -11.58
CA GLU D 180 1.94 -11.50 -11.92
C GLU D 180 2.21 -10.38 -10.93
N ALA D 181 2.29 -9.15 -11.45
CA ALA D 181 2.46 -7.97 -10.62
C ALA D 181 1.57 -6.87 -11.18
N MET D 182 1.30 -5.87 -10.35
CA MET D 182 0.44 -4.76 -10.74
C MET D 182 1.13 -3.44 -10.43
N ALA D 183 0.92 -2.46 -11.31
CA ALA D 183 1.45 -1.11 -11.16
C ALA D 183 0.29 -0.15 -11.00
N LEU D 184 0.30 0.63 -9.91
CA LEU D 184 -0.82 1.52 -9.62
C LEU D 184 -0.89 2.69 -10.59
N LYS D 185 0.24 3.09 -11.16
CA LYS D 185 0.28 4.20 -12.11
C LYS D 185 1.46 3.99 -13.04
N PRO D 186 1.36 4.49 -14.28
CA PRO D 186 2.49 4.34 -15.21
C PRO D 186 3.76 5.03 -14.75
N ASP D 187 3.64 6.00 -13.84
CA ASP D 187 4.80 6.75 -13.36
C ASP D 187 5.78 5.89 -12.58
N LEU D 188 5.39 4.68 -12.19
CA LEU D 188 6.25 3.79 -11.43
C LEU D 188 6.93 2.74 -12.30
N VAL D 189 6.82 2.85 -13.61
CA VAL D 189 7.45 1.91 -14.54
C VAL D 189 8.59 2.64 -15.23
N ASN D 190 9.82 2.27 -14.90
CA ASN D 190 11.01 2.89 -15.46
C ASN D 190 11.80 1.88 -16.26
N VAL D 191 12.60 2.37 -17.20
CA VAL D 191 13.38 1.53 -18.10
C VAL D 191 14.78 1.32 -17.52
N ILE D 192 15.25 0.08 -17.59
CA ILE D 192 16.61 -0.28 -17.18
C ILE D 192 17.39 -0.62 -18.45
N LYS D 193 18.61 -0.10 -18.55
CA LYS D 193 19.37 -0.21 -19.79
C LYS D 193 20.80 -0.69 -19.57
N ASP D 194 21.01 -1.48 -18.51
CA ASP D 194 22.35 -2.03 -18.24
C ASP D 194 22.28 -3.53 -17.97
N VAL D 195 21.31 -4.22 -18.57
CA VAL D 195 21.11 -5.65 -18.36
C VAL D 195 20.90 -6.31 -19.72
N SER D 196 21.57 -7.44 -19.94
CA SER D 196 21.42 -8.15 -21.20
C SER D 196 20.03 -8.79 -21.30
N PRO D 197 19.49 -8.90 -22.52
CA PRO D 197 18.14 -9.49 -22.66
C PRO D 197 18.17 -10.99 -22.38
N PRO D 198 17.06 -11.56 -21.94
CA PRO D 198 17.04 -12.98 -21.59
C PRO D 198 16.70 -13.83 -22.80
N PRO D 199 16.92 -15.13 -22.73
CA PRO D 199 16.48 -16.02 -23.82
C PRO D 199 14.98 -16.24 -23.76
N LEU D 200 14.41 -16.59 -24.90
CA LEU D 200 12.98 -16.78 -25.05
C LEU D 200 12.65 -18.25 -25.27
N VAL D 201 11.38 -18.59 -25.05
CA VAL D 201 10.86 -19.93 -25.31
C VAL D 201 10.21 -19.90 -26.69
N VAL D 202 10.82 -20.58 -27.65
CA VAL D 202 10.34 -20.61 -29.03
C VAL D 202 9.67 -21.95 -29.29
N MET D 203 8.51 -21.91 -29.96
CA MET D 203 7.77 -23.12 -30.30
C MET D 203 7.27 -22.98 -31.74
N ALA D 204 7.77 -23.84 -32.63
CA ALA D 204 7.33 -23.87 -34.01
C ALA D 204 6.41 -25.07 -34.21
N PHE D 205 5.24 -24.82 -34.80
CA PHE D 205 4.21 -25.85 -34.92
C PHE D 205 3.76 -25.99 -36.36
N SER D 206 3.29 -27.19 -36.69
CA SER D 206 2.68 -27.49 -37.98
C SER D 206 1.48 -28.39 -37.75
N MET D 207 0.51 -28.32 -38.67
CA MET D 207 -0.71 -29.09 -38.54
C MET D 207 -1.13 -29.62 -39.91
N LYS D 208 -1.97 -30.67 -39.88
CA LYS D 208 -2.56 -31.24 -41.09
C LYS D 208 -4.07 -31.35 -40.89
N THR D 209 -4.82 -30.94 -41.91
CA THR D 209 -6.28 -30.98 -41.88
C THR D 209 -6.79 -32.02 -42.87
N MET D 210 -8.10 -32.01 -43.09
CA MET D 210 -8.74 -32.94 -44.01
C MET D 210 -10.11 -32.40 -44.39
N GLN D 211 -10.32 -32.12 -45.67
CA GLN D 211 -11.60 -31.59 -46.11
C GLN D 211 -12.68 -32.66 -46.06
N ASN D 212 -13.80 -32.34 -45.44
CA ASN D 212 -14.91 -33.27 -45.31
C ASN D 212 -15.66 -33.39 -46.64
N ALA D 213 -16.29 -34.55 -46.84
CA ALA D 213 -17.01 -34.83 -48.07
C ALA D 213 -18.19 -33.88 -48.26
N LYS D 214 -19.22 -34.03 -47.43
CA LYS D 214 -20.42 -33.20 -47.55
C LYS D 214 -20.15 -31.78 -47.07
N ASN D 215 -19.89 -31.63 -45.78
CA ASN D 215 -19.64 -30.31 -45.22
C ASN D 215 -18.28 -29.79 -45.68
N HIS D 216 -18.18 -28.47 -45.81
CA HIS D 216 -16.93 -27.82 -46.18
C HIS D 216 -15.95 -27.70 -45.01
N GLN D 217 -16.33 -28.19 -43.83
CA GLN D 217 -15.45 -28.11 -42.67
C GLN D 217 -14.22 -28.99 -42.88
N ASN D 218 -13.13 -28.62 -42.22
CA ASN D 218 -11.86 -29.34 -42.32
C ASN D 218 -11.38 -29.65 -40.91
N GLU D 219 -11.41 -30.93 -40.54
CA GLU D 219 -11.02 -31.36 -39.21
C GLU D 219 -9.49 -31.43 -39.10
N ILE D 220 -8.99 -31.12 -37.91
CA ILE D 220 -7.56 -31.25 -37.63
C ILE D 220 -7.28 -32.71 -37.25
N ILE D 221 -6.25 -33.28 -37.88
CA ILE D 221 -5.94 -34.69 -37.66
C ILE D 221 -4.53 -34.91 -37.11
N ALA D 222 -3.64 -33.92 -37.21
CA ALA D 222 -2.26 -34.13 -36.79
C ALA D 222 -1.63 -32.79 -36.47
N MET D 223 -0.85 -32.75 -35.39
CA MET D 223 -0.11 -31.56 -35.01
C MET D 223 1.27 -31.97 -34.53
N ALA D 224 2.26 -31.14 -34.85
CA ALA D 224 3.63 -31.37 -34.42
C ALA D 224 4.24 -30.03 -34.02
N ALA D 225 5.10 -30.05 -33.00
CA ALA D 225 5.70 -28.83 -32.51
C ALA D 225 7.10 -29.11 -32.00
N LEU D 226 8.03 -28.20 -32.32
CA LEU D 226 9.38 -28.21 -31.79
C LEU D 226 9.54 -27.05 -30.82
N VAL D 227 10.29 -27.28 -29.74
CA VAL D 227 10.41 -26.29 -28.67
C VAL D 227 11.89 -26.14 -28.30
N HIS D 228 12.29 -24.89 -28.05
CA HIS D 228 13.58 -24.58 -27.43
C HIS D 228 13.32 -23.57 -26.32
N HIS D 229 13.85 -23.85 -25.14
CA HIS D 229 13.50 -23.07 -23.96
C HIS D 229 14.43 -21.87 -23.74
N SER D 230 15.67 -21.92 -24.23
CA SER D 230 16.61 -20.81 -24.10
C SER D 230 17.08 -20.44 -25.50
N PHE D 231 16.33 -19.57 -26.16
CA PHE D 231 16.61 -19.12 -27.52
C PHE D 231 17.11 -17.68 -27.44
N ALA D 232 18.41 -17.49 -27.66
CA ALA D 232 19.01 -16.17 -27.57
C ALA D 232 18.64 -15.31 -28.77
N LEU D 233 18.41 -14.03 -28.51
CA LEU D 233 18.16 -13.06 -29.58
C LEU D 233 19.37 -12.19 -29.89
N ASP D 234 20.30 -12.05 -28.94
CA ASP D 234 21.53 -11.31 -29.16
C ASP D 234 22.63 -12.15 -29.78
N LYS D 235 22.46 -13.45 -29.85
CA LYS D 235 23.45 -14.38 -30.40
C LYS D 235 22.87 -15.07 -31.63
N ALA D 236 23.65 -15.98 -32.19
CA ALA D 236 23.18 -16.77 -33.32
C ALA D 236 22.14 -17.80 -32.86
N ALA D 237 21.50 -18.43 -33.82
CA ALA D 237 20.51 -19.44 -33.51
C ALA D 237 21.14 -20.64 -32.82
N PRO D 238 20.41 -21.31 -31.94
CA PRO D 238 20.95 -22.52 -31.30
C PRO D 238 21.07 -23.66 -32.29
N LYS D 239 22.07 -24.49 -32.07
CA LYS D 239 22.27 -25.70 -32.86
C LYS D 239 22.37 -26.92 -31.94
N PRO D 240 21.34 -27.78 -31.94
CA PRO D 240 20.12 -27.71 -32.76
C PRO D 240 19.13 -26.65 -32.27
N PRO D 241 18.23 -26.19 -33.16
CA PRO D 241 17.33 -25.09 -32.80
C PRO D 241 16.17 -25.49 -31.89
N PHE D 242 16.09 -26.74 -31.46
CA PHE D 242 15.00 -27.19 -30.60
C PHE D 242 15.51 -28.28 -29.68
N GLN D 243 14.93 -28.34 -28.48
CA GLN D 243 15.32 -29.29 -27.46
C GLN D 243 14.32 -30.40 -27.22
N SER D 244 13.03 -30.13 -27.40
CA SER D 244 11.99 -31.13 -27.18
C SER D 244 10.96 -31.01 -28.30
N HIS D 245 10.18 -32.08 -28.48
CA HIS D 245 9.15 -32.08 -29.49
C HIS D 245 8.02 -33.00 -29.06
N PHE D 246 6.88 -32.87 -29.75
CA PHE D 246 5.74 -33.75 -29.54
C PHE D 246 4.87 -33.73 -30.78
N CYS D 247 4.17 -34.83 -31.00
CA CYS D 247 3.26 -34.95 -32.13
C CYS D 247 2.00 -35.66 -31.65
N VAL D 248 0.84 -35.12 -32.01
CA VAL D 248 -0.45 -35.69 -31.63
C VAL D 248 -1.22 -36.02 -32.91
N VAL D 249 -1.78 -37.22 -32.96
CA VAL D 249 -2.52 -37.70 -34.12
C VAL D 249 -3.93 -38.07 -33.69
N SER D 250 -4.87 -37.88 -34.60
CA SER D 250 -6.27 -38.22 -34.34
C SER D 250 -6.86 -38.82 -35.61
N LYS D 251 -8.20 -38.92 -35.63
CA LYS D 251 -8.92 -39.51 -36.73
C LYS D 251 -10.25 -38.78 -36.87
N PRO D 252 -10.78 -38.69 -38.08
CA PRO D 252 -12.11 -38.08 -38.27
C PRO D 252 -13.21 -39.05 -37.82
N LYS D 253 -14.45 -38.57 -37.92
CA LYS D 253 -15.59 -39.39 -37.51
C LYS D 253 -15.88 -40.52 -38.49
N ASP D 254 -15.48 -40.37 -39.75
CA ASP D 254 -15.71 -41.38 -40.78
C ASP D 254 -14.51 -42.30 -40.99
N CYS D 255 -13.62 -42.39 -40.00
CA CYS D 255 -12.44 -43.24 -40.11
C CYS D 255 -12.11 -43.85 -38.75
N ILE D 256 -11.29 -44.90 -38.79
CA ILE D 256 -10.76 -45.53 -37.59
C ILE D 256 -9.26 -45.70 -37.78
N PHE D 257 -8.56 -45.80 -36.65
CA PHE D 257 -7.11 -45.99 -36.72
C PHE D 257 -6.79 -47.35 -37.34
N PRO D 258 -5.73 -47.45 -38.13
CA PRO D 258 -5.38 -48.73 -38.75
C PRO D 258 -4.97 -49.77 -37.71
N TYR D 259 -4.87 -51.01 -38.17
CA TYR D 259 -4.63 -52.12 -37.26
C TYR D 259 -3.25 -52.02 -36.62
N ALA D 260 -3.20 -52.28 -35.32
CA ALA D 260 -1.95 -52.30 -34.55
C ALA D 260 -1.21 -50.97 -34.67
N PHE D 261 -1.95 -49.87 -34.67
CA PHE D 261 -1.32 -48.56 -34.82
C PHE D 261 -0.45 -48.23 -33.61
N LYS D 262 -1.01 -48.32 -32.40
CA LYS D 262 -0.24 -48.00 -31.21
C LYS D 262 0.92 -48.96 -31.01
N GLU D 263 0.74 -50.23 -31.39
CA GLU D 263 1.83 -51.19 -31.27
C GLU D 263 2.96 -50.87 -32.22
N VAL D 264 2.62 -50.39 -33.42
CA VAL D 264 3.66 -49.97 -34.38
C VAL D 264 4.39 -48.74 -33.84
N ILE D 265 3.66 -47.84 -33.17
CA ILE D 265 4.29 -46.65 -32.60
C ILE D 265 5.29 -47.03 -31.51
N GLU D 266 4.92 -47.96 -30.64
CA GLU D 266 5.84 -48.41 -29.60
C GLU D 266 6.98 -49.23 -30.17
N LYS D 267 6.71 -50.03 -31.20
CA LYS D 267 7.77 -50.84 -31.81
C LYS D 267 8.78 -49.97 -32.55
N LYS D 268 8.29 -49.01 -33.33
CA LYS D 268 9.18 -48.06 -33.99
C LYS D 268 9.72 -47.01 -33.02
N ASN D 269 9.16 -46.92 -31.81
CA ASN D 269 9.63 -46.04 -30.75
C ASN D 269 9.64 -44.58 -31.22
N VAL D 270 8.44 -44.06 -31.44
CA VAL D 270 8.23 -42.67 -31.79
C VAL D 270 7.43 -42.01 -30.68
N LYS D 271 7.62 -40.70 -30.52
CA LYS D 271 6.95 -39.94 -29.46
C LYS D 271 5.65 -39.34 -30.00
N VAL D 272 4.68 -40.23 -30.22
CA VAL D 272 3.39 -39.86 -30.78
C VAL D 272 2.31 -40.05 -29.73
N GLU D 273 1.40 -39.07 -29.65
CA GLU D 273 0.26 -39.11 -28.74
C GLU D 273 -0.99 -39.37 -29.57
N VAL D 274 -1.57 -40.56 -29.42
CA VAL D 274 -2.73 -40.97 -30.21
C VAL D 274 -4.00 -40.57 -29.47
N ALA D 275 -4.71 -39.59 -30.00
CA ALA D 275 -5.94 -39.10 -29.40
C ALA D 275 -7.16 -39.70 -30.09
N ALA D 276 -8.20 -39.94 -29.30
CA ALA D 276 -9.39 -40.61 -29.82
C ALA D 276 -10.18 -39.70 -30.76
N THR D 277 -10.44 -38.46 -30.34
CA THR D 277 -11.23 -37.52 -31.10
C THR D 277 -10.42 -36.25 -31.35
N GLU D 278 -10.98 -35.39 -32.21
CA GLU D 278 -10.32 -34.11 -32.49
C GLU D 278 -10.30 -33.23 -31.25
N ARG D 279 -11.38 -33.27 -30.46
CA ARG D 279 -11.42 -32.47 -29.23
C ARG D 279 -10.30 -32.85 -28.28
N THR D 280 -10.00 -34.15 -28.18
CA THR D 280 -8.90 -34.58 -27.33
C THR D 280 -7.56 -34.12 -27.90
N LEU D 281 -7.45 -34.09 -29.23
CA LEU D 281 -6.22 -33.62 -29.85
C LEU D 281 -5.97 -32.15 -29.54
N LEU D 282 -7.01 -31.32 -29.68
CA LEU D 282 -6.85 -29.90 -29.39
C LEU D 282 -6.60 -29.66 -27.92
N GLY D 283 -7.27 -30.41 -27.05
CA GLY D 283 -7.02 -30.28 -25.62
C GLY D 283 -5.60 -30.63 -25.25
N PHE D 284 -5.03 -31.64 -25.92
CA PHE D 284 -3.65 -32.01 -25.67
C PHE D 284 -2.70 -30.92 -26.15
N PHE D 285 -2.93 -30.40 -27.35
CA PHE D 285 -2.04 -29.38 -27.90
C PHE D 285 -2.11 -28.09 -27.08
N LEU D 286 -3.31 -27.64 -26.77
CA LEU D 286 -3.47 -26.40 -26.00
C LEU D 286 -2.87 -26.54 -24.61
N ALA D 287 -2.97 -27.73 -24.01
CA ALA D 287 -2.37 -27.94 -22.70
C ALA D 287 -0.85 -27.97 -22.80
N LYS D 288 -0.30 -28.49 -23.90
CA LYS D 288 1.15 -28.45 -24.08
C LYS D 288 1.65 -27.02 -24.20
N VAL D 289 0.87 -26.16 -24.88
CA VAL D 289 1.25 -24.76 -24.99
C VAL D 289 1.29 -24.10 -23.61
N HIS D 290 0.38 -24.49 -22.73
CA HIS D 290 0.31 -23.84 -21.42
C HIS D 290 1.50 -24.20 -20.55
N LYS D 291 1.94 -25.47 -20.59
CA LYS D 291 3.08 -25.87 -19.78
C LYS D 291 4.38 -25.34 -20.37
N ILE D 292 4.54 -25.47 -21.69
CA ILE D 292 5.71 -24.91 -22.36
C ILE D 292 5.77 -23.41 -22.17
N ASP D 293 4.61 -22.74 -22.28
CA ASP D 293 4.46 -21.30 -22.18
C ASP D 293 5.42 -20.61 -23.13
N PRO D 294 5.24 -20.73 -24.44
CA PRO D 294 6.18 -20.12 -25.38
C PRO D 294 5.94 -18.62 -25.49
N ASP D 295 7.05 -17.88 -25.63
CA ASP D 295 6.94 -16.45 -25.91
C ASP D 295 6.66 -16.19 -27.39
N ILE D 296 7.12 -17.07 -28.27
CA ILE D 296 6.99 -16.91 -29.71
C ILE D 296 6.46 -18.21 -30.30
N ILE D 297 5.42 -18.11 -31.12
CA ILE D 297 4.86 -19.25 -31.84
C ILE D 297 5.13 -19.05 -33.33
N VAL D 298 5.74 -20.05 -33.95
CA VAL D 298 6.24 -19.97 -35.31
C VAL D 298 5.46 -20.95 -36.19
N GLY D 299 5.19 -20.53 -37.42
CA GLY D 299 4.49 -21.41 -38.35
C GLY D 299 4.45 -20.77 -39.72
N HIS D 300 3.72 -21.44 -40.62
CA HIS D 300 3.51 -20.96 -41.98
C HIS D 300 2.02 -20.83 -42.25
N ASN D 301 1.64 -19.82 -43.02
CA ASN D 301 0.25 -19.56 -43.38
C ASN D 301 -0.63 -19.50 -42.14
N ILE D 302 -0.16 -18.73 -41.15
CA ILE D 302 -0.80 -18.70 -39.84
C ILE D 302 -2.12 -17.93 -39.91
N TYR D 303 -2.04 -16.62 -40.20
CA TYR D 303 -3.26 -15.81 -40.23
C TYR D 303 -4.12 -16.13 -41.45
N GLY D 304 -3.54 -16.65 -42.52
CA GLY D 304 -4.32 -16.95 -43.71
C GLY D 304 -5.13 -18.22 -43.62
N PHE D 305 -4.67 -19.19 -42.83
CA PHE D 305 -5.35 -20.49 -42.79
C PHE D 305 -5.23 -21.20 -41.45
N GLU D 306 -4.00 -21.37 -40.95
CA GLU D 306 -3.78 -22.28 -39.83
C GLU D 306 -4.43 -21.77 -38.55
N LEU D 307 -4.20 -20.51 -38.20
CA LEU D 307 -4.76 -19.99 -36.95
C LEU D 307 -6.27 -19.85 -37.03
N GLU D 308 -6.80 -19.58 -38.23
CA GLU D 308 -8.25 -19.44 -38.38
C GLU D 308 -8.96 -20.76 -38.10
N VAL D 309 -8.51 -21.84 -38.75
CA VAL D 309 -9.17 -23.13 -38.54
C VAL D 309 -8.89 -23.65 -37.13
N LEU D 310 -7.72 -23.33 -36.57
CA LEU D 310 -7.41 -23.80 -35.22
C LEU D 310 -8.39 -23.24 -34.21
N LEU D 311 -8.62 -21.93 -34.26
CA LEU D 311 -9.59 -21.33 -33.34
C LEU D 311 -11.01 -21.80 -33.62
N GLN D 312 -11.35 -21.98 -34.90
CA GLN D 312 -12.70 -22.43 -35.25
C GLN D 312 -12.94 -23.86 -34.79
N ARG D 313 -11.97 -24.75 -35.02
CA ARG D 313 -12.12 -26.13 -34.56
C ARG D 313 -12.19 -26.20 -33.04
N ILE D 314 -11.53 -25.27 -32.34
CA ILE D 314 -11.65 -25.22 -30.89
C ILE D 314 -13.08 -24.86 -30.49
N ASN D 315 -13.67 -23.89 -31.18
CA ASN D 315 -15.03 -23.47 -30.85
C ASN D 315 -16.04 -24.55 -31.21
N VAL D 316 -15.83 -25.24 -32.33
CA VAL D 316 -16.76 -26.29 -32.75
C VAL D 316 -16.68 -27.48 -31.81
N CYS D 317 -15.48 -27.85 -31.38
CA CYS D 317 -15.28 -29.01 -30.52
C CYS D 317 -15.34 -28.67 -29.04
N LYS D 318 -15.40 -27.39 -28.67
CA LYS D 318 -15.41 -26.96 -27.28
C LYS D 318 -14.25 -27.57 -26.51
N ALA D 319 -13.06 -27.48 -27.11
CA ALA D 319 -11.88 -28.10 -26.55
C ALA D 319 -11.49 -27.42 -25.24
N PRO D 320 -10.93 -28.16 -24.29
CA PRO D 320 -10.44 -27.55 -23.06
C PRO D 320 -9.21 -26.71 -23.32
N HIS D 321 -8.89 -25.86 -22.34
CA HIS D 321 -7.71 -24.99 -22.40
C HIS D 321 -7.76 -24.05 -23.60
N TRP D 322 -8.97 -23.62 -23.98
CA TRP D 322 -9.12 -22.83 -25.19
C TRP D 322 -8.49 -21.45 -25.07
N SER D 323 -8.39 -20.91 -23.85
CA SER D 323 -7.77 -19.63 -23.64
C SER D 323 -6.26 -19.73 -23.45
N LYS D 324 -5.72 -20.94 -23.29
CA LYS D 324 -4.29 -21.11 -23.07
C LYS D 324 -3.48 -20.78 -24.32
N ILE D 325 -4.13 -20.70 -25.49
CA ILE D 325 -3.40 -20.32 -26.70
C ILE D 325 -2.82 -18.92 -26.55
N GLY D 326 -3.48 -18.07 -25.78
CA GLY D 326 -2.91 -16.80 -25.36
C GLY D 326 -2.45 -16.85 -23.91
N ARG D 327 -2.03 -15.68 -23.42
CA ARG D 327 -1.52 -15.57 -22.07
C ARG D 327 -2.47 -14.85 -21.13
N LEU D 328 -3.69 -14.54 -21.57
CA LEU D 328 -4.65 -13.80 -20.77
C LEU D 328 -5.88 -14.67 -20.55
N LYS D 329 -6.36 -14.72 -19.31
CA LYS D 329 -7.51 -15.56 -18.97
C LYS D 329 -8.77 -14.94 -19.53
N ARG D 330 -9.39 -15.63 -20.49
CA ARG D 330 -10.61 -15.16 -21.14
C ARG D 330 -11.79 -16.02 -20.69
N SER D 331 -12.97 -15.39 -20.67
CA SER D 331 -14.21 -16.06 -20.29
C SER D 331 -15.02 -16.55 -21.48
N ASN D 332 -15.07 -15.77 -22.55
CA ASN D 332 -15.80 -16.13 -23.76
C ASN D 332 -14.86 -16.21 -24.95
N MET D 333 -15.19 -17.08 -25.89
CA MET D 333 -14.34 -17.25 -27.07
C MET D 333 -14.53 -16.07 -28.03
N PRO D 334 -13.46 -15.59 -28.65
CA PRO D 334 -13.59 -14.41 -29.52
C PRO D 334 -14.35 -14.73 -30.80
N LYS D 335 -14.78 -13.67 -31.47
CA LYS D 335 -15.54 -13.77 -32.72
C LYS D 335 -14.56 -13.86 -33.88
N LEU D 336 -14.48 -15.04 -34.51
CA LEU D 336 -13.59 -15.24 -35.64
C LEU D 336 -14.26 -14.74 -36.92
N GLY D 337 -13.51 -13.98 -37.70
CA GLY D 337 -14.01 -13.43 -38.96
C GLY D 337 -13.11 -12.39 -39.57
N PHE D 342 -8.47 -7.27 -35.34
CA PHE D 342 -9.31 -8.41 -35.68
C PHE D 342 -9.37 -9.41 -34.52
N GLY D 343 -10.46 -10.18 -34.47
CA GLY D 343 -10.64 -11.13 -33.38
C GLY D 343 -9.61 -12.24 -33.34
N GLU D 344 -9.00 -12.56 -34.48
CA GLU D 344 -7.97 -13.59 -34.51
C GLU D 344 -6.66 -13.12 -33.89
N ARG D 345 -6.40 -11.80 -33.91
CA ARG D 345 -5.15 -11.28 -33.37
C ARG D 345 -5.13 -11.37 -31.85
N ASN D 346 -6.14 -10.79 -31.19
CA ASN D 346 -6.16 -10.79 -29.73
C ASN D 346 -6.51 -12.15 -29.13
N ALA D 347 -6.59 -13.23 -29.92
CA ALA D 347 -6.74 -14.55 -29.35
C ALA D 347 -5.43 -15.10 -28.79
N THR D 348 -4.29 -14.62 -29.28
CA THR D 348 -2.97 -15.05 -28.82
C THR D 348 -2.26 -13.95 -28.04
N CYS D 349 -3.02 -13.10 -27.36
CA CYS D 349 -2.45 -11.96 -26.65
C CYS D 349 -1.44 -12.42 -25.60
N GLY D 350 -0.21 -11.95 -25.74
CA GLY D 350 0.88 -12.32 -24.88
C GLY D 350 1.93 -13.18 -25.57
N ARG D 351 1.58 -13.80 -26.70
CA ARG D 351 2.50 -14.63 -27.45
C ARG D 351 2.72 -14.01 -28.82
N MET D 352 3.98 -13.73 -29.15
CA MET D 352 4.31 -13.22 -30.47
C MET D 352 4.18 -14.31 -31.51
N ILE D 353 3.51 -14.00 -32.62
CA ILE D 353 3.26 -14.95 -33.69
C ILE D 353 4.17 -14.62 -34.86
N CYS D 354 4.92 -15.61 -35.33
CA CYS D 354 5.86 -15.44 -36.43
C CYS D 354 5.40 -16.30 -37.60
N ASP D 355 4.86 -15.65 -38.63
CA ASP D 355 4.51 -16.33 -39.88
C ASP D 355 5.74 -16.29 -40.78
N VAL D 356 6.35 -17.45 -41.02
CA VAL D 356 7.58 -17.51 -41.79
C VAL D 356 7.35 -17.04 -43.22
N GLU D 357 6.20 -17.40 -43.81
CA GLU D 357 5.90 -16.94 -45.16
C GLU D 357 5.77 -15.42 -45.21
N ILE D 358 5.27 -14.80 -44.15
CA ILE D 358 5.19 -13.34 -44.10
C ILE D 358 6.60 -12.74 -43.93
N SER D 359 7.37 -13.29 -42.99
CA SER D 359 8.70 -12.75 -42.73
C SER D 359 9.64 -12.95 -43.91
N ALA D 360 9.47 -14.04 -44.66
CA ALA D 360 10.34 -14.28 -45.81
C ALA D 360 10.03 -13.32 -46.94
N LYS D 361 8.76 -12.95 -47.12
CA LYS D 361 8.38 -12.00 -48.16
C LYS D 361 9.00 -10.63 -47.92
N GLU D 362 9.45 -10.34 -46.70
CA GLU D 362 10.10 -9.07 -46.39
C GLU D 362 11.62 -9.15 -46.47
N LEU D 363 12.19 -10.35 -46.37
CA LEU D 363 13.64 -10.48 -46.28
C LEU D 363 14.31 -10.96 -47.55
N ILE D 364 13.65 -11.81 -48.35
CA ILE D 364 14.21 -12.31 -49.60
C ILE D 364 13.13 -12.24 -50.68
N ARG D 365 13.57 -12.40 -51.92
CA ARG D 365 12.68 -12.42 -53.08
C ARG D 365 12.71 -13.80 -53.71
N CYS D 366 11.53 -14.40 -53.89
CA CYS D 366 11.42 -15.68 -54.55
C CYS D 366 10.30 -15.65 -55.60
N LYS D 367 9.70 -16.79 -55.87
CA LYS D 367 8.61 -16.89 -56.84
C LYS D 367 7.27 -17.18 -56.21
N SER D 368 7.21 -18.00 -55.15
CA SER D 368 5.95 -18.42 -54.56
C SER D 368 5.80 -18.03 -53.09
N TYR D 369 6.89 -17.99 -52.32
CA TYR D 369 6.88 -17.68 -50.90
C TYR D 369 6.12 -18.71 -50.08
N HIS D 370 5.62 -19.77 -50.72
CA HIS D 370 4.99 -20.85 -49.99
C HIS D 370 6.05 -21.72 -49.32
N LEU D 371 5.60 -22.47 -48.30
CA LEU D 371 6.54 -23.28 -47.52
C LEU D 371 7.30 -24.27 -48.41
N SER D 372 6.60 -24.88 -49.37
CA SER D 372 7.26 -25.84 -50.25
C SER D 372 8.39 -25.19 -51.03
N GLU D 373 8.17 -23.98 -51.54
CA GLU D 373 9.21 -23.28 -52.29
C GLU D 373 10.26 -22.67 -51.37
N LEU D 374 9.86 -22.26 -50.16
CA LEU D 374 10.83 -21.67 -49.24
C LEU D 374 11.91 -22.66 -48.85
N VAL D 375 11.52 -23.92 -48.63
CA VAL D 375 12.52 -24.94 -48.29
C VAL D 375 13.43 -25.21 -49.49
N GLN D 376 12.91 -25.05 -50.70
CA GLN D 376 13.71 -25.34 -51.90
C GLN D 376 14.84 -24.34 -52.06
N GLN D 377 14.61 -23.09 -51.69
CA GLN D 377 15.60 -22.02 -51.87
C GLN D 377 16.41 -21.75 -50.63
N ILE D 378 15.77 -21.70 -49.46
CA ILE D 378 16.49 -21.34 -48.24
C ILE D 378 17.23 -22.54 -47.67
N LEU D 379 16.60 -23.72 -47.65
CA LEU D 379 17.18 -24.90 -47.04
C LEU D 379 17.82 -25.85 -48.04
N LYS D 380 17.61 -25.63 -49.33
CA LYS D 380 18.20 -26.47 -50.38
C LYS D 380 17.80 -27.93 -50.23
N THR D 381 16.49 -28.16 -50.03
CA THR D 381 15.96 -29.50 -49.83
C THR D 381 14.58 -29.58 -50.47
N GLU D 382 14.33 -30.65 -51.21
CA GLU D 382 13.00 -30.89 -51.77
C GLU D 382 12.03 -31.25 -50.65
N ARG D 383 10.82 -30.71 -50.74
CA ARG D 383 9.77 -30.95 -49.75
C ARG D 383 8.61 -31.66 -50.43
N VAL D 384 8.29 -32.85 -49.92
CA VAL D 384 7.18 -33.64 -50.45
C VAL D 384 5.92 -33.31 -49.66
N VAL D 385 4.85 -32.96 -50.36
CA VAL D 385 3.59 -32.56 -49.76
C VAL D 385 2.55 -33.64 -50.05
N ILE D 386 1.71 -33.94 -49.07
CA ILE D 386 0.69 -34.97 -49.18
C ILE D 386 -0.58 -34.33 -49.75
N PRO D 387 -1.06 -34.74 -50.92
CA PRO D 387 -2.29 -34.14 -51.46
C PRO D 387 -3.50 -34.48 -50.61
N MET D 388 -4.44 -33.54 -50.57
CA MET D 388 -5.59 -33.66 -49.68
C MET D 388 -6.43 -34.89 -50.00
N GLU D 389 -6.52 -35.25 -51.29
CA GLU D 389 -7.34 -36.41 -51.66
C GLU D 389 -6.77 -37.70 -51.11
N ASN D 390 -5.46 -37.76 -50.90
CA ASN D 390 -4.80 -38.98 -50.44
C ASN D 390 -4.80 -39.15 -48.92
N ILE D 391 -5.21 -38.14 -48.17
CA ILE D 391 -5.06 -38.17 -46.72
C ILE D 391 -5.96 -39.25 -46.12
N GLN D 392 -7.18 -39.40 -46.62
CA GLN D 392 -8.11 -40.35 -46.03
C GLN D 392 -7.64 -41.79 -46.22
N ASN D 393 -7.07 -42.10 -47.38
CA ASN D 393 -6.56 -43.44 -47.64
C ASN D 393 -5.29 -43.75 -46.84
N MET D 394 -4.71 -42.75 -46.18
CA MET D 394 -3.52 -43.01 -45.35
C MET D 394 -3.87 -43.80 -44.10
N TYR D 395 -5.13 -43.70 -43.63
CA TYR D 395 -5.56 -44.38 -42.43
C TYR D 395 -5.83 -45.87 -42.64
N SER D 396 -5.68 -46.37 -43.87
CA SER D 396 -5.92 -47.78 -44.13
C SER D 396 -4.81 -48.68 -43.61
N GLU D 397 -3.61 -48.15 -43.40
CA GLU D 397 -2.49 -48.92 -42.88
C GLU D 397 -1.67 -48.05 -41.95
N SER D 398 -1.06 -48.67 -40.94
CA SER D 398 -0.30 -47.92 -39.94
C SER D 398 0.99 -47.35 -40.52
N SER D 399 1.53 -47.98 -41.57
CA SER D 399 2.75 -47.47 -42.18
C SER D 399 2.51 -46.10 -42.82
N GLN D 400 1.37 -45.93 -43.48
CA GLN D 400 1.10 -44.67 -44.17
C GLN D 400 0.71 -43.58 -43.19
N LEU D 401 -0.11 -43.91 -42.20
CA LEU D 401 -0.50 -42.90 -41.22
C LEU D 401 0.70 -42.43 -40.40
N LEU D 402 1.60 -43.36 -40.06
CA LEU D 402 2.84 -42.96 -39.40
C LEU D 402 3.71 -42.14 -40.33
N TYR D 403 3.60 -42.39 -41.64
CA TYR D 403 4.34 -41.58 -42.62
C TYR D 403 3.74 -40.19 -42.75
N LEU D 404 2.43 -40.05 -42.56
CA LEU D 404 1.80 -38.74 -42.61
C LEU D 404 2.24 -37.86 -41.46
N LEU D 405 2.49 -38.45 -40.28
CA LEU D 405 2.94 -37.67 -39.14
C LEU D 405 4.36 -37.15 -39.34
N GLU D 406 5.23 -37.98 -39.93
CA GLU D 406 6.62 -37.59 -40.12
C GLU D 406 6.73 -36.36 -40.99
N HIS D 407 5.88 -36.24 -42.01
CA HIS D 407 5.90 -35.05 -42.86
C HIS D 407 5.42 -33.81 -42.11
N THR D 408 4.43 -33.98 -41.23
CA THR D 408 4.01 -32.86 -40.40
C THR D 408 5.13 -32.44 -39.45
N TRP D 409 5.82 -33.43 -38.87
CA TRP D 409 6.95 -33.12 -37.99
C TRP D 409 8.08 -32.48 -38.78
N LYS D 410 8.33 -32.96 -40.00
CA LYS D 410 9.37 -32.36 -40.83
C LYS D 410 9.02 -30.93 -41.22
N ASP D 411 7.73 -30.60 -41.31
CA ASP D 411 7.35 -29.24 -41.63
C ASP D 411 7.62 -28.31 -40.46
N ALA D 412 7.39 -28.77 -39.23
CA ALA D 412 7.72 -27.95 -38.06
C ALA D 412 9.23 -27.72 -37.98
N LYS D 413 10.02 -28.73 -38.30
CA LYS D 413 11.47 -28.55 -38.32
C LYS D 413 11.88 -27.61 -39.46
N PHE D 414 11.27 -27.75 -40.63
CA PHE D 414 11.54 -26.84 -41.73
C PHE D 414 11.24 -25.40 -41.34
N ILE D 415 10.04 -25.16 -40.81
CA ILE D 415 9.65 -23.81 -40.42
C ILE D 415 10.65 -23.23 -39.43
N LEU D 416 11.04 -24.02 -38.44
CA LEU D 416 12.05 -23.56 -37.47
C LEU D 416 13.38 -23.32 -38.16
N GLN D 417 13.79 -24.22 -39.06
CA GLN D 417 15.07 -24.07 -39.75
C GLN D 417 15.07 -22.87 -40.67
N ILE D 418 13.93 -22.55 -41.28
CA ILE D 418 13.85 -21.36 -42.13
C ILE D 418 13.96 -20.11 -41.28
N MET D 419 13.24 -20.08 -40.15
CA MET D 419 13.28 -18.91 -39.27
C MET D 419 14.68 -18.62 -38.79
N CYS D 420 15.44 -19.67 -38.45
CA CYS D 420 16.79 -19.48 -37.94
C CYS D 420 17.74 -18.98 -39.03
N GLU D 421 17.60 -19.51 -40.25
CA GLU D 421 18.52 -19.13 -41.32
C GLU D 421 18.32 -17.66 -41.72
N LEU D 422 17.08 -17.20 -41.73
CA LEU D 422 16.79 -15.81 -42.08
C LEU D 422 17.05 -14.84 -40.93
N ASN D 423 17.36 -15.35 -39.74
CA ASN D 423 17.59 -14.50 -38.56
C ASN D 423 16.41 -13.57 -38.29
N VAL D 424 15.20 -14.12 -38.42
CA VAL D 424 13.99 -13.31 -38.27
C VAL D 424 13.89 -12.75 -36.85
N LEU D 425 14.12 -13.60 -35.85
CA LEU D 425 13.94 -13.15 -34.47
C LEU D 425 14.98 -12.11 -34.06
N PRO D 426 16.28 -12.30 -34.28
CA PRO D 426 17.23 -11.24 -33.88
C PRO D 426 17.01 -9.94 -34.64
N LEU D 427 16.62 -10.02 -35.91
CA LEU D 427 16.41 -8.81 -36.71
C LEU D 427 15.15 -8.08 -36.28
N ALA D 428 14.07 -8.82 -36.00
CA ALA D 428 12.84 -8.20 -35.55
C ALA D 428 13.02 -7.47 -34.23
N LEU D 429 13.90 -7.98 -33.36
CA LEU D 429 14.18 -7.28 -32.12
C LEU D 429 14.89 -5.96 -32.39
N GLN D 430 15.88 -5.97 -33.28
CA GLN D 430 16.57 -4.73 -33.62
C GLN D 430 15.63 -3.72 -34.25
N ILE D 431 14.76 -4.17 -35.15
CA ILE D 431 13.82 -3.26 -35.80
C ILE D 431 12.86 -2.66 -34.79
N THR D 432 12.45 -3.44 -33.80
CA THR D 432 11.53 -2.92 -32.78
C THR D 432 12.24 -1.95 -31.85
N ASN D 433 13.52 -2.16 -31.57
CA ASN D 433 14.24 -1.24 -30.68
C ASN D 433 14.57 0.07 -31.40
N ILE D 434 14.80 0.03 -32.71
CA ILE D 434 15.04 1.26 -33.46
C ILE D 434 13.76 2.09 -33.54
N ALA D 435 12.66 1.45 -33.95
CA ALA D 435 11.40 2.17 -34.08
C ALA D 435 10.80 2.51 -32.73
N GLY D 436 10.65 1.51 -31.87
CA GLY D 436 10.01 1.70 -30.59
C GLY D 436 8.56 1.29 -30.54
N ASN D 437 8.16 0.25 -31.28
CA ASN D 437 6.78 -0.18 -31.32
C ASN D 437 6.58 -1.46 -30.51
N ILE D 438 5.71 -2.34 -30.99
CA ILE D 438 5.44 -3.63 -30.36
C ILE D 438 6.04 -4.71 -31.26
N MET D 439 6.85 -5.60 -30.66
CA MET D 439 7.53 -6.61 -31.46
C MET D 439 6.54 -7.59 -32.11
N SER D 440 5.42 -7.85 -31.45
CA SER D 440 4.40 -8.72 -32.04
C SER D 440 3.85 -8.14 -33.34
N ARG D 441 3.97 -6.82 -33.54
CA ARG D 441 3.53 -6.17 -34.77
C ARG D 441 4.66 -5.95 -35.75
N THR D 442 5.91 -5.89 -35.29
CA THR D 442 7.04 -5.89 -36.20
C THR D 442 7.14 -7.22 -36.95
N LEU D 443 6.74 -8.31 -36.30
CA LEU D 443 6.69 -9.62 -36.95
C LEU D 443 5.49 -9.78 -37.87
N MET D 444 4.50 -8.89 -37.79
CA MET D 444 3.35 -8.98 -38.68
C MET D 444 3.65 -8.43 -40.07
N GLY D 445 4.47 -7.40 -40.17
CA GLY D 445 4.93 -6.90 -41.45
C GLY D 445 4.57 -5.46 -41.79
N GLY D 446 3.81 -4.76 -40.94
CA GLY D 446 3.50 -3.37 -41.23
C GLY D 446 4.69 -2.47 -41.00
N ARG D 447 5.25 -1.91 -42.07
CA ARG D 447 6.44 -1.07 -41.96
C ARG D 447 6.12 0.40 -41.84
N SER D 448 4.85 0.80 -42.02
CA SER D 448 4.47 2.17 -41.71
C SER D 448 4.26 2.36 -40.21
N GLU D 449 3.79 1.33 -39.51
CA GLU D 449 3.63 1.41 -38.06
C GLU D 449 4.99 1.53 -37.37
N ARG D 450 6.02 0.90 -37.93
CA ARG D 450 7.37 1.06 -37.38
C ARG D 450 7.85 2.50 -37.55
N ASN D 451 7.68 3.04 -38.75
CA ASN D 451 8.03 4.44 -38.98
C ASN D 451 7.13 5.37 -38.18
N GLU D 452 5.85 5.03 -38.05
CA GLU D 452 4.94 5.85 -37.25
C GLU D 452 5.41 5.94 -35.80
N PHE D 453 5.79 4.80 -35.22
CA PHE D 453 6.24 4.82 -33.83
C PHE D 453 7.57 5.55 -33.68
N LEU D 454 8.46 5.44 -34.68
CA LEU D 454 9.73 6.12 -34.60
C LEU D 454 9.55 7.63 -34.57
N LEU D 455 8.62 8.14 -35.38
CA LEU D 455 8.35 9.58 -35.38
C LEU D 455 7.60 10.00 -34.13
N LEU D 456 6.68 9.16 -33.66
CA LEU D 456 5.98 9.47 -32.41
C LEU D 456 6.96 9.59 -31.25
N HIS D 457 7.91 8.67 -31.15
CA HIS D 457 8.94 8.78 -30.11
C HIS D 457 9.77 10.05 -30.29
N ALA D 458 10.02 10.44 -31.54
CA ALA D 458 10.86 11.62 -31.79
C ALA D 458 10.14 12.91 -31.45
N PHE D 459 8.82 12.97 -31.67
CA PHE D 459 8.08 14.20 -31.42
C PHE D 459 7.63 14.35 -29.97
N TYR D 460 7.40 13.24 -29.27
CA TYR D 460 7.08 13.33 -27.84
C TYR D 460 8.25 13.90 -27.06
N GLU D 461 9.45 13.36 -27.27
CA GLU D 461 10.61 13.78 -26.48
C GLU D 461 10.98 15.22 -26.76
N ASN D 462 10.72 15.72 -27.97
CA ASN D 462 10.99 17.11 -28.31
C ASN D 462 9.79 18.00 -28.06
N ASN D 463 8.82 17.54 -27.26
CA ASN D 463 7.66 18.32 -26.87
C ASN D 463 6.86 18.79 -28.08
N TYR D 464 6.12 17.89 -28.72
CA TYR D 464 5.28 18.21 -29.86
C TYR D 464 3.90 17.59 -29.66
N ILE D 465 2.91 18.17 -30.32
CA ILE D 465 1.55 17.63 -30.32
C ILE D 465 1.44 16.73 -31.55
N VAL D 466 1.48 15.42 -31.33
CA VAL D 466 1.45 14.46 -32.42
C VAL D 466 0.03 14.41 -33.00
N PRO D 467 -0.12 14.17 -34.30
CA PRO D 467 -1.47 14.10 -34.87
C PRO D 467 -2.22 12.86 -34.40
N ASP D 468 -3.53 13.03 -34.21
CA ASP D 468 -4.36 11.95 -33.74
C ASP D 468 -4.50 10.86 -34.81
N LYS D 469 -4.49 9.60 -34.36
CA LYS D 469 -4.58 8.48 -35.28
C LYS D 469 -5.97 8.41 -35.90
N GLN D 470 -6.02 8.29 -37.21
CA GLN D 470 -7.29 8.21 -37.93
C GLN D 470 -7.81 6.78 -37.97
N ALA D 500 0.32 7.42 -58.50
CA ALA D 500 1.16 8.51 -59.02
C ALA D 500 0.66 9.86 -58.52
N ALA D 501 0.68 10.04 -57.20
CA ALA D 501 0.22 11.28 -56.59
C ALA D 501 1.28 12.38 -56.58
N TYR D 502 2.54 12.05 -56.87
CA TYR D 502 3.59 13.05 -56.95
C TYR D 502 4.73 12.47 -57.79
N ALA D 503 5.65 13.35 -58.17
CA ALA D 503 6.75 12.98 -59.03
C ALA D 503 7.82 12.21 -58.28
N GLY D 504 8.40 11.21 -58.92
CA GLY D 504 9.38 10.33 -58.32
C GLY D 504 10.79 10.65 -58.75
N GLY D 505 11.56 9.60 -59.06
CA GLY D 505 12.95 9.78 -59.43
C GLY D 505 13.15 9.89 -60.93
N LEU D 506 14.34 10.37 -61.30
CA LEU D 506 14.68 10.60 -62.70
C LEU D 506 15.42 9.40 -63.28
N VAL D 507 15.06 9.06 -64.52
CA VAL D 507 15.71 7.98 -65.26
C VAL D 507 16.23 8.57 -66.57
N LEU D 508 17.54 8.52 -66.75
CA LEU D 508 18.14 9.05 -67.98
C LEU D 508 17.83 8.12 -69.16
N ASP D 509 17.98 8.66 -70.36
CA ASP D 509 17.69 7.88 -71.55
C ASP D 509 18.89 7.00 -71.90
N PRO D 510 18.68 5.72 -72.16
CA PRO D 510 19.80 4.81 -72.39
C PRO D 510 20.36 4.91 -73.80
N LYS D 511 21.67 4.71 -73.91
CA LYS D 511 22.34 4.56 -75.19
C LYS D 511 22.41 3.08 -75.49
N VAL D 512 21.36 2.58 -76.16
CA VAL D 512 21.18 1.14 -76.33
C VAL D 512 22.28 0.58 -77.23
N GLY D 513 22.87 -0.52 -76.81
CA GLY D 513 23.91 -1.17 -77.58
C GLY D 513 24.80 -2.02 -76.70
N PHE D 514 25.64 -2.81 -77.35
CA PHE D 514 26.61 -3.64 -76.66
C PHE D 514 27.94 -2.90 -76.53
N TYR D 515 28.54 -3.00 -75.35
CA TYR D 515 29.75 -2.27 -75.03
C TYR D 515 30.88 -3.25 -74.72
N ASP D 516 32.04 -3.02 -75.32
CA ASP D 516 33.22 -3.85 -75.09
C ASP D 516 34.21 -3.23 -74.12
N LYS D 517 34.23 -1.91 -74.00
CA LYS D 517 35.19 -1.24 -73.13
C LYS D 517 34.69 -1.20 -71.70
N PHE D 518 35.55 -0.70 -70.80
CA PHE D 518 35.20 -0.60 -69.40
C PHE D 518 34.18 0.50 -69.16
N ILE D 519 33.27 0.25 -68.23
CA ILE D 519 32.20 1.19 -67.88
C ILE D 519 32.15 1.27 -66.36
N LEU D 520 32.47 2.45 -65.82
CA LEU D 520 32.40 2.66 -64.38
C LEU D 520 30.98 3.05 -63.98
N LEU D 521 30.58 2.63 -62.79
CA LEU D 521 29.25 2.87 -62.25
C LEU D 521 29.36 3.72 -61.00
N LEU D 522 28.79 4.91 -61.03
CA LEU D 522 28.78 5.82 -59.89
C LEU D 522 27.34 6.00 -59.41
N ASP D 523 27.14 5.87 -58.09
CA ASP D 523 25.83 6.06 -57.49
C ASP D 523 25.99 6.90 -56.23
N PHE D 524 24.87 7.35 -55.69
CA PHE D 524 24.85 8.14 -54.48
C PHE D 524 24.50 7.26 -53.29
N ASN D 525 25.34 7.29 -52.27
CA ASN D 525 25.14 6.48 -51.07
C ASN D 525 23.90 6.96 -50.32
N SER D 526 22.81 6.19 -50.41
CA SER D 526 21.55 6.51 -49.75
C SER D 526 21.10 7.93 -50.09
N LEU D 527 20.52 8.11 -51.27
CA LEU D 527 20.24 9.45 -51.77
C LEU D 527 19.16 10.14 -50.94
N TYR D 528 17.98 9.53 -50.85
CA TYR D 528 16.85 10.20 -50.20
C TYR D 528 17.11 10.53 -48.74
N PRO D 529 17.62 9.62 -47.90
CA PRO D 529 17.89 10.01 -46.51
C PRO D 529 19.00 11.04 -46.38
N SER D 530 19.93 11.09 -47.34
CA SER D 530 20.95 12.15 -47.34
C SER D 530 20.38 13.47 -47.84
N ILE D 531 19.39 13.43 -48.73
CA ILE D 531 18.72 14.66 -49.15
C ILE D 531 18.02 15.31 -47.97
N ILE D 532 17.39 14.50 -47.12
CA ILE D 532 16.67 15.04 -45.96
C ILE D 532 17.64 15.68 -44.98
N GLN D 533 18.83 15.10 -44.83
CA GLN D 533 19.83 15.69 -43.94
C GLN D 533 20.41 16.97 -44.54
N GLU D 534 20.68 16.96 -45.85
CA GLU D 534 21.36 18.08 -46.49
C GLU D 534 20.51 19.34 -46.44
N PHE D 535 19.28 19.27 -46.94
CA PHE D 535 18.44 20.44 -47.14
C PHE D 535 17.43 20.64 -46.02
N ASN D 536 17.54 19.88 -44.94
CA ASN D 536 16.71 20.06 -43.73
C ASN D 536 15.22 20.00 -44.08
N ILE D 537 14.82 18.86 -44.65
CA ILE D 537 13.43 18.63 -45.02
C ILE D 537 12.72 17.99 -43.83
N CYS D 538 11.73 18.69 -43.29
CA CYS D 538 11.03 18.21 -42.11
C CYS D 538 9.68 18.91 -42.00
N PHE D 539 8.83 18.38 -41.11
CA PHE D 539 7.56 19.02 -40.83
C PHE D 539 7.75 20.37 -40.18
N THR D 540 8.85 20.54 -39.44
CA THR D 540 9.10 21.77 -38.69
C THR D 540 9.78 22.86 -39.51
N THR D 541 10.49 22.50 -40.57
CA THR D 541 11.22 23.47 -41.38
C THR D 541 10.52 23.81 -42.68
N VAL D 542 10.00 22.82 -43.40
CA VAL D 542 9.24 23.04 -44.63
C VAL D 542 7.76 23.11 -44.28
N GLN D 543 7.09 24.17 -44.74
CA GLN D 543 5.69 24.37 -44.41
C GLN D 543 4.95 24.96 -45.61
N ARG D 544 3.68 24.57 -45.72
CA ARG D 544 2.82 25.05 -46.80
C ARG D 544 1.35 24.99 -46.39
N GLU D 559 -0.22 19.71 -55.43
CA GLU D 559 0.66 19.07 -56.39
C GLU D 559 1.89 19.94 -56.67
N GLN D 560 1.99 21.06 -55.96
CA GLN D 560 3.11 21.98 -56.11
C GLN D 560 4.19 21.65 -55.10
N ILE D 561 5.42 21.53 -55.57
CA ILE D 561 6.55 21.18 -54.69
C ILE D 561 6.92 22.40 -53.85
N PRO D 562 6.96 22.29 -52.53
CA PRO D 562 7.26 23.45 -51.69
C PRO D 562 8.71 23.90 -51.85
N GLU D 563 8.98 25.10 -51.36
CA GLU D 563 10.32 25.66 -51.45
C GLU D 563 11.22 25.08 -50.37
N LEU D 564 12.51 25.01 -50.68
CA LEU D 564 13.49 24.53 -49.71
C LEU D 564 13.63 25.55 -48.57
N PRO D 565 13.78 25.09 -47.33
CA PRO D 565 13.88 26.03 -46.21
C PRO D 565 15.19 26.80 -46.24
N ASP D 566 15.21 27.92 -45.53
CA ASP D 566 16.39 28.75 -45.49
C ASP D 566 17.50 28.04 -44.70
N PRO D 567 18.76 28.13 -45.15
CA PRO D 567 19.85 27.46 -44.43
C PRO D 567 20.08 27.98 -43.03
N SER D 568 19.51 29.13 -42.68
CA SER D 568 19.67 29.66 -41.33
C SER D 568 18.92 28.83 -40.29
N LEU D 569 17.90 28.08 -40.71
CA LEU D 569 17.14 27.26 -39.78
C LEU D 569 18.00 26.14 -39.21
N GLU D 570 17.72 25.78 -37.96
CA GLU D 570 18.39 24.66 -37.33
C GLU D 570 17.80 23.34 -37.81
N MET D 571 18.55 22.26 -37.60
CA MET D 571 18.14 20.96 -38.10
C MET D 571 16.84 20.52 -37.43
N GLY D 572 15.89 20.06 -38.24
CA GLY D 572 14.58 19.70 -37.77
C GLY D 572 14.55 18.35 -37.05
N ILE D 573 13.33 17.89 -36.79
CA ILE D 573 13.15 16.64 -36.08
C ILE D 573 13.48 15.46 -36.98
N LEU D 574 12.97 15.47 -38.22
CA LEU D 574 13.18 14.34 -39.12
C LEU D 574 14.63 14.22 -39.57
N PRO D 575 15.33 15.28 -39.99
CA PRO D 575 16.72 15.10 -40.40
C PRO D 575 17.64 14.70 -39.26
N ARG D 576 17.34 15.08 -38.02
CA ARG D 576 18.21 14.70 -36.92
C ARG D 576 18.00 13.24 -36.52
N GLU D 577 16.78 12.71 -36.67
CA GLU D 577 16.56 11.29 -36.44
C GLU D 577 17.28 10.44 -37.48
N ILE D 578 17.30 10.89 -38.74
CA ILE D 578 18.03 10.17 -39.76
C ILE D 578 19.53 10.31 -39.55
N ARG D 579 19.98 11.50 -39.13
CA ARG D 579 21.39 11.68 -38.78
C ARG D 579 21.79 10.75 -37.64
N LYS D 580 20.88 10.49 -36.71
CA LYS D 580 21.15 9.54 -35.64
C LYS D 580 21.30 8.13 -36.19
N LEU D 581 20.35 7.71 -37.04
CA LEU D 581 20.38 6.35 -37.59
C LEU D 581 21.60 6.12 -38.47
N VAL D 582 22.13 7.18 -39.08
CA VAL D 582 23.30 7.02 -39.94
C VAL D 582 24.58 6.98 -39.10
N GLU D 583 24.68 7.85 -38.10
CA GLU D 583 25.84 7.81 -37.21
C GLU D 583 25.83 6.56 -36.34
N ARG D 584 24.64 6.10 -35.94
CA ARG D 584 24.56 4.84 -35.20
C ARG D 584 24.96 3.66 -36.07
N ARG D 585 24.54 3.66 -37.34
CA ARG D 585 24.96 2.62 -38.26
C ARG D 585 26.45 2.70 -38.53
N LYS D 586 26.99 3.91 -38.65
CA LYS D 586 28.42 4.07 -38.86
C LYS D 586 29.23 3.57 -37.66
N GLN D 587 28.68 3.72 -36.46
CA GLN D 587 29.35 3.22 -35.27
C GLN D 587 29.43 1.71 -35.29
N VAL D 588 28.33 1.04 -35.65
CA VAL D 588 28.31 -0.41 -35.69
C VAL D 588 29.31 -0.93 -36.72
N LYS D 589 29.44 -0.22 -37.84
CA LYS D 589 30.40 -0.62 -38.87
C LYS D 589 31.83 -0.56 -38.33
N GLN D 590 32.12 0.44 -37.50
CA GLN D 590 33.45 0.52 -36.89
C GLN D 590 33.68 -0.63 -35.91
N LEU D 591 32.64 -1.07 -35.22
CA LEU D 591 32.79 -2.15 -34.25
C LEU D 591 33.07 -3.48 -34.92
N MET D 592 32.57 -3.68 -36.15
CA MET D 592 32.85 -4.91 -36.88
C MET D 592 34.30 -5.04 -37.30
N LYS D 593 35.07 -3.95 -37.24
CA LYS D 593 36.44 -3.96 -37.75
C LYS D 593 37.41 -4.72 -36.84
N GLN D 594 37.14 -4.77 -35.53
CA GLN D 594 37.99 -5.51 -34.60
C GLN D 594 38.29 -6.90 -35.14
N GLN D 595 39.53 -7.35 -34.94
CA GLN D 595 39.99 -8.55 -35.61
C GLN D 595 39.68 -9.82 -34.84
N ASP D 596 40.10 -9.92 -33.57
CA ASP D 596 39.73 -11.05 -32.73
C ASP D 596 38.36 -10.74 -32.10
N LEU D 597 37.32 -10.98 -32.89
CA LEU D 597 35.95 -10.61 -32.53
C LEU D 597 35.12 -11.84 -32.27
N ASN D 598 34.25 -11.76 -31.27
CA ASN D 598 33.29 -12.81 -30.99
C ASN D 598 32.40 -13.01 -32.21
N PRO D 599 32.39 -14.21 -32.83
CA PRO D 599 31.46 -14.44 -33.95
C PRO D 599 30.01 -14.24 -33.59
N ASP D 600 29.64 -14.34 -32.31
CA ASP D 600 28.30 -13.95 -31.89
C ASP D 600 28.07 -12.45 -32.04
N LEU D 601 29.13 -11.66 -32.15
CA LEU D 601 29.02 -10.24 -32.44
C LEU D 601 29.12 -9.94 -33.94
N ILE D 602 29.84 -10.77 -34.69
CA ILE D 602 29.94 -10.58 -36.14
C ILE D 602 28.54 -10.60 -36.76
N LEU D 603 27.74 -11.61 -36.40
CA LEU D 603 26.39 -11.68 -36.92
C LEU D 603 25.48 -10.63 -36.28
N GLN D 604 25.67 -10.37 -34.98
CA GLN D 604 24.77 -9.46 -34.28
C GLN D 604 24.96 -8.02 -34.75
N TYR D 605 26.21 -7.60 -34.94
CA TYR D 605 26.46 -6.28 -35.51
C TYR D 605 25.93 -6.19 -36.93
N ASP D 606 26.14 -7.25 -37.72
CA ASP D 606 25.64 -7.27 -39.09
C ASP D 606 24.12 -7.19 -39.13
N ILE D 607 23.46 -7.86 -38.19
CA ILE D 607 22.00 -7.80 -38.14
C ILE D 607 21.53 -6.40 -37.76
N ARG D 608 22.20 -5.78 -36.78
CA ARG D 608 21.79 -4.46 -36.33
C ARG D 608 21.95 -3.42 -37.43
N GLN D 609 23.12 -3.40 -38.08
CA GLN D 609 23.36 -2.39 -39.12
C GLN D 609 22.41 -2.57 -40.29
N LYS D 610 21.93 -3.80 -40.53
CA LYS D 610 20.87 -4.00 -41.52
C LYS D 610 19.57 -3.35 -41.06
N ALA D 611 19.30 -3.34 -39.76
CA ALA D 611 18.09 -2.72 -39.24
C ALA D 611 18.19 -1.20 -39.24
N LEU D 612 19.38 -0.64 -39.05
CA LEU D 612 19.55 0.80 -39.18
C LEU D 612 19.35 1.24 -40.62
N LYS D 613 19.85 0.45 -41.58
CA LYS D 613 19.67 0.80 -42.98
C LYS D 613 18.22 0.66 -43.41
N LEU D 614 17.51 -0.32 -42.86
CA LEU D 614 16.11 -0.53 -43.21
C LEU D 614 15.26 0.65 -42.77
N THR D 615 15.36 1.03 -41.50
CA THR D 615 14.53 2.12 -40.99
C THR D 615 14.90 3.45 -41.62
N ALA D 616 16.17 3.62 -42.01
CA ALA D 616 16.56 4.85 -42.68
C ALA D 616 16.01 4.90 -44.11
N ASN D 617 16.01 3.76 -44.80
CA ASN D 617 15.51 3.71 -46.17
C ASN D 617 13.99 3.70 -46.25
N SER D 618 13.31 3.26 -45.19
CA SER D 618 11.85 3.28 -45.16
C SER D 618 11.29 4.61 -44.68
N MET D 619 12.14 5.56 -44.33
CA MET D 619 11.67 6.85 -43.83
C MET D 619 10.97 7.63 -44.93
N TYR D 620 11.50 7.59 -46.16
CA TYR D 620 10.89 8.36 -47.25
C TYR D 620 9.57 7.74 -47.70
N GLY D 621 9.50 6.40 -47.75
CA GLY D 621 8.30 5.75 -48.25
C GLY D 621 7.05 6.09 -47.47
N CYS D 622 7.19 6.29 -46.16
CA CYS D 622 6.03 6.59 -45.33
C CYS D 622 5.61 8.05 -45.43
N LEU D 623 6.55 8.93 -45.79
CA LEU D 623 6.17 10.32 -46.05
C LEU D 623 5.19 10.40 -47.20
N GLY D 624 5.36 9.55 -48.20
CA GLY D 624 4.48 9.48 -49.35
C GLY D 624 3.35 8.48 -49.26
N PHE D 625 3.10 7.92 -48.09
CA PHE D 625 2.02 6.96 -47.90
C PHE D 625 0.73 7.71 -47.58
N SER D 626 -0.34 7.37 -48.29
CA SER D 626 -1.60 8.10 -48.16
C SER D 626 -2.20 7.96 -46.76
N TYR D 627 -2.30 6.71 -46.27
CA TYR D 627 -2.92 6.43 -44.99
C TYR D 627 -1.93 6.49 -43.83
N SER D 628 -0.86 7.27 -43.96
CA SER D 628 0.12 7.39 -42.90
C SER D 628 -0.32 8.42 -41.87
N ARG D 629 -0.01 8.15 -40.59
CA ARG D 629 -0.30 9.12 -39.54
C ARG D 629 0.50 10.40 -39.74
N PHE D 630 1.69 10.29 -40.32
CA PHE D 630 2.51 11.45 -40.63
C PHE D 630 2.57 11.67 -42.13
N TYR D 631 1.40 11.78 -42.76
CA TYR D 631 1.33 12.02 -44.20
C TYR D 631 1.89 13.40 -44.51
N ALA D 632 2.80 13.44 -45.50
CA ALA D 632 3.43 14.68 -45.93
C ALA D 632 3.86 14.53 -47.39
N LYS D 633 2.88 14.47 -48.29
CA LYS D 633 3.18 14.44 -49.71
C LYS D 633 3.97 15.66 -50.17
N PRO D 634 3.76 16.88 -49.65
CA PRO D 634 4.68 17.98 -49.99
C PRO D 634 6.14 17.66 -49.67
N LEU D 635 6.40 17.01 -48.54
CA LEU D 635 7.78 16.67 -48.19
C LEU D 635 8.33 15.58 -49.09
N ALA D 636 7.50 14.60 -49.44
CA ALA D 636 7.96 13.51 -50.29
C ALA D 636 8.30 13.99 -51.69
N ALA D 637 7.46 14.88 -52.25
CA ALA D 637 7.77 15.43 -53.57
C ALA D 637 9.02 16.31 -53.55
N LEU D 638 9.24 17.03 -52.46
CA LEU D 638 10.44 17.85 -52.34
C LEU D 638 11.70 16.99 -52.30
N VAL D 639 11.63 15.85 -51.62
CA VAL D 639 12.78 14.94 -51.57
C VAL D 639 13.10 14.42 -52.97
N THR D 640 12.07 14.03 -53.73
CA THR D 640 12.30 13.51 -55.07
C THR D 640 12.77 14.61 -56.02
N TYR D 641 12.30 15.84 -55.83
CA TYR D 641 12.71 16.94 -56.70
C TYR D 641 14.21 17.19 -56.58
N LYS D 642 14.72 17.26 -55.36
CA LYS D 642 16.15 17.45 -55.16
C LYS D 642 16.94 16.29 -55.74
N GLY D 643 16.39 15.07 -55.70
CA GLY D 643 17.08 13.94 -56.30
C GLY D 643 17.13 14.03 -57.80
N ARG D 644 16.04 14.45 -58.44
CA ARG D 644 16.05 14.63 -59.88
C ARG D 644 17.01 15.72 -60.31
N GLU D 645 17.18 16.76 -59.49
CA GLU D 645 18.07 17.85 -59.85
C GLU D 645 19.53 17.48 -59.64
N ILE D 646 19.84 16.74 -58.58
CA ILE D 646 21.22 16.33 -58.33
C ILE D 646 21.69 15.37 -59.41
N LEU D 647 20.83 14.43 -59.82
CA LEU D 647 21.21 13.50 -60.87
C LEU D 647 21.44 14.22 -62.20
N MET D 648 20.57 15.17 -62.54
CA MET D 648 20.73 15.90 -63.78
C MET D 648 21.93 16.84 -63.72
N HIS D 649 22.17 17.45 -62.56
CA HIS D 649 23.35 18.30 -62.40
C HIS D 649 24.63 17.48 -62.48
N THR D 650 24.59 16.22 -62.06
CA THR D 650 25.78 15.37 -62.16
C THR D 650 26.06 14.98 -63.60
N LYS D 651 25.02 14.60 -64.36
CA LYS D 651 25.21 14.26 -65.76
C LYS D 651 25.71 15.47 -66.55
N GLU D 652 25.20 16.66 -66.25
CA GLU D 652 25.68 17.86 -66.90
C GLU D 652 27.09 18.22 -66.47
N MET D 653 27.56 17.68 -65.36
CA MET D 653 28.92 17.91 -64.89
C MET D 653 29.93 16.96 -65.53
N VAL D 654 29.56 15.69 -65.69
CA VAL D 654 30.48 14.74 -66.29
C VAL D 654 30.57 14.93 -67.80
N GLN D 655 29.52 15.48 -68.42
CA GLN D 655 29.60 15.78 -69.85
C GLN D 655 30.54 16.94 -70.12
N LYS D 656 30.68 17.87 -69.16
CA LYS D 656 31.66 18.93 -69.30
C LYS D 656 33.09 18.41 -69.23
N MET D 657 33.30 17.26 -68.59
CA MET D 657 34.59 16.61 -68.52
C MET D 657 34.84 15.69 -69.71
N ASN D 658 34.11 15.88 -70.81
CA ASN D 658 34.26 15.08 -72.02
C ASN D 658 34.06 13.59 -71.75
N LEU D 659 33.02 13.28 -71.00
CA LEU D 659 32.69 11.90 -70.64
C LEU D 659 31.25 11.62 -71.03
N GLU D 660 31.03 10.54 -71.77
CA GLU D 660 29.70 10.19 -72.24
C GLU D 660 28.93 9.43 -71.17
N VAL D 661 27.65 9.77 -71.02
CA VAL D 661 26.75 9.10 -70.08
C VAL D 661 25.87 8.17 -70.90
N ILE D 662 26.15 6.86 -70.83
CA ILE D 662 25.38 5.90 -71.61
C ILE D 662 24.02 5.68 -70.97
N TYR D 663 23.91 5.82 -69.65
CA TYR D 663 22.67 5.53 -68.93
C TYR D 663 22.81 6.04 -67.50
N GLY D 664 21.67 6.34 -66.90
CA GLY D 664 21.62 6.76 -65.51
C GLY D 664 20.25 6.58 -64.91
N ASP D 665 20.17 5.93 -63.76
CA ASP D 665 18.87 5.70 -63.12
C ASP D 665 18.66 6.67 -61.97
N THR D 666 17.85 6.28 -60.98
CA THR D 666 17.38 7.23 -59.97
C THR D 666 18.54 7.88 -59.22
N ASP D 667 19.40 7.06 -58.61
CA ASP D 667 20.52 7.57 -57.83
C ASP D 667 21.88 7.23 -58.42
N SER D 668 21.92 6.57 -59.57
CA SER D 668 23.17 6.10 -60.16
C SER D 668 23.39 6.75 -61.52
N ILE D 669 24.59 6.50 -62.06
CA ILE D 669 24.98 7.04 -63.35
C ILE D 669 26.06 6.14 -63.93
N MET D 670 26.06 5.98 -65.25
CA MET D 670 27.00 5.11 -65.93
C MET D 670 27.79 5.90 -66.96
N ILE D 671 29.11 5.76 -66.92
CA ILE D 671 30.02 6.47 -67.80
C ILE D 671 30.88 5.44 -68.52
N ASN D 672 30.93 5.54 -69.85
CA ASN D 672 31.75 4.65 -70.67
C ASN D 672 33.16 5.21 -70.77
N THR D 673 34.12 4.51 -70.15
CA THR D 673 35.49 5.00 -70.11
C THR D 673 36.17 4.89 -71.47
N ASN D 674 35.76 3.92 -72.29
CA ASN D 674 36.33 3.71 -73.62
C ASN D 674 37.84 3.49 -73.55
N SER D 675 38.26 2.62 -72.63
CA SER D 675 39.67 2.33 -72.44
C SER D 675 39.82 0.90 -71.95
N THR D 676 41.01 0.34 -72.18
CA THR D 676 41.33 -1.02 -71.75
C THR D 676 41.96 -1.04 -70.36
N ASN D 677 42.81 -0.06 -70.06
CA ASN D 677 43.51 0.00 -68.80
C ASN D 677 42.53 0.29 -67.66
N LEU D 678 42.49 -0.59 -66.66
CA LEU D 678 41.59 -0.40 -65.54
C LEU D 678 42.10 0.64 -64.55
N GLU D 679 43.42 0.80 -64.43
CA GLU D 679 43.97 1.84 -63.57
C GLU D 679 43.59 3.23 -64.06
N GLU D 680 43.41 3.38 -65.38
CA GLU D 680 42.91 4.64 -65.92
C GLU D 680 41.42 4.82 -65.62
N VAL D 681 40.69 3.70 -65.46
CA VAL D 681 39.27 3.79 -65.14
C VAL D 681 39.07 4.27 -63.71
N PHE D 682 39.80 3.65 -62.76
CA PHE D 682 39.70 4.08 -61.37
C PHE D 682 40.19 5.51 -61.18
N LYS D 683 41.26 5.89 -61.91
CA LYS D 683 41.74 7.26 -61.84
C LYS D 683 40.71 8.22 -62.40
N LEU D 684 40.02 7.83 -63.47
CA LEU D 684 38.95 8.66 -64.01
C LEU D 684 37.71 8.61 -63.12
N GLY D 685 37.45 7.47 -62.48
CA GLY D 685 36.32 7.37 -61.58
C GLY D 685 36.50 8.21 -60.33
N ASN D 686 37.72 8.23 -59.78
CA ASN D 686 37.99 9.04 -58.61
C ASN D 686 38.10 10.51 -58.97
N LYS D 687 38.55 10.82 -60.19
CA LYS D 687 38.59 12.22 -60.62
C LYS D 687 37.19 12.81 -60.73
N VAL D 688 36.18 11.98 -61.02
CA VAL D 688 34.81 12.45 -61.02
C VAL D 688 34.25 12.49 -59.61
N LYS D 689 34.50 11.43 -58.83
CA LYS D 689 33.99 11.37 -57.47
C LYS D 689 34.56 12.50 -56.62
N SER D 690 35.80 12.88 -56.87
CA SER D 690 36.39 13.99 -56.11
C SER D 690 35.75 15.32 -56.48
N GLU D 691 35.31 15.47 -57.73
CA GLU D 691 34.72 16.73 -58.16
C GLU D 691 33.24 16.82 -57.79
N VAL D 692 32.51 15.70 -57.83
CA VAL D 692 31.10 15.74 -57.48
C VAL D 692 30.88 15.87 -55.97
N ASN D 693 31.84 15.47 -55.15
CA ASN D 693 31.73 15.56 -53.71
C ASN D 693 32.17 16.92 -53.17
N LYS D 694 32.65 17.82 -54.02
CA LYS D 694 33.01 19.16 -53.61
C LYS D 694 31.82 20.09 -53.52
N LEU D 695 30.64 19.65 -53.97
CA LEU D 695 29.44 20.49 -53.95
C LEU D 695 28.61 20.29 -52.69
N TYR D 696 28.49 19.05 -52.22
CA TYR D 696 27.56 18.70 -51.16
C TYR D 696 28.29 18.50 -49.84
N LYS D 697 27.65 18.91 -48.74
CA LYS D 697 28.28 18.84 -47.44
C LYS D 697 28.41 17.40 -46.96
N LEU D 698 27.29 16.67 -46.93
CA LEU D 698 27.29 15.29 -46.47
C LEU D 698 26.88 14.28 -47.53
N LEU D 699 26.40 14.72 -48.70
CA LEU D 699 26.04 13.80 -49.77
C LEU D 699 27.29 13.42 -50.55
N GLU D 700 27.53 12.11 -50.66
CA GLU D 700 28.73 11.60 -51.31
C GLU D 700 28.34 10.62 -52.41
N ILE D 701 29.16 10.59 -53.46
CA ILE D 701 28.96 9.69 -54.59
C ILE D 701 30.21 8.82 -54.72
N ASP D 702 30.03 7.51 -54.58
CA ASP D 702 31.12 6.55 -54.69
C ASP D 702 30.94 5.68 -55.92
N ILE D 703 31.90 4.77 -56.14
CA ILE D 703 31.89 3.87 -57.28
C ILE D 703 31.34 2.51 -56.82
N ASP D 704 30.38 1.98 -57.57
CA ASP D 704 29.79 0.68 -57.27
C ASP D 704 30.43 -0.45 -58.07
N GLY D 705 31.54 -0.18 -58.74
CA GLY D 705 32.23 -1.18 -59.52
C GLY D 705 32.19 -0.87 -61.01
N VAL D 706 33.17 -1.40 -61.72
CA VAL D 706 33.28 -1.22 -63.16
C VAL D 706 32.68 -2.45 -63.85
N PHE D 707 32.41 -2.31 -65.15
CA PHE D 707 31.85 -3.39 -65.95
C PHE D 707 32.80 -3.71 -67.09
N LYS D 708 33.11 -5.01 -67.24
CA LYS D 708 33.94 -5.44 -68.36
C LYS D 708 33.21 -5.24 -69.69
N SER D 709 31.97 -5.71 -69.77
CA SER D 709 31.13 -5.51 -70.95
C SER D 709 29.70 -5.37 -70.49
N LEU D 710 28.91 -4.63 -71.27
CA LEU D 710 27.53 -4.32 -70.91
C LEU D 710 26.63 -4.46 -72.12
N LEU D 711 25.43 -4.99 -71.90
CA LEU D 711 24.38 -5.05 -72.92
C LEU D 711 23.18 -4.25 -72.40
N LEU D 712 23.02 -3.03 -72.91
CA LEU D 712 21.96 -2.12 -72.49
C LEU D 712 20.82 -2.22 -73.50
N LEU D 713 19.63 -2.59 -73.02
CA LEU D 713 18.49 -2.87 -73.89
C LEU D 713 17.42 -1.78 -73.80
N LYS D 714 16.86 -1.55 -72.63
CA LYS D 714 15.81 -0.55 -72.43
C LYS D 714 16.10 0.18 -71.12
N LYS D 715 15.13 0.96 -70.66
CA LYS D 715 15.22 1.56 -69.34
C LYS D 715 14.98 0.49 -68.28
N LYS D 716 15.86 0.45 -67.27
CA LYS D 716 15.78 -0.53 -66.19
C LYS D 716 15.87 -1.97 -66.70
N LYS D 717 16.52 -2.17 -67.84
CA LYS D 717 16.72 -3.50 -68.41
C LYS D 717 18.12 -3.54 -69.03
N TYR D 718 19.06 -4.14 -68.32
CA TYR D 718 20.43 -4.27 -68.82
C TYR D 718 21.09 -5.47 -68.17
N ALA D 719 22.27 -5.82 -68.70
CA ALA D 719 23.05 -6.94 -68.20
C ALA D 719 24.52 -6.67 -68.49
N ALA D 720 25.37 -6.97 -67.51
CA ALA D 720 26.79 -6.65 -67.63
C ALA D 720 27.62 -7.62 -66.79
N LEU D 721 28.93 -7.55 -66.99
CA LEU D 721 29.90 -8.34 -66.22
C LEU D 721 30.56 -7.42 -65.21
N VAL D 722 30.13 -7.52 -63.95
CA VAL D 722 30.73 -6.72 -62.90
C VAL D 722 32.15 -7.18 -62.63
N VAL D 723 33.06 -6.23 -62.46
CA VAL D 723 34.47 -6.54 -62.26
C VAL D 723 34.69 -6.84 -60.78
N GLU D 724 35.14 -8.06 -60.49
CA GLU D 724 35.52 -8.48 -59.14
C GLU D 724 37.04 -8.59 -59.09
N PRO D 725 37.76 -7.54 -58.68
CA PRO D 725 39.21 -7.59 -58.72
C PRO D 725 39.78 -8.63 -57.78
N THR D 726 40.95 -9.17 -58.15
CA THR D 726 41.62 -10.18 -57.35
C THR D 726 42.36 -9.54 -56.18
N SER D 727 43.42 -10.19 -55.70
CA SER D 727 44.15 -9.68 -54.56
C SER D 727 45.17 -8.61 -54.95
N ASP D 728 45.68 -8.65 -56.18
CA ASP D 728 46.69 -7.69 -56.61
C ASP D 728 46.79 -7.70 -58.13
N GLY D 729 46.24 -6.67 -58.77
CA GLY D 729 46.52 -6.39 -60.16
C GLY D 729 45.80 -7.23 -61.19
N ASN D 730 44.72 -7.91 -60.81
CA ASN D 730 43.93 -8.68 -61.77
C ASN D 730 42.48 -8.70 -61.32
N TYR D 731 41.64 -9.41 -62.07
CA TYR D 731 40.21 -9.37 -61.84
C TYR D 731 39.56 -10.63 -62.41
N VAL D 732 38.32 -10.85 -61.99
CA VAL D 732 37.45 -11.87 -62.55
C VAL D 732 36.04 -11.29 -62.62
N THR D 733 35.24 -11.77 -63.56
CA THR D 733 33.93 -11.20 -63.83
C THR D 733 32.81 -12.16 -63.42
N LYS D 734 31.65 -11.58 -63.15
CA LYS D 734 30.44 -12.33 -62.86
C LYS D 734 29.26 -11.51 -63.38
N GLN D 735 28.41 -12.13 -64.19
CA GLN D 735 27.35 -11.40 -64.86
C GLN D 735 26.28 -10.96 -63.87
N GLU D 736 25.70 -9.79 -64.13
CA GLU D 736 24.65 -9.22 -63.32
C GLU D 736 23.46 -8.90 -64.22
N LEU D 737 22.35 -9.57 -64.00
CA LEU D 737 21.13 -9.37 -64.77
C LEU D 737 20.17 -8.51 -63.96
N LYS D 738 19.65 -7.45 -64.58
CA LYS D 738 18.78 -6.51 -63.89
C LYS D 738 17.65 -6.10 -64.82
N GLY D 739 16.41 -6.40 -64.43
CA GLY D 739 15.24 -5.96 -65.14
C GLY D 739 14.82 -6.82 -66.32
N LEU D 740 15.71 -7.63 -66.87
CA LEU D 740 15.40 -8.43 -68.03
C LEU D 740 14.28 -9.42 -67.73
N ASP D 741 13.68 -9.95 -68.80
CA ASP D 741 12.59 -10.91 -68.66
C ASP D 741 13.04 -12.23 -68.05
N ILE D 742 14.35 -12.48 -67.97
CA ILE D 742 14.83 -13.73 -67.42
C ILE D 742 14.92 -13.71 -65.90
N VAL D 743 14.93 -12.52 -65.29
CA VAL D 743 14.93 -12.43 -63.83
C VAL D 743 13.52 -12.34 -63.26
N ARG D 744 12.51 -12.17 -64.10
CA ARG D 744 11.13 -12.04 -63.64
C ARG D 744 10.49 -13.42 -63.48
N ARG D 745 9.49 -13.50 -62.62
CA ARG D 745 8.80 -14.75 -62.34
C ARG D 745 7.61 -14.99 -63.26
N ASP D 746 7.14 -13.98 -63.98
CA ASP D 746 5.98 -14.10 -64.85
C ASP D 746 6.34 -14.58 -66.25
N TRP D 747 7.52 -15.15 -66.43
CA TRP D 747 7.94 -15.70 -67.71
C TRP D 747 8.22 -17.20 -67.58
N CYS D 748 8.28 -17.86 -68.73
CA CYS D 748 8.50 -19.30 -68.75
C CYS D 748 9.92 -19.63 -68.30
N ASP D 749 10.05 -20.71 -67.52
CA ASP D 749 11.37 -21.13 -67.07
C ASP D 749 12.23 -21.64 -68.22
N LEU D 750 11.60 -22.26 -69.22
CA LEU D 750 12.35 -22.68 -70.40
C LEU D 750 12.81 -21.47 -71.21
N ALA D 751 11.98 -20.42 -71.26
CA ALA D 751 12.37 -19.21 -71.97
C ALA D 751 13.43 -18.43 -71.21
N LYS D 752 13.41 -18.48 -69.88
CA LYS D 752 14.44 -17.80 -69.09
C LYS D 752 15.78 -18.53 -69.16
N ASP D 753 15.75 -19.86 -69.28
CA ASP D 753 16.99 -20.63 -69.32
C ASP D 753 17.67 -20.48 -70.66
N THR D 754 16.95 -20.71 -71.76
CA THR D 754 17.53 -20.52 -73.09
C THR D 754 17.86 -19.06 -73.33
N GLY D 755 17.14 -18.13 -72.70
CA GLY D 755 17.49 -16.73 -72.81
C GLY D 755 18.73 -16.39 -72.00
N ASN D 756 19.00 -17.15 -70.94
CA ASN D 756 20.21 -16.92 -70.15
C ASN D 756 21.45 -17.40 -70.90
N PHE D 757 21.30 -18.42 -71.75
CA PHE D 757 22.42 -18.84 -72.57
C PHE D 757 22.76 -17.81 -73.64
N VAL D 758 21.76 -17.05 -74.09
CA VAL D 758 22.00 -16.03 -75.11
C VAL D 758 22.75 -14.85 -74.51
N ILE D 759 22.26 -14.32 -73.38
CA ILE D 759 22.95 -13.22 -72.72
C ILE D 759 24.33 -13.65 -72.22
N GLY D 760 24.49 -14.95 -71.94
CA GLY D 760 25.80 -15.44 -71.56
C GLY D 760 26.78 -15.46 -72.71
N GLN D 761 26.29 -15.69 -73.94
CA GLN D 761 27.17 -15.66 -75.10
C GLN D 761 27.43 -14.24 -75.58
N ILE D 762 26.48 -13.33 -75.39
CA ILE D 762 26.67 -11.95 -75.83
C ILE D 762 27.78 -11.27 -75.03
N LEU D 763 27.70 -11.37 -73.70
CA LEU D 763 28.72 -10.79 -72.83
C LEU D 763 30.00 -11.61 -72.79
N SER D 764 30.06 -12.73 -73.52
CA SER D 764 31.25 -13.58 -73.50
C SER D 764 32.41 -12.89 -74.22
N ASP D 765 33.60 -13.44 -74.00
CA ASP D 765 34.83 -12.90 -74.59
C ASP D 765 35.26 -13.73 -75.80
N GLN D 766 34.34 -13.85 -76.76
CA GLN D 766 34.57 -14.60 -77.99
C GLN D 766 34.41 -13.68 -79.19
N SER D 767 34.74 -14.20 -80.37
CA SER D 767 34.55 -13.46 -81.59
C SER D 767 33.07 -13.41 -81.97
N ARG D 768 32.67 -12.30 -82.61
CA ARG D 768 31.27 -12.13 -82.97
C ARG D 768 30.80 -13.22 -83.93
N ASP D 769 31.69 -13.65 -84.84
CA ASP D 769 31.33 -14.72 -85.75
C ASP D 769 31.14 -16.05 -85.03
N THR D 770 31.85 -16.24 -83.92
CA THR D 770 31.70 -17.48 -83.16
C THR D 770 30.49 -17.44 -82.24
N ILE D 771 30.16 -16.27 -81.69
CA ILE D 771 29.05 -16.15 -80.75
C ILE D 771 27.73 -16.46 -81.44
N VAL D 772 27.52 -15.92 -82.65
CA VAL D 772 26.26 -16.13 -83.35
C VAL D 772 26.06 -17.61 -83.69
N GLU D 773 27.15 -18.32 -83.97
CA GLU D 773 27.03 -19.74 -84.29
C GLU D 773 26.68 -20.57 -83.07
N ASN D 774 27.02 -20.11 -81.87
CA ASN D 774 26.66 -20.84 -80.66
C ASN D 774 25.19 -20.66 -80.32
N ILE D 775 24.64 -19.46 -80.55
CA ILE D 775 23.24 -19.22 -80.25
C ILE D 775 22.35 -19.91 -81.27
N GLN D 776 22.80 -19.97 -82.53
CA GLN D 776 22.01 -20.62 -83.57
C GLN D 776 21.89 -22.11 -83.33
N LYS D 777 22.99 -22.76 -82.91
CA LYS D 777 22.95 -24.20 -82.67
C LYS D 777 22.16 -24.54 -81.41
N ARG D 778 22.09 -23.61 -80.44
CA ARG D 778 21.32 -23.86 -79.23
C ARG D 778 19.83 -23.72 -79.47
N LEU D 779 19.42 -22.72 -80.25
CA LEU D 779 18.00 -22.51 -80.51
C LEU D 779 17.42 -23.65 -81.34
N ILE D 780 18.17 -24.16 -82.32
CA ILE D 780 17.74 -25.35 -83.04
C ILE D 780 17.60 -26.53 -82.08
N GLU D 781 18.55 -26.66 -81.15
CA GLU D 781 18.44 -27.70 -80.12
C GLU D 781 17.28 -27.41 -79.17
N ILE D 782 17.13 -26.15 -78.76
CA ILE D 782 16.01 -25.78 -77.89
C ILE D 782 14.69 -25.89 -78.61
N GLY D 783 14.69 -25.80 -79.95
CA GLY D 783 13.46 -25.98 -80.70
C GLY D 783 13.09 -27.43 -80.92
N GLU D 784 14.06 -28.34 -80.85
CA GLU D 784 13.77 -29.75 -81.04
C GLU D 784 13.32 -30.42 -79.74
N ASN D 785 13.79 -29.92 -78.59
CA ASN D 785 13.37 -30.49 -77.32
C ASN D 785 11.90 -30.21 -77.03
N VAL D 786 11.36 -29.11 -77.57
CA VAL D 786 9.95 -28.80 -77.37
C VAL D 786 9.08 -29.74 -78.22
N LEU D 787 9.55 -30.08 -79.40
CA LEU D 787 8.74 -30.91 -80.31
C LEU D 787 8.70 -32.36 -79.85
N ASN D 788 9.85 -32.92 -79.47
CA ASN D 788 9.87 -34.32 -79.05
C ASN D 788 9.27 -34.53 -77.66
N GLY D 789 9.19 -33.49 -76.84
CA GLY D 789 8.61 -33.60 -75.53
C GLY D 789 9.56 -33.96 -74.42
N SER D 790 10.86 -33.74 -74.60
CA SER D 790 11.85 -34.04 -73.57
C SER D 790 11.98 -32.94 -72.52
N VAL D 791 11.29 -31.82 -72.70
CA VAL D 791 11.36 -30.72 -71.73
C VAL D 791 10.52 -31.10 -70.51
N PRO D 792 11.06 -30.93 -69.29
CA PRO D 792 10.28 -31.27 -68.09
C PRO D 792 9.03 -30.42 -67.97
N VAL D 793 8.15 -30.85 -67.08
CA VAL D 793 6.90 -30.14 -66.87
C VAL D 793 7.13 -28.85 -66.08
N SER D 794 8.09 -28.86 -65.16
CA SER D 794 8.37 -27.70 -64.33
C SER D 794 8.89 -26.50 -65.12
N GLN D 795 9.20 -26.69 -66.40
CA GLN D 795 9.70 -25.61 -67.24
C GLN D 795 8.58 -24.78 -67.85
N PHE D 796 7.48 -25.41 -68.24
CA PHE D 796 6.38 -24.73 -68.91
C PHE D 796 5.43 -24.05 -67.92
N GLU D 797 5.96 -23.56 -66.80
CA GLU D 797 5.15 -22.98 -65.75
C GLU D 797 5.42 -21.49 -65.63
N ILE D 798 4.36 -20.69 -65.68
CA ILE D 798 4.43 -19.25 -65.55
C ILE D 798 3.73 -18.84 -64.27
N ASN D 799 4.43 -18.08 -63.42
CA ASN D 799 3.91 -17.68 -62.12
C ASN D 799 3.36 -16.26 -62.17
N LYS D 800 2.28 -16.02 -61.43
CA LYS D 800 1.70 -14.69 -61.34
C LYS D 800 0.81 -14.64 -60.11
N ALA D 801 1.06 -13.69 -59.21
CA ALA D 801 0.30 -13.57 -57.97
C ALA D 801 -1.00 -12.82 -58.23
N LEU D 802 -1.79 -12.66 -57.16
CA LEU D 802 -3.09 -12.00 -57.23
C LEU D 802 -3.13 -10.87 -56.21
N THR D 803 -3.58 -9.70 -56.66
CA THR D 803 -3.71 -8.55 -55.76
C THR D 803 -5.02 -8.56 -54.97
N LYS D 804 -5.97 -9.41 -55.34
CA LYS D 804 -7.22 -9.53 -54.61
C LYS D 804 -7.68 -10.98 -54.69
N ASP D 805 -8.73 -11.29 -53.93
CA ASP D 805 -9.29 -12.63 -53.95
C ASP D 805 -9.85 -12.93 -55.34
N PRO D 806 -9.78 -14.18 -55.79
CA PRO D 806 -10.23 -14.51 -57.15
C PRO D 806 -11.71 -14.24 -57.39
N GLN D 807 -12.53 -14.21 -56.34
CA GLN D 807 -13.96 -13.96 -56.49
C GLN D 807 -14.29 -12.49 -56.68
N ASP D 808 -13.36 -11.58 -56.40
CA ASP D 808 -13.62 -10.16 -56.48
C ASP D 808 -13.42 -9.57 -57.86
N TYR D 809 -12.63 -10.22 -58.71
CA TYR D 809 -12.35 -9.68 -60.03
C TYR D 809 -13.59 -9.74 -60.91
N PRO D 810 -13.94 -8.67 -61.63
CA PRO D 810 -15.09 -8.75 -62.54
C PRO D 810 -14.83 -9.59 -63.78
N ASP D 811 -13.57 -9.78 -64.16
CA ASP D 811 -13.18 -10.61 -65.29
C ASP D 811 -12.55 -11.89 -64.73
N LYS D 812 -13.40 -12.89 -64.46
CA LYS D 812 -12.94 -14.11 -63.83
C LYS D 812 -12.14 -14.99 -64.78
N LYS D 813 -12.57 -15.07 -66.05
CA LYS D 813 -11.93 -15.94 -67.03
C LYS D 813 -11.01 -15.20 -67.99
N SER D 814 -10.87 -13.88 -67.84
CA SER D 814 -10.02 -13.12 -68.76
C SER D 814 -8.54 -13.30 -68.41
N LEU D 815 -8.17 -13.02 -67.16
CA LEU D 815 -6.79 -13.18 -66.76
C LEU D 815 -6.45 -14.66 -66.59
N PRO D 816 -5.30 -15.10 -67.11
CA PRO D 816 -5.00 -16.55 -67.05
C PRO D 816 -4.72 -17.05 -65.64
N HIS D 817 -3.99 -16.27 -64.83
CA HIS D 817 -3.66 -16.72 -63.48
C HIS D 817 -4.88 -16.71 -62.55
N VAL D 818 -5.95 -16.02 -62.93
CA VAL D 818 -7.17 -16.01 -62.11
C VAL D 818 -8.08 -17.16 -62.48
N HIS D 819 -8.13 -17.53 -63.76
CA HIS D 819 -8.93 -18.68 -64.17
C HIS D 819 -8.40 -19.97 -63.57
N VAL D 820 -7.09 -20.05 -63.36
CA VAL D 820 -6.51 -21.22 -62.70
C VAL D 820 -6.71 -21.15 -61.20
N ALA D 821 -6.65 -19.94 -60.62
CA ALA D 821 -6.87 -19.78 -59.19
C ALA D 821 -8.29 -20.13 -58.80
N LEU D 822 -9.25 -19.99 -59.72
CA LEU D 822 -10.62 -20.36 -59.42
C LEU D 822 -10.81 -21.87 -59.41
N TRP D 823 -10.03 -22.60 -60.21
CA TRP D 823 -10.10 -24.06 -60.21
C TRP D 823 -9.44 -24.66 -58.98
N ILE D 824 -8.41 -24.01 -58.45
CA ILE D 824 -7.75 -24.51 -57.25
C ILE D 824 -8.71 -24.49 -56.06
N ASN D 825 -9.54 -23.46 -55.98
CA ASN D 825 -10.50 -23.33 -54.89
C ASN D 825 -11.70 -24.25 -55.04
N SER D 826 -11.74 -25.09 -56.07
CA SER D 826 -12.77 -26.11 -56.22
C SER D 826 -12.32 -27.47 -55.72
N GLN D 827 -11.14 -27.55 -55.10
CA GLN D 827 -10.58 -28.78 -54.58
C GLN D 827 -10.52 -28.71 -53.05
N GLY D 828 -9.81 -29.67 -52.45
CA GLY D 828 -9.62 -29.71 -51.02
C GLY D 828 -8.27 -29.23 -50.55
N GLY D 829 -7.38 -28.85 -51.45
CA GLY D 829 -6.05 -28.41 -51.09
C GLY D 829 -5.99 -26.98 -50.61
N ARG D 830 -4.84 -26.34 -50.81
CA ARG D 830 -4.62 -24.98 -50.34
C ARG D 830 -5.49 -24.01 -51.13
N LYS D 831 -6.39 -23.32 -50.43
CA LYS D 831 -7.23 -22.31 -51.08
C LYS D 831 -6.41 -21.08 -51.42
N VAL D 832 -6.64 -20.55 -52.62
CA VAL D 832 -5.90 -19.38 -53.10
C VAL D 832 -6.67 -18.12 -52.72
N LYS D 833 -5.98 -17.16 -52.12
CA LYS D 833 -6.57 -15.88 -51.78
C LYS D 833 -5.61 -14.79 -52.26
N ALA D 834 -5.80 -13.57 -51.76
CA ALA D 834 -5.00 -12.44 -52.19
C ALA D 834 -3.54 -12.63 -51.80
N GLY D 835 -2.63 -12.36 -52.74
CA GLY D 835 -1.20 -12.45 -52.52
C GLY D 835 -0.58 -13.75 -52.97
N ASP D 836 -1.33 -14.85 -52.91
CA ASP D 836 -0.79 -16.16 -53.27
C ASP D 836 -0.40 -16.18 -54.75
N THR D 837 0.75 -16.77 -55.04
CA THR D 837 1.25 -16.90 -56.41
C THR D 837 0.66 -18.15 -57.05
N VAL D 838 0.07 -17.97 -58.22
CA VAL D 838 -0.54 -19.06 -58.98
C VAL D 838 0.29 -19.30 -60.23
N SER D 839 0.78 -20.53 -60.38
CA SER D 839 1.52 -20.94 -61.56
C SER D 839 0.58 -21.67 -62.50
N TYR D 840 0.57 -21.23 -63.76
CA TYR D 840 -0.31 -21.81 -64.78
C TYR D 840 0.53 -22.31 -65.95
N VAL D 841 -0.16 -22.91 -66.92
CA VAL D 841 0.49 -23.54 -68.06
C VAL D 841 -0.47 -23.50 -69.25
N ILE D 842 0.07 -23.20 -70.42
CA ILE D 842 -0.74 -23.09 -71.62
C ILE D 842 -0.94 -24.46 -72.23
N CYS D 843 -2.18 -24.79 -72.56
CA CYS D 843 -2.53 -26.11 -73.08
C CYS D 843 -3.31 -25.97 -74.37
N GLN D 844 -3.36 -27.07 -75.13
CA GLN D 844 -4.21 -27.15 -76.31
C GLN D 844 -5.58 -27.63 -75.86
N ASP D 845 -6.49 -26.68 -75.66
CA ASP D 845 -7.80 -27.00 -75.10
C ASP D 845 -8.69 -27.76 -76.08
N GLY D 846 -8.37 -27.71 -77.38
CA GLY D 846 -9.25 -28.27 -78.38
C GLY D 846 -10.39 -27.37 -78.79
N SER D 847 -10.58 -26.23 -78.11
CA SER D 847 -11.58 -25.24 -78.49
C SER D 847 -10.96 -24.04 -79.19
N ASN D 848 -9.67 -24.12 -79.54
CA ASN D 848 -8.90 -23.06 -80.20
C ASN D 848 -9.24 -21.66 -79.68
N LEU D 849 -9.37 -21.52 -78.37
CA LEU D 849 -9.61 -20.23 -77.77
C LEU D 849 -8.29 -19.47 -77.61
N THR D 850 -8.38 -18.29 -77.02
CA THR D 850 -7.18 -17.49 -76.77
C THR D 850 -6.27 -18.20 -75.76
N ALA D 851 -4.99 -17.84 -75.82
CA ALA D 851 -4.02 -18.46 -74.91
C ALA D 851 -4.34 -18.15 -73.45
N SER D 852 -4.98 -17.01 -73.18
CA SER D 852 -5.39 -16.70 -71.81
C SER D 852 -6.50 -17.63 -71.35
N GLN D 853 -7.39 -18.03 -72.27
CA GLN D 853 -8.45 -18.96 -71.92
C GLN D 853 -7.97 -20.40 -71.90
N ARG D 854 -6.88 -20.71 -72.61
CA ARG D 854 -6.30 -22.05 -72.64
C ARG D 854 -5.21 -22.24 -71.60
N ALA D 855 -5.37 -21.65 -70.42
CA ALA D 855 -4.39 -21.74 -69.34
C ALA D 855 -5.00 -22.55 -68.20
N TYR D 856 -4.34 -23.65 -67.84
CA TYR D 856 -4.79 -24.53 -66.78
C TYR D 856 -3.71 -24.64 -65.71
N ALA D 857 -3.95 -25.53 -64.72
CA ALA D 857 -3.00 -25.78 -63.65
C ALA D 857 -2.02 -26.89 -64.05
N PRO D 858 -0.80 -26.85 -63.53
CA PRO D 858 0.17 -27.92 -63.86
C PRO D 858 -0.31 -29.30 -63.46
N GLU D 859 -1.10 -29.41 -62.40
CA GLU D 859 -1.64 -30.70 -61.98
C GLU D 859 -2.79 -31.18 -62.86
N GLN D 860 -3.32 -30.32 -63.74
CA GLN D 860 -4.45 -30.70 -64.57
C GLN D 860 -3.99 -31.51 -65.79
N LEU D 861 -3.15 -30.92 -66.64
CA LEU D 861 -2.78 -31.59 -67.88
C LEU D 861 -1.98 -32.85 -67.63
N GLN D 862 -1.31 -32.94 -66.49
CA GLN D 862 -0.62 -34.17 -66.14
C GLN D 862 -1.59 -35.29 -65.81
N LYS D 863 -2.82 -34.96 -65.41
CA LYS D 863 -3.84 -35.94 -65.10
C LYS D 863 -5.01 -35.90 -66.09
N GLN D 864 -4.88 -35.13 -67.17
CA GLN D 864 -5.90 -35.04 -68.21
C GLN D 864 -5.28 -35.42 -69.55
N ASP D 865 -5.92 -36.40 -70.22
CA ASP D 865 -5.43 -36.84 -71.52
C ASP D 865 -5.76 -35.83 -72.62
N ASN D 866 -6.89 -35.13 -72.49
CA ASN D 866 -7.32 -34.17 -73.51
C ASN D 866 -6.51 -32.88 -73.49
N LEU D 867 -5.64 -32.69 -72.50
CA LEU D 867 -4.86 -31.47 -72.35
C LEU D 867 -3.40 -31.79 -72.62
N THR D 868 -2.84 -31.19 -73.68
CA THR D 868 -1.44 -31.32 -74.01
C THR D 868 -0.79 -29.94 -74.07
N ILE D 869 0.54 -29.93 -74.01
CA ILE D 869 1.29 -28.68 -74.01
C ILE D 869 1.14 -28.01 -75.37
N ASP D 870 0.99 -26.68 -75.35
CA ASP D 870 0.90 -25.89 -76.58
C ASP D 870 2.33 -25.64 -77.07
N THR D 871 2.80 -26.54 -77.95
CA THR D 871 4.15 -26.41 -78.49
C THR D 871 4.33 -25.19 -79.37
N GLN D 872 3.24 -24.62 -79.87
CA GLN D 872 3.31 -23.43 -80.72
C GLN D 872 3.31 -22.13 -79.93
N TYR D 873 2.82 -22.15 -78.70
CA TYR D 873 2.81 -20.93 -77.89
C TYR D 873 4.18 -20.66 -77.27
N TYR D 874 4.73 -21.65 -76.56
CA TYR D 874 6.01 -21.46 -75.87
C TYR D 874 7.14 -21.21 -76.86
N LEU D 875 7.05 -21.76 -78.06
CA LEU D 875 8.10 -21.57 -79.05
C LEU D 875 8.04 -20.19 -79.70
N ALA D 876 6.86 -19.58 -79.73
CA ALA D 876 6.67 -18.29 -80.39
C ALA D 876 6.33 -17.15 -79.44
N GLN D 877 5.61 -17.42 -78.36
CA GLN D 877 5.18 -16.38 -77.43
C GLN D 877 5.99 -16.38 -76.13
N GLN D 878 6.99 -17.26 -76.01
CA GLN D 878 7.81 -17.31 -74.80
C GLN D 878 9.29 -17.24 -75.13
N ILE D 879 9.79 -18.23 -75.87
CA ILE D 879 11.22 -18.27 -76.18
C ILE D 879 11.58 -17.17 -77.18
N HIS D 880 10.74 -16.97 -78.20
CA HIS D 880 11.07 -16.00 -79.24
C HIS D 880 11.13 -14.55 -78.73
N PRO D 881 10.14 -14.04 -78.00
CA PRO D 881 10.23 -12.64 -77.57
C PRO D 881 11.39 -12.35 -76.65
N VAL D 882 11.78 -13.31 -75.81
CA VAL D 882 12.87 -13.06 -74.86
C VAL D 882 14.20 -12.97 -75.61
N VAL D 883 14.45 -13.89 -76.53
CA VAL D 883 15.71 -13.88 -77.26
C VAL D 883 15.72 -12.73 -78.28
N ALA D 884 14.56 -12.29 -78.75
CA ALA D 884 14.50 -11.22 -79.73
C ALA D 884 14.94 -9.89 -79.12
N ARG D 885 14.44 -9.57 -77.92
CA ARG D 885 14.80 -8.31 -77.29
C ARG D 885 16.26 -8.26 -76.86
N ILE D 886 16.89 -9.41 -76.64
CA ILE D 886 18.30 -9.43 -76.25
C ILE D 886 19.20 -9.25 -77.47
N CYS D 887 18.80 -9.79 -78.62
CA CYS D 887 19.63 -9.78 -79.82
C CYS D 887 19.39 -8.57 -80.72
N GLU D 888 18.58 -7.59 -80.28
CA GLU D 888 18.38 -6.41 -81.11
C GLU D 888 19.64 -5.56 -81.21
N PRO D 889 20.38 -5.27 -80.14
CA PRO D 889 21.67 -4.56 -80.30
C PRO D 889 22.74 -5.39 -80.99
N ILE D 890 22.51 -6.67 -81.22
CA ILE D 890 23.47 -7.54 -81.89
C ILE D 890 23.27 -7.42 -83.40
N ASP D 891 24.35 -7.16 -84.13
CA ASP D 891 24.25 -6.97 -85.57
C ASP D 891 24.08 -8.28 -86.32
N GLY D 892 24.64 -9.38 -85.80
CA GLY D 892 24.56 -10.65 -86.50
C GLY D 892 23.23 -11.37 -86.36
N ILE D 893 22.40 -10.98 -85.39
CA ILE D 893 21.14 -11.65 -85.12
C ILE D 893 20.00 -10.64 -85.18
N ASP D 894 18.87 -11.05 -85.74
CA ASP D 894 17.66 -10.25 -85.79
C ASP D 894 16.48 -11.12 -85.37
N ALA D 895 15.32 -10.48 -85.21
CA ALA D 895 14.13 -11.18 -84.74
C ALA D 895 13.56 -12.13 -85.79
N VAL D 896 13.99 -12.02 -87.05
CA VAL D 896 13.44 -12.89 -88.08
C VAL D 896 14.22 -14.21 -88.13
N LEU D 897 15.54 -14.16 -87.92
CA LEU D 897 16.33 -15.37 -87.95
C LEU D 897 16.12 -16.24 -86.72
N ILE D 898 15.58 -15.67 -85.63
CA ILE D 898 15.32 -16.46 -84.44
C ILE D 898 14.25 -17.51 -84.72
N ALA D 899 13.13 -17.09 -85.33
CA ALA D 899 12.09 -18.04 -85.71
C ALA D 899 12.59 -19.01 -86.76
N THR D 900 13.48 -18.56 -87.65
CA THR D 900 14.08 -19.46 -88.62
C THR D 900 14.94 -20.51 -87.93
N TRP D 901 15.67 -20.11 -86.89
CA TRP D 901 16.49 -21.05 -86.16
C TRP D 901 15.67 -21.90 -85.20
N LEU D 902 14.65 -21.32 -84.57
CA LEU D 902 13.80 -22.08 -83.67
C LEU D 902 12.87 -23.04 -84.42
N GLY D 903 12.65 -22.82 -85.70
CA GLY D 903 11.79 -23.68 -86.50
C GLY D 903 10.45 -23.08 -86.84
N LEU D 904 10.14 -21.87 -86.37
CA LEU D 904 8.88 -21.22 -86.70
C LEU D 904 8.96 -20.60 -88.10
N ASP D 905 7.80 -20.23 -88.62
CA ASP D 905 7.73 -19.63 -89.94
C ASP D 905 8.18 -18.18 -89.88
N PRO D 906 9.18 -17.77 -90.67
CA PRO D 906 9.62 -16.37 -90.62
C PRO D 906 8.64 -15.38 -91.21
N THR D 907 7.54 -15.86 -91.82
CA THR D 907 6.60 -14.96 -92.46
C THR D 907 5.79 -14.15 -91.45
N GLN D 908 5.61 -14.67 -90.24
CA GLN D 908 4.78 -14.04 -89.23
C GLN D 908 5.56 -13.11 -88.31
N PHE D 909 6.83 -12.84 -88.59
CA PHE D 909 7.66 -12.04 -87.70
C PHE D 909 8.47 -11.04 -88.52
N ARG D 910 8.75 -9.89 -87.91
CA ARG D 910 9.52 -8.83 -88.53
C ARG D 910 10.62 -8.36 -87.59
N VAL D 911 11.58 -7.63 -88.14
CA VAL D 911 12.73 -7.15 -87.39
C VAL D 911 12.36 -5.87 -86.64
N HIS D 912 13.24 -5.41 -85.75
CA HIS D 912 12.97 -4.25 -84.92
C HIS D 912 14.26 -3.75 -84.24
N HIS D 913 14.58 -2.48 -84.43
CA HIS D 913 15.69 -1.85 -83.75
C HIS D 913 15.19 -0.71 -82.86
N TYR D 914 15.97 -0.38 -81.85
CA TYR D 914 15.54 0.56 -80.83
C TYR D 914 15.47 1.98 -81.38
N HIS D 915 14.48 2.73 -80.88
CA HIS D 915 14.33 4.15 -81.21
C HIS D 915 13.56 4.81 -80.07
N LYS D 916 13.92 6.05 -79.76
CA LYS D 916 13.33 6.77 -78.64
C LYS D 916 11.97 7.35 -79.03
N ASP D 917 11.09 7.49 -78.02
CA ASP D 917 9.76 8.04 -78.24
C ASP D 917 9.69 9.50 -77.86
N GLU D 918 8.58 9.91 -77.24
CA GLU D 918 8.40 11.29 -76.81
C GLU D 918 7.58 11.37 -75.52
N GLU G 1 29.26 54.11 -5.07
CA GLU G 1 28.94 53.81 -3.69
C GLU G 1 28.16 54.95 -3.03
N GLN G 2 26.99 55.24 -3.58
CA GLN G 2 26.07 56.25 -3.05
C GLN G 2 24.76 55.58 -2.70
N VAL G 3 24.08 56.10 -1.69
CA VAL G 3 22.82 55.55 -1.23
C VAL G 3 21.68 56.38 -1.78
N PHE G 4 20.44 55.88 -1.63
CA PHE G 4 19.24 56.56 -2.09
C PHE G 4 18.25 56.59 -0.94
N HIS G 5 18.04 57.78 -0.37
CA HIS G 5 17.16 57.95 0.77
C HIS G 5 15.78 58.43 0.31
N PHE G 6 14.74 57.71 0.73
CA PHE G 6 13.37 58.11 0.41
C PHE G 6 12.44 57.63 1.51
N TYR G 7 11.28 58.27 1.58
CA TYR G 7 10.27 57.99 2.60
C TYR G 7 9.08 57.31 1.93
N TRP G 8 9.01 55.99 2.04
CA TRP G 8 7.99 55.23 1.36
C TRP G 8 6.64 55.39 2.04
N LEU G 9 5.58 55.39 1.23
CA LEU G 9 4.22 55.54 1.71
C LEU G 9 3.33 54.37 1.30
N ASP G 10 3.37 53.98 0.03
CA ASP G 10 2.52 52.92 -0.49
C ASP G 10 3.39 51.91 -1.22
N ALA G 11 2.86 50.70 -1.37
CA ALA G 11 3.55 49.63 -2.07
C ALA G 11 2.58 48.90 -2.97
N TYR G 12 3.09 48.44 -4.12
CA TYR G 12 2.30 47.72 -5.10
C TYR G 12 3.01 46.42 -5.47
N GLU G 13 2.21 45.39 -5.74
CA GLU G 13 2.74 44.09 -6.12
C GLU G 13 1.81 43.43 -7.12
N ASP G 14 2.36 43.01 -8.25
CA ASP G 14 1.61 42.32 -9.30
C ASP G 14 2.26 40.96 -9.51
N GLN G 15 1.92 40.01 -8.65
CA GLN G 15 2.53 38.69 -8.66
C GLN G 15 2.17 37.87 -9.90
N TYR G 16 1.43 38.44 -10.85
CA TYR G 16 1.06 37.72 -12.07
C TYR G 16 1.91 38.19 -13.24
N ASN G 17 1.74 39.45 -13.64
CA ASN G 17 2.43 39.95 -14.82
C ASN G 17 3.91 40.22 -14.53
N GLN G 18 4.25 40.54 -13.29
CA GLN G 18 5.64 40.86 -12.91
C GLN G 18 5.88 40.36 -11.50
N PRO G 19 6.14 39.07 -11.33
CA PRO G 19 6.24 38.50 -10.00
C PRO G 19 7.61 38.73 -9.37
N GLY G 20 7.61 38.67 -8.03
CA GLY G 20 8.82 38.91 -7.26
C GLY G 20 9.27 40.35 -7.21
N VAL G 21 8.49 41.28 -7.76
CA VAL G 21 8.86 42.69 -7.82
C VAL G 21 7.87 43.47 -6.96
N VAL G 22 8.40 44.32 -6.09
CA VAL G 22 7.59 45.19 -5.24
C VAL G 22 7.92 46.63 -5.61
N PHE G 23 6.89 47.38 -6.02
CA PHE G 23 7.05 48.79 -6.32
C PHE G 23 6.77 49.61 -5.06
N LEU G 24 7.74 50.43 -4.67
CA LEU G 24 7.61 51.31 -3.52
C LEU G 24 7.40 52.74 -4.02
N PHE G 25 6.44 53.43 -3.42
CA PHE G 25 6.13 54.81 -3.77
C PHE G 25 6.31 55.70 -2.56
N GLY G 26 6.95 56.85 -2.76
CA GLY G 26 7.19 57.75 -1.65
C GLY G 26 7.74 59.11 -2.05
N LYS G 27 8.49 59.72 -1.14
CA LYS G 27 8.98 61.09 -1.30
C LYS G 27 10.51 61.11 -1.20
N VAL G 28 11.13 61.92 -2.05
CA VAL G 28 12.56 62.20 -1.97
C VAL G 28 12.74 63.71 -1.81
N TRP G 29 13.95 64.10 -1.40
CA TRP G 29 14.31 65.49 -1.23
C TRP G 29 15.26 65.90 -2.35
N ILE G 30 14.87 66.89 -3.13
CA ILE G 30 15.70 67.43 -4.21
C ILE G 30 16.39 68.67 -3.69
N GLU G 31 17.72 68.63 -3.64
CA GLU G 31 18.48 69.76 -3.08
C GLU G 31 18.31 71.01 -3.92
N SER G 32 18.21 70.86 -5.24
CA SER G 32 18.12 72.02 -6.11
C SER G 32 16.73 72.66 -6.09
N ALA G 33 15.69 71.87 -5.86
CA ALA G 33 14.33 72.38 -5.85
C ALA G 33 13.84 72.78 -4.46
N GLU G 34 14.53 72.33 -3.40
CA GLU G 34 14.17 72.66 -2.03
C GLU G 34 12.73 72.24 -1.72
N THR G 35 12.38 71.02 -2.14
CA THR G 35 11.05 70.47 -1.90
C THR G 35 11.13 68.96 -2.00
N HIS G 36 10.01 68.31 -1.69
CA HIS G 36 9.87 66.88 -1.82
C HIS G 36 9.06 66.54 -3.07
N VAL G 37 9.53 65.54 -3.82
CA VAL G 37 8.85 65.09 -5.03
C VAL G 37 8.61 63.60 -4.93
N SER G 38 7.65 63.12 -5.71
CA SER G 38 7.30 61.71 -5.69
C SER G 38 8.40 60.88 -6.32
N CYS G 39 8.54 59.64 -5.84
CA CYS G 39 9.55 58.73 -6.33
C CYS G 39 9.00 57.30 -6.30
N CYS G 40 9.60 56.45 -7.15
CA CYS G 40 9.23 55.05 -7.23
C CYS G 40 10.50 54.22 -7.20
N VAL G 41 10.63 53.36 -6.19
CA VAL G 41 11.76 52.45 -6.06
C VAL G 41 11.28 51.06 -6.42
N MET G 42 11.93 50.43 -7.39
CA MET G 42 11.56 49.10 -7.86
C MET G 42 12.50 48.08 -7.22
N VAL G 43 11.95 47.24 -6.35
CA VAL G 43 12.71 46.19 -5.68
C VAL G 43 12.48 44.89 -6.43
N LYS G 44 13.56 44.29 -6.93
CA LYS G 44 13.48 43.08 -7.74
C LYS G 44 14.15 41.92 -7.01
N ASN G 45 13.90 40.72 -7.54
CA ASN G 45 14.54 39.49 -7.05
C ASN G 45 14.19 39.19 -5.59
N ILE G 46 12.89 39.21 -5.30
CA ILE G 46 12.39 38.81 -3.98
C ILE G 46 12.13 37.31 -4.06
N GLU G 47 13.14 36.53 -3.68
CA GLU G 47 13.06 35.08 -3.80
C GLU G 47 12.02 34.51 -2.85
N ARG G 48 11.38 33.44 -3.30
CA ARG G 48 10.44 32.72 -2.46
C ARG G 48 11.17 32.00 -1.34
N THR G 49 10.56 31.95 -0.17
CA THR G 49 11.14 31.28 0.99
C THR G 49 10.19 30.16 1.43
N LEU G 50 10.60 28.92 1.21
CA LEU G 50 9.84 27.75 1.59
C LEU G 50 10.54 27.02 2.72
N TYR G 51 9.78 26.23 3.47
CA TYR G 51 10.30 25.46 4.59
C TYR G 51 9.75 24.05 4.51
N PHE G 52 10.65 23.07 4.41
CA PHE G 52 10.28 21.66 4.34
C PHE G 52 10.51 21.02 5.70
N LEU G 53 9.45 20.45 6.27
CA LEU G 53 9.53 19.80 7.57
C LEU G 53 9.82 18.32 7.38
N PRO G 54 11.00 17.83 7.76
CA PRO G 54 11.30 16.41 7.54
C PRO G 54 10.45 15.51 8.42
N ARG G 55 10.26 14.28 7.93
CA ARG G 55 9.49 13.29 8.66
C ARG G 55 10.37 12.55 9.67
N GLU G 56 9.71 11.71 10.47
CA GLU G 56 10.46 10.79 11.33
C GLU G 56 10.94 9.56 10.57
N MET G 57 10.15 9.10 9.60
CA MET G 57 10.47 7.93 8.79
C MET G 57 10.23 8.27 7.32
N LYS G 58 10.74 7.43 6.42
CA LYS G 58 10.52 7.59 4.99
C LYS G 58 9.29 6.82 4.56
N ILE G 59 8.29 7.54 4.04
CA ILE G 59 7.01 6.97 3.67
C ILE G 59 6.90 6.98 2.15
N ASP G 60 6.54 5.84 1.56
CA ASP G 60 6.20 5.79 0.15
C ASP G 60 4.80 6.37 -0.03
N LEU G 61 4.68 7.38 -0.91
CA LEU G 61 3.42 8.09 -1.08
C LEU G 61 2.37 7.28 -1.81
N ASN G 62 2.72 6.13 -2.39
CA ASN G 62 1.75 5.30 -3.09
C ASN G 62 1.04 4.35 -2.14
N THR G 63 1.79 3.58 -1.35
CA THR G 63 1.20 2.62 -0.44
C THR G 63 0.56 3.26 0.78
N GLY G 64 0.96 4.48 1.13
CA GLY G 64 0.53 5.07 2.38
C GLY G 64 1.24 4.54 3.61
N LYS G 65 2.18 3.61 3.43
CA LYS G 65 3.01 3.11 4.50
C LYS G 65 4.46 3.48 4.22
N GLU G 66 5.28 3.37 5.25
CA GLU G 66 6.69 3.73 5.17
C GLU G 66 7.54 2.47 5.01
N THR G 67 8.54 2.57 4.13
CA THR G 67 9.56 1.54 4.11
C THR G 67 10.20 1.38 5.49
N GLY G 68 10.18 2.43 6.29
CA GLY G 68 11.14 2.59 7.35
C GLY G 68 12.54 2.86 6.81
N THR G 69 13.39 3.40 7.73
CA THR G 69 14.78 3.85 7.63
C THR G 69 14.87 5.23 8.27
N PRO G 70 16.07 5.70 8.62
CA PRO G 70 16.19 7.05 9.17
C PRO G 70 15.97 8.11 8.09
N ILE G 71 15.56 9.28 8.55
CA ILE G 71 15.34 10.44 7.68
C ILE G 71 16.30 11.54 8.11
N SER G 72 16.97 12.15 7.13
CA SER G 72 17.96 13.17 7.41
C SER G 72 17.75 14.35 6.48
N MET G 73 18.45 15.45 6.78
CA MET G 73 18.39 16.64 5.95
C MET G 73 18.84 16.35 4.52
N LYS G 74 19.94 15.61 4.36
CA LYS G 74 20.36 15.20 3.02
C LYS G 74 19.27 14.42 2.31
N ASP G 75 18.53 13.59 3.04
CA ASP G 75 17.40 12.88 2.44
C ASP G 75 16.32 13.85 1.95
N VAL G 76 16.11 14.94 2.68
CA VAL G 76 15.13 15.94 2.22
C VAL G 76 15.72 16.79 1.12
N TYR G 77 16.99 17.19 1.23
CA TYR G 77 17.63 17.92 0.15
C TYR G 77 17.77 17.06 -1.11
N GLU G 78 17.88 15.74 -0.94
CA GLU G 78 17.96 14.87 -2.11
C GLU G 78 16.61 14.74 -2.80
N GLU G 79 15.51 14.77 -2.05
CA GLU G 79 14.20 14.66 -2.67
C GLU G 79 13.84 15.93 -3.43
N PHE G 80 14.23 17.09 -2.91
CA PHE G 80 13.96 18.34 -3.62
C PHE G 80 14.79 18.46 -4.89
N ASP G 81 16.08 18.13 -4.80
CA ASP G 81 16.97 18.30 -5.95
C ASP G 81 16.62 17.35 -7.09
N GLU G 82 16.18 16.13 -6.77
CA GLU G 82 15.93 15.10 -7.77
C GLU G 82 14.48 15.05 -8.23
N LYS G 83 13.52 15.11 -7.31
CA LYS G 83 12.11 14.91 -7.63
C LYS G 83 11.30 16.19 -7.62
N ILE G 84 11.44 17.03 -6.61
CA ILE G 84 10.57 18.20 -6.47
C ILE G 84 10.95 19.27 -7.49
N ALA G 85 12.20 19.74 -7.43
CA ALA G 85 12.60 20.86 -8.29
C ALA G 85 12.59 20.48 -9.77
N THR G 86 12.77 19.19 -10.07
CA THR G 86 12.77 18.76 -11.46
C THR G 86 11.36 18.58 -12.02
N LYS G 87 10.39 18.28 -11.17
CA LYS G 87 9.01 18.13 -11.62
C LYS G 87 8.36 19.47 -11.88
N TYR G 88 8.53 20.42 -10.96
CA TYR G 88 7.93 21.75 -11.07
C TYR G 88 8.87 22.76 -11.71
N LYS G 89 9.99 22.31 -12.28
CA LYS G 89 10.90 23.14 -13.07
C LYS G 89 11.46 24.31 -12.24
N ILE G 90 12.22 23.94 -11.22
CA ILE G 90 13.02 24.90 -10.46
C ILE G 90 14.47 24.66 -10.87
N MET G 91 14.96 25.45 -11.82
CA MET G 91 16.27 25.21 -12.39
C MET G 91 17.41 25.62 -11.47
N LYS G 92 17.22 26.68 -10.68
CA LYS G 92 18.25 27.13 -9.75
C LYS G 92 17.59 27.47 -8.42
N PHE G 93 18.19 27.02 -7.32
CA PHE G 93 17.63 27.23 -6.00
C PHE G 93 18.76 27.22 -4.97
N LYS G 94 18.41 27.62 -3.75
CA LYS G 94 19.33 27.61 -2.62
C LYS G 94 18.76 26.75 -1.51
N SER G 95 19.66 26.18 -0.71
CA SER G 95 19.28 25.31 0.39
C SER G 95 20.09 25.64 1.63
N LYS G 96 19.44 25.60 2.79
CA LYS G 96 20.10 25.91 4.05
C LYS G 96 19.33 25.31 5.21
N PRO G 97 19.98 24.46 6.02
CA PRO G 97 19.30 23.88 7.20
C PRO G 97 19.19 24.91 8.31
N VAL G 98 17.96 25.23 8.71
CA VAL G 98 17.70 26.20 9.76
C VAL G 98 16.65 25.65 10.72
N GLU G 99 16.74 26.09 11.98
CA GLU G 99 15.77 25.71 12.99
C GLU G 99 14.72 26.82 13.10
N LYS G 100 13.45 26.42 13.08
CA LYS G 100 12.34 27.34 13.15
C LYS G 100 11.36 26.88 14.22
N ASN G 101 10.61 27.84 14.77
CA ASN G 101 9.62 27.57 15.79
C ASN G 101 8.21 27.71 15.19
N TYR G 102 7.24 27.07 15.86
CA TYR G 102 5.88 27.04 15.37
C TYR G 102 4.96 26.77 16.57
N ALA G 103 3.73 27.28 16.47
CA ALA G 103 2.75 27.09 17.53
C ALA G 103 1.34 27.42 17.06
N PHE G 104 0.96 26.94 15.87
CA PHE G 104 -0.33 27.34 15.30
C PHE G 104 -1.23 26.18 14.93
N GLU G 105 -1.87 26.27 13.76
CA GLU G 105 -3.13 25.56 13.54
C GLU G 105 -2.93 24.05 13.40
N ILE G 106 -2.13 23.62 12.42
CA ILE G 106 -2.11 22.22 12.01
C ILE G 106 -1.48 21.36 13.10
N PRO G 107 -1.82 20.08 13.20
CA PRO G 107 -1.40 19.26 14.35
C PRO G 107 -0.12 18.45 14.18
N ASP G 108 0.52 18.42 13.01
CA ASP G 108 1.67 17.55 12.78
C ASP G 108 2.99 18.15 13.24
N VAL G 109 3.08 19.48 13.29
CA VAL G 109 4.35 20.18 13.49
C VAL G 109 4.67 20.30 14.97
N PRO G 110 5.91 20.08 15.39
CA PRO G 110 6.29 20.25 16.80
C PRO G 110 6.47 21.73 17.15
N GLU G 111 6.72 21.97 18.44
CA GLU G 111 6.96 23.34 18.91
C GLU G 111 8.18 23.94 18.23
N LYS G 112 9.29 23.19 18.21
CA LYS G 112 10.51 23.62 17.55
C LYS G 112 11.06 22.45 16.75
N SER G 113 11.67 22.77 15.61
CA SER G 113 12.23 21.75 14.73
C SER G 113 13.21 22.43 13.77
N GLU G 114 13.99 21.61 13.09
CA GLU G 114 14.89 22.07 12.04
C GLU G 114 14.28 21.78 10.69
N TYR G 115 14.20 22.81 9.84
CA TYR G 115 13.55 22.72 8.54
C TYR G 115 14.57 22.92 7.43
N LEU G 116 14.12 22.69 6.20
CA LEU G 116 14.94 22.87 5.01
C LEU G 116 14.49 24.15 4.31
N GLU G 117 15.22 25.23 4.54
CA GLU G 117 14.91 26.51 3.90
C GLU G 117 15.35 26.47 2.44
N VAL G 118 14.43 26.79 1.54
CA VAL G 118 14.69 26.78 0.11
C VAL G 118 14.32 28.14 -0.45
N LYS G 119 15.26 28.80 -1.11
CA LYS G 119 15.04 30.10 -1.74
C LYS G 119 15.33 29.98 -3.23
N TYR G 120 14.29 30.18 -4.05
CA TYR G 120 14.45 30.16 -5.50
C TYR G 120 13.65 31.31 -6.10
N SER G 121 13.83 31.50 -7.41
CA SER G 121 13.23 32.64 -8.09
C SER G 121 11.71 32.58 -8.06
N ALA G 122 11.08 33.74 -7.89
CA ALA G 122 9.63 33.82 -7.88
C ALA G 122 9.05 33.69 -9.28
N GLU G 123 9.86 33.84 -10.33
CA GLU G 123 9.38 33.60 -11.68
C GLU G 123 9.05 32.13 -11.90
N MET G 124 9.76 31.23 -11.24
CA MET G 124 9.52 29.80 -11.35
C MET G 124 8.20 29.44 -10.69
N PRO G 125 7.58 28.34 -11.12
CA PRO G 125 6.26 27.97 -10.57
C PRO G 125 6.34 27.70 -9.08
N GLN G 126 5.22 27.96 -8.39
CA GLN G 126 5.15 27.74 -6.95
C GLN G 126 4.60 26.36 -6.65
N LEU G 127 5.10 25.79 -5.56
CA LEU G 127 4.69 24.45 -5.17
C LEU G 127 3.29 24.49 -4.55
N PRO G 128 2.52 23.41 -4.68
CA PRO G 128 1.19 23.38 -4.06
C PRO G 128 1.28 23.46 -2.54
N GLN G 129 0.22 23.99 -1.93
CA GLN G 129 0.25 24.25 -0.50
C GLN G 129 0.26 22.97 0.32
N ASP G 130 -0.40 21.91 -0.15
CA ASP G 130 -0.47 20.65 0.56
C ASP G 130 0.49 19.61 -0.02
N LEU G 131 1.64 20.05 -0.54
CA LEU G 131 2.60 19.12 -1.14
C LEU G 131 3.28 18.31 -0.04
N LYS G 132 2.99 17.01 -0.01
CA LYS G 132 3.66 16.08 0.88
C LYS G 132 4.64 15.23 0.07
N GLY G 133 5.62 14.66 0.77
CA GLY G 133 6.64 13.87 0.10
C GLY G 133 7.06 12.64 0.87
N GLU G 134 8.12 11.98 0.38
CA GLU G 134 8.62 10.78 1.03
C GLU G 134 9.54 11.10 2.20
N THR G 135 10.20 12.26 2.18
CA THR G 135 11.08 12.66 3.27
C THR G 135 10.55 13.82 4.09
N PHE G 136 9.58 14.58 3.58
CA PHE G 136 8.99 15.70 4.31
C PHE G 136 7.49 15.50 4.44
N SER G 137 6.94 15.93 5.57
CA SER G 137 5.52 15.77 5.86
C SER G 137 4.68 16.96 5.41
N HIS G 138 5.21 18.18 5.56
CA HIS G 138 4.47 19.38 5.17
C HIS G 138 5.48 20.44 4.77
N VAL G 139 5.01 21.41 3.97
CA VAL G 139 5.83 22.49 3.46
C VAL G 139 5.13 23.81 3.72
N PHE G 140 5.91 24.82 4.13
CA PHE G 140 5.39 26.13 4.47
C PHE G 140 5.82 27.17 3.45
N GLY G 141 5.11 28.29 3.44
CA GLY G 141 5.49 29.42 2.60
C GLY G 141 5.41 29.16 1.12
N THR G 142 4.51 28.30 0.69
CA THR G 142 4.34 28.03 -0.74
C THR G 142 3.58 29.14 -1.46
N ASN G 143 3.02 30.11 -0.73
CA ASN G 143 2.28 31.19 -1.36
C ASN G 143 2.46 32.52 -0.65
N THR G 144 3.54 32.69 0.11
CA THR G 144 3.81 33.95 0.79
C THR G 144 4.13 35.02 -0.25
N SER G 145 3.43 36.16 -0.16
CA SER G 145 3.60 37.22 -1.15
C SER G 145 4.96 37.87 -1.02
N SER G 146 5.45 38.42 -2.14
CA SER G 146 6.74 39.12 -2.13
C SER G 146 6.69 40.36 -1.26
N LEU G 147 5.52 41.00 -1.17
CA LEU G 147 5.40 42.20 -0.33
C LEU G 147 5.53 41.84 1.14
N GLU G 148 4.83 40.79 1.58
CA GLU G 148 4.97 40.34 2.96
C GLU G 148 6.39 39.88 3.24
N LEU G 149 7.01 39.19 2.28
CA LEU G 149 8.40 38.75 2.47
C LEU G 149 9.33 39.94 2.61
N PHE G 150 9.14 40.98 1.81
CA PHE G 150 10.03 42.13 1.86
C PHE G 150 9.78 42.98 3.10
N LEU G 151 8.52 43.09 3.52
CA LEU G 151 8.22 43.92 4.69
C LEU G 151 8.68 43.26 5.99
N MET G 152 8.55 41.94 6.09
CA MET G 152 8.95 41.26 7.31
C MET G 152 10.46 41.08 7.40
N ASN G 153 11.10 40.67 6.31
CA ASN G 153 12.53 40.40 6.34
C ASN G 153 13.34 41.67 6.57
N ARG G 154 12.87 42.81 6.08
CA ARG G 154 13.58 44.07 6.23
C ARG G 154 13.10 44.87 7.44
N LYS G 155 12.19 44.33 8.24
CA LYS G 155 11.69 44.98 9.45
C LYS G 155 11.10 46.35 9.15
N ILE G 156 10.33 46.44 8.07
CA ILE G 156 9.73 47.68 7.62
C ILE G 156 8.33 47.76 8.22
N LYS G 157 8.18 48.54 9.29
CA LYS G 157 6.91 48.70 9.99
C LYS G 157 6.36 50.09 9.70
N GLY G 158 5.31 50.15 8.88
CA GLY G 158 4.67 51.40 8.54
C GLY G 158 5.54 52.27 7.65
N PRO G 159 5.01 53.43 7.27
CA PRO G 159 5.82 54.38 6.49
C PRO G 159 7.02 54.86 7.29
N CYS G 160 8.18 54.82 6.65
CA CYS G 160 9.43 55.23 7.29
C CYS G 160 10.45 55.55 6.21
N TRP G 161 11.56 56.12 6.64
CA TRP G 161 12.65 56.39 5.71
C TRP G 161 13.38 55.10 5.37
N LEU G 162 13.82 55.00 4.11
CA LEU G 162 14.54 53.83 3.62
C LEU G 162 15.78 54.31 2.87
N GLU G 163 16.87 53.55 3.02
CA GLU G 163 18.06 53.75 2.19
C GLU G 163 18.19 52.59 1.22
N VAL G 164 18.64 52.89 0.01
CA VAL G 164 18.81 51.90 -1.04
C VAL G 164 20.26 51.98 -1.50
N LYS G 165 21.08 51.03 -1.05
CA LYS G 165 22.49 51.04 -1.38
C LYS G 165 22.70 50.68 -2.85
N SER G 166 23.49 51.49 -3.54
CA SER G 166 23.80 51.35 -4.96
C SER G 166 22.54 51.18 -5.79
N PRO G 167 21.71 52.22 -5.92
CA PRO G 167 20.54 52.12 -6.79
C PRO G 167 20.93 52.25 -8.25
N GLN G 168 20.27 51.46 -9.10
CA GLN G 168 20.52 51.49 -10.54
C GLN G 168 19.40 52.24 -11.24
N LEU G 169 19.76 52.89 -12.35
CA LEU G 169 18.80 53.64 -13.14
C LEU G 169 17.92 52.69 -13.95
N LEU G 170 16.75 53.20 -14.34
CA LEU G 170 15.80 52.45 -15.14
C LEU G 170 15.95 52.82 -16.61
N ASN G 171 16.02 51.80 -17.47
CA ASN G 171 16.20 52.05 -18.89
C ASN G 171 15.03 52.83 -19.48
N GLN G 172 13.80 52.44 -19.12
CA GLN G 172 12.60 53.15 -19.52
C GLN G 172 11.78 53.53 -18.31
N PRO G 173 11.25 54.75 -18.26
CA PRO G 173 10.44 55.16 -17.10
C PRO G 173 9.24 54.25 -16.91
N VAL G 174 9.04 53.81 -15.67
CA VAL G 174 7.99 52.84 -15.35
C VAL G 174 6.88 53.43 -14.50
N SER G 175 7.03 54.65 -13.98
CA SER G 175 6.02 55.28 -13.15
C SER G 175 5.79 56.71 -13.60
N TRP G 176 4.75 57.33 -13.03
CA TRP G 176 4.45 58.74 -13.27
C TRP G 176 5.11 59.65 -12.25
N CYS G 177 6.20 59.21 -11.62
CA CYS G 177 6.86 59.97 -10.57
C CYS G 177 8.06 60.72 -11.12
N LYS G 178 8.54 61.70 -10.33
CA LYS G 178 9.64 62.54 -10.77
C LYS G 178 10.97 61.78 -10.76
N VAL G 179 11.19 60.98 -9.72
CA VAL G 179 12.44 60.22 -9.57
C VAL G 179 12.10 58.73 -9.55
N GLU G 180 12.96 57.93 -10.18
CA GLU G 180 12.79 56.48 -10.18
C GLU G 180 14.14 55.82 -9.94
N ALA G 181 14.12 54.71 -9.21
CA ALA G 181 15.34 53.96 -8.92
C ALA G 181 14.99 52.49 -8.75
N MET G 182 16.02 51.65 -8.78
CA MET G 182 15.84 50.21 -8.69
C MET G 182 16.81 49.63 -7.67
N ALA G 183 16.36 48.56 -7.01
CA ALA G 183 17.20 47.77 -6.11
C ALA G 183 17.26 46.35 -6.63
N LEU G 184 18.45 45.85 -6.91
CA LEU G 184 18.60 44.52 -7.49
C LEU G 184 18.19 43.44 -6.51
N LYS G 185 18.49 43.62 -5.23
CA LYS G 185 18.15 42.66 -4.20
C LYS G 185 17.51 43.37 -3.01
N PRO G 186 16.57 42.72 -2.33
CA PRO G 186 15.94 43.35 -1.15
C PRO G 186 16.91 43.60 -0.01
N ASP G 187 18.12 43.03 -0.05
CA ASP G 187 19.10 43.25 1.01
C ASP G 187 19.65 44.66 0.99
N LEU G 188 19.48 45.39 -0.11
CA LEU G 188 20.01 46.74 -0.24
C LEU G 188 19.11 47.80 0.37
N VAL G 189 17.92 47.43 0.83
CA VAL G 189 16.96 48.37 1.39
C VAL G 189 16.98 48.25 2.90
N ASN G 190 17.52 49.27 3.57
CA ASN G 190 17.60 49.31 5.02
C ASN G 190 16.71 50.42 5.56
N VAL G 191 16.26 50.26 6.80
CA VAL G 191 15.40 51.23 7.46
C VAL G 191 16.27 52.15 8.32
N ILE G 192 16.06 53.45 8.18
CA ILE G 192 16.72 54.45 9.01
C ILE G 192 15.65 55.23 9.77
N LYS G 193 15.98 55.67 10.97
CA LYS G 193 15.02 56.31 11.85
C LYS G 193 15.70 57.43 12.65
N ASP G 194 16.23 58.42 11.95
CA ASP G 194 16.80 59.59 12.62
C ASP G 194 16.48 60.89 11.88
N VAL G 195 15.40 60.92 11.11
CA VAL G 195 14.97 62.12 10.40
C VAL G 195 13.45 62.19 10.38
N SER G 196 12.92 63.42 10.39
CA SER G 196 11.48 63.64 10.45
C SER G 196 10.80 63.10 9.19
N PRO G 197 9.51 62.74 9.30
CA PRO G 197 8.75 62.42 8.11
C PRO G 197 8.48 63.67 7.28
N PRO G 198 8.36 63.52 5.97
CA PRO G 198 8.17 64.70 5.11
C PRO G 198 6.69 65.03 4.96
N PRO G 199 6.38 66.24 4.51
CA PRO G 199 4.97 66.58 4.25
C PRO G 199 4.48 65.93 2.97
N LEU G 200 3.21 65.56 2.98
CA LEU G 200 2.58 64.89 1.84
C LEU G 200 1.75 65.87 1.02
N VAL G 201 1.50 65.49 -0.22
CA VAL G 201 0.63 66.25 -1.12
C VAL G 201 -0.76 65.63 -1.05
N VAL G 202 -1.73 66.40 -0.60
CA VAL G 202 -3.09 65.92 -0.36
C VAL G 202 -4.03 66.57 -1.35
N MET G 203 -4.93 65.76 -1.94
CA MET G 203 -5.97 66.24 -2.83
C MET G 203 -7.29 65.64 -2.40
N ALA G 204 -8.28 66.50 -2.20
CA ALA G 204 -9.64 66.08 -1.86
C ALA G 204 -10.57 66.54 -2.98
N PHE G 205 -11.26 65.60 -3.60
CA PHE G 205 -12.06 65.87 -4.79
C PHE G 205 -13.51 65.48 -4.57
N SER G 206 -14.37 66.00 -5.44
CA SER G 206 -15.79 65.67 -5.44
C SER G 206 -16.31 65.83 -6.87
N MET G 207 -17.31 65.02 -7.22
CA MET G 207 -17.86 65.03 -8.57
C MET G 207 -19.38 64.91 -8.51
N LYS G 208 -20.03 65.53 -9.49
CA LYS G 208 -21.47 65.43 -9.68
C LYS G 208 -21.76 64.73 -10.99
N THR G 209 -22.73 63.81 -10.97
CA THR G 209 -23.04 62.99 -12.12
C THR G 209 -24.47 63.24 -12.60
N MET G 210 -24.73 62.81 -13.82
CA MET G 210 -26.04 62.89 -14.45
C MET G 210 -26.56 61.49 -14.69
N GLN G 211 -27.88 61.33 -14.60
CA GLN G 211 -28.54 60.05 -14.83
C GLN G 211 -29.66 60.24 -15.85
N ASN G 212 -29.63 59.44 -16.91
CA ASN G 212 -30.70 59.42 -17.90
C ASN G 212 -31.70 58.35 -17.51
N ALA G 213 -32.96 58.75 -17.31
CA ALA G 213 -33.99 57.78 -16.94
C ALA G 213 -34.11 56.68 -17.98
N LYS G 214 -34.19 57.05 -19.25
CA LYS G 214 -34.14 56.08 -20.33
C LYS G 214 -32.69 55.68 -20.57
N ASN G 215 -32.44 54.37 -20.68
CA ASN G 215 -31.10 53.82 -20.79
C ASN G 215 -30.21 54.35 -19.66
N HIS G 216 -30.58 53.93 -18.44
CA HIS G 216 -29.99 54.45 -17.22
C HIS G 216 -28.48 54.26 -17.19
N GLN G 217 -27.75 55.37 -17.31
CA GLN G 217 -26.30 55.39 -17.27
C GLN G 217 -25.85 56.67 -16.58
N ASN G 218 -24.67 56.61 -15.96
CA ASN G 218 -24.10 57.76 -15.28
C ASN G 218 -23.14 58.50 -16.21
N GLU G 219 -23.06 59.81 -16.02
CA GLU G 219 -22.18 60.66 -16.82
C GLU G 219 -21.66 61.79 -15.94
N ILE G 220 -20.36 62.05 -16.00
CA ILE G 220 -19.72 63.04 -15.14
C ILE G 220 -19.87 64.42 -15.77
N ILE G 221 -20.49 65.34 -15.03
CA ILE G 221 -20.71 66.70 -15.52
C ILE G 221 -19.78 67.72 -14.88
N ALA G 222 -19.21 67.43 -13.71
CA ALA G 222 -18.35 68.39 -13.04
C ALA G 222 -17.46 67.67 -12.04
N MET G 223 -16.27 68.24 -11.83
CA MET G 223 -15.34 67.77 -10.82
C MET G 223 -14.64 68.98 -10.20
N ALA G 224 -14.46 68.93 -8.88
CA ALA G 224 -13.72 69.95 -8.14
C ALA G 224 -12.77 69.26 -7.18
N ALA G 225 -11.64 69.91 -6.92
CA ALA G 225 -10.63 69.33 -6.04
C ALA G 225 -9.83 70.44 -5.37
N LEU G 226 -9.46 70.21 -4.11
CA LEU G 226 -8.59 71.09 -3.35
C LEU G 226 -7.27 70.37 -3.09
N VAL G 227 -6.18 71.14 -3.07
CA VAL G 227 -4.84 70.58 -2.99
C VAL G 227 -4.03 71.34 -1.95
N HIS G 228 -3.25 70.61 -1.15
CA HIS G 228 -2.24 71.18 -0.27
C HIS G 228 -0.96 70.38 -0.44
N HIS G 229 0.16 71.09 -0.66
CA HIS G 229 1.42 70.44 -1.01
C HIS G 229 2.27 70.09 0.20
N SER G 230 2.21 70.88 1.27
CA SER G 230 2.99 70.64 2.48
C SER G 230 2.03 70.32 3.62
N PHE G 231 1.43 69.14 3.56
CA PHE G 231 0.42 68.70 4.53
C PHE G 231 1.09 67.73 5.49
N ALA G 232 1.47 68.22 6.67
CA ALA G 232 2.22 67.41 7.61
C ALA G 232 1.34 66.36 8.27
N LEU G 233 1.97 65.27 8.70
CA LEU G 233 1.30 64.23 9.46
C LEU G 233 1.70 64.19 10.93
N ASP G 234 2.84 64.77 11.29
CA ASP G 234 3.31 64.82 12.67
C ASP G 234 2.92 66.12 13.37
N LYS G 235 1.99 66.88 12.79
CA LYS G 235 1.53 68.13 13.38
C LYS G 235 0.03 68.28 13.11
N ALA G 236 -0.54 69.35 13.64
CA ALA G 236 -1.95 69.62 13.40
C ALA G 236 -2.18 69.98 11.94
N ALA G 237 -3.43 69.84 11.51
CA ALA G 237 -3.78 70.07 10.12
C ALA G 237 -3.54 71.54 9.75
N PRO G 238 -3.11 71.81 8.53
CA PRO G 238 -2.84 73.20 8.13
C PRO G 238 -4.09 74.05 8.11
N LYS G 239 -3.90 75.33 8.43
CA LYS G 239 -4.99 76.30 8.41
C LYS G 239 -4.57 77.48 7.53
N PRO G 240 -5.12 77.58 6.31
CA PRO G 240 -6.15 76.72 5.69
C PRO G 240 -5.64 75.34 5.31
N PRO G 241 -6.54 74.38 5.12
CA PRO G 241 -6.12 73.02 4.76
C PRO G 241 -5.82 72.81 3.29
N PHE G 242 -5.93 73.85 2.46
CA PHE G 242 -5.66 73.71 1.03
C PHE G 242 -5.08 75.01 0.50
N GLN G 243 -4.14 74.89 -0.43
CA GLN G 243 -3.45 76.04 -1.02
C GLN G 243 -3.95 76.38 -2.41
N SER G 244 -4.45 75.41 -3.16
CA SER G 244 -4.92 75.64 -4.52
C SER G 244 -6.15 74.77 -4.77
N HIS G 245 -6.82 75.04 -5.89
CA HIS G 245 -8.05 74.33 -6.24
C HIS G 245 -8.28 74.47 -7.73
N PHE G 246 -9.16 73.61 -8.25
CA PHE G 246 -9.57 73.68 -9.64
C PHE G 246 -10.91 72.99 -9.81
N CYS G 247 -11.72 73.52 -10.72
CA CYS G 247 -13.04 72.98 -11.02
C CYS G 247 -13.18 72.83 -12.52
N VAL G 248 -13.68 71.67 -12.97
CA VAL G 248 -13.93 71.41 -14.37
C VAL G 248 -15.41 71.11 -14.53
N VAL G 249 -16.00 71.62 -15.62
CA VAL G 249 -17.42 71.46 -15.89
C VAL G 249 -17.62 71.09 -17.35
N SER G 250 -18.55 70.18 -17.61
CA SER G 250 -18.88 69.75 -18.96
C SER G 250 -20.40 69.70 -19.08
N LYS G 251 -20.89 69.21 -20.22
CA LYS G 251 -22.31 69.11 -20.47
C LYS G 251 -22.65 67.71 -20.96
N PRO G 252 -23.80 67.17 -20.56
CA PRO G 252 -24.22 65.86 -21.09
C PRO G 252 -24.64 65.98 -22.55
N LYS G 253 -24.77 64.82 -23.19
CA LYS G 253 -25.03 64.77 -24.63
C LYS G 253 -26.37 65.37 -25.00
N ASP G 254 -27.33 65.43 -24.07
CA ASP G 254 -28.64 66.01 -24.32
C ASP G 254 -28.79 67.39 -23.69
N CYS G 255 -27.71 68.16 -23.62
CA CYS G 255 -27.76 69.49 -23.04
C CYS G 255 -26.80 70.41 -23.78
N ILE G 256 -26.99 71.71 -23.56
CA ILE G 256 -26.10 72.74 -24.08
C ILE G 256 -25.74 73.67 -22.93
N PHE G 257 -24.53 74.22 -22.99
CA PHE G 257 -24.15 75.22 -22.00
C PHE G 257 -25.05 76.44 -22.12
N PRO G 258 -25.48 77.02 -21.00
CA PRO G 258 -26.37 78.18 -21.05
C PRO G 258 -25.71 79.35 -21.76
N TYR G 259 -26.55 80.30 -22.17
CA TYR G 259 -26.07 81.42 -22.98
C TYR G 259 -25.04 82.24 -22.22
N ALA G 260 -23.92 82.53 -22.90
CA ALA G 260 -22.84 83.34 -22.35
C ALA G 260 -22.30 82.75 -21.06
N PHE G 261 -22.00 81.45 -21.09
CA PHE G 261 -21.49 80.78 -19.90
C PHE G 261 -20.07 81.25 -19.58
N LYS G 262 -19.16 81.19 -20.56
CA LYS G 262 -17.78 81.59 -20.31
C LYS G 262 -17.66 83.06 -19.97
N GLU G 263 -18.53 83.90 -20.55
CA GLU G 263 -18.49 85.33 -20.23
C GLU G 263 -18.89 85.59 -18.78
N VAL G 264 -19.90 84.87 -18.29
CA VAL G 264 -20.30 85.01 -16.89
C VAL G 264 -19.16 84.59 -15.97
N ILE G 265 -18.43 83.54 -16.36
CA ILE G 265 -17.26 83.12 -15.59
C ILE G 265 -16.20 84.22 -15.57
N GLU G 266 -16.05 84.95 -16.66
CA GLU G 266 -15.12 86.09 -16.68
C GLU G 266 -15.60 87.19 -15.74
N LYS G 267 -16.89 87.53 -15.78
CA LYS G 267 -17.42 88.55 -14.88
C LYS G 267 -17.34 88.11 -13.43
N LYS G 268 -17.49 86.81 -13.16
CA LYS G 268 -17.40 86.31 -11.79
C LYS G 268 -15.95 86.15 -11.34
N ASN G 269 -15.02 85.94 -12.28
CA ASN G 269 -13.62 85.66 -11.96
C ASN G 269 -13.49 84.45 -11.03
N VAL G 270 -14.34 83.45 -11.27
CA VAL G 270 -14.38 82.28 -10.39
C VAL G 270 -13.32 81.25 -10.78
N LYS G 271 -12.73 81.37 -11.98
CA LYS G 271 -11.73 80.43 -12.47
C LYS G 271 -12.28 79.02 -12.54
N VAL G 272 -13.02 78.71 -13.60
CA VAL G 272 -13.64 77.41 -13.81
C VAL G 272 -13.27 76.92 -15.20
N GLU G 273 -12.88 75.65 -15.31
CA GLU G 273 -12.50 75.04 -16.57
C GLU G 273 -13.74 74.49 -17.25
N VAL G 274 -14.12 75.07 -18.39
CA VAL G 274 -15.28 74.62 -19.16
C VAL G 274 -14.81 73.64 -20.23
N ALA G 275 -15.33 72.42 -20.17
CA ALA G 275 -14.95 71.36 -21.09
C ALA G 275 -16.08 71.10 -22.06
N ALA G 276 -15.75 70.99 -23.35
CA ALA G 276 -16.75 70.75 -24.37
C ALA G 276 -17.43 69.39 -24.16
N THR G 277 -16.66 68.31 -24.28
CA THR G 277 -17.16 66.96 -24.11
C THR G 277 -16.83 66.46 -22.71
N GLU G 278 -17.30 65.25 -22.40
CA GLU G 278 -16.95 64.62 -21.14
C GLU G 278 -15.54 64.04 -21.17
N ARG G 279 -15.09 63.60 -22.36
CA ARG G 279 -13.74 63.05 -22.48
C ARG G 279 -12.70 64.11 -22.13
N THR G 280 -12.86 65.33 -22.65
CA THR G 280 -11.93 66.40 -22.34
C THR G 280 -11.90 66.71 -20.85
N LEU G 281 -13.03 66.53 -20.16
CA LEU G 281 -13.07 66.70 -18.72
C LEU G 281 -12.21 65.64 -18.03
N LEU G 282 -12.42 64.38 -18.39
CA LEU G 282 -11.64 63.30 -17.79
C LEU G 282 -10.16 63.46 -18.09
N GLY G 283 -9.82 63.85 -19.31
CA GLY G 283 -8.43 64.13 -19.63
C GLY G 283 -7.88 65.31 -18.85
N PHE G 284 -8.74 66.27 -18.52
CA PHE G 284 -8.30 67.42 -17.73
C PHE G 284 -8.03 67.01 -16.29
N PHE G 285 -8.83 66.09 -15.75
CA PHE G 285 -8.65 65.67 -14.36
C PHE G 285 -7.40 64.80 -14.22
N LEU G 286 -7.26 63.79 -15.09
CA LEU G 286 -6.07 62.95 -15.04
C LEU G 286 -4.81 63.76 -15.27
N ALA G 287 -4.88 64.82 -16.08
CA ALA G 287 -3.71 65.66 -16.31
C ALA G 287 -3.30 66.38 -15.02
N LYS G 288 -4.29 66.92 -14.29
CA LYS G 288 -3.97 67.60 -13.04
C LYS G 288 -3.40 66.64 -12.01
N VAL G 289 -4.01 65.45 -11.89
CA VAL G 289 -3.51 64.45 -10.94
C VAL G 289 -2.07 64.08 -11.27
N HIS G 290 -1.71 64.08 -12.56
CA HIS G 290 -0.33 63.76 -12.94
C HIS G 290 0.62 64.87 -12.54
N LYS G 291 0.21 66.13 -12.71
CA LYS G 291 1.08 67.25 -12.37
C LYS G 291 1.10 67.53 -10.88
N ILE G 292 -0.05 67.40 -10.21
CA ILE G 292 -0.10 67.58 -8.77
C ILE G 292 0.62 66.42 -8.08
N ASP G 293 0.44 65.21 -8.59
CA ASP G 293 1.03 64.00 -8.03
C ASP G 293 0.78 63.86 -6.53
N PRO G 294 -0.49 63.75 -6.12
CA PRO G 294 -0.79 63.68 -4.69
C PRO G 294 -0.56 62.29 -4.11
N ASP G 295 -0.11 62.27 -2.85
CA ASP G 295 0.08 61.00 -2.16
C ASP G 295 -1.22 60.43 -1.62
N ILE G 296 -2.17 61.29 -1.27
CA ILE G 296 -3.42 60.88 -0.66
C ILE G 296 -4.56 61.57 -1.40
N ILE G 297 -5.44 60.79 -2.02
CA ILE G 297 -6.65 61.30 -2.64
C ILE G 297 -7.80 61.08 -1.67
N VAL G 298 -8.51 62.16 -1.34
CA VAL G 298 -9.56 62.13 -0.33
C VAL G 298 -10.90 62.41 -1.00
N GLY G 299 -11.95 61.77 -0.46
CA GLY G 299 -13.28 61.95 -1.00
C GLY G 299 -14.30 61.23 -0.14
N HIS G 300 -15.52 61.16 -0.65
CA HIS G 300 -16.60 60.44 0.00
C HIS G 300 -17.15 59.39 -0.95
N ASN G 301 -17.42 58.19 -0.41
CA ASN G 301 -18.08 57.13 -1.16
C ASN G 301 -17.29 56.74 -2.40
N ILE G 302 -15.97 56.60 -2.24
CA ILE G 302 -15.10 56.32 -3.38
C ILE G 302 -15.40 54.95 -3.97
N TYR G 303 -15.30 53.91 -3.15
CA TYR G 303 -15.32 52.55 -3.69
C TYR G 303 -16.74 52.13 -4.07
N GLY G 304 -17.73 52.53 -3.28
CA GLY G 304 -19.10 52.14 -3.59
C GLY G 304 -19.64 52.75 -4.86
N PHE G 305 -19.13 53.92 -5.24
CA PHE G 305 -19.70 54.64 -6.38
C PHE G 305 -18.66 55.40 -7.18
N GLU G 306 -18.00 56.38 -6.55
CA GLU G 306 -17.27 57.40 -7.29
C GLU G 306 -16.13 56.81 -8.13
N LEU G 307 -15.33 55.93 -7.52
CA LEU G 307 -14.20 55.37 -8.24
C LEU G 307 -14.65 54.47 -9.38
N GLU G 308 -15.68 53.66 -9.15
CA GLU G 308 -16.21 52.80 -10.20
C GLU G 308 -16.75 53.64 -11.35
N VAL G 309 -17.39 54.77 -11.04
CA VAL G 309 -17.88 55.67 -12.09
C VAL G 309 -16.71 56.33 -12.79
N LEU G 310 -15.74 56.85 -12.02
CA LEU G 310 -14.63 57.57 -12.62
C LEU G 310 -13.83 56.68 -13.59
N LEU G 311 -13.77 55.38 -13.31
CA LEU G 311 -13.01 54.48 -14.17
C LEU G 311 -13.85 53.98 -15.34
N GLN G 312 -15.16 53.82 -15.14
CA GLN G 312 -16.00 53.26 -16.20
C GLN G 312 -16.21 54.25 -17.33
N ARG G 313 -16.27 55.54 -17.02
CA ARG G 313 -16.42 56.56 -18.06
C ARG G 313 -15.17 56.66 -18.90
N ILE G 314 -13.99 56.67 -18.26
CA ILE G 314 -12.72 56.70 -18.97
C ILE G 314 -12.64 55.58 -20.00
N ASN G 315 -13.25 54.42 -19.71
CA ASN G 315 -13.38 53.37 -20.72
C ASN G 315 -14.33 53.81 -21.84
N VAL G 316 -15.49 54.35 -21.48
CA VAL G 316 -16.49 54.71 -22.48
C VAL G 316 -16.02 55.90 -23.31
N CYS G 317 -15.47 56.91 -22.65
CA CYS G 317 -15.00 58.10 -23.35
C CYS G 317 -13.62 57.92 -23.98
N LYS G 318 -12.88 56.89 -23.58
CA LYS G 318 -11.50 56.67 -24.03
C LYS G 318 -10.62 57.87 -23.67
N ALA G 319 -10.60 58.17 -22.37
CA ALA G 319 -9.84 59.30 -21.89
C ALA G 319 -8.33 59.02 -22.01
N PRO G 320 -7.53 60.02 -22.38
CA PRO G 320 -6.09 59.78 -22.60
C PRO G 320 -5.36 59.55 -21.29
N HIS G 321 -4.53 58.51 -21.26
CA HIS G 321 -3.70 58.17 -20.12
C HIS G 321 -4.52 57.98 -18.85
N TRP G 322 -5.19 56.83 -18.74
CA TRP G 322 -5.98 56.54 -17.55
C TRP G 322 -5.11 56.31 -16.34
N SER G 323 -3.90 55.76 -16.53
CA SER G 323 -3.04 55.37 -15.43
C SER G 323 -2.54 56.55 -14.61
N LYS G 324 -2.78 57.79 -15.06
CA LYS G 324 -2.41 58.95 -14.27
C LYS G 324 -3.12 58.98 -12.92
N ILE G 325 -4.27 58.29 -12.81
CA ILE G 325 -4.97 58.22 -11.53
C ILE G 325 -4.13 57.51 -10.48
N GLY G 326 -3.13 56.76 -10.90
CA GLY G 326 -2.20 56.14 -9.98
C GLY G 326 -0.77 56.57 -10.24
N ARG G 327 0.19 55.98 -9.53
CA ARG G 327 1.59 56.33 -9.69
C ARG G 327 2.30 55.39 -10.66
N LEU G 328 1.83 54.17 -10.81
CA LEU G 328 2.44 53.18 -11.69
C LEU G 328 1.67 53.13 -13.00
N LYS G 329 2.37 53.32 -14.11
CA LYS G 329 1.72 53.38 -15.42
C LYS G 329 1.43 51.99 -15.94
N ARG G 330 0.21 51.82 -16.46
CA ARG G 330 -0.24 50.55 -17.01
C ARG G 330 -1.03 50.83 -18.28
N SER G 331 -1.10 49.81 -19.15
CA SER G 331 -1.76 49.97 -20.43
C SER G 331 -3.28 49.86 -20.30
N ASN G 332 -3.77 48.80 -19.68
CA ASN G 332 -5.20 48.53 -19.56
C ASN G 332 -5.60 48.41 -18.10
N MET G 333 -6.78 48.98 -17.76
CA MET G 333 -7.29 48.96 -16.40
C MET G 333 -8.09 47.68 -16.14
N PRO G 334 -8.06 47.18 -14.91
CA PRO G 334 -8.79 45.94 -14.59
C PRO G 334 -10.28 46.18 -14.55
N LYS G 335 -11.01 45.07 -14.40
CA LYS G 335 -12.47 45.11 -14.31
C LYS G 335 -12.91 45.20 -12.85
N LEU G 336 -14.03 45.89 -12.65
CA LEU G 336 -14.58 46.10 -11.31
C LEU G 336 -15.51 44.93 -10.96
N GLY G 337 -14.88 43.78 -10.70
CA GLY G 337 -15.65 42.60 -10.33
C GLY G 337 -16.03 42.55 -8.87
N GLY G 338 -15.19 43.11 -8.00
CA GLY G 338 -15.48 43.12 -6.57
C GLY G 338 -14.58 42.20 -5.78
N GLY G 341 -14.30 46.56 -4.28
CA GLY G 341 -13.75 46.34 -5.60
C GLY G 341 -12.27 46.01 -5.58
N PHE G 342 -11.94 44.73 -5.68
CA PHE G 342 -10.54 44.30 -5.68
C PHE G 342 -9.78 44.87 -6.88
N GLY G 343 -10.44 44.95 -8.04
CA GLY G 343 -9.81 45.55 -9.20
C GLY G 343 -9.67 47.05 -9.08
N GLU G 344 -10.52 47.70 -8.28
CA GLU G 344 -10.45 49.14 -8.10
C GLU G 344 -9.37 49.56 -7.12
N ARG G 345 -8.97 48.68 -6.19
CA ARG G 345 -7.92 49.02 -5.26
C ARG G 345 -6.58 49.18 -5.97
N ASN G 346 -6.33 48.37 -6.99
CA ASN G 346 -5.09 48.44 -7.76
C ASN G 346 -5.10 49.57 -8.79
N ALA G 347 -6.25 50.19 -9.03
CA ALA G 347 -6.33 51.25 -10.04
C ALA G 347 -5.50 52.45 -9.63
N THR G 348 -5.67 52.91 -8.39
CA THR G 348 -4.93 54.07 -7.88
C THR G 348 -3.67 53.65 -7.14
N CYS G 349 -2.91 52.74 -7.75
CA CYS G 349 -1.70 52.23 -7.12
C CYS G 349 -0.67 53.33 -6.95
N GLY G 350 -0.14 53.46 -5.74
CA GLY G 350 0.80 54.50 -5.40
C GLY G 350 0.19 55.69 -4.70
N ARG G 351 -1.11 55.91 -4.86
CA ARG G 351 -1.83 56.99 -4.19
C ARG G 351 -2.77 56.40 -3.16
N MET G 352 -2.71 56.91 -1.94
CA MET G 352 -3.59 56.45 -0.88
C MET G 352 -4.98 57.04 -1.06
N ILE G 353 -6.00 56.19 -0.87
CA ILE G 353 -7.40 56.59 -1.00
C ILE G 353 -7.99 56.68 0.39
N CYS G 354 -8.60 57.83 0.70
CA CYS G 354 -9.25 58.06 1.98
C CYS G 354 -10.73 58.35 1.74
N ASP G 355 -11.59 57.49 2.26
CA ASP G 355 -13.04 57.69 2.22
C ASP G 355 -13.47 58.14 3.61
N VAL G 356 -13.84 59.41 3.74
CA VAL G 356 -14.23 59.95 5.05
C VAL G 356 -15.44 59.23 5.59
N GLU G 357 -16.32 58.73 4.71
CA GLU G 357 -17.46 57.94 5.17
C GLU G 357 -17.01 56.62 5.79
N ILE G 358 -15.86 56.08 5.33
CA ILE G 358 -15.32 54.88 5.95
C ILE G 358 -14.51 55.24 7.19
N SER G 359 -13.81 56.38 7.18
CA SER G 359 -13.04 56.79 8.35
C SER G 359 -13.94 57.27 9.48
N ALA G 360 -15.08 57.89 9.16
CA ALA G 360 -15.97 58.36 10.20
C ALA G 360 -16.68 57.20 10.90
N LYS G 361 -16.99 56.15 10.14
CA LYS G 361 -17.65 54.98 10.72
C LYS G 361 -16.78 54.33 11.80
N GLU G 362 -15.47 54.50 11.72
CA GLU G 362 -14.56 53.88 12.67
C GLU G 362 -14.26 54.76 13.88
N LEU G 363 -14.39 56.09 13.73
CA LEU G 363 -13.96 57.00 14.78
C LEU G 363 -15.11 57.60 15.59
N ILE G 364 -16.32 57.68 15.01
CA ILE G 364 -17.47 58.27 15.70
C ILE G 364 -18.70 57.44 15.42
N ARG G 365 -19.73 57.65 16.25
CA ARG G 365 -21.02 57.01 16.10
C ARG G 365 -22.04 58.05 15.68
N CYS G 366 -22.71 57.83 14.54
CA CYS G 366 -23.68 58.77 14.01
C CYS G 366 -24.94 58.00 13.60
N LYS G 367 -25.93 58.74 13.10
CA LYS G 367 -27.15 58.12 12.61
C LYS G 367 -26.96 57.57 11.20
N SER G 368 -26.42 58.38 10.30
CA SER G 368 -26.06 57.95 8.96
C SER G 368 -24.68 58.50 8.64
N TYR G 369 -23.84 57.67 8.04
CA TYR G 369 -22.46 58.05 7.74
C TYR G 369 -22.29 58.65 6.36
N HIS G 370 -23.38 58.91 5.65
CA HIS G 370 -23.29 59.61 4.37
C HIS G 370 -22.78 61.03 4.60
N LEU G 371 -22.32 61.65 3.51
CA LEU G 371 -21.65 62.95 3.62
C LEU G 371 -22.59 64.01 4.17
N SER G 372 -23.87 63.95 3.80
CA SER G 372 -24.82 64.97 4.25
C SER G 372 -24.90 65.02 5.76
N GLU G 373 -25.01 63.85 6.41
CA GLU G 373 -25.13 63.83 7.86
C GLU G 373 -23.77 64.08 8.53
N LEU G 374 -22.67 63.68 7.88
CA LEU G 374 -21.36 63.87 8.48
C LEU G 374 -21.04 65.35 8.62
N VAL G 375 -21.41 66.16 7.62
CA VAL G 375 -21.24 67.61 7.75
C VAL G 375 -22.17 68.16 8.83
N GLN G 376 -23.33 67.53 9.03
CA GLN G 376 -24.29 68.03 9.99
C GLN G 376 -23.79 67.88 11.42
N GLN G 377 -23.10 66.78 11.72
CA GLN G 377 -22.64 66.48 13.07
C GLN G 377 -21.21 66.94 13.34
N ILE G 378 -20.29 66.75 12.39
CA ILE G 378 -18.90 67.11 12.61
C ILE G 378 -18.67 68.60 12.41
N LEU G 379 -19.26 69.18 11.35
CA LEU G 379 -19.03 70.57 11.00
C LEU G 379 -20.20 71.49 11.36
N LYS G 380 -21.31 70.93 11.84
CA LYS G 380 -22.48 71.71 12.26
C LYS G 380 -22.96 72.64 11.14
N THR G 381 -23.29 72.03 10.00
CA THR G 381 -23.70 72.78 8.82
C THR G 381 -24.61 71.92 7.96
N GLU G 382 -25.66 72.53 7.42
CA GLU G 382 -26.55 71.85 6.49
C GLU G 382 -25.92 71.80 5.11
N ARG G 383 -25.83 70.60 4.55
CA ARG G 383 -25.24 70.40 3.24
C ARG G 383 -26.35 70.37 2.19
N VAL G 384 -26.32 71.32 1.27
CA VAL G 384 -27.31 71.40 0.20
C VAL G 384 -26.96 70.37 -0.86
N VAL G 385 -27.91 69.46 -1.14
CA VAL G 385 -27.74 68.43 -2.16
C VAL G 385 -28.75 68.69 -3.27
N ILE G 386 -28.26 68.67 -4.51
CA ILE G 386 -29.10 68.94 -5.68
C ILE G 386 -29.74 67.63 -6.12
N PRO G 387 -31.07 67.54 -6.18
CA PRO G 387 -31.70 66.31 -6.65
C PRO G 387 -31.34 66.01 -8.11
N MET G 388 -31.44 64.73 -8.47
CA MET G 388 -31.07 64.31 -9.81
C MET G 388 -31.99 64.88 -10.86
N GLU G 389 -33.28 65.08 -10.53
CA GLU G 389 -34.22 65.60 -11.51
C GLU G 389 -33.99 67.07 -11.85
N ASN G 390 -33.25 67.80 -11.01
CA ASN G 390 -33.03 69.22 -11.21
C ASN G 390 -31.72 69.55 -11.91
N ILE G 391 -30.82 68.57 -12.07
CA ILE G 391 -29.51 68.86 -12.63
C ILE G 391 -29.63 69.27 -14.09
N GLN G 392 -30.44 68.53 -14.87
CA GLN G 392 -30.58 68.85 -16.29
C GLN G 392 -31.26 70.20 -16.49
N ASN G 393 -32.32 70.48 -15.71
CA ASN G 393 -32.98 71.78 -15.80
C ASN G 393 -32.06 72.91 -15.35
N MET G 394 -31.01 72.61 -14.59
CA MET G 394 -30.10 73.63 -14.09
C MET G 394 -29.16 74.17 -15.16
N TYR G 395 -29.16 73.57 -16.35
CA TYR G 395 -28.36 74.08 -17.46
C TYR G 395 -29.05 75.19 -18.23
N SER G 396 -30.26 75.59 -17.82
CA SER G 396 -31.00 76.61 -18.57
C SER G 396 -30.36 77.99 -18.39
N GLU G 397 -29.96 78.32 -17.17
CA GLU G 397 -29.37 79.61 -16.87
C GLU G 397 -27.92 79.44 -16.43
N SER G 398 -27.10 80.45 -16.74
CA SER G 398 -25.70 80.39 -16.35
C SER G 398 -25.53 80.52 -14.84
N SER G 399 -26.39 81.33 -14.20
CA SER G 399 -26.35 81.42 -12.74
C SER G 399 -26.75 80.11 -12.09
N GLN G 400 -27.61 79.33 -12.74
CA GLN G 400 -28.00 78.04 -12.19
C GLN G 400 -26.86 77.03 -12.30
N LEU G 401 -26.28 76.89 -13.49
CA LEU G 401 -25.19 75.93 -13.67
C LEU G 401 -23.99 76.28 -12.81
N LEU G 402 -23.64 77.57 -12.76
CA LEU G 402 -22.54 78.00 -11.88
C LEU G 402 -22.87 77.72 -10.42
N TYR G 403 -24.15 77.80 -10.05
CA TYR G 403 -24.57 77.46 -8.70
C TYR G 403 -24.35 75.97 -8.41
N LEU G 404 -24.48 75.13 -9.45
CA LEU G 404 -24.21 73.71 -9.28
C LEU G 404 -22.73 73.45 -9.00
N LEU G 405 -21.84 74.31 -9.52
CA LEU G 405 -20.41 74.12 -9.33
C LEU G 405 -19.97 74.52 -7.94
N GLU G 406 -20.58 75.57 -7.37
CA GLU G 406 -20.20 76.01 -6.03
C GLU G 406 -20.48 74.94 -4.99
N HIS G 407 -21.55 74.16 -5.18
CA HIS G 407 -21.87 73.12 -4.21
C HIS G 407 -20.94 71.92 -4.35
N THR G 408 -20.60 71.54 -5.59
CA THR G 408 -19.63 70.46 -5.78
C THR G 408 -18.24 70.87 -5.30
N TRP G 409 -17.95 72.18 -5.31
CA TRP G 409 -16.70 72.66 -4.73
C TRP G 409 -16.74 72.57 -3.21
N LYS G 410 -17.83 73.06 -2.60
CA LYS G 410 -17.96 72.99 -1.15
C LYS G 410 -18.03 71.54 -0.67
N ASP G 411 -18.48 70.62 -1.53
CA ASP G 411 -18.46 69.20 -1.17
C ASP G 411 -17.04 68.74 -0.96
N ALA G 412 -16.12 69.12 -1.85
CA ALA G 412 -14.72 68.77 -1.66
C ALA G 412 -14.15 69.44 -0.42
N LYS G 413 -14.54 70.70 -0.18
CA LYS G 413 -14.08 71.39 1.03
C LYS G 413 -14.63 70.71 2.29
N PHE G 414 -15.87 70.21 2.22
CA PHE G 414 -16.44 69.50 3.35
C PHE G 414 -15.68 68.20 3.61
N ILE G 415 -15.23 67.53 2.55
CA ILE G 415 -14.43 66.32 2.72
C ILE G 415 -13.13 66.65 3.43
N LEU G 416 -12.43 67.68 2.97
CA LEU G 416 -11.15 68.04 3.57
C LEU G 416 -11.32 68.47 5.02
N GLN G 417 -12.40 69.18 5.32
CA GLN G 417 -12.61 69.65 6.69
C GLN G 417 -13.01 68.51 7.62
N ILE G 418 -13.78 67.54 7.12
CA ILE G 418 -14.11 66.38 7.95
C ILE G 418 -12.87 65.52 8.19
N MET G 419 -12.01 65.40 7.19
CA MET G 419 -10.78 64.62 7.36
C MET G 419 -9.83 65.30 8.33
N CYS G 420 -9.75 66.64 8.28
CA CYS G 420 -8.84 67.34 9.18
C CYS G 420 -9.37 67.35 10.62
N GLU G 421 -10.67 67.53 10.79
CA GLU G 421 -11.26 67.56 12.13
C GLU G 421 -11.12 66.22 12.82
N LEU G 422 -11.28 65.12 12.07
CA LEU G 422 -11.17 63.79 12.63
C LEU G 422 -9.73 63.31 12.78
N ASN G 423 -8.76 64.07 12.27
CA ASN G 423 -7.34 63.70 12.34
C ASN G 423 -7.11 62.32 11.73
N VAL G 424 -7.81 62.04 10.62
CA VAL G 424 -7.73 60.72 10.00
C VAL G 424 -6.30 60.42 9.57
N LEU G 425 -5.67 61.37 8.87
CA LEU G 425 -4.32 61.12 8.36
C LEU G 425 -3.29 60.96 9.48
N PRO G 426 -3.22 61.84 10.49
CA PRO G 426 -2.24 61.61 11.56
C PRO G 426 -2.51 60.32 12.33
N LEU G 427 -3.78 59.99 12.55
CA LEU G 427 -4.10 58.78 13.31
C LEU G 427 -3.78 57.53 12.50
N ALA G 428 -3.97 57.59 11.18
CA ALA G 428 -3.70 56.42 10.36
C ALA G 428 -2.21 56.11 10.30
N LEU G 429 -1.37 57.14 10.21
CA LEU G 429 0.07 56.92 10.19
C LEU G 429 0.53 56.27 11.49
N GLN G 430 0.01 56.74 12.62
CA GLN G 430 0.37 56.14 13.90
C GLN G 430 -0.07 54.68 13.95
N ILE G 431 -1.32 54.41 13.59
CA ILE G 431 -1.82 53.04 13.61
C ILE G 431 -0.99 52.14 12.69
N THR G 432 -0.59 52.67 11.53
CA THR G 432 0.19 51.86 10.60
C THR G 432 1.60 51.59 11.14
N ASN G 433 2.20 52.57 11.82
CA ASN G 433 3.53 52.37 12.37
C ASN G 433 3.51 51.41 13.56
N ILE G 434 2.39 51.32 14.27
CA ILE G 434 2.30 50.40 15.40
C ILE G 434 2.14 48.97 14.90
N ALA G 435 1.27 48.76 13.92
CA ALA G 435 1.05 47.42 13.40
C ALA G 435 2.14 47.02 12.40
N GLY G 436 2.43 47.87 11.42
CA GLY G 436 3.44 47.60 10.45
C GLY G 436 2.94 47.16 9.08
N ASN G 437 1.72 47.53 8.72
CA ASN G 437 1.12 47.15 7.44
C ASN G 437 1.30 48.29 6.43
N ILE G 438 0.45 48.32 5.42
CA ILE G 438 0.44 49.38 4.43
C ILE G 438 -0.53 50.46 4.89
N MET G 439 -0.11 51.73 4.77
CA MET G 439 -0.96 52.83 5.24
C MET G 439 -2.22 52.95 4.38
N SER G 440 -2.12 52.64 3.09
CA SER G 440 -3.31 52.71 2.23
C SER G 440 -4.35 51.68 2.65
N ARG G 441 -3.92 50.55 3.20
CA ARG G 441 -4.86 49.54 3.66
C ARG G 441 -5.46 49.91 5.01
N THR G 442 -4.75 50.70 5.82
CA THR G 442 -5.29 51.11 7.11
C THR G 442 -6.50 52.01 6.93
N LEU G 443 -6.48 52.88 5.93
CA LEU G 443 -7.57 53.83 5.74
C LEU G 443 -8.83 53.12 5.23
N MET G 444 -8.67 52.10 4.39
CA MET G 444 -9.82 51.45 3.78
C MET G 444 -10.15 50.10 4.37
N GLY G 445 -9.21 49.44 5.04
CA GLY G 445 -9.41 48.10 5.53
C GLY G 445 -9.92 48.04 6.96
N GLY G 446 -10.28 46.83 7.37
CA GLY G 446 -10.79 46.60 8.71
C GLY G 446 -9.68 46.46 9.73
N ARG G 447 -10.07 46.02 10.93
CA ARG G 447 -9.14 45.91 12.04
C ARG G 447 -8.34 44.61 12.02
N SER G 448 -8.79 43.60 11.27
CA SER G 448 -8.11 42.31 11.28
C SER G 448 -6.77 42.37 10.58
N GLU G 449 -6.72 43.00 9.41
CA GLU G 449 -5.48 43.02 8.63
C GLU G 449 -4.36 43.75 9.36
N ARG G 450 -4.71 44.72 10.22
CA ARG G 450 -3.68 45.46 10.95
C ARG G 450 -3.04 44.58 12.01
N ASN G 451 -3.85 43.91 12.83
CA ASN G 451 -3.31 42.99 13.82
C ASN G 451 -2.66 41.77 13.20
N GLU G 452 -3.05 41.39 11.98
CA GLU G 452 -2.36 40.33 11.26
C GLU G 452 -0.90 40.70 11.03
N PHE G 453 -0.65 41.90 10.49
CA PHE G 453 0.72 42.36 10.28
C PHE G 453 1.46 42.57 11.60
N LEU G 454 0.75 42.95 12.66
CA LEU G 454 1.40 43.13 13.95
C LEU G 454 1.95 41.82 14.47
N LEU G 455 1.17 40.74 14.38
CA LEU G 455 1.64 39.42 14.80
C LEU G 455 2.61 38.82 13.79
N LEU G 456 2.42 39.10 12.49
CA LEU G 456 3.36 38.61 11.49
C LEU G 456 4.77 39.10 11.77
N HIS G 457 4.91 40.38 12.16
CA HIS G 457 6.22 40.88 12.56
C HIS G 457 6.68 40.19 13.84
N ALA G 458 5.84 40.18 14.88
CA ALA G 458 6.25 39.67 16.18
C ALA G 458 6.75 38.23 16.09
N PHE G 459 6.11 37.41 15.27
CA PHE G 459 6.54 36.02 15.15
C PHE G 459 7.75 35.87 14.24
N TYR G 460 7.90 36.76 13.25
CA TYR G 460 9.12 36.74 12.45
C TYR G 460 10.30 37.23 13.29
N GLU G 461 10.07 38.18 14.19
CA GLU G 461 11.15 38.67 15.05
C GLU G 461 11.68 37.56 15.96
N ASN G 462 10.78 36.71 16.47
CA ASN G 462 11.16 35.64 17.36
C ASN G 462 11.30 34.29 16.64
N ASN G 463 11.53 34.33 15.33
CA ASN G 463 11.89 33.14 14.54
C ASN G 463 10.79 32.08 14.58
N TYR G 464 9.60 32.47 14.14
CA TYR G 464 8.46 31.57 14.02
C TYR G 464 8.02 31.48 12.57
N ILE G 465 7.53 30.31 12.18
CA ILE G 465 6.98 30.11 10.84
C ILE G 465 5.48 30.42 10.93
N VAL G 466 5.10 31.59 10.42
CA VAL G 466 3.71 32.06 10.47
C VAL G 466 2.85 31.20 9.55
N PRO G 467 1.55 31.05 9.82
CA PRO G 467 0.71 30.26 8.94
C PRO G 467 0.47 30.96 7.61
N ASP G 468 0.22 30.15 6.58
CA ASP G 468 -0.03 30.69 5.25
C ASP G 468 -1.41 31.36 5.19
N LYS G 469 -1.53 32.32 4.28
CA LYS G 469 -2.79 33.03 4.10
C LYS G 469 -3.82 32.15 3.42
N GLN G 470 -5.05 32.19 3.92
CA GLN G 470 -6.12 31.35 3.39
C GLN G 470 -6.50 31.79 1.97
N ILE G 471 -7.02 30.85 1.20
CA ILE G 471 -7.43 31.12 -0.17
C ILE G 471 -8.92 30.86 -0.33
N ALA G 501 -20.56 31.01 18.85
CA ALA G 501 -19.42 30.14 18.57
C ALA G 501 -18.74 29.69 19.87
N TYR G 502 -18.22 30.64 20.62
CA TYR G 502 -17.58 30.36 21.90
C TYR G 502 -18.20 31.22 22.99
N ALA G 503 -17.94 30.84 24.24
CA ALA G 503 -18.53 31.52 25.38
C ALA G 503 -17.95 32.92 25.52
N GLY G 504 -18.83 33.92 25.58
CA GLY G 504 -18.40 35.31 25.71
C GLY G 504 -18.16 35.74 27.13
N GLY G 505 -18.72 36.89 27.52
CA GLY G 505 -18.53 37.42 28.84
C GLY G 505 -19.70 37.14 29.77
N LEU G 506 -19.60 37.67 30.99
CA LEU G 506 -20.61 37.50 32.01
C LEU G 506 -21.29 38.84 32.28
N VAL G 507 -22.60 38.80 32.49
CA VAL G 507 -23.38 39.98 32.83
C VAL G 507 -24.27 39.65 34.02
N LEU G 508 -24.09 40.37 35.12
CA LEU G 508 -24.86 40.11 36.33
C LEU G 508 -26.29 40.60 36.15
N ASP G 509 -27.21 39.97 36.89
CA ASP G 509 -28.61 40.36 36.80
C ASP G 509 -28.84 41.65 37.58
N PRO G 510 -29.51 42.64 37.00
CA PRO G 510 -29.67 43.92 37.68
C PRO G 510 -30.85 43.93 38.65
N LYS G 511 -30.72 44.75 39.68
CA LYS G 511 -31.80 45.00 40.62
C LYS G 511 -32.65 46.13 40.03
N VAL G 512 -33.73 45.76 39.36
CA VAL G 512 -34.56 46.75 38.65
C VAL G 512 -35.20 47.69 39.66
N GLY G 513 -35.02 48.99 39.43
CA GLY G 513 -35.59 49.98 40.31
C GLY G 513 -34.84 51.28 40.22
N PHE G 514 -35.35 52.27 40.95
CA PHE G 514 -34.75 53.59 41.02
C PHE G 514 -33.95 53.73 42.31
N TYR G 515 -32.84 54.47 42.24
CA TYR G 515 -31.94 54.66 43.37
C TYR G 515 -31.76 56.14 43.64
N ASP G 516 -32.01 56.55 44.88
CA ASP G 516 -31.88 57.96 45.27
C ASP G 516 -30.58 58.27 45.97
N LYS G 517 -29.85 57.26 46.44
CA LYS G 517 -28.58 57.46 47.12
C LYS G 517 -27.43 57.33 46.12
N PHE G 518 -26.20 57.53 46.60
CA PHE G 518 -25.03 57.49 45.73
C PHE G 518 -24.77 56.06 45.27
N ILE G 519 -24.52 55.91 43.96
CA ILE G 519 -24.20 54.62 43.35
C ILE G 519 -22.73 54.64 42.92
N LEU G 520 -21.97 53.66 43.39
CA LEU G 520 -20.55 53.56 43.09
C LEU G 520 -20.33 52.58 41.94
N LEU G 521 -19.46 52.96 41.00
CA LEU G 521 -19.19 52.18 39.81
C LEU G 521 -17.70 51.87 39.73
N LEU G 522 -17.38 50.58 39.61
CA LEU G 522 -16.01 50.11 39.47
C LEU G 522 -15.86 49.32 38.20
N ASP G 523 -14.69 49.44 37.55
CA ASP G 523 -14.41 48.70 36.33
C ASP G 523 -12.91 48.42 36.28
N PHE G 524 -12.54 47.50 35.39
CA PHE G 524 -11.16 47.05 35.24
C PHE G 524 -10.50 47.76 34.06
N ASN G 525 -9.26 48.20 34.27
CA ASN G 525 -8.50 48.89 33.24
C ASN G 525 -8.04 47.87 32.19
N SER G 526 -8.68 47.88 31.02
CA SER G 526 -8.38 46.94 29.95
C SER G 526 -8.43 45.50 30.46
N LEU G 527 -9.64 44.99 30.64
CA LEU G 527 -9.80 43.65 31.23
C LEU G 527 -9.14 42.58 30.37
N TYR G 528 -9.61 42.43 29.13
CA TYR G 528 -9.07 41.36 28.27
C TYR G 528 -7.59 41.53 27.96
N PRO G 529 -7.05 42.71 27.64
CA PRO G 529 -5.60 42.81 27.44
C PRO G 529 -4.79 42.46 28.68
N SER G 530 -5.27 42.87 29.86
CA SER G 530 -4.53 42.56 31.09
C SER G 530 -4.63 41.10 31.46
N ILE G 531 -5.72 40.43 31.07
CA ILE G 531 -5.84 38.99 31.32
C ILE G 531 -4.81 38.22 30.51
N ILE G 532 -4.55 38.66 29.27
CA ILE G 532 -3.55 38.02 28.43
C ILE G 532 -2.17 38.13 29.06
N GLN G 533 -1.85 39.30 29.63
CA GLN G 533 -0.52 39.51 30.18
C GLN G 533 -0.32 38.75 31.47
N GLU G 534 -1.27 38.89 32.41
CA GLU G 534 -1.10 38.28 33.73
C GLU G 534 -1.13 36.76 33.65
N PHE G 535 -2.02 36.20 32.86
CA PHE G 535 -2.18 34.76 32.77
C PHE G 535 -1.33 34.12 31.67
N ASN G 536 -0.61 34.92 30.89
CA ASN G 536 0.35 34.43 29.89
C ASN G 536 -0.35 33.55 28.85
N ILE G 537 -1.43 34.08 28.27
CA ILE G 537 -2.20 33.37 27.26
C ILE G 537 -1.63 33.71 25.90
N CYS G 538 -1.17 32.69 25.17
CA CYS G 538 -0.54 32.90 23.87
C CYS G 538 -0.57 31.59 23.10
N PHE G 539 -0.26 31.70 21.80
CA PHE G 539 -0.14 30.51 20.96
C PHE G 539 1.02 29.64 21.42
N THR G 540 2.07 30.25 21.96
CA THR G 540 3.28 29.53 22.31
C THR G 540 3.24 28.91 23.70
N THR G 541 2.32 29.35 24.56
CA THR G 541 2.24 28.87 25.93
C THR G 541 1.09 27.92 26.20
N VAL G 542 0.07 27.92 25.35
CA VAL G 542 -1.13 27.10 25.55
C VAL G 542 -1.09 25.94 24.56
N GLN G 543 -1.02 24.73 25.08
CA GLN G 543 -1.14 23.53 24.24
C GLN G 543 -2.61 23.24 24.01
N ARG G 544 -3.00 23.12 22.73
CA ARG G 544 -4.40 22.95 22.38
C ARG G 544 -4.61 21.69 21.56
N GLN G 558 -18.35 17.37 23.77
CA GLN G 558 -18.37 18.70 24.35
C GLN G 558 -17.27 19.58 23.76
N GLU G 559 -17.26 20.85 24.16
CA GLU G 559 -16.27 21.82 23.68
C GLU G 559 -15.13 21.92 24.69
N GLN G 560 -13.90 21.75 24.22
CA GLN G 560 -12.73 21.73 25.08
C GLN G 560 -12.20 23.15 25.24
N ILE G 561 -12.28 23.68 26.46
CA ILE G 561 -11.71 24.98 26.80
C ILE G 561 -10.33 24.75 27.39
N PRO G 562 -9.28 25.36 26.84
CA PRO G 562 -7.93 25.08 27.34
C PRO G 562 -7.74 25.58 28.77
N GLU G 563 -6.71 25.05 29.41
CA GLU G 563 -6.32 25.47 30.74
C GLU G 563 -5.12 26.40 30.66
N LEU G 564 -5.08 27.37 31.56
CA LEU G 564 -3.99 28.35 31.55
C LEU G 564 -2.66 27.66 31.79
N PRO G 565 -1.59 28.14 31.17
CA PRO G 565 -0.31 27.40 31.20
C PRO G 565 0.33 27.44 32.57
N ASP G 566 1.43 26.69 32.69
CA ASP G 566 2.15 26.62 33.95
C ASP G 566 2.78 27.97 34.27
N PRO G 567 2.72 28.41 35.54
CA PRO G 567 3.30 29.71 35.89
C PRO G 567 4.81 29.78 35.78
N SER G 568 5.49 28.65 35.59
CA SER G 568 6.93 28.62 35.47
C SER G 568 7.42 28.76 34.03
N LEU G 569 6.52 29.03 33.09
CA LEU G 569 6.85 29.18 31.69
C LEU G 569 7.04 30.65 31.35
N GLU G 570 7.99 30.93 30.47
CA GLU G 570 8.30 32.31 30.12
C GLU G 570 7.14 32.95 29.37
N MET G 571 7.11 34.29 29.39
CA MET G 571 6.04 35.04 28.73
C MET G 571 6.08 34.81 27.22
N GLY G 572 4.91 34.54 26.65
CA GLY G 572 4.81 34.23 25.25
C GLY G 572 4.96 35.47 24.38
N ILE G 573 4.75 35.26 23.08
CA ILE G 573 4.89 36.34 22.11
C ILE G 573 3.67 37.26 22.16
N LEU G 574 2.47 36.70 22.22
CA LEU G 574 1.26 37.50 22.27
C LEU G 574 1.20 38.44 23.47
N PRO G 575 1.48 38.00 24.72
CA PRO G 575 1.42 38.95 25.84
C PRO G 575 2.65 39.83 25.94
N ARG G 576 3.80 39.44 25.39
CA ARG G 576 4.96 40.32 25.39
C ARG G 576 4.73 41.51 24.46
N GLU G 577 3.90 41.35 23.43
CA GLU G 577 3.57 42.47 22.55
C GLU G 577 2.57 43.42 23.19
N ILE G 578 1.64 42.91 24.00
CA ILE G 578 0.72 43.79 24.71
C ILE G 578 1.44 44.57 25.79
N ARG G 579 2.39 43.92 26.49
CA ARG G 579 3.19 44.63 27.48
C ARG G 579 3.97 45.78 26.85
N LYS G 580 4.43 45.61 25.61
CA LYS G 580 5.16 46.68 24.93
C LYS G 580 4.23 47.84 24.59
N LEU G 581 3.00 47.55 24.17
CA LEU G 581 2.05 48.62 23.86
C LEU G 581 1.69 49.41 25.11
N VAL G 582 1.47 48.72 26.23
CA VAL G 582 1.16 49.41 27.48
C VAL G 582 2.36 50.21 27.96
N GLU G 583 3.57 49.67 27.78
CA GLU G 583 4.78 50.38 28.19
C GLU G 583 4.97 51.65 27.38
N ARG G 584 4.92 51.53 26.04
CA ARG G 584 5.11 52.70 25.19
C ARG G 584 4.02 53.74 25.42
N ARG G 585 2.79 53.29 25.72
CA ARG G 585 1.72 54.24 26.02
C ARG G 585 1.98 54.97 27.33
N LYS G 586 2.55 54.27 28.32
CA LYS G 586 2.92 54.93 29.57
C LYS G 586 3.98 55.99 29.33
N GLN G 587 4.90 55.74 28.40
CA GLN G 587 5.92 56.73 28.07
C GLN G 587 5.31 57.97 27.42
N VAL G 588 4.35 57.77 26.52
CA VAL G 588 3.73 58.91 25.84
C VAL G 588 2.90 59.72 26.82
N LYS G 589 2.23 59.06 27.76
CA LYS G 589 1.50 59.78 28.79
C LYS G 589 2.44 60.62 29.66
N GLN G 590 3.63 60.08 29.94
CA GLN G 590 4.61 60.82 30.72
C GLN G 590 5.20 61.99 29.94
N LEU G 591 5.39 61.82 28.63
CA LEU G 591 5.94 62.88 27.81
C LEU G 591 5.02 64.09 27.76
N MET G 592 3.71 63.87 27.64
CA MET G 592 2.76 64.98 27.56
C MET G 592 2.41 65.53 28.94
N LYS G 593 3.12 65.11 29.98
CA LYS G 593 3.01 65.73 31.29
C LYS G 593 3.93 66.92 31.46
N GLN G 594 4.83 67.15 30.50
CA GLN G 594 5.74 68.29 30.57
C GLN G 594 4.98 69.60 30.44
N GLN G 595 5.60 70.67 30.94
CA GLN G 595 5.02 72.01 30.90
C GLN G 595 5.80 72.89 29.93
N ASP G 596 5.13 73.92 29.44
CA ASP G 596 5.67 74.83 28.43
C ASP G 596 6.15 74.03 27.21
N LEU G 597 5.34 73.07 26.79
CA LEU G 597 5.66 72.19 25.68
C LEU G 597 5.04 72.72 24.39
N ASN G 598 5.65 72.33 23.27
CA ASN G 598 5.15 72.70 21.96
C ASN G 598 3.69 72.28 21.81
N PRO G 599 2.78 73.19 21.47
CA PRO G 599 1.36 72.81 21.32
C PRO G 599 1.12 71.71 20.30
N ASP G 600 1.91 71.67 19.22
CA ASP G 600 1.73 70.62 18.22
C ASP G 600 2.06 69.24 18.78
N LEU G 601 3.02 69.16 19.69
CA LEU G 601 3.39 67.86 20.28
C LEU G 601 2.29 67.34 21.19
N ILE G 602 1.56 68.23 21.86
CA ILE G 602 0.51 67.80 22.77
C ILE G 602 -0.55 67.00 22.02
N LEU G 603 -1.02 67.53 20.89
CA LEU G 603 -1.98 66.79 20.07
C LEU G 603 -1.36 65.52 19.52
N GLN G 604 -0.08 65.57 19.15
CA GLN G 604 0.55 64.42 18.50
C GLN G 604 0.76 63.27 19.48
N TYR G 605 1.02 63.57 20.76
CA TYR G 605 1.09 62.51 21.75
C TYR G 605 -0.27 61.90 22.02
N ASP G 606 -1.30 62.74 22.14
CA ASP G 606 -2.65 62.26 22.37
C ASP G 606 -3.11 61.32 21.26
N ILE G 607 -2.69 61.59 20.02
CA ILE G 607 -3.04 60.70 18.92
C ILE G 607 -2.29 59.37 19.03
N ARG G 608 -1.01 59.43 19.42
CA ARG G 608 -0.21 58.22 19.50
C ARG G 608 -0.68 57.31 20.64
N GLN G 609 -0.96 57.89 21.81
CA GLN G 609 -1.44 57.08 22.93
C GLN G 609 -2.80 56.50 22.63
N LYS G 610 -3.63 57.21 21.87
CA LYS G 610 -4.91 56.65 21.45
C LYS G 610 -4.72 55.49 20.50
N ALA G 611 -3.75 55.61 19.59
CA ALA G 611 -3.48 54.52 18.65
C ALA G 611 -2.91 53.30 19.37
N LEU G 612 -2.17 53.51 20.45
CA LEU G 612 -1.69 52.39 21.24
C LEU G 612 -2.81 51.73 22.02
N LYS G 613 -3.79 52.52 22.46
CA LYS G 613 -4.95 51.95 23.15
C LYS G 613 -5.82 51.15 22.18
N LEU G 614 -5.90 51.60 20.92
CA LEU G 614 -6.72 50.89 19.94
C LEU G 614 -6.12 49.54 19.60
N THR G 615 -4.83 49.50 19.26
CA THR G 615 -4.22 48.25 18.83
C THR G 615 -4.19 47.22 19.95
N ALA G 616 -4.08 47.67 21.21
CA ALA G 616 -4.07 46.73 22.33
C ALA G 616 -5.46 46.20 22.61
N ASN G 617 -6.49 47.04 22.47
CA ASN G 617 -7.87 46.63 22.71
C ASN G 617 -8.53 46.02 21.48
N SER G 618 -7.73 45.61 20.49
CA SER G 618 -8.27 44.94 19.32
C SER G 618 -7.67 43.55 19.08
N MET G 619 -6.66 43.15 19.84
CA MET G 619 -6.06 41.83 19.66
C MET G 619 -6.99 40.71 20.10
N TYR G 620 -7.95 40.99 20.98
CA TYR G 620 -8.91 39.97 21.37
C TYR G 620 -9.85 39.62 20.23
N GLY G 621 -10.25 40.62 19.44
CA GLY G 621 -11.18 40.37 18.35
C GLY G 621 -10.60 39.49 17.26
N CYS G 622 -9.32 39.69 16.93
CA CYS G 622 -8.69 38.90 15.89
C CYS G 622 -8.47 37.46 16.33
N LEU G 623 -8.52 37.18 17.62
CA LEU G 623 -8.46 35.80 18.10
C LEU G 623 -9.79 35.09 17.87
N GLY G 624 -10.90 35.74 18.22
CA GLY G 624 -12.22 35.20 17.98
C GLY G 624 -12.74 35.36 16.57
N PHE G 625 -11.93 35.89 15.67
CA PHE G 625 -12.32 36.07 14.27
C PHE G 625 -12.01 34.80 13.50
N SER G 626 -13.04 34.17 12.95
CA SER G 626 -12.86 32.87 12.29
C SER G 626 -11.98 32.98 11.06
N TYR G 627 -12.08 34.09 10.32
CA TYR G 627 -11.36 34.25 9.07
C TYR G 627 -10.01 34.94 9.24
N SER G 628 -9.55 35.12 10.47
CA SER G 628 -8.26 35.75 10.71
C SER G 628 -7.13 34.76 10.43
N ARG G 629 -5.97 35.31 10.10
CA ARG G 629 -4.81 34.47 9.82
C ARG G 629 -4.30 33.77 11.07
N PHE G 630 -4.41 34.43 12.22
CA PHE G 630 -3.99 33.83 13.48
C PHE G 630 -5.21 33.45 14.30
N TYR G 631 -6.04 32.56 13.76
CA TYR G 631 -7.24 32.12 14.47
C TYR G 631 -6.86 31.42 15.77
N ALA G 632 -7.60 31.73 16.83
CA ALA G 632 -7.37 31.15 18.14
C ALA G 632 -8.69 31.10 18.90
N LYS G 633 -9.67 30.39 18.34
CA LYS G 633 -10.96 30.24 19.00
C LYS G 633 -10.84 29.64 20.40
N PRO G 634 -10.05 28.59 20.65
CA PRO G 634 -9.90 28.13 22.04
C PRO G 634 -9.18 29.13 22.93
N LEU G 635 -8.32 29.98 22.38
CA LEU G 635 -7.67 31.01 23.19
C LEU G 635 -8.63 32.14 23.51
N ALA G 636 -9.50 32.52 22.57
CA ALA G 636 -10.49 33.55 22.85
C ALA G 636 -11.48 33.10 23.91
N ALA G 637 -11.75 31.80 23.99
CA ALA G 637 -12.61 31.28 25.06
C ALA G 637 -11.89 31.26 26.40
N LEU G 638 -10.55 31.29 26.40
CA LEU G 638 -9.80 31.28 27.66
C LEU G 638 -9.72 32.68 28.27
N VAL G 639 -9.50 33.70 27.44
CA VAL G 639 -9.46 35.06 27.95
C VAL G 639 -10.83 35.49 28.45
N THR G 640 -11.90 34.89 27.92
CA THR G 640 -13.24 35.21 28.39
C THR G 640 -13.57 34.43 29.66
N TYR G 641 -13.28 33.12 29.67
CA TYR G 641 -13.55 32.30 30.85
C TYR G 641 -12.92 32.91 32.10
N LYS G 642 -11.68 33.36 31.99
CA LYS G 642 -11.05 34.04 33.13
C LYS G 642 -11.76 35.35 33.43
N GLY G 643 -12.20 36.06 32.39
CA GLY G 643 -12.94 37.31 32.62
C GLY G 643 -14.22 37.10 33.39
N ARG G 644 -14.94 36.01 33.10
CA ARG G 644 -16.14 35.70 33.86
C ARG G 644 -15.80 35.35 35.30
N GLU G 645 -14.68 34.64 35.50
CA GLU G 645 -14.29 34.28 36.86
C GLU G 645 -13.84 35.50 37.65
N ILE G 646 -13.22 36.49 36.98
CA ILE G 646 -12.83 37.71 37.67
C ILE G 646 -14.07 38.53 38.03
N LEU G 647 -15.04 38.58 37.12
CA LEU G 647 -16.27 39.32 37.40
C LEU G 647 -17.10 38.63 38.48
N MET G 648 -17.02 37.30 38.56
CA MET G 648 -17.81 36.58 39.56
C MET G 648 -17.13 36.60 40.92
N HIS G 649 -15.82 36.39 40.98
CA HIS G 649 -15.11 36.44 42.25
C HIS G 649 -15.16 37.83 42.87
N THR G 650 -15.31 38.86 42.04
CA THR G 650 -15.43 40.22 42.57
C THR G 650 -16.80 40.45 43.20
N LYS G 651 -17.85 39.93 42.57
CA LYS G 651 -19.19 40.07 43.14
C LYS G 651 -19.28 39.32 44.48
N GLU G 652 -18.67 38.14 44.55
CA GLU G 652 -18.67 37.39 45.80
C GLU G 652 -17.87 38.11 46.88
N MET G 653 -16.79 38.80 46.48
CA MET G 653 -15.98 39.52 47.44
C MET G 653 -16.69 40.76 47.95
N VAL G 654 -17.45 41.43 47.09
CA VAL G 654 -18.23 42.58 47.54
C VAL G 654 -19.38 42.13 48.43
N GLN G 655 -20.02 41.00 48.08
CA GLN G 655 -21.06 40.46 48.94
C GLN G 655 -20.50 39.93 50.26
N LYS G 656 -19.23 39.51 50.27
CA LYS G 656 -18.59 39.11 51.51
C LYS G 656 -18.36 40.29 52.45
N MET G 657 -18.35 41.51 51.92
CA MET G 657 -18.24 42.72 52.73
C MET G 657 -19.60 43.31 53.09
N ASN G 658 -20.68 42.56 52.89
CA ASN G 658 -22.04 43.01 53.19
C ASN G 658 -22.38 44.29 52.43
N LEU G 659 -21.98 44.34 51.16
CA LEU G 659 -22.29 45.46 50.28
C LEU G 659 -23.21 44.95 49.17
N GLU G 660 -24.45 45.44 49.16
CA GLU G 660 -25.42 45.00 48.16
C GLU G 660 -24.99 45.43 46.77
N VAL G 661 -24.79 44.45 45.90
CA VAL G 661 -24.39 44.71 44.52
C VAL G 661 -25.64 44.76 43.65
N ILE G 662 -25.69 45.75 42.76
CA ILE G 662 -26.86 45.96 41.90
C ILE G 662 -26.67 45.25 40.57
N TYR G 663 -25.79 45.80 39.74
CA TYR G 663 -25.60 45.34 38.37
C TYR G 663 -24.11 45.18 38.10
N GLY G 664 -23.81 44.34 37.11
CA GLY G 664 -22.43 44.11 36.71
C GLY G 664 -22.32 43.53 35.32
N ASP G 665 -21.51 44.16 34.47
CA ASP G 665 -21.35 43.67 33.09
C ASP G 665 -20.04 42.91 32.94
N THR G 666 -19.45 42.96 31.76
CA THR G 666 -18.26 42.16 31.48
C THR G 666 -17.08 42.57 32.37
N ASP G 667 -16.87 43.88 32.54
CA ASP G 667 -15.74 44.37 33.33
C ASP G 667 -16.16 45.34 34.41
N SER G 668 -17.45 45.55 34.63
CA SER G 668 -17.94 46.56 35.55
C SER G 668 -18.69 45.91 36.71
N ILE G 669 -18.97 46.72 37.73
CA ILE G 669 -19.75 46.30 38.88
C ILE G 669 -20.34 47.55 39.50
N MET G 670 -21.52 47.41 40.11
CA MET G 670 -22.24 48.54 40.68
C MET G 670 -22.59 48.24 42.13
N ILE G 671 -22.30 49.18 43.03
CA ILE G 671 -22.53 49.02 44.46
C ILE G 671 -23.51 50.08 44.91
N ASN G 672 -24.43 49.70 45.81
CA ASN G 672 -25.42 50.61 46.38
C ASN G 672 -24.92 51.00 47.77
N THR G 673 -24.32 52.18 47.87
CA THR G 673 -23.78 52.63 49.15
C THR G 673 -24.89 53.01 50.14
N ASN G 674 -26.05 53.41 49.63
CA ASN G 674 -27.19 53.82 50.46
C ASN G 674 -26.79 54.95 51.41
N SER G 675 -25.87 55.80 50.99
CA SER G 675 -25.35 56.88 51.82
C SER G 675 -25.28 58.16 51.01
N THR G 676 -25.62 59.28 51.65
CA THR G 676 -25.56 60.59 51.02
C THR G 676 -24.19 61.25 51.16
N ASN G 677 -23.26 60.63 51.88
CA ASN G 677 -21.92 61.17 52.06
C ASN G 677 -21.07 60.70 50.88
N LEU G 678 -20.80 61.61 49.94
CA LEU G 678 -20.01 61.26 48.78
C LEU G 678 -18.55 61.00 49.15
N GLU G 679 -18.06 61.66 50.21
CA GLU G 679 -16.69 61.39 50.66
C GLU G 679 -16.57 60.02 51.31
N GLU G 680 -17.62 59.58 52.02
CA GLU G 680 -17.62 58.22 52.56
C GLU G 680 -17.66 57.17 51.48
N VAL G 681 -18.12 57.53 50.27
CA VAL G 681 -18.10 56.58 49.16
C VAL G 681 -16.69 56.38 48.65
N PHE G 682 -15.91 57.46 48.55
CA PHE G 682 -14.51 57.35 48.12
C PHE G 682 -13.71 56.51 49.12
N LYS G 683 -14.01 56.67 50.41
CA LYS G 683 -13.38 55.79 51.41
C LYS G 683 -13.83 54.35 51.21
N LEU G 684 -15.12 54.14 50.89
CA LEU G 684 -15.59 52.81 50.56
C LEU G 684 -15.12 52.37 49.18
N GLY G 685 -14.90 53.32 48.27
CA GLY G 685 -14.40 52.97 46.95
C GLY G 685 -12.98 52.44 46.99
N ASN G 686 -12.09 53.14 47.70
CA ASN G 686 -10.72 52.66 47.84
C ASN G 686 -10.67 51.40 48.70
N LYS G 687 -11.63 51.22 49.60
CA LYS G 687 -11.64 50.02 50.44
C LYS G 687 -11.92 48.77 49.62
N VAL G 688 -12.84 48.85 48.66
CA VAL G 688 -13.17 47.70 47.84
C VAL G 688 -12.19 47.57 46.66
N LYS G 689 -11.65 48.69 46.17
CA LYS G 689 -10.70 48.62 45.07
C LYS G 689 -9.36 48.06 45.54
N SER G 690 -8.93 48.44 46.74
CA SER G 690 -7.64 47.95 47.25
C SER G 690 -7.67 46.47 47.55
N GLU G 691 -8.83 45.93 47.94
CA GLU G 691 -8.95 44.52 48.25
C GLU G 691 -8.91 43.63 47.01
N VAL G 692 -9.31 44.14 45.85
CA VAL G 692 -9.33 43.32 44.63
C VAL G 692 -7.95 43.22 44.01
N ASN G 693 -7.21 44.34 43.97
CA ASN G 693 -5.91 44.37 43.30
C ASN G 693 -4.85 43.54 44.01
N LYS G 694 -5.09 43.14 45.26
CA LYS G 694 -4.12 42.29 45.96
C LYS G 694 -4.00 40.93 45.29
N LEU G 695 -5.11 40.40 44.77
CA LEU G 695 -5.10 39.06 44.19
C LEU G 695 -4.38 39.00 42.85
N TYR G 696 -4.26 40.13 42.15
CA TYR G 696 -3.75 40.15 40.78
C TYR G 696 -2.45 40.92 40.70
N LYS G 697 -1.55 40.46 39.85
CA LYS G 697 -0.23 41.08 39.69
C LYS G 697 -0.34 42.42 38.99
N LEU G 698 -0.73 42.42 37.71
CA LEU G 698 -0.86 43.65 36.94
C LEU G 698 -2.30 44.05 36.63
N LEU G 699 -3.23 43.11 36.67
CA LEU G 699 -4.64 43.44 36.50
C LEU G 699 -5.12 44.28 37.68
N GLU G 700 -5.66 45.46 37.39
CA GLU G 700 -6.06 46.41 38.42
C GLU G 700 -7.49 46.86 38.18
N ILE G 701 -8.19 47.16 39.27
CA ILE G 701 -9.55 47.68 39.21
C ILE G 701 -9.54 49.10 39.77
N ASP G 702 -10.45 49.93 39.25
CA ASP G 702 -10.52 51.33 39.63
C ASP G 702 -11.97 51.77 39.65
N ILE G 703 -12.21 52.95 40.22
CA ILE G 703 -13.54 53.54 40.27
C ILE G 703 -13.72 54.47 39.08
N ASP G 704 -14.93 54.46 38.50
CA ASP G 704 -15.22 55.29 37.34
C ASP G 704 -16.32 56.28 37.65
N GLY G 705 -16.20 57.00 38.76
CA GLY G 705 -17.17 58.01 39.14
C GLY G 705 -18.30 57.45 39.98
N VAL G 706 -19.19 58.36 40.39
CA VAL G 706 -20.34 58.04 41.22
C VAL G 706 -21.58 58.65 40.58
N PHE G 707 -22.74 58.12 40.98
CA PHE G 707 -24.03 58.57 40.47
C PHE G 707 -24.86 59.15 41.61
N LYS G 708 -25.36 60.37 41.43
CA LYS G 708 -26.28 60.93 42.42
C LYS G 708 -27.66 60.29 42.32
N SER G 709 -28.01 59.76 41.15
CA SER G 709 -29.25 59.01 40.96
C SER G 709 -29.05 58.01 39.84
N LEU G 710 -29.90 56.99 39.82
CA LEU G 710 -29.75 55.90 38.87
C LEU G 710 -31.08 55.17 38.71
N LEU G 711 -31.40 54.81 37.47
CA LEU G 711 -32.59 54.03 37.16
C LEU G 711 -32.20 52.92 36.19
N LEU G 712 -32.36 51.67 36.61
CA LEU G 712 -32.03 50.52 35.79
C LEU G 712 -33.32 49.87 35.31
N LEU G 713 -33.45 49.72 33.98
CA LEU G 713 -34.63 49.10 33.39
C LEU G 713 -34.40 47.60 33.21
N LYS G 714 -33.48 47.24 32.32
CA LYS G 714 -33.14 45.85 32.10
C LYS G 714 -31.63 45.75 31.96
N LYS G 715 -31.14 44.59 31.52
CA LYS G 715 -29.71 44.38 31.37
C LYS G 715 -29.17 45.20 30.21
N LYS G 716 -28.01 45.84 30.45
CA LYS G 716 -27.36 46.68 29.45
C LYS G 716 -28.28 47.81 28.98
N LYS G 717 -29.07 48.35 29.91
CA LYS G 717 -29.99 49.44 29.59
C LYS G 717 -30.34 50.15 30.90
N TYR G 718 -29.81 51.35 31.09
CA TYR G 718 -30.00 52.09 32.32
C TYR G 718 -29.78 53.57 32.05
N ALA G 719 -30.00 54.38 33.09
CA ALA G 719 -29.78 55.82 33.01
C ALA G 719 -29.19 56.29 34.34
N ALA G 720 -28.05 56.94 34.28
CA ALA G 720 -27.33 57.38 35.48
C ALA G 720 -27.20 58.91 35.47
N LEU G 721 -26.57 59.43 36.52
CA LEU G 721 -26.35 60.87 36.69
C LEU G 721 -24.95 61.02 37.28
N VAL G 722 -23.95 61.18 36.40
CA VAL G 722 -22.56 61.09 36.80
C VAL G 722 -22.16 62.31 37.63
N VAL G 723 -21.32 62.08 38.64
CA VAL G 723 -20.82 63.13 39.51
C VAL G 723 -19.50 63.65 38.94
N GLU G 724 -19.43 64.96 38.69
CA GLU G 724 -18.20 65.60 38.23
C GLU G 724 -17.63 66.43 39.38
N PRO G 725 -16.44 66.09 39.88
CA PRO G 725 -15.91 66.79 41.06
C PRO G 725 -15.50 68.22 40.73
N THR G 726 -15.51 69.05 41.77
CA THR G 726 -15.06 70.44 41.65
C THR G 726 -14.11 70.79 42.79
N SER G 727 -13.76 72.07 42.91
CA SER G 727 -12.78 72.49 43.91
C SER G 727 -13.28 72.25 45.33
N ASP G 728 -14.47 72.77 45.65
CA ASP G 728 -15.03 72.59 46.98
C ASP G 728 -15.50 71.15 47.16
N GLY G 729 -15.99 70.86 48.38
CA GLY G 729 -16.55 69.55 48.64
C GLY G 729 -17.78 69.25 47.81
N ASN G 730 -18.51 70.29 47.42
CA ASN G 730 -19.66 70.14 46.54
C ASN G 730 -19.18 69.92 45.10
N TYR G 731 -20.11 69.51 44.24
CA TYR G 731 -19.76 69.00 42.92
C TYR G 731 -20.78 69.45 41.89
N VAL G 732 -20.44 69.22 40.62
CA VAL G 732 -21.33 69.45 39.48
C VAL G 732 -21.75 68.09 38.94
N THR G 733 -22.95 68.03 38.36
CA THR G 733 -23.54 66.78 37.91
C THR G 733 -23.74 66.78 36.41
N LYS G 734 -23.71 65.58 35.82
CA LYS G 734 -23.93 65.38 34.39
C LYS G 734 -24.67 64.07 34.18
N GLN G 735 -25.49 64.04 33.13
CA GLN G 735 -26.36 62.90 32.86
C GLN G 735 -25.73 61.98 31.81
N GLU G 736 -25.95 60.68 31.96
CA GLU G 736 -25.53 59.70 30.99
C GLU G 736 -26.65 58.70 30.75
N LEU G 737 -26.84 58.34 29.48
CA LEU G 737 -27.84 57.36 29.06
C LEU G 737 -27.14 56.23 28.33
N LYS G 738 -27.39 54.99 28.77
CA LYS G 738 -26.71 53.83 28.21
C LYS G 738 -27.71 52.70 28.02
N GLY G 739 -27.84 52.23 26.77
CA GLY G 739 -28.65 51.07 26.46
C GLY G 739 -30.14 51.32 26.36
N LEU G 740 -30.61 52.53 26.66
CA LEU G 740 -32.04 52.81 26.59
C LEU G 740 -32.48 52.92 25.14
N ASP G 741 -33.80 53.07 24.96
CA ASP G 741 -34.37 53.28 23.64
C ASP G 741 -34.27 54.73 23.18
N ILE G 742 -33.83 55.64 24.05
CA ILE G 742 -33.63 57.02 23.65
C ILE G 742 -32.43 57.14 22.74
N VAL G 743 -31.36 56.39 23.04
CA VAL G 743 -30.12 56.48 22.27
C VAL G 743 -30.12 55.57 21.04
N ARG G 744 -31.22 54.90 20.74
CA ARG G 744 -31.29 54.00 19.61
C ARG G 744 -31.81 54.71 18.37
N ARG G 745 -31.41 54.21 17.19
CA ARG G 745 -31.83 54.80 15.93
C ARG G 745 -33.11 54.19 15.39
N ASP G 746 -33.40 52.94 15.73
CA ASP G 746 -34.62 52.26 15.28
C ASP G 746 -35.87 52.74 16.02
N TRP G 747 -35.79 53.88 16.70
CA TRP G 747 -36.92 54.49 17.36
C TRP G 747 -37.11 55.92 16.83
N CYS G 748 -38.31 56.45 17.06
CA CYS G 748 -38.64 57.78 16.58
C CYS G 748 -37.78 58.84 17.27
N ASP G 749 -37.64 59.98 16.60
CA ASP G 749 -36.97 61.11 17.23
C ASP G 749 -37.86 61.83 18.22
N LEU G 750 -39.17 61.61 18.16
CA LEU G 750 -40.08 62.15 19.17
C LEU G 750 -40.08 61.30 20.43
N ALA G 751 -39.95 59.98 20.28
CA ALA G 751 -39.87 59.11 21.44
C ALA G 751 -38.56 59.30 22.18
N LYS G 752 -37.48 59.58 21.46
CA LYS G 752 -36.18 59.79 22.09
C LYS G 752 -36.17 61.07 22.92
N ASP G 753 -36.90 62.10 22.49
CA ASP G 753 -36.97 63.33 23.26
C ASP G 753 -38.01 63.24 24.36
N THR G 754 -39.06 62.45 24.16
CA THR G 754 -40.06 62.25 25.22
C THR G 754 -39.45 61.53 26.41
N GLY G 755 -38.66 60.48 26.16
CA GLY G 755 -38.00 59.78 27.25
C GLY G 755 -36.94 60.63 27.93
N ASN G 756 -36.26 61.50 27.17
CA ASN G 756 -35.23 62.35 27.76
C ASN G 756 -35.84 63.36 28.73
N PHE G 757 -37.07 63.82 28.46
CA PHE G 757 -37.73 64.72 29.40
C PHE G 757 -38.20 63.97 30.64
N VAL G 758 -38.65 62.73 30.46
CA VAL G 758 -39.08 61.92 31.60
C VAL G 758 -37.87 61.55 32.46
N ILE G 759 -36.85 60.96 31.85
CA ILE G 759 -35.65 60.58 32.58
C ILE G 759 -34.95 61.81 33.15
N GLY G 760 -35.02 62.94 32.44
CA GLY G 760 -34.45 64.17 32.97
C GLY G 760 -35.11 64.65 34.24
N GLN G 761 -36.41 64.36 34.40
CA GLN G 761 -37.12 64.79 35.60
C GLN G 761 -36.95 63.76 36.72
N ILE G 762 -36.88 62.48 36.38
CA ILE G 762 -36.69 61.45 37.40
C ILE G 762 -35.33 61.61 38.04
N LEU G 763 -34.30 61.89 37.23
CA LEU G 763 -32.96 62.11 37.76
C LEU G 763 -32.81 63.48 38.40
N SER G 764 -33.70 64.42 38.09
CA SER G 764 -33.59 65.76 38.63
C SER G 764 -33.77 65.73 40.15
N ASP G 765 -32.97 66.56 40.85
CA ASP G 765 -33.00 66.62 42.30
C ASP G 765 -34.23 67.41 42.75
N GLN G 766 -35.40 66.80 42.53
CA GLN G 766 -36.68 67.39 42.91
C GLN G 766 -37.52 66.35 43.62
N SER G 767 -38.65 66.79 44.17
CA SER G 767 -39.53 65.90 44.89
C SER G 767 -40.17 64.88 43.94
N ARG G 768 -40.50 63.71 44.49
CA ARG G 768 -41.11 62.67 43.68
C ARG G 768 -42.52 63.07 43.23
N ASP G 769 -43.31 63.66 44.12
CA ASP G 769 -44.65 64.10 43.74
C ASP G 769 -44.61 65.35 42.85
N THR G 770 -43.48 66.06 42.82
CA THR G 770 -43.39 67.27 42.01
C THR G 770 -43.11 66.93 40.55
N ILE G 771 -42.18 66.00 40.29
CA ILE G 771 -41.80 65.70 38.92
C ILE G 771 -42.93 64.97 38.20
N VAL G 772 -43.78 64.24 38.92
CA VAL G 772 -44.91 63.57 38.29
C VAL G 772 -45.89 64.60 37.74
N GLU G 773 -46.08 65.70 38.44
CA GLU G 773 -46.96 66.76 37.96
C GLU G 773 -46.37 67.50 36.77
N ASN G 774 -45.06 67.40 36.54
CA ASN G 774 -44.42 68.03 35.40
C ASN G 774 -44.43 67.14 34.16
N ILE G 775 -44.23 65.83 34.34
CA ILE G 775 -44.23 64.93 33.19
C ILE G 775 -45.66 64.62 32.75
N GLN G 776 -46.62 64.70 33.67
CA GLN G 776 -48.01 64.43 33.29
C GLN G 776 -48.57 65.55 32.41
N LYS G 777 -48.25 66.81 32.73
CA LYS G 777 -48.61 67.92 31.86
C LYS G 777 -47.84 67.89 30.55
N ARG G 778 -46.64 67.31 30.54
CA ARG G 778 -45.83 67.21 29.33
C ARG G 778 -46.22 66.02 28.44
N LEU G 779 -46.61 64.89 29.03
CA LEU G 779 -47.00 63.74 28.23
C LEU G 779 -48.41 63.88 27.66
N ILE G 780 -49.33 64.51 28.39
CA ILE G 780 -50.62 64.87 27.82
C ILE G 780 -50.42 65.87 26.67
N GLU G 781 -49.45 66.76 26.83
CA GLU G 781 -49.07 67.65 25.73
C GLU G 781 -48.59 66.85 24.53
N ILE G 782 -47.92 65.72 24.77
CA ILE G 782 -47.50 64.85 23.68
C ILE G 782 -48.72 64.21 23.02
N GLY G 783 -49.69 63.77 23.83
CA GLY G 783 -50.87 63.12 23.28
C GLY G 783 -51.69 64.02 22.39
N GLU G 784 -51.65 65.33 22.62
CA GLU G 784 -52.35 66.27 21.77
C GLU G 784 -51.55 66.66 20.53
N ASN G 785 -50.24 66.88 20.67
CA ASN G 785 -49.41 67.28 19.54
C ASN G 785 -49.28 66.20 18.49
N VAL G 786 -49.46 64.93 18.85
CA VAL G 786 -49.43 63.87 17.86
C VAL G 786 -50.75 63.82 17.09
N LEU G 787 -51.86 64.21 17.72
CA LEU G 787 -53.15 64.17 17.05
C LEU G 787 -53.31 65.33 16.06
N ASN G 788 -53.03 66.56 16.50
CA ASN G 788 -53.23 67.71 15.64
C ASN G 788 -52.16 67.83 14.57
N GLY G 789 -51.04 67.13 14.71
CA GLY G 789 -50.02 67.14 13.69
C GLY G 789 -48.98 68.24 13.79
N SER G 790 -48.77 68.81 14.98
CA SER G 790 -47.74 69.83 15.14
C SER G 790 -46.34 69.23 15.20
N VAL G 791 -46.22 67.94 15.50
CA VAL G 791 -44.90 67.30 15.54
C VAL G 791 -44.34 67.21 14.12
N PRO G 792 -43.11 67.66 13.88
CA PRO G 792 -42.54 67.59 12.54
C PRO G 792 -42.38 66.14 12.08
N VAL G 793 -42.30 65.98 10.76
CA VAL G 793 -42.11 64.65 10.18
C VAL G 793 -40.73 64.12 10.54
N SER G 794 -39.79 65.02 10.83
CA SER G 794 -38.45 64.61 11.19
C SER G 794 -38.39 63.87 12.52
N GLN G 795 -39.50 63.77 13.24
CA GLN G 795 -39.55 63.05 14.51
C GLN G 795 -40.36 61.77 14.41
N PHE G 796 -40.82 61.39 13.21
CA PHE G 796 -41.61 60.19 13.03
C PHE G 796 -40.92 59.09 12.24
N GLU G 797 -39.88 59.40 11.48
CA GLU G 797 -39.17 58.37 10.74
C GLU G 797 -38.25 57.58 11.68
N ILE G 798 -38.13 56.29 11.40
CA ILE G 798 -37.29 55.39 12.17
C ILE G 798 -36.22 54.83 11.23
N ASN G 799 -34.96 54.96 11.64
CA ASN G 799 -33.83 54.57 10.80
C ASN G 799 -33.45 53.13 11.05
N LYS G 800 -33.25 52.37 9.98
CA LYS G 800 -32.81 50.99 10.07
C LYS G 800 -31.89 50.69 8.89
N ALA G 801 -30.73 50.10 9.18
CA ALA G 801 -29.72 49.81 8.17
C ALA G 801 -29.86 48.38 7.66
N LEU G 802 -29.52 48.19 6.39
CA LEU G 802 -29.61 46.89 5.74
C LEU G 802 -28.25 46.21 5.81
N THR G 803 -28.21 45.03 6.43
CA THR G 803 -26.97 44.26 6.48
C THR G 803 -26.64 43.59 5.15
N LYS G 804 -27.59 43.55 4.21
CA LYS G 804 -27.36 42.99 2.89
C LYS G 804 -27.97 43.91 1.85
N ASP G 805 -27.69 43.62 0.59
CA ASP G 805 -28.25 44.40 -0.49
C ASP G 805 -29.78 44.25 -0.52
N PRO G 806 -30.50 45.27 -0.98
CA PRO G 806 -31.97 45.17 -0.98
C PRO G 806 -32.50 44.02 -1.82
N GLN G 807 -31.80 43.67 -2.91
CA GLN G 807 -32.24 42.54 -3.74
C GLN G 807 -31.83 41.20 -3.15
N ASP G 808 -30.88 41.17 -2.21
CA ASP G 808 -30.45 39.91 -1.61
C ASP G 808 -31.49 39.36 -0.64
N TYR G 809 -32.24 40.23 0.02
CA TYR G 809 -33.29 39.78 0.92
C TYR G 809 -34.40 39.07 0.15
N PRO G 810 -35.07 38.10 0.77
CA PRO G 810 -36.20 37.45 0.10
C PRO G 810 -37.37 38.40 -0.05
N ASP G 811 -37.98 38.38 -1.24
CA ASP G 811 -39.09 39.30 -1.53
C ASP G 811 -40.34 38.98 -0.72
N LYS G 812 -40.44 37.79 -0.14
CA LYS G 812 -41.61 37.42 0.65
C LYS G 812 -41.57 38.00 2.06
N LYS G 813 -40.40 38.45 2.53
CA LYS G 813 -40.31 39.01 3.87
C LYS G 813 -40.98 40.37 3.95
N SER G 814 -40.63 41.28 3.05
CA SER G 814 -41.18 42.64 2.99
C SER G 814 -40.94 43.38 4.31
N LEU G 815 -39.66 43.50 4.66
CA LEU G 815 -39.29 44.21 5.88
C LEU G 815 -39.61 45.70 5.72
N PRO G 816 -39.89 46.39 6.83
CA PRO G 816 -40.28 47.82 6.71
C PRO G 816 -39.21 48.69 6.08
N HIS G 817 -37.96 48.54 6.50
CA HIS G 817 -36.90 49.39 5.97
C HIS G 817 -36.43 48.93 4.59
N VAL G 818 -36.48 47.62 4.32
CA VAL G 818 -36.05 47.12 3.02
C VAL G 818 -37.08 47.49 1.95
N HIS G 819 -38.37 47.40 2.27
CA HIS G 819 -39.40 47.77 1.31
C HIS G 819 -39.34 49.26 0.99
N VAL G 820 -38.95 50.08 1.96
CA VAL G 820 -38.75 51.50 1.68
C VAL G 820 -37.45 51.72 0.92
N ALA G 821 -36.45 50.86 1.14
CA ALA G 821 -35.20 51.00 0.41
C ALA G 821 -35.33 50.52 -1.03
N LEU G 822 -36.25 49.60 -1.29
CA LEU G 822 -36.48 49.15 -2.66
C LEU G 822 -37.12 50.24 -3.51
N TRP G 823 -37.87 51.15 -2.88
CA TRP G 823 -38.49 52.24 -3.62
C TRP G 823 -37.48 53.32 -3.99
N ILE G 824 -36.56 53.64 -3.08
CA ILE G 824 -35.61 54.71 -3.33
C ILE G 824 -34.53 54.31 -4.32
N ASN G 825 -34.24 53.00 -4.47
CA ASN G 825 -33.30 52.57 -5.49
C ASN G 825 -33.82 52.87 -6.89
N SER G 826 -35.11 52.63 -7.13
CA SER G 826 -35.73 53.05 -8.37
C SER G 826 -35.91 54.56 -8.37
N GLN G 827 -35.64 55.19 -9.51
CA GLN G 827 -35.80 56.64 -9.71
C GLN G 827 -34.74 57.43 -8.95
N GLY G 828 -34.16 56.85 -7.90
CA GLY G 828 -33.16 57.54 -7.13
C GLY G 828 -31.82 57.66 -7.83
N GLY G 829 -31.05 58.67 -7.42
CA GLY G 829 -29.74 58.90 -7.98
C GLY G 829 -28.65 58.10 -7.29
N ARG G 830 -28.63 58.13 -5.96
CA ARG G 830 -27.70 57.35 -5.16
C ARG G 830 -28.47 56.17 -4.56
N LYS G 831 -28.19 54.96 -5.05
CA LYS G 831 -28.88 53.78 -4.57
C LYS G 831 -28.45 53.45 -3.15
N VAL G 832 -29.14 52.46 -2.56
CA VAL G 832 -28.88 52.00 -1.20
C VAL G 832 -28.25 50.62 -1.28
N LYS G 833 -27.07 50.47 -0.71
CA LYS G 833 -26.37 49.20 -0.66
C LYS G 833 -26.39 48.67 0.77
N ALA G 834 -25.63 47.58 1.00
CA ALA G 834 -25.55 47.00 2.33
C ALA G 834 -24.82 47.95 3.28
N GLY G 835 -25.31 48.03 4.51
CA GLY G 835 -24.70 48.88 5.51
C GLY G 835 -25.07 50.35 5.41
N ASP G 836 -26.23 50.65 4.84
CA ASP G 836 -26.71 52.03 4.70
C ASP G 836 -28.02 52.17 5.45
N THR G 837 -28.07 53.13 6.37
CA THR G 837 -29.27 53.36 7.16
C THR G 837 -30.33 54.03 6.29
N VAL G 838 -31.56 53.51 6.35
CA VAL G 838 -32.68 54.04 5.59
C VAL G 838 -33.75 54.49 6.58
N SER G 839 -34.24 55.72 6.41
CA SER G 839 -35.33 56.23 7.20
C SER G 839 -36.66 55.93 6.51
N TYR G 840 -37.72 55.79 7.30
CA TYR G 840 -39.03 55.48 6.76
C TYR G 840 -40.11 55.81 7.78
N VAL G 841 -41.27 56.23 7.27
CA VAL G 841 -42.42 56.56 8.09
C VAL G 841 -43.57 55.63 7.71
N ILE G 842 -44.33 55.19 8.73
CA ILE G 842 -45.43 54.26 8.53
C ILE G 842 -46.70 55.07 8.25
N CYS G 843 -47.58 54.51 7.43
CA CYS G 843 -48.62 55.28 6.77
C CYS G 843 -50.00 54.73 7.07
N GLN G 844 -51.00 55.61 6.95
CA GLN G 844 -52.38 55.14 6.86
C GLN G 844 -52.53 54.13 5.74
N ASP G 845 -52.11 54.50 4.53
CA ASP G 845 -52.15 53.57 3.39
C ASP G 845 -53.60 53.11 3.22
N GLY G 846 -53.87 51.83 2.95
CA GLY G 846 -55.23 51.34 3.05
C GLY G 846 -55.73 51.32 4.48
N SER G 847 -54.82 51.24 5.45
CA SER G 847 -55.00 51.17 6.91
C SER G 847 -55.22 49.75 7.39
N ASN G 848 -55.27 48.77 6.49
CA ASN G 848 -55.48 47.38 6.87
C ASN G 848 -54.38 46.45 6.37
N LEU G 849 -53.26 47.00 5.89
CA LEU G 849 -52.26 46.15 5.25
C LEU G 849 -51.56 45.25 6.27
N THR G 850 -50.98 45.84 7.32
CA THR G 850 -50.44 45.12 8.48
C THR G 850 -49.60 45.98 9.42
N ALA G 851 -49.68 47.31 9.30
CA ALA G 851 -48.83 48.23 10.07
C ALA G 851 -47.36 48.06 9.73
N SER G 852 -46.82 46.84 9.89
CA SER G 852 -45.44 46.57 9.51
C SER G 852 -45.26 46.62 7.99
N GLN G 853 -46.30 46.26 7.23
CA GLN G 853 -46.26 46.33 5.78
C GLN G 853 -46.59 47.71 5.23
N ARG G 854 -47.13 48.60 6.06
CA ARG G 854 -47.45 49.97 5.66
C ARG G 854 -46.29 50.93 5.92
N ALA G 855 -45.09 50.55 5.49
CA ALA G 855 -43.90 51.37 5.64
C ALA G 855 -43.51 51.93 4.27
N TYR G 856 -43.31 53.24 4.20
CA TYR G 856 -42.90 53.90 2.97
C TYR G 856 -41.82 54.93 3.29
N ALA G 857 -41.17 55.41 2.25
CA ALA G 857 -40.07 56.37 2.43
C ALA G 857 -40.61 57.70 2.96
N PRO G 858 -39.78 58.44 3.71
CA PRO G 858 -40.27 59.71 4.24
C PRO G 858 -40.51 60.76 3.17
N GLU G 859 -39.67 60.80 2.13
CA GLU G 859 -39.92 61.72 1.04
C GLU G 859 -41.05 61.22 0.13
N GLN G 860 -41.28 59.90 0.13
CA GLN G 860 -42.46 59.37 -0.55
C GLN G 860 -43.74 59.79 0.15
N LEU G 861 -43.66 60.11 1.45
CA LEU G 861 -44.81 60.66 2.16
C LEU G 861 -45.00 62.13 1.89
N GLN G 862 -43.90 62.89 1.73
CA GLN G 862 -43.98 64.31 1.47
C GLN G 862 -44.37 64.61 0.02
N LYS G 863 -43.97 63.74 -0.92
CA LYS G 863 -44.35 63.96 -2.31
C LYS G 863 -45.83 63.73 -2.54
N GLN G 864 -46.46 62.84 -1.76
CA GLN G 864 -47.89 62.59 -1.86
C GLN G 864 -48.43 62.32 -0.47
N ASP G 865 -49.29 63.21 0.03
CA ASP G 865 -49.95 63.01 1.32
C ASP G 865 -51.25 62.23 1.20
N ASN G 866 -51.39 61.39 0.18
CA ASN G 866 -52.57 60.54 0.06
C ASN G 866 -52.63 59.53 1.19
N LEU G 867 -51.48 59.11 1.70
CA LEU G 867 -51.38 58.27 2.90
C LEU G 867 -50.84 59.15 4.02
N THR G 868 -51.69 59.47 4.99
CA THR G 868 -51.34 60.40 6.05
C THR G 868 -50.46 59.71 7.09
N ILE G 869 -50.27 60.38 8.23
CA ILE G 869 -49.46 59.83 9.32
C ILE G 869 -50.30 58.87 10.13
N ASP G 870 -49.86 57.62 10.23
CA ASP G 870 -50.54 56.63 11.05
C ASP G 870 -50.31 56.93 12.52
N THR G 871 -51.16 57.75 13.11
CA THR G 871 -51.04 58.06 14.53
C THR G 871 -51.36 56.85 15.40
N GLN G 872 -52.25 55.97 14.94
CA GLN G 872 -52.63 54.80 15.72
C GLN G 872 -51.46 53.86 15.99
N TYR G 873 -50.41 53.91 15.17
CA TYR G 873 -49.26 53.04 15.37
C TYR G 873 -48.18 53.71 16.22
N TYR G 874 -47.70 54.88 15.79
CA TYR G 874 -46.59 55.53 16.48
C TYR G 874 -46.96 55.92 17.90
N LEU G 875 -48.14 56.52 18.07
CA LEU G 875 -48.53 56.95 19.41
C LEU G 875 -48.78 55.78 20.34
N ALA G 876 -49.12 54.61 19.80
CA ALA G 876 -49.48 53.45 20.60
C ALA G 876 -48.38 52.40 20.67
N GLN G 877 -47.74 52.08 19.55
CA GLN G 877 -46.73 51.02 19.50
C GLN G 877 -45.30 51.54 19.52
N GLN G 878 -45.11 52.86 19.57
CA GLN G 878 -43.76 53.42 19.61
C GLN G 878 -43.52 54.31 20.83
N ILE G 879 -44.51 55.08 21.25
CA ILE G 879 -44.34 55.94 22.42
C ILE G 879 -44.73 55.23 23.70
N HIS G 880 -45.85 54.48 23.67
CA HIS G 880 -46.32 53.81 24.88
C HIS G 880 -45.36 52.74 25.38
N PRO G 881 -44.90 51.78 24.55
CA PRO G 881 -44.02 50.74 25.09
C PRO G 881 -42.71 51.26 25.66
N VAL G 882 -42.19 52.37 25.12
CA VAL G 882 -40.91 52.90 25.60
C VAL G 882 -41.08 53.48 27.00
N VAL G 883 -42.01 54.42 27.16
CA VAL G 883 -42.20 55.06 28.45
C VAL G 883 -42.80 54.09 29.47
N ALA G 884 -43.48 53.04 29.03
CA ALA G 884 -43.95 52.03 29.96
C ALA G 884 -42.79 51.21 30.50
N ARG G 885 -41.79 50.93 29.67
CA ARG G 885 -40.57 50.28 30.15
C ARG G 885 -39.74 51.23 31.00
N ILE G 886 -39.83 52.54 30.75
CA ILE G 886 -39.10 53.52 31.56
C ILE G 886 -39.68 53.58 32.97
N CYS G 887 -40.99 53.84 33.07
CA CYS G 887 -41.66 53.98 34.36
C CYS G 887 -42.30 52.68 34.83
N GLU G 888 -41.58 51.57 34.70
CA GLU G 888 -42.09 50.26 35.10
C GLU G 888 -41.89 50.01 36.61
N PRO G 889 -40.69 50.21 37.16
CA PRO G 889 -40.52 49.91 38.60
C PRO G 889 -41.21 50.90 39.52
N ILE G 890 -41.43 52.14 39.07
CA ILE G 890 -42.08 53.14 39.92
C ILE G 890 -43.54 52.76 40.12
N ASP G 891 -44.05 53.00 41.32
CA ASP G 891 -45.42 52.63 41.67
C ASP G 891 -46.43 53.72 41.36
N GLY G 892 -46.00 54.98 41.34
CA GLY G 892 -46.92 56.07 41.05
C GLY G 892 -47.38 56.13 39.60
N ILE G 893 -46.66 55.46 38.70
CA ILE G 893 -46.99 55.43 37.29
C ILE G 893 -46.93 54.00 36.80
N ASP G 894 -48.00 53.53 36.17
CA ASP G 894 -48.10 52.17 35.67
C ASP G 894 -48.26 52.19 34.15
N ALA G 895 -48.39 51.00 33.57
CA ALA G 895 -48.56 50.86 32.13
C ALA G 895 -50.01 50.95 31.69
N VAL G 896 -50.95 50.62 32.56
CA VAL G 896 -52.36 50.71 32.21
C VAL G 896 -52.82 52.16 32.17
N LEU G 897 -52.31 52.98 33.09
CA LEU G 897 -52.70 54.39 33.14
C LEU G 897 -52.02 55.21 32.05
N ILE G 898 -50.88 54.77 31.53
CA ILE G 898 -50.18 55.53 30.50
C ILE G 898 -50.95 55.56 29.18
N ALA G 899 -51.85 54.60 28.96
CA ALA G 899 -52.61 54.58 27.71
C ALA G 899 -53.60 55.74 27.66
N THR G 900 -54.21 56.08 28.79
CA THR G 900 -55.17 57.19 28.85
C THR G 900 -54.51 58.55 28.88
N TRP G 901 -53.17 58.62 28.92
CA TRP G 901 -52.49 59.90 28.96
C TRP G 901 -52.31 60.49 27.57
N LEU G 902 -51.93 59.66 26.59
CA LEU G 902 -51.75 60.10 25.22
C LEU G 902 -53.00 59.97 24.39
N GLY G 903 -54.15 59.74 25.02
CA GLY G 903 -55.41 59.61 24.30
C GLY G 903 -55.69 58.23 23.76
N LEU G 904 -54.81 57.26 23.98
CA LEU G 904 -55.04 55.91 23.48
C LEU G 904 -56.18 55.24 24.23
N ASP G 905 -56.85 54.33 23.55
CA ASP G 905 -57.99 53.61 24.15
C ASP G 905 -57.49 52.64 25.20
N PRO G 906 -57.94 52.77 26.46
CA PRO G 906 -57.48 51.84 27.50
C PRO G 906 -57.87 50.39 27.21
N THR G 907 -56.89 49.57 26.85
CA THR G 907 -57.13 48.17 26.54
C THR G 907 -55.91 47.31 26.87
N GLU J 1 -50.96 23.98 24.94
CA GLU J 1 -49.58 24.08 24.47
C GLU J 1 -49.12 22.79 23.82
N GLN J 2 -47.85 22.75 23.42
CA GLN J 2 -47.29 21.55 22.79
C GLN J 2 -47.21 20.42 23.79
N VAL J 3 -47.43 19.19 23.31
CA VAL J 3 -47.45 18.01 24.14
C VAL J 3 -46.68 16.90 23.44
N PHE J 4 -45.99 16.07 24.23
CA PHE J 4 -45.09 15.06 23.71
C PHE J 4 -45.42 13.72 24.36
N HIS J 5 -45.80 12.74 23.54
CA HIS J 5 -46.21 11.42 24.01
C HIS J 5 -45.20 10.37 23.57
N PHE J 6 -44.74 9.55 24.51
CA PHE J 6 -43.79 8.49 24.19
C PHE J 6 -43.99 7.32 25.13
N TYR J 7 -43.45 6.18 24.73
CA TYR J 7 -43.56 4.92 25.47
C TYR J 7 -42.17 4.56 25.99
N TRP J 8 -41.91 4.91 27.26
CA TRP J 8 -40.59 4.70 27.82
C TRP J 8 -40.30 3.21 28.02
N LEU J 9 -39.02 2.85 27.90
CA LEU J 9 -38.61 1.46 28.00
C LEU J 9 -37.49 1.29 29.02
N ASP J 10 -36.45 2.12 28.91
CA ASP J 10 -35.30 2.03 29.81
C ASP J 10 -34.98 3.42 30.35
N ALA J 11 -34.31 3.45 31.50
CA ALA J 11 -33.94 4.69 32.16
C ALA J 11 -32.51 4.59 32.65
N TYR J 12 -31.76 5.67 32.47
CA TYR J 12 -30.36 5.73 32.88
C TYR J 12 -30.13 6.93 33.78
N GLU J 13 -29.25 6.75 34.78
CA GLU J 13 -28.93 7.79 35.74
C GLU J 13 -27.44 7.77 36.03
N ASP J 14 -26.86 8.96 36.19
CA ASP J 14 -25.43 9.13 36.49
C ASP J 14 -25.35 10.13 37.65
N GLN J 15 -25.30 9.62 38.88
CA GLN J 15 -25.27 10.49 40.05
C GLN J 15 -24.00 11.32 40.11
N TYR J 16 -22.90 10.82 39.53
CA TYR J 16 -21.59 11.48 39.65
C TYR J 16 -21.41 12.55 38.58
N ASN J 17 -21.30 12.13 37.32
CA ASN J 17 -20.95 13.06 36.25
C ASN J 17 -22.05 14.09 35.97
N GLN J 18 -23.29 13.80 36.31
CA GLN J 18 -24.38 14.73 36.04
C GLN J 18 -25.58 14.42 36.93
N PRO J 19 -25.66 15.01 38.12
CA PRO J 19 -26.70 14.64 39.08
C PRO J 19 -27.99 15.42 38.87
N GLY J 20 -29.08 14.82 39.35
CA GLY J 20 -30.39 15.44 39.30
C GLY J 20 -31.10 15.32 37.97
N VAL J 21 -30.58 14.52 37.04
CA VAL J 21 -31.17 14.35 35.72
C VAL J 21 -31.27 12.87 35.40
N VAL J 22 -32.41 12.47 34.85
CA VAL J 22 -32.68 11.08 34.48
C VAL J 22 -33.01 11.04 32.99
N PHE J 23 -32.31 10.20 32.25
CA PHE J 23 -32.57 10.00 30.83
C PHE J 23 -33.56 8.86 30.64
N LEU J 24 -34.63 9.11 29.89
CA LEU J 24 -35.60 8.09 29.52
C LEU J 24 -35.43 7.75 28.05
N PHE J 25 -35.66 6.47 27.72
CA PHE J 25 -35.51 5.98 26.36
C PHE J 25 -36.73 5.16 25.98
N GLY J 26 -37.29 5.41 24.81
CA GLY J 26 -38.44 4.67 24.38
C GLY J 26 -38.82 4.97 22.95
N LYS J 27 -40.04 4.59 22.59
CA LYS J 27 -40.56 4.72 21.23
C LYS J 27 -41.49 5.93 21.14
N VAL J 28 -41.41 6.65 20.02
CA VAL J 28 -42.41 7.66 19.68
C VAL J 28 -42.94 7.37 18.29
N TRP J 29 -44.09 7.97 18.00
CA TRP J 29 -44.81 7.74 16.75
C TRP J 29 -44.64 8.94 15.85
N ILE J 30 -43.89 8.77 14.76
CA ILE J 30 -43.82 9.76 13.70
C ILE J 30 -44.96 9.49 12.74
N GLU J 31 -45.81 10.50 12.51
CA GLU J 31 -46.90 10.34 11.54
C GLU J 31 -46.37 10.31 10.11
N SER J 32 -45.29 11.06 9.83
CA SER J 32 -44.76 11.16 8.48
C SER J 32 -44.41 9.80 7.92
N ALA J 33 -43.44 9.12 8.53
CA ALA J 33 -43.13 7.72 8.25
C ALA J 33 -43.80 6.89 9.34
N GLU J 34 -44.65 5.94 8.93
CA GLU J 34 -45.55 5.31 9.89
C GLU J 34 -44.81 4.65 11.04
N THR J 35 -43.63 4.08 10.80
CA THR J 35 -42.94 3.35 11.86
C THR J 35 -42.78 4.20 13.12
N HIS J 36 -42.71 3.51 14.27
CA HIS J 36 -42.22 4.15 15.48
C HIS J 36 -40.71 4.34 15.37
N VAL J 37 -40.19 5.32 16.10
CA VAL J 37 -38.75 5.59 16.11
C VAL J 37 -38.28 5.76 17.54
N SER J 38 -36.99 5.50 17.75
CA SER J 38 -36.40 5.64 19.06
C SER J 38 -36.34 7.11 19.49
N CYS J 39 -36.45 7.33 20.79
CA CYS J 39 -36.45 8.68 21.33
C CYS J 39 -35.73 8.69 22.68
N CYS J 40 -35.44 9.91 23.16
CA CYS J 40 -34.76 10.09 24.42
C CYS J 40 -35.26 11.37 25.07
N VAL J 41 -35.92 11.24 26.21
CA VAL J 41 -36.40 12.39 26.99
C VAL J 41 -35.46 12.60 28.16
N MET J 42 -34.98 13.82 28.32
CA MET J 42 -34.03 14.19 29.37
C MET J 42 -34.79 15.00 30.42
N VAL J 43 -35.09 14.36 31.55
CA VAL J 43 -35.78 15.02 32.66
C VAL J 43 -34.74 15.65 33.57
N LYS J 44 -34.76 16.98 33.66
CA LYS J 44 -33.80 17.72 34.45
C LYS J 44 -34.43 18.23 35.74
N ASN J 45 -33.56 18.68 36.65
CA ASN J 45 -33.97 19.35 37.89
C ASN J 45 -34.88 18.45 38.73
N ILE J 46 -34.37 17.27 39.07
CA ILE J 46 -35.06 16.36 39.96
C ILE J 46 -34.66 16.72 41.39
N GLU J 47 -35.58 17.33 42.13
CA GLU J 47 -35.28 17.82 43.46
C GLU J 47 -35.02 16.65 44.42
N ARG J 48 -34.07 16.85 45.33
CA ARG J 48 -33.75 15.88 46.36
C ARG J 48 -34.66 16.11 47.55
N THR J 49 -35.40 15.06 47.94
CA THR J 49 -36.41 15.18 48.99
C THR J 49 -35.85 14.62 50.30
N LEU J 50 -36.00 15.40 51.38
CA LEU J 50 -35.56 15.01 52.70
C LEU J 50 -36.73 15.10 53.69
N TYR J 51 -36.57 14.41 54.82
CA TYR J 51 -37.59 14.42 55.86
C TYR J 51 -36.92 14.34 57.22
N PHE J 52 -37.11 15.39 58.03
CA PHE J 52 -36.53 15.47 59.35
C PHE J 52 -37.59 15.12 60.40
N LEU J 53 -37.24 14.21 61.31
CA LEU J 53 -38.15 13.80 62.37
C LEU J 53 -37.83 14.58 63.63
N PRO J 54 -38.65 15.55 64.02
CA PRO J 54 -38.33 16.34 65.21
C PRO J 54 -38.49 15.52 66.49
N ARG J 55 -37.74 15.92 67.51
CA ARG J 55 -37.78 15.26 68.81
C ARG J 55 -38.91 15.86 69.66
N GLU J 56 -39.25 15.14 70.74
CA GLU J 56 -40.22 15.65 71.68
C GLU J 56 -39.66 16.81 72.49
N MET J 57 -38.46 16.65 73.05
CA MET J 57 -37.78 17.69 73.79
C MET J 57 -36.45 18.00 73.11
N LYS J 58 -36.08 19.28 73.10
CA LYS J 58 -34.86 19.71 72.44
C LYS J 58 -33.65 19.44 73.33
N ILE J 59 -32.60 18.87 72.74
CA ILE J 59 -31.34 18.62 73.42
C ILE J 59 -30.26 19.36 72.66
N ASP J 60 -29.54 20.25 73.35
CA ASP J 60 -28.58 21.13 72.68
C ASP J 60 -27.43 20.34 72.08
N LEU J 61 -26.73 19.56 72.90
CA LEU J 61 -25.56 18.82 72.48
C LEU J 61 -25.79 17.32 72.58
N ASN J 62 -25.31 16.58 71.59
CA ASN J 62 -25.37 15.12 71.66
C ASN J 62 -24.48 14.59 72.78
N THR J 63 -23.42 15.33 73.13
CA THR J 63 -22.60 14.95 74.28
C THR J 63 -23.34 15.13 75.60
N GLY J 64 -24.37 15.99 75.63
CA GLY J 64 -25.15 16.20 76.83
C GLY J 64 -26.63 16.07 76.59
N LYS J 65 -27.12 14.83 76.51
CA LYS J 65 -28.54 14.59 76.31
C LYS J 65 -29.31 14.99 77.57
N GLU J 66 -30.30 15.86 77.41
CA GLU J 66 -31.08 16.35 78.53
C GLU J 66 -32.44 16.79 78.02
N THR J 67 -33.34 17.06 78.96
CA THR J 67 -34.67 17.54 78.65
C THR J 67 -34.67 19.06 78.52
N GLY J 68 -35.46 19.57 77.57
CA GLY J 68 -35.54 20.99 77.35
C GLY J 68 -36.90 21.44 76.87
N THR J 69 -36.96 22.62 76.27
CA THR J 69 -38.23 23.12 75.75
C THR J 69 -38.70 22.24 74.59
N PRO J 70 -40.01 21.99 74.49
CA PRO J 70 -40.51 21.14 73.40
C PRO J 70 -40.35 21.84 72.06
N ILE J 71 -39.86 21.10 71.07
CA ILE J 71 -39.64 21.64 69.73
C ILE J 71 -40.98 21.73 69.00
N SER J 72 -41.07 22.65 68.04
CA SER J 72 -42.26 22.84 67.23
C SER J 72 -41.87 22.77 65.76
N MET J 73 -42.85 23.00 64.89
CA MET J 73 -42.60 22.99 63.45
C MET J 73 -41.69 24.13 63.02
N LYS J 74 -41.67 25.23 63.78
CA LYS J 74 -40.77 26.35 63.48
C LYS J 74 -39.43 26.23 64.17
N ASP J 75 -39.34 25.42 65.24
CA ASP J 75 -38.07 25.24 65.93
C ASP J 75 -37.13 24.32 65.14
N VAL J 76 -37.68 23.24 64.57
CA VAL J 76 -36.86 22.37 63.73
C VAL J 76 -36.56 23.03 62.39
N TYR J 77 -37.48 23.87 61.90
CA TYR J 77 -37.24 24.61 60.67
C TYR J 77 -36.13 25.64 60.82
N GLU J 78 -35.89 26.11 62.06
CA GLU J 78 -34.86 27.11 62.29
C GLU J 78 -33.46 26.50 62.29
N GLU J 79 -33.29 25.37 62.96
CA GLU J 79 -31.96 24.75 63.04
C GLU J 79 -31.48 24.30 61.67
N PHE J 80 -32.36 23.68 60.88
CA PHE J 80 -31.98 23.24 59.54
C PHE J 80 -31.64 24.44 58.66
N ASP J 81 -32.34 25.55 58.84
CA ASP J 81 -32.07 26.74 58.04
C ASP J 81 -30.77 27.41 58.50
N GLU J 82 -30.54 27.46 59.81
CA GLU J 82 -29.39 28.16 60.35
C GLU J 82 -28.14 27.28 60.39
N LYS J 83 -28.25 26.08 60.96
CA LYS J 83 -27.08 25.25 61.21
C LYS J 83 -26.83 24.26 60.07
N ILE J 84 -27.82 23.42 59.76
CA ILE J 84 -27.60 22.32 58.83
C ILE J 84 -27.38 22.82 57.41
N ALA J 85 -27.95 23.98 57.06
CA ALA J 85 -27.83 24.46 55.69
C ALA J 85 -26.44 25.01 55.41
N THR J 86 -25.92 25.84 56.31
CA THR J 86 -24.62 26.48 56.07
C THR J 86 -23.45 25.54 56.27
N LYS J 87 -23.65 24.42 56.96
CA LYS J 87 -22.53 23.51 57.22
C LYS J 87 -22.07 22.81 55.95
N TYR J 88 -22.97 22.60 54.99
CA TYR J 88 -22.65 21.91 53.74
C TYR J 88 -22.80 22.81 52.52
N LYS J 89 -22.94 24.13 52.72
CA LYS J 89 -23.01 25.10 51.63
C LYS J 89 -24.18 24.78 50.70
N ILE J 90 -25.38 24.91 51.26
CA ILE J 90 -26.63 24.75 50.51
C ILE J 90 -27.09 26.13 50.10
N MET J 91 -27.08 26.40 48.80
CA MET J 91 -27.43 27.73 48.30
C MET J 91 -28.90 28.04 48.51
N LYS J 92 -29.78 27.24 47.90
CA LYS J 92 -31.21 27.43 48.01
C LYS J 92 -31.88 26.10 48.33
N PHE J 93 -32.94 26.16 49.15
CA PHE J 93 -33.67 24.96 49.54
C PHE J 93 -35.11 25.34 49.86
N LYS J 94 -35.98 24.34 49.85
CA LYS J 94 -37.38 24.51 50.15
C LYS J 94 -37.71 23.85 51.49
N SER J 95 -38.87 24.22 52.04
CA SER J 95 -39.32 23.67 53.32
C SER J 95 -40.83 23.78 53.39
N LYS J 96 -41.47 22.70 53.87
CA LYS J 96 -42.92 22.67 53.97
C LYS J 96 -43.31 21.60 54.98
N PRO J 97 -44.34 21.82 55.79
CA PRO J 97 -44.79 20.78 56.72
C PRO J 97 -45.54 19.68 56.00
N VAL J 98 -45.29 18.43 56.42
CA VAL J 98 -45.92 17.26 55.82
C VAL J 98 -46.18 16.23 56.90
N GLU J 99 -47.19 15.40 56.68
CA GLU J 99 -47.53 14.29 57.55
C GLU J 99 -47.26 12.99 56.81
N LYS J 100 -46.39 12.15 57.39
CA LYS J 100 -46.02 10.90 56.74
C LYS J 100 -45.90 9.79 57.77
N ASN J 101 -46.24 8.57 57.34
CA ASN J 101 -46.26 7.42 58.20
C ASN J 101 -44.94 6.65 58.13
N TYR J 102 -44.69 5.83 59.15
CA TYR J 102 -43.51 4.99 59.22
C TYR J 102 -43.88 3.72 59.97
N ALA J 103 -43.28 2.60 59.56
CA ALA J 103 -43.56 1.32 60.20
C ALA J 103 -42.45 0.30 59.95
N PHE J 104 -41.21 0.76 59.88
CA PHE J 104 -40.09 -0.03 59.38
C PHE J 104 -39.12 -0.38 60.52
N GLU J 105 -37.83 -0.47 60.19
CA GLU J 105 -36.86 -1.12 61.07
C GLU J 105 -36.47 -0.23 62.25
N ILE J 106 -36.34 1.07 62.03
CA ILE J 106 -35.76 1.97 63.04
C ILE J 106 -36.76 2.11 64.19
N PRO J 107 -36.34 1.99 65.45
CA PRO J 107 -37.27 2.18 66.57
C PRO J 107 -37.50 3.65 66.87
N ASP J 108 -38.14 3.92 68.01
CA ASP J 108 -38.40 5.27 68.54
C ASP J 108 -38.97 6.24 67.49
N VAL J 109 -39.54 5.73 66.41
CA VAL J 109 -40.19 6.54 65.39
C VAL J 109 -41.69 6.36 65.53
N PRO J 110 -42.47 7.43 65.62
CA PRO J 110 -43.93 7.28 65.69
C PRO J 110 -44.48 6.73 64.39
N GLU J 111 -45.61 6.02 64.50
CA GLU J 111 -46.28 5.51 63.31
C GLU J 111 -46.65 6.64 62.37
N LYS J 112 -46.97 7.82 62.92
CA LYS J 112 -47.28 9.00 62.14
C LYS J 112 -46.66 10.21 62.81
N SER J 113 -46.09 11.11 62.01
CA SER J 113 -45.43 12.29 62.56
C SER J 113 -45.52 13.43 61.56
N GLU J 114 -45.16 14.62 62.04
CA GLU J 114 -45.06 15.81 61.20
C GLU J 114 -43.59 16.02 60.87
N TYR J 115 -43.24 15.75 59.61
CA TYR J 115 -41.87 15.90 59.13
C TYR J 115 -41.72 17.23 58.39
N LEU J 116 -40.47 17.62 58.16
CA LEU J 116 -40.14 18.83 57.40
C LEU J 116 -39.57 18.40 56.05
N GLU J 117 -40.41 18.51 55.02
CA GLU J 117 -39.99 18.14 53.66
C GLU J 117 -39.06 19.22 53.12
N VAL J 118 -37.79 18.89 52.99
CA VAL J 118 -36.77 19.81 52.47
C VAL J 118 -36.35 19.34 51.09
N LYS J 119 -36.40 20.25 50.12
CA LYS J 119 -36.10 19.93 48.72
C LYS J 119 -35.08 20.91 48.19
N TYR J 120 -33.93 20.40 47.76
CA TYR J 120 -32.90 21.21 47.14
C TYR J 120 -32.26 20.42 46.00
N SER J 121 -31.51 21.13 45.15
CA SER J 121 -30.96 20.52 43.96
C SER J 121 -29.90 19.48 44.30
N ALA J 122 -29.71 18.53 43.38
CA ALA J 122 -28.74 17.47 43.57
C ALA J 122 -27.30 17.91 43.33
N GLU J 123 -27.09 19.09 42.76
CA GLU J 123 -25.73 19.61 42.59
C GLU J 123 -25.10 19.99 43.93
N MET J 124 -25.92 20.29 44.92
CA MET J 124 -25.43 20.67 46.25
C MET J 124 -25.04 19.42 47.04
N PRO J 125 -24.12 19.56 48.00
CA PRO J 125 -23.63 18.38 48.73
C PRO J 125 -24.75 17.63 49.44
N GLN J 126 -24.52 16.34 49.64
CA GLN J 126 -25.49 15.44 50.25
C GLN J 126 -25.21 15.29 51.74
N LEU J 127 -26.27 15.30 52.54
CA LEU J 127 -26.16 15.14 53.98
C LEU J 127 -25.97 13.66 54.33
N PRO J 128 -25.27 13.37 55.41
CA PRO J 128 -25.04 11.96 55.79
C PRO J 128 -26.32 11.31 56.27
N GLN J 129 -26.37 9.98 56.14
CA GLN J 129 -27.56 9.23 56.54
C GLN J 129 -27.71 9.19 58.05
N ASP J 130 -26.61 8.98 58.77
CA ASP J 130 -26.64 8.89 60.23
C ASP J 130 -26.43 10.25 60.88
N LEU J 131 -27.16 11.26 60.39
CA LEU J 131 -27.03 12.61 60.90
C LEU J 131 -28.06 12.86 61.99
N LYS J 132 -27.58 13.11 63.20
CA LYS J 132 -28.43 13.53 64.32
C LYS J 132 -28.35 15.04 64.48
N GLY J 133 -29.26 15.59 65.28
CA GLY J 133 -29.32 17.01 65.49
C GLY J 133 -29.95 17.36 66.81
N GLU J 134 -30.04 18.68 67.06
CA GLU J 134 -30.60 19.15 68.33
C GLU J 134 -32.11 18.98 68.36
N THR J 135 -32.80 19.44 67.31
CA THR J 135 -34.25 19.37 67.26
C THR J 135 -34.76 18.10 66.58
N PHE J 136 -34.02 17.56 65.62
CA PHE J 136 -34.44 16.37 64.91
C PHE J 136 -33.67 15.16 65.40
N SER J 137 -34.34 14.01 65.46
CA SER J 137 -33.72 12.77 65.90
C SER J 137 -32.99 12.06 64.75
N HIS J 138 -33.70 11.79 63.65
CA HIS J 138 -33.13 11.16 62.47
C HIS J 138 -33.53 11.94 61.23
N VAL J 139 -32.96 11.54 60.10
CA VAL J 139 -33.24 12.16 58.81
C VAL J 139 -33.36 11.06 57.77
N PHE J 140 -34.39 11.12 56.94
CA PHE J 140 -34.67 10.09 55.95
C PHE J 140 -34.69 10.68 54.55
N GLY J 141 -34.31 9.86 53.58
CA GLY J 141 -34.30 10.28 52.19
C GLY J 141 -33.04 10.95 51.72
N THR J 142 -31.92 10.73 52.42
CA THR J 142 -30.68 11.42 52.05
C THR J 142 -30.10 10.87 50.75
N ASN J 143 -30.05 9.54 50.62
CA ASN J 143 -29.40 8.88 49.49
C ASN J 143 -30.40 8.38 48.46
N THR J 144 -31.64 8.87 48.49
CA THR J 144 -32.63 8.45 47.51
C THR J 144 -32.24 8.95 46.13
N SER J 145 -32.09 8.03 45.18
CA SER J 145 -31.60 8.38 43.85
C SER J 145 -32.63 9.20 43.09
N SER J 146 -32.16 9.85 42.01
CA SER J 146 -33.05 10.64 41.18
C SER J 146 -34.01 9.75 40.39
N LEU J 147 -33.52 8.60 39.92
CA LEU J 147 -34.39 7.67 39.20
C LEU J 147 -35.48 7.11 40.10
N GLU J 148 -35.12 6.74 41.33
CA GLU J 148 -36.13 6.29 42.29
C GLU J 148 -37.16 7.38 42.56
N LEU J 149 -36.69 8.59 42.91
CA LEU J 149 -37.59 9.70 43.17
C LEU J 149 -38.51 9.96 42.00
N PHE J 150 -37.97 9.90 40.77
CA PHE J 150 -38.78 10.18 39.58
C PHE J 150 -39.89 9.14 39.41
N LEU J 151 -39.54 7.86 39.53
CA LEU J 151 -40.54 6.81 39.33
C LEU J 151 -41.59 6.83 40.42
N MET J 152 -41.19 7.16 41.65
CA MET J 152 -42.16 7.18 42.75
C MET J 152 -43.06 8.41 42.66
N ASN J 153 -42.46 9.60 42.59
CA ASN J 153 -43.23 10.84 42.60
C ASN J 153 -44.19 10.93 41.41
N ARG J 154 -43.87 10.25 40.32
CA ARG J 154 -44.70 10.30 39.12
C ARG J 154 -45.55 9.05 38.94
N LYS J 155 -45.49 8.10 39.88
CA LYS J 155 -46.32 6.89 39.86
C LYS J 155 -46.16 6.12 38.54
N ILE J 156 -44.91 5.88 38.16
CA ILE J 156 -44.58 5.15 36.94
C ILE J 156 -44.34 3.69 37.31
N LYS J 157 -45.16 2.80 36.77
CA LYS J 157 -45.08 1.37 37.06
C LYS J 157 -44.80 0.64 35.74
N GLY J 158 -43.52 0.44 35.45
CA GLY J 158 -43.13 -0.31 34.27
C GLY J 158 -43.22 0.52 33.01
N PRO J 159 -42.92 -0.10 31.87
CA PRO J 159 -43.03 0.63 30.59
C PRO J 159 -44.48 0.98 30.30
N CYS J 160 -44.70 2.23 29.91
CA CYS J 160 -46.03 2.75 29.64
C CYS J 160 -45.90 3.99 28.77
N TRP J 161 -47.03 4.56 28.39
CA TRP J 161 -47.04 5.83 27.67
C TRP J 161 -46.96 6.98 28.67
N LEU J 162 -46.11 7.96 28.35
CA LEU J 162 -45.91 9.12 29.19
C LEU J 162 -46.28 10.40 28.44
N GLU J 163 -46.58 11.44 29.21
CA GLU J 163 -46.92 12.74 28.67
C GLU J 163 -45.91 13.76 29.17
N VAL J 164 -45.37 14.56 28.25
CA VAL J 164 -44.37 15.57 28.57
C VAL J 164 -44.98 16.91 28.21
N LYS J 165 -45.56 17.60 29.20
CA LYS J 165 -46.13 18.92 28.97
C LYS J 165 -45.01 19.93 28.80
N SER J 166 -45.15 20.78 27.77
CA SER J 166 -44.17 21.80 27.42
C SER J 166 -42.78 21.21 27.25
N PRO J 167 -42.55 20.35 26.26
CA PRO J 167 -41.20 19.85 26.03
C PRO J 167 -40.31 20.91 25.41
N GLN J 168 -39.01 20.76 25.60
CA GLN J 168 -38.02 21.69 25.12
C GLN J 168 -37.01 21.00 24.21
N LEU J 169 -36.54 21.74 23.21
CA LEU J 169 -35.49 21.24 22.35
C LEU J 169 -34.15 21.27 23.07
N LEU J 170 -33.14 20.70 22.43
CA LEU J 170 -31.79 20.68 22.96
C LEU J 170 -30.81 21.28 21.95
N ASN J 171 -29.88 22.09 22.45
CA ASN J 171 -28.91 22.72 21.57
C ASN J 171 -27.97 21.69 20.94
N GLN J 172 -27.58 20.68 21.70
CA GLN J 172 -26.68 19.64 21.23
C GLN J 172 -27.36 18.29 21.34
N PRO J 173 -27.36 17.48 20.27
CA PRO J 173 -27.88 16.11 20.39
C PRO J 173 -27.09 15.30 21.40
N VAL J 174 -27.80 14.77 22.40
CA VAL J 174 -27.14 14.08 23.51
C VAL J 174 -27.20 12.55 23.37
N SER J 175 -28.08 12.02 22.52
CA SER J 175 -28.26 10.59 22.39
C SER J 175 -28.19 10.19 20.92
N TRP J 176 -28.07 8.89 20.68
CA TRP J 176 -28.06 8.32 19.35
C TRP J 176 -29.47 8.06 18.81
N CYS J 177 -30.50 8.53 19.52
CA CYS J 177 -31.88 8.24 19.16
C CYS J 177 -32.39 9.22 18.11
N LYS J 178 -33.47 8.80 17.43
CA LYS J 178 -34.01 9.60 16.34
C LYS J 178 -34.64 10.90 16.82
N VAL J 179 -35.21 10.90 18.03
CA VAL J 179 -35.90 12.05 18.58
C VAL J 179 -35.37 12.32 19.98
N GLU J 180 -35.27 13.59 20.36
CA GLU J 180 -34.83 13.99 21.69
C GLU J 180 -35.70 15.12 22.21
N ALA J 181 -35.93 15.10 23.53
CA ALA J 181 -36.72 16.14 24.18
C ALA J 181 -36.20 16.34 25.59
N MET J 182 -36.54 17.49 26.17
CA MET J 182 -36.10 17.85 27.51
C MET J 182 -37.30 18.18 28.38
N ALA J 183 -37.29 17.66 29.61
CA ALA J 183 -38.29 17.99 30.62
C ALA J 183 -37.61 18.81 31.71
N LEU J 184 -38.15 20.00 31.99
CA LEU J 184 -37.49 20.89 32.93
C LEU J 184 -37.69 20.46 34.37
N LYS J 185 -38.79 19.78 34.67
CA LYS J 185 -39.07 19.33 36.02
C LYS J 185 -39.80 18.00 35.96
N PRO J 186 -39.63 17.14 36.97
CA PRO J 186 -40.38 15.86 36.97
C PRO J 186 -41.88 16.05 37.02
N ASP J 187 -42.36 17.19 37.55
CA ASP J 187 -43.79 17.42 37.63
C ASP J 187 -44.43 17.53 36.26
N LEU J 188 -43.64 17.76 35.21
CA LEU J 188 -44.16 17.91 33.87
C LEU J 188 -44.43 16.57 33.18
N VAL J 189 -44.06 15.45 33.80
CA VAL J 189 -44.20 14.13 33.20
C VAL J 189 -45.34 13.40 33.89
N ASN J 190 -46.35 13.03 33.13
CA ASN J 190 -47.50 12.29 33.64
C ASN J 190 -47.69 11.02 32.83
N VAL J 191 -48.48 10.10 33.37
CA VAL J 191 -48.67 8.78 32.77
C VAL J 191 -49.94 8.79 31.94
N ILE J 192 -49.86 8.19 30.75
CA ILE J 192 -51.01 7.99 29.88
C ILE J 192 -51.32 6.50 29.84
N LYS J 193 -52.57 6.14 30.12
CA LYS J 193 -53.00 4.74 30.22
C LYS J 193 -54.28 4.54 29.41
N ASP J 194 -54.15 4.68 28.08
CA ASP J 194 -55.26 4.29 27.20
C ASP J 194 -54.78 3.98 25.79
N VAL J 195 -53.52 3.60 25.60
CA VAL J 195 -52.95 3.35 24.28
C VAL J 195 -52.24 2.00 24.32
N SER J 196 -52.38 1.24 23.23
CA SER J 196 -51.70 -0.04 23.13
C SER J 196 -50.18 0.18 23.08
N PRO J 197 -49.40 -0.73 23.67
CA PRO J 197 -47.96 -0.59 23.61
C PRO J 197 -47.45 -0.77 22.19
N PRO J 198 -46.36 -0.11 21.83
CA PRO J 198 -45.82 -0.24 20.47
C PRO J 198 -44.93 -1.46 20.36
N PRO J 199 -44.75 -1.98 19.15
CA PRO J 199 -43.78 -3.06 18.97
C PRO J 199 -42.36 -2.54 19.11
N LEU J 200 -41.45 -3.45 19.44
CA LEU J 200 -40.05 -3.11 19.69
C LEU J 200 -39.17 -3.65 18.57
N VAL J 201 -37.95 -3.11 18.51
CA VAL J 201 -36.94 -3.54 17.54
C VAL J 201 -36.03 -4.51 18.29
N VAL J 202 -36.19 -5.81 18.01
CA VAL J 202 -35.42 -6.85 18.66
C VAL J 202 -34.27 -7.26 17.76
N MET J 203 -33.07 -7.37 18.34
CA MET J 203 -31.88 -7.78 17.61
C MET J 203 -31.15 -8.85 18.41
N ALA J 204 -31.18 -10.09 17.92
CA ALA J 204 -30.45 -11.19 18.52
C ALA J 204 -29.15 -11.40 17.76
N PHE J 205 -28.03 -11.38 18.47
CA PHE J 205 -26.73 -11.40 17.84
C PHE J 205 -25.88 -12.52 18.41
N SER J 206 -24.88 -12.94 17.64
CA SER J 206 -23.91 -13.94 18.07
C SER J 206 -22.58 -13.63 17.42
N MET J 207 -21.50 -14.05 18.09
CA MET J 207 -20.15 -13.75 17.64
C MET J 207 -19.26 -14.98 17.87
N LYS J 208 -18.19 -15.07 17.09
CA LYS J 208 -17.21 -16.13 17.22
C LYS J 208 -15.83 -15.52 17.42
N THR J 209 -15.14 -15.95 18.47
CA THR J 209 -13.82 -15.43 18.81
C THR J 209 -12.77 -16.42 18.34
N MET J 210 -11.50 -16.02 18.51
CA MET J 210 -10.37 -16.88 18.18
C MET J 210 -9.14 -16.33 18.90
N GLN J 211 -8.54 -17.14 19.77
CA GLN J 211 -7.38 -16.70 20.53
C GLN J 211 -6.22 -16.40 19.58
N ASN J 212 -5.65 -15.21 19.73
CA ASN J 212 -4.58 -14.76 18.84
C ASN J 212 -3.27 -15.46 19.20
N ALA J 213 -2.26 -15.24 18.36
CA ALA J 213 -0.96 -15.86 18.52
C ALA J 213 -0.06 -15.00 19.40
N LYS J 214 0.78 -15.66 20.20
CA LYS J 214 1.74 -15.03 21.11
C LYS J 214 1.08 -14.17 22.18
N ASN J 215 -0.24 -14.27 22.36
CA ASN J 215 -0.94 -13.51 23.38
C ASN J 215 -2.23 -14.24 23.73
N HIS J 216 -2.80 -13.88 24.87
CA HIS J 216 -4.02 -14.52 25.38
C HIS J 216 -5.27 -13.72 25.06
N GLN J 217 -5.18 -12.67 24.24
CA GLN J 217 -6.33 -11.86 23.93
C GLN J 217 -7.15 -12.49 22.81
N ASN J 218 -8.47 -12.48 22.99
CA ASN J 218 -9.37 -13.01 21.98
C ASN J 218 -9.57 -11.99 20.86
N GLU J 219 -9.76 -12.50 19.65
CA GLU J 219 -10.02 -11.68 18.48
C GLU J 219 -11.38 -12.04 17.90
N ILE J 220 -12.18 -11.03 17.58
CA ILE J 220 -13.49 -11.24 16.99
C ILE J 220 -13.33 -11.41 15.49
N ILE J 221 -13.68 -12.58 14.98
CA ILE J 221 -13.53 -12.88 13.56
C ILE J 221 -14.87 -12.87 12.81
N ALA J 222 -16.00 -12.96 13.51
CA ALA J 222 -17.29 -13.02 12.84
C ALA J 222 -18.38 -12.59 13.80
N MET J 223 -19.36 -11.85 13.28
CA MET J 223 -20.57 -11.50 14.01
C MET J 223 -21.77 -11.68 13.10
N ALA J 224 -22.88 -12.13 13.67
CA ALA J 224 -24.13 -12.25 12.95
C ALA J 224 -25.26 -11.79 13.85
N ALA J 225 -26.34 -11.29 13.24
CA ALA J 225 -27.46 -10.79 14.01
C ALA J 225 -28.73 -10.88 13.18
N LEU J 226 -29.84 -11.18 13.87
CA LEU J 226 -31.17 -11.14 13.28
C LEU J 226 -31.94 -9.98 13.90
N VAL J 227 -32.79 -9.35 13.10
CA VAL J 227 -33.50 -8.14 13.52
C VAL J 227 -34.96 -8.26 13.12
N HIS J 228 -35.86 -7.88 14.03
CA HIS J 228 -37.27 -7.71 13.73
C HIS J 228 -37.69 -6.32 14.22
N HIS J 229 -38.16 -5.49 13.29
CA HIS J 229 -38.45 -4.09 13.57
C HIS J 229 -39.85 -3.87 14.14
N SER J 230 -40.68 -4.91 14.23
CA SER J 230 -42.05 -4.78 14.70
C SER J 230 -42.38 -5.95 15.62
N PHE J 231 -41.54 -6.17 16.63
CA PHE J 231 -41.72 -7.27 17.57
C PHE J 231 -42.65 -6.80 18.68
N ALA J 232 -43.87 -7.31 18.70
CA ALA J 232 -44.86 -6.92 19.69
C ALA J 232 -44.72 -7.75 20.96
N LEU J 233 -45.00 -7.12 22.09
CA LEU J 233 -45.00 -7.80 23.38
C LEU J 233 -46.38 -8.28 23.81
N ASP J 234 -47.43 -7.54 23.48
CA ASP J 234 -48.77 -7.89 23.92
C ASP J 234 -49.35 -9.08 23.16
N LYS J 235 -48.77 -9.43 22.01
CA LYS J 235 -49.24 -10.55 21.22
C LYS J 235 -48.22 -11.69 21.31
N ALA J 236 -48.42 -12.71 20.47
CA ALA J 236 -47.51 -13.85 20.43
C ALA J 236 -46.22 -13.46 19.71
N ALA J 237 -45.26 -14.37 19.76
CA ALA J 237 -43.99 -14.14 19.09
C ALA J 237 -44.20 -14.11 17.59
N PRO J 238 -43.65 -13.13 16.87
CA PRO J 238 -43.78 -13.10 15.41
C PRO J 238 -43.17 -14.34 14.77
N LYS J 239 -43.83 -14.84 13.72
CA LYS J 239 -43.33 -16.00 12.99
C LYS J 239 -43.23 -15.69 11.50
N PRO J 240 -42.00 -15.60 10.97
CA PRO J 240 -40.72 -15.76 11.68
C PRO J 240 -40.39 -14.59 12.60
N PRO J 241 -39.55 -14.83 13.62
CA PRO J 241 -39.23 -13.78 14.59
C PRO J 241 -38.18 -12.79 14.14
N PHE J 242 -37.82 -12.78 12.86
CA PHE J 242 -36.81 -11.85 12.37
C PHE J 242 -37.14 -11.50 10.92
N GLN J 243 -37.09 -10.20 10.60
CA GLN J 243 -37.38 -9.70 9.27
C GLN J 243 -36.14 -9.55 8.39
N SER J 244 -35.02 -9.14 8.97
CA SER J 244 -33.77 -8.97 8.24
C SER J 244 -32.64 -9.52 9.09
N HIS J 245 -31.43 -9.53 8.52
CA HIS J 245 -30.26 -10.06 9.19
C HIS J 245 -29.01 -9.55 8.48
N PHE J 246 -27.87 -9.72 9.13
CA PHE J 246 -26.60 -9.35 8.53
C PHE J 246 -25.48 -10.13 9.20
N CYS J 247 -24.44 -10.43 8.43
CA CYS J 247 -23.24 -11.08 8.93
C CYS J 247 -22.02 -10.28 8.49
N VAL J 248 -20.99 -10.30 9.32
CA VAL J 248 -19.73 -9.64 9.03
C VAL J 248 -18.60 -10.57 9.42
N VAL J 249 -17.62 -10.74 8.53
CA VAL J 249 -16.51 -11.64 8.73
C VAL J 249 -15.20 -10.90 8.48
N SER J 250 -14.22 -11.13 9.33
CA SER J 250 -12.90 -10.53 9.22
C SER J 250 -11.86 -11.63 9.06
N LYS J 251 -10.59 -11.23 9.02
CA LYS J 251 -9.48 -12.15 8.91
C LYS J 251 -8.44 -11.82 9.96
N PRO J 252 -7.81 -12.84 10.56
CA PRO J 252 -6.72 -12.58 11.49
C PRO J 252 -5.49 -12.04 10.77
N LYS J 253 -4.52 -11.58 11.56
CA LYS J 253 -3.30 -11.05 11.00
C LYS J 253 -2.50 -12.14 10.31
N ASP J 254 -1.81 -11.76 9.24
CA ASP J 254 -0.99 -12.67 8.45
C ASP J 254 -1.83 -13.84 7.92
N CYS J 255 -2.99 -13.52 7.36
CA CYS J 255 -3.88 -14.51 6.79
C CYS J 255 -4.79 -13.83 5.77
N ILE J 256 -5.10 -14.53 4.69
CA ILE J 256 -5.88 -13.96 3.60
C ILE J 256 -7.17 -14.74 3.43
N PHE J 257 -8.14 -14.11 2.78
CA PHE J 257 -9.41 -14.75 2.51
C PHE J 257 -9.24 -15.82 1.42
N PRO J 258 -10.12 -16.82 1.38
CA PRO J 258 -9.99 -17.87 0.38
C PRO J 258 -10.24 -17.35 -1.02
N TYR J 259 -9.82 -18.15 -2.00
CA TYR J 259 -9.93 -17.76 -3.40
C TYR J 259 -11.38 -17.51 -3.79
N ALA J 260 -11.65 -16.34 -4.38
CA ALA J 260 -12.96 -15.97 -4.88
C ALA J 260 -14.02 -15.98 -3.78
N PHE J 261 -13.64 -15.53 -2.58
CA PHE J 261 -14.58 -15.54 -1.46
C PHE J 261 -15.63 -14.46 -1.60
N LYS J 262 -15.25 -13.29 -2.12
CA LYS J 262 -16.25 -12.25 -2.34
C LYS J 262 -17.17 -12.58 -3.50
N GLU J 263 -16.66 -13.28 -4.51
CA GLU J 263 -17.47 -13.62 -5.67
C GLU J 263 -18.49 -14.70 -5.33
N VAL J 264 -18.11 -15.68 -4.51
CA VAL J 264 -19.03 -16.75 -4.14
C VAL J 264 -20.13 -16.25 -3.22
N ILE J 265 -19.91 -15.14 -2.50
CA ILE J 265 -20.96 -14.58 -1.67
C ILE J 265 -22.04 -13.93 -2.53
N GLU J 266 -21.63 -13.21 -3.58
CA GLU J 266 -22.60 -12.56 -4.45
C GLU J 266 -23.41 -13.58 -5.25
N LYS J 267 -22.81 -14.72 -5.59
CA LYS J 267 -23.51 -15.73 -6.36
C LYS J 267 -24.70 -16.28 -5.59
N LYS J 268 -24.48 -16.69 -4.34
CA LYS J 268 -25.58 -17.13 -3.48
C LYS J 268 -26.38 -15.96 -2.92
N ASN J 269 -25.87 -14.74 -3.04
CA ASN J 269 -26.54 -13.53 -2.55
C ASN J 269 -26.89 -13.67 -1.07
N VAL J 270 -25.90 -14.09 -0.29
CA VAL J 270 -26.04 -14.17 1.16
C VAL J 270 -25.50 -12.89 1.78
N LYS J 271 -26.27 -12.31 2.71
CA LYS J 271 -25.87 -11.05 3.32
C LYS J 271 -24.65 -11.23 4.20
N VAL J 272 -23.45 -11.04 3.63
CA VAL J 272 -22.20 -11.18 4.36
C VAL J 272 -21.31 -10.00 4.03
N GLU J 273 -20.81 -9.33 5.07
CA GLU J 273 -19.90 -8.20 4.93
C GLU J 273 -18.48 -8.67 5.19
N VAL J 274 -17.58 -8.38 4.26
CA VAL J 274 -16.18 -8.81 4.34
C VAL J 274 -15.37 -7.63 4.88
N ALA J 275 -14.97 -7.71 6.14
CA ALA J 275 -14.18 -6.67 6.77
C ALA J 275 -12.70 -7.01 6.67
N ALA J 276 -11.90 -6.05 6.20
CA ALA J 276 -10.47 -6.28 6.04
C ALA J 276 -9.80 -6.56 7.37
N THR J 277 -9.96 -5.66 8.33
CA THR J 277 -9.37 -5.79 9.65
C THR J 277 -10.46 -5.96 10.70
N GLU J 278 -10.05 -6.37 11.90
CA GLU J 278 -10.99 -6.51 13.00
C GLU J 278 -11.60 -5.17 13.38
N ARG J 279 -10.84 -4.08 13.24
CA ARG J 279 -11.39 -2.75 13.50
C ARG J 279 -12.54 -2.44 12.55
N THR J 280 -12.38 -2.77 11.27
CA THR J 280 -13.45 -2.55 10.30
C THR J 280 -14.71 -3.31 10.69
N LEU J 281 -14.55 -4.55 11.16
CA LEU J 281 -15.70 -5.33 11.61
C LEU J 281 -16.39 -4.65 12.78
N LEU J 282 -15.60 -4.15 13.74
CA LEU J 282 -16.19 -3.48 14.90
C LEU J 282 -16.90 -2.20 14.48
N GLY J 283 -16.30 -1.43 13.58
CA GLY J 283 -16.98 -0.24 13.08
C GLY J 283 -18.24 -0.58 12.31
N PHE J 284 -18.21 -1.67 11.54
CA PHE J 284 -19.39 -2.08 10.80
C PHE J 284 -20.52 -2.49 11.75
N PHE J 285 -20.17 -3.19 12.83
CA PHE J 285 -21.18 -3.63 13.78
C PHE J 285 -21.80 -2.44 14.51
N LEU J 286 -20.95 -1.54 15.02
CA LEU J 286 -21.47 -0.36 15.70
C LEU J 286 -22.32 0.50 14.78
N ALA J 287 -22.00 0.51 13.48
CA ALA J 287 -22.82 1.25 12.53
C ALA J 287 -24.17 0.59 12.34
N LYS J 288 -24.20 -0.74 12.22
CA LYS J 288 -25.47 -1.45 12.07
C LYS J 288 -26.36 -1.27 13.29
N VAL J 289 -25.77 -1.40 14.48
CA VAL J 289 -26.55 -1.21 15.71
C VAL J 289 -27.08 0.21 15.77
N HIS J 290 -26.30 1.19 15.33
CA HIS J 290 -26.76 2.57 15.35
C HIS J 290 -27.85 2.80 14.32
N LYS J 291 -27.77 2.12 13.17
CA LYS J 291 -28.78 2.29 12.14
C LYS J 291 -30.05 1.53 12.49
N ILE J 292 -29.91 0.27 12.93
CA ILE J 292 -31.07 -0.51 13.36
C ILE J 292 -31.72 0.15 14.57
N ASP J 293 -30.91 0.62 15.51
CA ASP J 293 -31.38 1.22 16.76
C ASP J 293 -32.33 0.28 17.51
N PRO J 294 -31.85 -0.88 17.94
CA PRO J 294 -32.72 -1.84 18.63
C PRO J 294 -33.01 -1.41 20.05
N ASP J 295 -34.19 -1.81 20.53
CA ASP J 295 -34.57 -1.61 21.92
C ASP J 295 -34.06 -2.73 22.82
N ILE J 296 -34.06 -3.95 22.32
CA ILE J 296 -33.63 -5.13 23.07
C ILE J 296 -32.60 -5.87 22.24
N ILE J 297 -31.46 -6.17 22.85
CA ILE J 297 -30.43 -7.00 22.23
C ILE J 297 -30.42 -8.34 22.95
N VAL J 298 -30.49 -9.42 22.17
CA VAL J 298 -30.59 -10.77 22.71
C VAL J 298 -29.30 -11.52 22.42
N GLY J 299 -28.89 -12.35 23.37
CA GLY J 299 -27.69 -13.14 23.20
C GLY J 299 -27.56 -14.17 24.30
N HIS J 300 -26.41 -14.83 24.32
CA HIS J 300 -26.10 -15.83 25.34
C HIS J 300 -24.73 -15.53 25.92
N ASN J 301 -24.58 -15.80 27.22
CA ASN J 301 -23.33 -15.56 27.94
C ASN J 301 -22.80 -14.15 27.68
N ILE J 302 -23.68 -13.18 27.87
CA ILE J 302 -23.40 -11.79 27.50
C ILE J 302 -22.47 -11.15 28.52
N TYR J 303 -22.96 -10.95 29.74
CA TYR J 303 -22.14 -10.32 30.78
C TYR J 303 -20.96 -11.18 31.18
N GLY J 304 -21.00 -12.49 30.92
CA GLY J 304 -19.94 -13.38 31.32
C GLY J 304 -18.79 -13.46 30.34
N PHE J 305 -19.04 -13.04 29.10
CA PHE J 305 -18.01 -13.19 28.06
C PHE J 305 -18.16 -12.17 26.94
N GLU J 306 -19.25 -12.28 26.16
CA GLU J 306 -19.33 -11.56 24.89
C GLU J 306 -19.29 -10.05 25.09
N LEU J 307 -19.97 -9.53 26.11
CA LEU J 307 -19.99 -8.08 26.31
C LEU J 307 -18.61 -7.55 26.66
N GLU J 308 -17.90 -8.23 27.56
CA GLU J 308 -16.56 -7.78 27.92
C GLU J 308 -15.58 -7.96 26.77
N VAL J 309 -15.79 -8.97 25.93
CA VAL J 309 -14.91 -9.18 24.79
C VAL J 309 -15.13 -8.11 23.73
N LEU J 310 -16.40 -7.80 23.45
CA LEU J 310 -16.71 -6.81 22.42
C LEU J 310 -16.19 -5.43 22.81
N LEU J 311 -16.30 -5.08 24.09
CA LEU J 311 -15.82 -3.78 24.55
C LEU J 311 -14.30 -3.71 24.53
N GLN J 312 -13.64 -4.77 25.02
CA GLN J 312 -12.18 -4.76 25.06
C GLN J 312 -11.59 -4.72 23.66
N ARG J 313 -12.24 -5.38 22.70
CA ARG J 313 -11.77 -5.32 21.32
C ARG J 313 -11.93 -3.92 20.75
N ILE J 314 -13.04 -3.24 21.06
CA ILE J 314 -13.20 -1.85 20.65
C ILE J 314 -12.11 -0.99 21.29
N ASN J 315 -11.74 -1.31 22.53
CA ASN J 315 -10.68 -0.56 23.19
C ASN J 315 -9.33 -0.81 22.53
N VAL J 316 -9.04 -2.05 22.16
CA VAL J 316 -7.75 -2.37 21.56
C VAL J 316 -7.69 -1.90 20.11
N CYS J 317 -8.70 -2.24 19.32
CA CYS J 317 -8.73 -1.84 17.91
C CYS J 317 -9.06 -0.36 17.73
N LYS J 318 -9.32 0.37 18.81
CA LYS J 318 -9.61 1.80 18.76
C LYS J 318 -10.78 2.10 17.82
N ALA J 319 -11.82 1.27 17.91
CA ALA J 319 -12.99 1.47 17.07
C ALA J 319 -13.69 2.77 17.44
N PRO J 320 -14.07 3.60 16.46
CA PRO J 320 -14.66 4.90 16.78
C PRO J 320 -16.12 4.76 17.20
N HIS J 321 -16.53 5.61 18.14
CA HIS J 321 -17.90 5.70 18.64
C HIS J 321 -18.35 4.35 19.23
N TRP J 322 -17.82 4.07 20.42
CA TRP J 322 -18.22 2.85 21.11
C TRP J 322 -19.62 2.99 21.69
N SER J 323 -19.99 4.18 22.15
CA SER J 323 -21.26 4.38 22.84
C SER J 323 -22.47 4.16 21.93
N LYS J 324 -22.25 3.91 20.63
CA LYS J 324 -23.35 3.49 19.77
C LYS J 324 -23.90 2.13 20.17
N ILE J 325 -23.16 1.36 20.96
CA ILE J 325 -23.68 0.11 21.49
C ILE J 325 -24.83 0.37 22.45
N GLY J 326 -24.90 1.57 23.03
CA GLY J 326 -26.04 1.97 23.82
C GLY J 326 -26.82 3.07 23.12
N ARG J 327 -27.51 3.91 23.90
CA ARG J 327 -28.28 5.01 23.33
C ARG J 327 -27.78 6.39 23.73
N LEU J 328 -27.04 6.51 24.82
CA LEU J 328 -26.56 7.80 25.31
C LEU J 328 -25.14 8.02 24.83
N LYS J 329 -24.87 9.20 24.27
CA LYS J 329 -23.53 9.54 23.81
C LYS J 329 -22.59 9.66 25.00
N ARG J 330 -21.56 8.82 25.02
CA ARG J 330 -20.60 8.78 26.12
C ARG J 330 -19.19 8.73 25.56
N SER J 331 -18.23 9.10 26.41
CA SER J 331 -16.84 9.22 25.98
C SER J 331 -16.01 8.01 26.37
N ASN J 332 -15.79 7.82 27.66
CA ASN J 332 -14.95 6.74 28.17
C ASN J 332 -15.81 5.55 28.59
N MET J 333 -15.30 4.34 28.32
CA MET J 333 -16.02 3.13 28.68
C MET J 333 -15.94 2.88 30.18
N PRO J 334 -16.95 2.21 30.75
CA PRO J 334 -16.91 1.91 32.19
C PRO J 334 -15.87 0.86 32.53
N LYS J 335 -15.71 0.56 33.82
CA LYS J 335 -14.78 -0.47 34.25
C LYS J 335 -15.39 -1.85 34.05
N LEU J 336 -14.68 -2.70 33.34
CA LEU J 336 -15.16 -4.06 33.07
C LEU J 336 -14.26 -5.10 33.73
N PHE J 342 -21.33 -4.09 37.67
CA PHE J 342 -21.99 -2.79 37.62
C PHE J 342 -21.50 -1.96 36.44
N GLY J 343 -20.20 -2.06 36.15
CA GLY J 343 -19.64 -1.28 35.05
C GLY J 343 -20.18 -1.72 33.70
N GLU J 344 -20.18 -3.03 33.43
CA GLU J 344 -20.69 -3.54 32.17
C GLU J 344 -22.21 -3.44 32.10
N ARG J 345 -22.89 -3.25 33.22
CA ARG J 345 -24.35 -3.13 33.20
C ARG J 345 -24.79 -1.84 32.51
N ASN J 346 -24.08 -0.75 32.77
CA ASN J 346 -24.43 0.56 32.22
C ASN J 346 -23.81 0.81 30.85
N ALA J 347 -23.02 -0.13 30.33
CA ALA J 347 -22.34 0.09 29.05
C ALA J 347 -23.33 0.27 27.91
N THR J 348 -24.38 -0.54 27.88
CA THR J 348 -25.38 -0.45 26.82
C THR J 348 -26.68 0.12 27.36
N CYS J 349 -26.60 1.25 28.05
CA CYS J 349 -27.79 1.88 28.62
C CYS J 349 -28.73 2.36 27.52
N GLY J 350 -30.01 2.46 27.86
CA GLY J 350 -31.07 2.74 26.93
C GLY J 350 -31.58 1.53 26.15
N ARG J 351 -30.71 0.54 25.92
CA ARG J 351 -31.11 -0.71 25.29
C ARG J 351 -31.25 -1.81 26.33
N MET J 352 -32.22 -2.69 26.13
CA MET J 352 -32.42 -3.84 27.00
C MET J 352 -31.54 -4.99 26.54
N ILE J 353 -30.89 -5.66 27.51
CA ILE J 353 -30.04 -6.81 27.25
C ILE J 353 -30.74 -8.04 27.81
N CYS J 354 -30.87 -9.07 26.97
CA CYS J 354 -31.52 -10.33 27.36
C CYS J 354 -30.54 -11.47 27.17
N ASP J 355 -30.01 -11.98 28.27
CA ASP J 355 -29.14 -13.15 28.24
C ASP J 355 -30.04 -14.37 28.39
N VAL J 356 -30.23 -15.11 27.29
CA VAL J 356 -31.13 -16.27 27.32
C VAL J 356 -30.65 -17.35 28.28
N GLU J 357 -29.35 -17.42 28.55
CA GLU J 357 -28.85 -18.36 29.54
C GLU J 357 -29.27 -17.97 30.96
N ILE J 358 -29.53 -16.69 31.20
CA ILE J 358 -30.02 -16.25 32.50
C ILE J 358 -31.55 -16.33 32.57
N SER J 359 -32.23 -16.01 31.47
CA SER J 359 -33.68 -16.10 31.46
C SER J 359 -34.15 -17.54 31.58
N ALA J 360 -33.45 -18.47 30.91
CA ALA J 360 -33.83 -19.87 31.00
C ALA J 360 -33.62 -20.41 32.40
N LYS J 361 -32.60 -19.93 33.12
CA LYS J 361 -32.34 -20.41 34.47
C LYS J 361 -33.45 -20.00 35.42
N GLU J 362 -34.12 -18.89 35.14
CA GLU J 362 -35.24 -18.44 35.97
C GLU J 362 -36.57 -19.07 35.58
N LEU J 363 -36.66 -19.69 34.40
CA LEU J 363 -37.92 -20.20 33.89
C LEU J 363 -38.00 -21.73 33.91
N ILE J 364 -36.99 -22.41 33.38
CA ILE J 364 -36.99 -23.85 33.26
C ILE J 364 -35.84 -24.43 34.08
N ARG J 365 -35.88 -25.75 34.27
CA ARG J 365 -34.83 -26.48 34.95
C ARG J 365 -34.20 -27.46 33.97
N CYS J 366 -32.86 -27.48 33.92
CA CYS J 366 -32.13 -28.37 33.05
C CYS J 366 -30.85 -28.83 33.76
N LYS J 367 -30.16 -29.78 33.13
CA LYS J 367 -28.87 -30.21 33.67
C LYS J 367 -27.85 -29.09 33.60
N SER J 368 -27.89 -28.29 32.54
CA SER J 368 -27.05 -27.11 32.39
C SER J 368 -27.85 -26.03 31.68
N TYR J 369 -27.34 -24.80 31.77
CA TYR J 369 -28.02 -23.66 31.17
C TYR J 369 -27.17 -22.96 30.12
N HIS J 370 -26.12 -23.62 29.63
CA HIS J 370 -25.39 -23.09 28.51
C HIS J 370 -26.22 -23.21 27.23
N LEU J 371 -25.77 -22.51 26.18
CA LEU J 371 -26.56 -22.45 24.95
C LEU J 371 -26.74 -23.83 24.33
N SER J 372 -25.70 -24.66 24.37
CA SER J 372 -25.76 -25.96 23.69
C SER J 372 -26.86 -26.83 24.27
N GLU J 373 -26.95 -26.91 25.60
CA GLU J 373 -28.00 -27.73 26.21
C GLU J 373 -29.37 -27.09 26.04
N LEU J 374 -29.45 -25.76 26.05
CA LEU J 374 -30.75 -25.10 25.89
C LEU J 374 -31.36 -25.38 24.52
N VAL J 375 -30.53 -25.52 23.49
CA VAL J 375 -31.06 -25.84 22.17
C VAL J 375 -31.58 -27.27 22.13
N GLN J 376 -30.96 -28.17 22.91
CA GLN J 376 -31.40 -29.56 22.91
C GLN J 376 -32.69 -29.74 23.71
N GLN J 377 -32.90 -28.93 24.75
CA GLN J 377 -34.06 -29.08 25.60
C GLN J 377 -35.24 -28.24 25.14
N ILE J 378 -34.98 -27.02 24.67
CA ILE J 378 -36.06 -26.11 24.27
C ILE J 378 -36.42 -26.27 22.81
N LEU J 379 -35.42 -26.39 21.94
CA LEU J 379 -35.65 -26.46 20.50
C LEU J 379 -35.58 -27.87 19.94
N LYS J 380 -35.19 -28.86 20.75
CA LYS J 380 -35.13 -30.26 20.33
C LYS J 380 -34.23 -30.44 19.09
N THR J 381 -33.14 -29.68 19.04
CA THR J 381 -32.21 -29.72 17.93
C THR J 381 -30.79 -29.68 18.46
N GLU J 382 -29.89 -30.36 17.76
CA GLU J 382 -28.49 -30.38 18.15
C GLU J 382 -27.79 -29.11 17.68
N ARG J 383 -26.73 -28.75 18.39
CA ARG J 383 -25.92 -27.57 18.07
C ARG J 383 -24.48 -28.00 17.82
N VAL J 384 -23.89 -27.46 16.77
CA VAL J 384 -22.51 -27.75 16.39
C VAL J 384 -21.66 -26.52 16.73
N VAL J 385 -20.53 -26.76 17.39
CA VAL J 385 -19.57 -25.71 17.72
C VAL J 385 -18.24 -26.08 17.10
N ILE J 386 -17.66 -25.15 16.34
CA ILE J 386 -16.36 -25.39 15.71
C ILE J 386 -15.26 -25.14 16.73
N PRO J 387 -14.34 -26.08 16.94
CA PRO J 387 -13.27 -25.87 17.92
C PRO J 387 -12.32 -24.77 17.47
N MET J 388 -11.68 -24.14 18.45
CA MET J 388 -10.76 -23.04 18.17
C MET J 388 -9.56 -23.49 17.34
N GLU J 389 -9.26 -24.79 17.32
CA GLU J 389 -8.13 -25.28 16.54
C GLU J 389 -8.47 -25.45 15.07
N ASN J 390 -9.71 -25.84 14.76
CA ASN J 390 -10.13 -26.06 13.38
C ASN J 390 -10.62 -24.79 12.69
N ILE J 391 -10.60 -23.64 13.37
CA ILE J 391 -11.13 -22.42 12.78
C ILE J 391 -10.19 -21.88 11.71
N GLN J 392 -8.88 -21.89 11.97
CA GLN J 392 -7.93 -21.33 11.02
C GLN J 392 -7.95 -22.06 9.69
N ASN J 393 -8.23 -23.37 9.71
CA ASN J 393 -8.34 -24.14 8.48
C ASN J 393 -9.63 -23.89 7.73
N MET J 394 -10.58 -23.17 8.32
CA MET J 394 -11.82 -22.84 7.61
C MET J 394 -11.61 -21.80 6.52
N TYR J 395 -10.55 -21.00 6.61
CA TYR J 395 -10.23 -20.00 5.60
C TYR J 395 -9.55 -20.59 4.37
N SER J 396 -9.34 -21.90 4.32
CA SER J 396 -8.66 -22.50 3.18
C SER J 396 -9.51 -22.43 1.92
N GLU J 397 -10.77 -22.84 2.01
CA GLU J 397 -11.70 -22.80 0.89
C GLU J 397 -12.87 -21.89 1.23
N SER J 398 -13.54 -21.40 0.18
CA SER J 398 -14.65 -20.48 0.38
C SER J 398 -15.85 -21.18 1.02
N SER J 399 -16.12 -22.42 0.61
CA SER J 399 -17.24 -23.15 1.19
C SER J 399 -17.04 -23.39 2.68
N GLN J 400 -15.79 -23.63 3.10
CA GLN J 400 -15.51 -23.87 4.51
C GLN J 400 -15.72 -22.61 5.34
N LEU J 401 -15.37 -21.45 4.80
CA LEU J 401 -15.52 -20.21 5.55
C LEU J 401 -16.99 -19.84 5.70
N LEU J 402 -17.79 -20.05 4.66
CA LEU J 402 -19.23 -19.86 4.79
C LEU J 402 -19.84 -20.82 5.80
N TYR J 403 -19.29 -22.03 5.89
CA TYR J 403 -19.73 -22.97 6.92
C TYR J 403 -19.46 -22.43 8.32
N LEU J 404 -18.36 -21.71 8.51
CA LEU J 404 -18.06 -21.14 9.82
C LEU J 404 -19.04 -20.02 10.17
N LEU J 405 -19.40 -19.18 9.19
CA LEU J 405 -20.34 -18.10 9.46
C LEU J 405 -21.75 -18.61 9.65
N GLU J 406 -22.09 -19.74 9.00
CA GLU J 406 -23.46 -20.26 9.08
C GLU J 406 -23.83 -20.66 10.49
N HIS J 407 -22.88 -21.24 11.23
CA HIS J 407 -23.19 -21.70 12.59
C HIS J 407 -23.31 -20.52 13.55
N THR J 408 -22.48 -19.49 13.37
CA THR J 408 -22.64 -18.28 14.17
C THR J 408 -23.92 -17.53 13.81
N TRP J 409 -24.43 -17.73 12.59
CA TRP J 409 -25.74 -17.20 12.25
C TRP J 409 -26.85 -18.01 12.89
N LYS J 410 -26.73 -19.35 12.86
CA LYS J 410 -27.72 -20.20 13.50
C LYS J 410 -27.75 -19.97 15.00
N ASP J 411 -26.60 -19.69 15.60
CA ASP J 411 -26.56 -19.42 17.03
C ASP J 411 -27.43 -18.21 17.37
N ALA J 412 -27.41 -17.19 16.53
CA ALA J 412 -28.32 -16.06 16.73
C ALA J 412 -29.76 -16.49 16.53
N LYS J 413 -30.02 -17.29 15.50
CA LYS J 413 -31.38 -17.82 15.31
C LYS J 413 -31.78 -18.73 16.46
N PHE J 414 -30.85 -19.53 16.95
CA PHE J 414 -31.12 -20.37 18.11
C PHE J 414 -31.45 -19.52 19.33
N ILE J 415 -30.65 -18.47 19.56
CA ILE J 415 -30.90 -17.57 20.69
C ILE J 415 -32.27 -16.91 20.54
N LEU J 416 -32.57 -16.42 19.33
CA LEU J 416 -33.84 -15.74 19.12
C LEU J 416 -35.02 -16.69 19.32
N GLN J 417 -34.88 -17.94 18.88
CA GLN J 417 -35.97 -18.90 19.03
C GLN J 417 -36.16 -19.30 20.49
N ILE J 418 -35.06 -19.45 21.24
CA ILE J 418 -35.17 -19.79 22.65
C ILE J 418 -35.88 -18.67 23.41
N MET J 419 -35.55 -17.42 23.08
CA MET J 419 -36.23 -16.29 23.72
C MET J 419 -37.72 -16.29 23.38
N CYS J 420 -38.08 -16.72 22.17
CA CYS J 420 -39.48 -16.72 21.79
C CYS J 420 -40.23 -17.90 22.42
N GLU J 421 -39.62 -19.09 22.44
CA GLU J 421 -40.29 -20.26 22.98
C GLU J 421 -40.55 -20.10 24.48
N LEU J 422 -39.58 -19.53 25.20
CA LEU J 422 -39.76 -19.30 26.64
C LEU J 422 -40.65 -18.11 26.95
N ASN J 423 -40.97 -17.28 25.96
CA ASN J 423 -41.78 -16.07 26.15
C ASN J 423 -41.16 -15.15 27.20
N VAL J 424 -39.86 -14.89 27.03
CA VAL J 424 -39.15 -14.06 28.00
C VAL J 424 -39.63 -12.61 27.95
N LEU J 425 -39.64 -12.03 26.75
CA LEU J 425 -40.03 -10.62 26.62
C LEU J 425 -41.47 -10.36 27.02
N PRO J 426 -42.47 -11.12 26.55
CA PRO J 426 -43.84 -10.85 27.02
C PRO J 426 -44.00 -11.03 28.52
N LEU J 427 -43.35 -12.03 29.10
CA LEU J 427 -43.47 -12.25 30.54
C LEU J 427 -42.69 -11.21 31.34
N ALA J 428 -41.58 -10.70 30.78
CA ALA J 428 -40.81 -9.68 31.48
C ALA J 428 -41.58 -8.38 31.57
N LEU J 429 -42.27 -7.99 30.49
CA LEU J 429 -43.05 -6.76 30.52
C LEU J 429 -44.17 -6.84 31.55
N GLN J 430 -44.83 -7.99 31.65
CA GLN J 430 -45.90 -8.13 32.62
C GLN J 430 -45.37 -8.06 34.05
N ILE J 431 -44.24 -8.72 34.32
CA ILE J 431 -43.65 -8.66 35.65
C ILE J 431 -43.26 -7.23 36.00
N THR J 432 -42.73 -6.50 35.03
CA THR J 432 -42.28 -5.13 35.29
C THR J 432 -43.46 -4.20 35.57
N ASN J 433 -44.55 -4.35 34.82
CA ASN J 433 -45.73 -3.53 35.07
C ASN J 433 -46.37 -3.84 36.42
N ILE J 434 -46.24 -5.08 36.90
CA ILE J 434 -46.79 -5.44 38.19
C ILE J 434 -45.93 -4.88 39.32
N ALA J 435 -44.61 -5.01 39.22
CA ALA J 435 -43.72 -4.51 40.26
C ALA J 435 -43.51 -3.00 40.13
N GLY J 436 -43.24 -2.53 38.92
CA GLY J 436 -42.98 -1.13 38.70
C GLY J 436 -41.53 -0.76 38.54
N ASN J 437 -40.63 -1.73 38.47
CA ASN J 437 -39.21 -1.47 38.33
C ASN J 437 -38.83 -1.14 36.88
N ILE J 438 -37.56 -1.25 36.56
CA ILE J 438 -37.09 -1.10 35.18
C ILE J 438 -37.10 -2.46 34.52
N MET J 439 -37.58 -2.52 33.28
CA MET J 439 -37.68 -3.80 32.60
C MET J 439 -36.31 -4.42 32.34
N SER J 440 -35.30 -3.60 32.08
CA SER J 440 -33.95 -4.13 31.92
C SER J 440 -33.49 -4.85 33.18
N ARG J 441 -33.86 -4.32 34.36
CA ARG J 441 -33.53 -5.00 35.61
C ARG J 441 -34.33 -6.29 35.76
N THR J 442 -35.57 -6.32 35.28
CA THR J 442 -36.34 -7.55 35.30
C THR J 442 -35.68 -8.65 34.47
N LEU J 443 -35.03 -8.27 33.37
CA LEU J 443 -34.44 -9.23 32.46
C LEU J 443 -33.12 -9.81 32.97
N MET J 444 -32.37 -9.05 33.74
CA MET J 444 -31.07 -9.51 34.23
C MET J 444 -31.15 -9.92 35.70
N GLY J 445 -32.03 -10.87 35.98
CA GLY J 445 -32.16 -11.43 37.31
C GLY J 445 -32.61 -10.40 38.34
N GLY J 446 -32.29 -10.69 39.60
CA GLY J 446 -32.65 -9.82 40.69
C GLY J 446 -34.11 -9.94 41.07
N ARG J 447 -34.46 -10.96 41.85
CA ARG J 447 -35.84 -11.14 42.27
C ARG J 447 -36.21 -10.21 43.43
N SER J 448 -35.26 -9.89 44.30
CA SER J 448 -35.56 -9.00 45.42
C SER J 448 -35.75 -7.55 44.94
N GLU J 449 -35.06 -7.16 43.87
CA GLU J 449 -35.20 -5.81 43.35
C GLU J 449 -36.56 -5.58 42.70
N ARG J 450 -37.29 -6.64 42.35
CA ARG J 450 -38.61 -6.49 41.74
C ARG J 450 -39.65 -6.08 42.78
N ASN J 451 -39.96 -6.96 43.72
CA ASN J 451 -40.98 -6.67 44.73
C ASN J 451 -40.60 -5.48 45.60
N GLU J 452 -39.31 -5.18 45.72
CA GLU J 452 -38.90 -3.97 46.44
C GLU J 452 -39.52 -2.74 45.80
N PHE J 453 -39.45 -2.64 44.47
CA PHE J 453 -40.16 -1.58 43.77
C PHE J 453 -41.66 -1.67 44.01
N LEU J 454 -42.19 -2.91 44.08
CA LEU J 454 -43.62 -3.08 44.33
C LEU J 454 -44.00 -2.60 45.73
N LEU J 455 -43.12 -2.84 46.71
CA LEU J 455 -43.39 -2.34 48.06
C LEU J 455 -43.17 -0.83 48.15
N LEU J 456 -42.23 -0.30 47.38
CA LEU J 456 -42.05 1.15 47.34
C LEU J 456 -43.30 1.85 46.82
N HIS J 457 -43.85 1.35 45.70
CA HIS J 457 -45.06 1.96 45.14
C HIS J 457 -46.24 1.84 46.10
N ALA J 458 -46.23 0.82 46.95
CA ALA J 458 -47.32 0.68 47.92
C ALA J 458 -47.19 1.71 49.04
N PHE J 459 -46.01 1.79 49.66
CA PHE J 459 -45.84 2.69 50.80
C PHE J 459 -45.76 4.15 50.38
N TYR J 460 -45.15 4.45 49.23
CA TYR J 460 -45.06 5.84 48.79
C TYR J 460 -46.44 6.43 48.50
N GLU J 461 -47.33 5.64 47.89
CA GLU J 461 -48.66 6.13 47.57
C GLU J 461 -49.56 6.23 48.79
N ASN J 462 -49.23 5.55 49.88
CA ASN J 462 -49.98 5.64 51.12
C ASN J 462 -49.33 6.60 52.13
N ASN J 463 -48.48 7.51 51.65
CA ASN J 463 -47.84 8.53 52.47
C ASN J 463 -47.03 7.90 53.62
N TYR J 464 -46.00 7.18 53.21
CA TYR J 464 -45.06 6.56 54.13
C TYR J 464 -43.64 7.04 53.84
N ILE J 465 -42.75 6.76 54.79
CA ILE J 465 -41.34 7.11 54.67
C ILE J 465 -40.58 5.82 54.39
N VAL J 466 -40.33 5.54 53.12
CA VAL J 466 -39.64 4.32 52.70
C VAL J 466 -38.22 4.31 53.26
N PRO J 467 -37.65 3.15 53.57
CA PRO J 467 -36.30 3.13 54.14
C PRO J 467 -35.25 3.52 53.11
N ASP J 468 -34.19 4.15 53.59
CA ASP J 468 -33.08 4.52 52.72
C ASP J 468 -32.38 3.27 52.19
N LYS J 469 -31.70 3.44 51.06
CA LYS J 469 -30.95 2.33 50.47
C LYS J 469 -29.83 1.89 51.41
N GLN J 470 -29.66 0.57 51.52
CA GLN J 470 -28.66 0.02 52.42
C GLN J 470 -27.25 0.42 52.00
N ILE J 471 -26.40 0.70 52.99
CA ILE J 471 -25.03 1.08 52.73
C ILE J 471 -24.08 -0.01 53.22
N LYS J 499 -25.56 -20.46 57.93
CA LYS J 499 -26.64 -21.11 58.66
C LYS J 499 -27.99 -20.48 58.33
N ALA J 500 -28.94 -20.65 59.24
CA ALA J 500 -30.29 -20.11 59.08
C ALA J 500 -30.54 -19.03 60.12
N ALA J 501 -31.57 -18.21 59.85
CA ALA J 501 -31.90 -17.09 60.72
C ALA J 501 -33.25 -17.25 61.43
N TYR J 502 -34.15 -18.06 60.90
CA TYR J 502 -35.47 -18.25 61.50
C TYR J 502 -36.04 -19.58 61.04
N ALA J 503 -37.04 -20.07 61.77
CA ALA J 503 -37.63 -21.36 61.47
C ALA J 503 -38.40 -21.33 60.16
N GLY J 504 -38.43 -22.46 59.49
CA GLY J 504 -39.12 -22.62 58.22
C GLY J 504 -40.45 -23.31 58.37
N GLY J 505 -40.79 -24.16 57.40
CA GLY J 505 -42.05 -24.87 57.42
C GLY J 505 -41.95 -26.21 58.13
N LEU J 506 -43.07 -26.67 58.65
CA LEU J 506 -43.12 -27.95 59.35
C LEU J 506 -43.14 -29.10 58.34
N VAL J 507 -42.29 -30.09 58.58
CA VAL J 507 -42.25 -31.31 57.79
C VAL J 507 -42.53 -32.48 58.72
N LEU J 508 -43.58 -33.23 58.41
CA LEU J 508 -44.00 -34.34 59.26
C LEU J 508 -43.18 -35.59 58.99
N ASP J 509 -43.13 -36.47 59.98
CA ASP J 509 -42.42 -37.72 59.82
C ASP J 509 -43.19 -38.65 58.88
N PRO J 510 -42.58 -39.15 57.82
CA PRO J 510 -43.31 -39.98 56.86
C PRO J 510 -43.43 -41.42 57.31
N LYS J 511 -44.60 -42.00 57.08
CA LYS J 511 -44.83 -43.42 57.35
C LYS J 511 -44.34 -44.21 56.13
N VAL J 512 -43.10 -44.70 56.23
CA VAL J 512 -42.47 -45.35 55.09
C VAL J 512 -43.22 -46.62 54.73
N GLY J 513 -43.41 -46.83 53.43
CA GLY J 513 -44.06 -48.02 52.94
C GLY J 513 -44.78 -47.76 51.64
N PHE J 514 -45.26 -48.85 51.04
CA PHE J 514 -46.04 -48.80 49.81
C PHE J 514 -47.52 -48.91 50.13
N TYR J 515 -48.33 -48.14 49.43
CA TYR J 515 -49.77 -48.06 49.69
C TYR J 515 -50.52 -48.49 48.44
N ASP J 516 -51.21 -49.64 48.53
CA ASP J 516 -51.97 -50.15 47.40
C ASP J 516 -53.32 -49.46 47.28
N LYS J 517 -53.94 -49.13 48.41
CA LYS J 517 -55.23 -48.46 48.40
C LYS J 517 -55.07 -46.99 48.01
N PHE J 518 -56.21 -46.32 47.80
CA PHE J 518 -56.20 -44.92 47.40
C PHE J 518 -55.63 -44.04 48.52
N ILE J 519 -55.04 -42.92 48.11
CA ILE J 519 -54.43 -41.98 49.05
C ILE J 519 -54.79 -40.57 48.62
N LEU J 520 -55.24 -39.76 49.57
CA LEU J 520 -55.69 -38.40 49.29
C LEU J 520 -54.59 -37.41 49.63
N LEU J 521 -54.53 -36.33 48.85
CA LEU J 521 -53.51 -35.30 49.00
C LEU J 521 -54.20 -33.94 49.14
N LEU J 522 -54.20 -33.41 50.36
CA LEU J 522 -54.76 -32.10 50.63
C LEU J 522 -53.63 -31.09 50.82
N ASP J 523 -53.87 -29.86 50.35
CA ASP J 523 -52.88 -28.80 50.51
C ASP J 523 -53.59 -27.46 50.38
N PHE J 524 -52.88 -26.40 50.80
CA PHE J 524 -53.42 -25.05 50.81
C PHE J 524 -52.99 -24.30 49.56
N ASN J 525 -53.93 -23.57 48.97
CA ASN J 525 -53.65 -22.76 47.79
C ASN J 525 -52.91 -21.50 48.23
N SER J 526 -51.62 -21.42 47.89
CA SER J 526 -50.79 -20.27 48.22
C SER J 526 -50.81 -20.00 49.72
N LEU J 527 -50.08 -20.80 50.49
CA LEU J 527 -50.18 -20.74 51.95
C LEU J 527 -49.66 -19.41 52.48
N TYR J 528 -48.38 -19.12 52.25
CA TYR J 528 -47.77 -17.95 52.87
C TYR J 528 -48.47 -16.63 52.51
N PRO J 529 -48.86 -16.37 51.25
CA PRO J 529 -49.61 -15.13 51.00
C PRO J 529 -51.02 -15.15 51.59
N SER J 530 -51.62 -16.33 51.75
CA SER J 530 -52.94 -16.40 52.39
C SER J 530 -52.84 -16.17 53.89
N ILE J 531 -51.72 -16.54 54.50
CA ILE J 531 -51.52 -16.27 55.92
C ILE J 531 -51.35 -14.78 56.15
N ILE J 532 -50.64 -14.10 55.23
CA ILE J 532 -50.45 -12.66 55.35
C ILE J 532 -51.80 -11.94 55.29
N GLN J 533 -52.68 -12.38 54.39
CA GLN J 533 -53.99 -11.75 54.26
C GLN J 533 -54.88 -12.09 55.46
N GLU J 534 -54.95 -13.37 55.83
CA GLU J 534 -55.87 -13.80 56.87
C GLU J 534 -55.54 -13.16 58.22
N PHE J 535 -54.30 -13.33 58.67
CA PHE J 535 -53.90 -12.84 59.98
C PHE J 535 -53.43 -11.39 59.96
N ASN J 536 -53.50 -10.72 58.81
CA ASN J 536 -53.18 -9.31 58.68
C ASN J 536 -51.78 -9.01 59.20
N ILE J 537 -50.79 -9.64 58.56
CA ILE J 537 -49.39 -9.48 58.91
C ILE J 537 -48.78 -8.45 57.98
N CYS J 538 -48.20 -7.40 58.57
CA CYS J 538 -47.63 -6.31 57.79
C CYS J 538 -46.65 -5.54 58.66
N PHE J 539 -45.90 -4.64 58.01
CA PHE J 539 -45.01 -3.75 58.75
C PHE J 539 -45.80 -2.82 59.65
N THR J 540 -47.04 -2.51 59.28
CA THR J 540 -47.85 -1.54 60.01
C THR J 540 -48.73 -2.18 61.07
N THR J 541 -49.17 -3.41 60.86
CA THR J 541 -50.15 -4.02 61.75
C THR J 541 -49.51 -4.53 63.04
N VAL J 542 -48.55 -5.45 62.92
CA VAL J 542 -47.96 -6.05 64.12
C VAL J 542 -47.15 -5.00 64.88
N GLN J 543 -46.94 -5.28 66.16
CA GLN J 543 -46.16 -4.41 67.05
C GLN J 543 -44.71 -4.88 67.01
N ARG J 544 -43.85 -4.14 66.31
CA ARG J 544 -42.45 -4.55 66.22
C ARG J 544 -41.50 -3.42 66.59
N GLN J 560 -41.27 -12.68 70.99
CA GLN J 560 -42.57 -12.23 71.44
C GLN J 560 -42.79 -10.76 71.10
N ILE J 561 -41.86 -10.15 70.39
CA ILE J 561 -41.95 -8.70 70.18
C ILE J 561 -43.09 -8.43 69.20
N PRO J 562 -43.35 -9.24 68.12
CA PRO J 562 -44.55 -8.96 67.31
C PRO J 562 -45.53 -10.13 67.24
N GLU J 563 -46.82 -9.81 67.37
CA GLU J 563 -47.88 -10.80 67.18
C GLU J 563 -48.97 -10.18 66.34
N LEU J 564 -49.71 -11.03 65.62
CA LEU J 564 -50.82 -10.53 64.83
C LEU J 564 -51.78 -9.75 65.72
N PRO J 565 -52.30 -8.62 65.26
CA PRO J 565 -53.17 -7.81 66.10
C PRO J 565 -54.62 -8.32 66.08
N ASP J 566 -55.52 -7.55 66.66
CA ASP J 566 -56.92 -7.95 66.70
C ASP J 566 -57.53 -7.83 65.30
N PRO J 567 -58.53 -8.67 64.99
CA PRO J 567 -59.24 -8.52 63.71
C PRO J 567 -59.98 -7.21 63.59
N SER J 568 -60.19 -6.49 64.70
CA SER J 568 -60.84 -5.18 64.67
C SER J 568 -60.01 -4.14 63.96
N LEU J 569 -58.73 -4.41 63.69
CA LEU J 569 -57.87 -3.49 62.96
C LEU J 569 -57.98 -3.76 61.47
N GLU J 570 -58.00 -2.69 60.68
CA GLU J 570 -58.18 -2.82 59.25
C GLU J 570 -56.95 -3.44 58.60
N MET J 571 -57.13 -3.89 57.35
CA MET J 571 -56.07 -4.60 56.64
C MET J 571 -54.91 -3.65 56.33
N GLY J 572 -53.70 -4.14 56.56
CA GLY J 572 -52.50 -3.36 56.34
C GLY J 572 -52.12 -3.27 54.88
N ILE J 573 -50.95 -2.68 54.65
CA ILE J 573 -50.50 -2.42 53.27
C ILE J 573 -50.00 -3.69 52.61
N LEU J 574 -49.18 -4.46 53.33
CA LEU J 574 -48.65 -5.70 52.75
C LEU J 574 -49.75 -6.71 52.40
N PRO J 575 -50.70 -7.03 53.29
CA PRO J 575 -51.72 -8.02 52.90
C PRO J 575 -52.69 -7.50 51.86
N ARG J 576 -52.96 -6.19 51.82
CA ARG J 576 -53.88 -5.66 50.83
C ARG J 576 -53.26 -5.63 49.44
N GLU J 577 -51.93 -5.43 49.35
CA GLU J 577 -51.26 -5.53 48.06
C GLU J 577 -51.33 -6.95 47.50
N ILE J 578 -51.33 -7.95 48.37
CA ILE J 578 -51.52 -9.33 47.92
C ILE J 578 -52.95 -9.52 47.46
N ARG J 579 -53.91 -8.91 48.17
CA ARG J 579 -55.31 -9.04 47.77
C ARG J 579 -55.55 -8.41 46.40
N LYS J 580 -54.83 -7.34 46.07
CA LYS J 580 -54.94 -6.77 44.73
C LYS J 580 -54.44 -7.75 43.69
N LEU J 581 -53.31 -8.42 43.95
CA LEU J 581 -52.75 -9.35 42.99
C LEU J 581 -53.64 -10.58 42.81
N VAL J 582 -54.21 -11.08 43.91
CA VAL J 582 -55.07 -12.26 43.82
C VAL J 582 -56.38 -11.91 43.14
N GLU J 583 -56.95 -10.75 43.46
CA GLU J 583 -58.18 -10.33 42.79
C GLU J 583 -57.94 -10.05 41.32
N ARG J 584 -56.84 -9.36 40.99
CA ARG J 584 -56.52 -9.09 39.60
C ARG J 584 -56.25 -10.39 38.84
N ARG J 585 -55.68 -11.40 39.51
CA ARG J 585 -55.49 -12.70 38.88
C ARG J 585 -56.83 -13.37 38.61
N LYS J 586 -57.78 -13.22 39.54
CA LYS J 586 -59.12 -13.75 39.30
C LYS J 586 -59.83 -13.01 38.17
N GLN J 587 -59.54 -11.72 38.02
CA GLN J 587 -60.10 -10.96 36.90
C GLN J 587 -59.62 -11.55 35.58
N VAL J 588 -58.30 -11.73 35.44
CA VAL J 588 -57.75 -12.29 34.20
C VAL J 588 -58.24 -13.71 33.99
N LYS J 589 -58.36 -14.49 35.07
CA LYS J 589 -58.87 -15.85 34.95
C LYS J 589 -60.31 -15.86 34.48
N GLN J 590 -61.09 -14.82 34.82
CA GLN J 590 -62.47 -14.74 34.34
C GLN J 590 -62.53 -14.31 32.88
N LEU J 591 -61.62 -13.44 32.46
CA LEU J 591 -61.59 -13.02 31.06
C LEU J 591 -61.28 -14.21 30.14
N MET J 592 -60.44 -15.13 30.60
CA MET J 592 -60.12 -16.33 29.82
C MET J 592 -61.35 -17.19 29.56
N LYS J 593 -62.39 -17.05 30.39
CA LYS J 593 -63.58 -17.89 30.24
C LYS J 593 -64.34 -17.58 28.96
N GLN J 594 -64.18 -16.37 28.42
CA GLN J 594 -64.98 -15.94 27.28
C GLN J 594 -64.76 -16.84 26.07
N GLN J 595 -65.85 -17.17 25.39
CA GLN J 595 -65.79 -18.02 24.22
C GLN J 595 -65.38 -17.22 22.98
N ASP J 596 -65.08 -17.93 21.89
CA ASP J 596 -64.43 -17.33 20.73
C ASP J 596 -63.13 -16.66 21.13
N LEU J 597 -63.13 -15.32 21.07
CA LEU J 597 -62.02 -14.51 21.56
C LEU J 597 -60.77 -14.61 20.68
N ASN J 598 -60.05 -13.51 20.54
CA ASN J 598 -58.75 -13.50 19.85
C ASN J 598 -57.80 -14.45 20.57
N PRO J 599 -57.22 -15.45 19.88
CA PRO J 599 -56.31 -16.37 20.56
C PRO J 599 -55.09 -15.68 21.17
N ASP J 600 -54.57 -14.65 20.52
CA ASP J 600 -53.45 -13.91 21.08
C ASP J 600 -53.77 -13.40 22.48
N LEU J 601 -55.06 -13.20 22.79
CA LEU J 601 -55.45 -12.85 24.15
C LEU J 601 -55.38 -14.05 25.08
N ILE J 602 -55.65 -15.26 24.56
CA ILE J 602 -55.54 -16.47 25.38
C ILE J 602 -54.13 -16.58 25.93
N LEU J 603 -53.13 -16.47 25.06
CA LEU J 603 -51.74 -16.55 25.50
C LEU J 603 -51.36 -15.35 26.35
N GLN J 604 -51.86 -14.17 26.00
CA GLN J 604 -51.51 -12.96 26.75
C GLN J 604 -52.12 -12.99 28.15
N TYR J 605 -53.38 -13.43 28.26
CA TYR J 605 -54.01 -13.57 29.57
C TYR J 605 -53.29 -14.62 30.41
N ASP J 606 -52.85 -15.70 29.77
CA ASP J 606 -52.14 -16.76 30.49
C ASP J 606 -50.81 -16.25 31.02
N ILE J 607 -50.09 -15.46 30.22
CA ILE J 607 -48.85 -14.85 30.69
C ILE J 607 -49.15 -13.82 31.79
N ARG J 608 -50.27 -13.11 31.66
CA ARG J 608 -50.63 -12.10 32.66
C ARG J 608 -50.87 -12.73 34.01
N GLN J 609 -51.65 -13.82 34.04
CA GLN J 609 -51.96 -14.46 35.32
C GLN J 609 -50.75 -15.18 35.90
N LYS J 610 -49.85 -15.67 35.03
CA LYS J 610 -48.63 -16.31 35.53
C LYS J 610 -47.74 -15.29 36.24
N ALA J 611 -47.58 -14.09 35.67
CA ALA J 611 -46.77 -13.07 36.30
C ALA J 611 -47.39 -12.60 37.61
N LEU J 612 -48.72 -12.61 37.71
CA LEU J 612 -49.38 -12.22 38.94
C LEU J 612 -49.13 -13.24 40.05
N LYS J 613 -49.15 -14.53 39.70
CA LYS J 613 -48.85 -15.56 40.69
C LYS J 613 -47.39 -15.51 41.11
N LEU J 614 -46.49 -15.25 40.16
CA LEU J 614 -45.07 -15.16 40.48
C LEU J 614 -44.79 -13.99 41.42
N THR J 615 -45.54 -12.89 41.28
CA THR J 615 -45.29 -11.73 42.13
C THR J 615 -45.82 -11.97 43.54
N ALA J 616 -47.00 -12.56 43.67
CA ALA J 616 -47.58 -12.78 45.00
C ALA J 616 -46.78 -13.80 45.80
N ASN J 617 -46.28 -14.85 45.13
CA ASN J 617 -45.52 -15.87 45.82
C ASN J 617 -44.12 -15.38 46.21
N SER J 618 -43.58 -14.43 45.45
CA SER J 618 -42.27 -13.87 45.76
C SER J 618 -42.30 -12.83 46.87
N MET J 619 -43.46 -12.62 47.50
CA MET J 619 -43.55 -11.59 48.53
C MET J 619 -42.83 -12.01 49.81
N TYR J 620 -43.08 -13.24 50.27
CA TYR J 620 -42.48 -13.71 51.51
C TYR J 620 -40.96 -13.85 51.38
N GLY J 621 -40.49 -14.34 50.21
CA GLY J 621 -39.08 -14.59 50.03
C GLY J 621 -38.19 -13.38 50.24
N CYS J 622 -38.74 -12.18 50.11
CA CYS J 622 -37.99 -10.95 50.31
C CYS J 622 -38.19 -10.37 51.70
N LEU J 623 -39.00 -11.02 52.55
CA LEU J 623 -39.03 -10.66 53.97
C LEU J 623 -37.92 -11.35 54.73
N GLY J 624 -37.54 -12.56 54.32
CA GLY J 624 -36.45 -13.29 54.93
C GLY J 624 -35.09 -13.06 54.31
N PHE J 625 -35.04 -12.32 53.20
CA PHE J 625 -33.76 -11.95 52.60
C PHE J 625 -33.13 -10.82 53.40
N SER J 626 -31.95 -11.08 53.97
CA SER J 626 -31.35 -10.13 54.91
C SER J 626 -30.99 -8.82 54.21
N TYR J 627 -30.46 -8.90 53.00
CA TYR J 627 -30.02 -7.70 52.29
C TYR J 627 -31.17 -6.95 51.62
N SER J 628 -32.41 -7.42 51.77
CA SER J 628 -33.54 -6.71 51.20
C SER J 628 -33.80 -5.41 51.94
N ARG J 629 -34.28 -4.40 51.20
CA ARG J 629 -34.59 -3.12 51.81
C ARG J 629 -35.65 -3.26 52.90
N PHE J 630 -36.66 -4.08 52.65
CA PHE J 630 -37.73 -4.34 53.63
C PHE J 630 -37.46 -5.61 54.40
N TYR J 631 -36.24 -5.78 54.88
CA TYR J 631 -35.87 -6.95 55.67
C TYR J 631 -36.62 -6.92 56.99
N ALA J 632 -37.48 -7.90 57.21
CA ALA J 632 -38.24 -8.03 58.46
C ALA J 632 -38.17 -9.49 58.88
N LYS J 633 -37.12 -9.85 59.62
CA LYS J 633 -36.98 -11.22 60.09
C LYS J 633 -38.11 -11.67 61.02
N PRO J 634 -38.59 -10.87 61.97
CA PRO J 634 -39.74 -11.32 62.77
C PRO J 634 -41.00 -11.52 61.95
N LEU J 635 -41.20 -10.73 60.89
CA LEU J 635 -42.37 -10.92 60.03
C LEU J 635 -42.31 -12.27 59.32
N ALA J 636 -41.17 -12.58 58.71
CA ALA J 636 -41.03 -13.85 58.03
C ALA J 636 -41.13 -15.02 59.00
N ALA J 637 -40.59 -14.85 60.21
CA ALA J 637 -40.70 -15.89 61.23
C ALA J 637 -42.15 -16.06 61.68
N LEU J 638 -42.89 -14.95 61.77
CA LEU J 638 -44.29 -15.04 62.18
C LEU J 638 -45.13 -15.69 61.09
N VAL J 639 -44.79 -15.45 59.83
CA VAL J 639 -45.53 -16.08 58.74
C VAL J 639 -45.25 -17.57 58.70
N THR J 640 -43.99 -17.96 58.87
CA THR J 640 -43.65 -19.39 58.85
C THR J 640 -44.19 -20.13 60.06
N TYR J 641 -44.35 -19.43 61.19
CA TYR J 641 -44.88 -20.09 62.38
C TYR J 641 -46.33 -20.50 62.18
N LYS J 642 -47.16 -19.59 61.67
CA LYS J 642 -48.55 -19.94 61.38
C LYS J 642 -48.63 -21.05 60.35
N GLY J 643 -47.73 -21.06 59.38
CA GLY J 643 -47.68 -22.17 58.44
C GLY J 643 -47.44 -23.50 59.14
N ARG J 644 -46.64 -23.49 60.21
CA ARG J 644 -46.44 -24.70 60.99
C ARG J 644 -47.65 -24.98 61.88
N GLU J 645 -48.22 -23.95 62.51
CA GLU J 645 -49.36 -24.17 63.39
C GLU J 645 -50.59 -24.59 62.60
N ILE J 646 -50.85 -23.95 61.46
CA ILE J 646 -52.01 -24.33 60.64
C ILE J 646 -51.87 -25.75 60.15
N LEU J 647 -50.66 -26.14 59.71
CA LEU J 647 -50.44 -27.52 59.29
C LEU J 647 -50.56 -28.48 60.47
N MET J 648 -49.96 -28.14 61.61
CA MET J 648 -50.04 -29.00 62.77
C MET J 648 -51.48 -29.16 63.23
N HIS J 649 -52.21 -28.03 63.35
CA HIS J 649 -53.61 -28.09 63.75
C HIS J 649 -54.45 -28.83 62.71
N THR J 650 -54.06 -28.76 61.44
CA THR J 650 -54.78 -29.51 60.41
C THR J 650 -54.61 -31.01 60.60
N LYS J 651 -53.38 -31.46 60.88
CA LYS J 651 -53.16 -32.88 61.09
C LYS J 651 -53.82 -33.38 62.38
N GLU J 652 -53.77 -32.57 63.43
CA GLU J 652 -54.43 -32.94 64.68
C GLU J 652 -55.93 -33.08 64.50
N MET J 653 -56.52 -32.33 63.56
CA MET J 653 -57.97 -32.35 63.38
C MET J 653 -58.41 -33.51 62.49
N VAL J 654 -57.66 -33.80 61.42
CA VAL J 654 -58.06 -34.86 60.51
C VAL J 654 -57.89 -36.24 61.16
N GLN J 655 -56.84 -36.40 61.98
CA GLN J 655 -56.66 -37.65 62.69
C GLN J 655 -57.68 -37.82 63.82
N LYS J 656 -58.27 -36.72 64.30
CA LYS J 656 -59.33 -36.83 65.29
C LYS J 656 -60.60 -37.40 64.68
N MET J 657 -60.77 -37.26 63.37
CA MET J 657 -61.88 -37.87 62.65
C MET J 657 -61.58 -39.32 62.26
N ASN J 658 -60.54 -39.92 62.84
CA ASN J 658 -60.13 -41.29 62.53
C ASN J 658 -59.72 -41.43 61.06
N LEU J 659 -58.81 -40.56 60.63
CA LEU J 659 -58.19 -40.63 59.32
C LEU J 659 -56.69 -40.76 59.50
N GLU J 660 -56.08 -41.69 58.77
CA GLU J 660 -54.66 -41.96 58.93
C GLU J 660 -53.85 -40.95 58.12
N VAL J 661 -52.98 -40.20 58.80
CA VAL J 661 -52.07 -39.26 58.16
C VAL J 661 -50.69 -39.89 58.12
N ILE J 662 -50.14 -40.04 56.92
CA ILE J 662 -48.86 -40.70 56.74
C ILE J 662 -47.73 -39.75 56.36
N TYR J 663 -48.06 -38.59 55.81
CA TYR J 663 -47.03 -37.62 55.44
C TYR J 663 -47.68 -36.26 55.22
N GLY J 664 -46.86 -35.22 55.28
CA GLY J 664 -47.32 -33.87 55.05
C GLY J 664 -46.19 -32.87 55.11
N ASP J 665 -46.03 -32.06 54.07
CA ASP J 665 -44.97 -31.06 54.04
C ASP J 665 -45.52 -29.74 54.56
N THR J 666 -44.82 -28.63 54.27
CA THR J 666 -45.13 -27.36 54.93
C THR J 666 -46.55 -26.88 54.65
N ASP J 667 -47.09 -27.19 53.47
CA ASP J 667 -48.46 -26.82 53.15
C ASP J 667 -49.31 -27.99 52.69
N SER J 668 -48.78 -29.20 52.66
CA SER J 668 -49.48 -30.38 52.15
C SER J 668 -49.66 -31.41 53.26
N ILE J 669 -50.52 -32.39 53.00
CA ILE J 669 -50.78 -33.47 53.93
C ILE J 669 -51.38 -34.62 53.16
N MET J 670 -50.90 -35.83 53.43
CA MET J 670 -51.32 -37.04 52.73
C MET J 670 -52.15 -37.90 53.67
N ILE J 671 -53.31 -38.33 53.18
CA ILE J 671 -54.25 -39.14 53.95
C ILE J 671 -54.46 -40.45 53.21
N ASN J 672 -54.30 -41.56 53.92
CA ASN J 672 -54.56 -42.88 53.35
C ASN J 672 -56.05 -43.17 53.44
N THR J 673 -56.73 -43.14 52.28
CA THR J 673 -58.18 -43.33 52.28
C THR J 673 -58.57 -44.76 52.65
N ASN J 674 -57.68 -45.73 52.39
CA ASN J 674 -57.95 -47.13 52.69
C ASN J 674 -59.22 -47.63 52.02
N SER J 675 -59.52 -47.10 50.84
CA SER J 675 -60.74 -47.46 50.12
C SER J 675 -60.41 -47.67 48.65
N THR J 676 -61.00 -48.72 48.07
CA THR J 676 -60.77 -49.04 46.67
C THR J 676 -61.67 -48.25 45.73
N ASN J 677 -62.76 -47.67 46.23
CA ASN J 677 -63.70 -46.92 45.40
C ASN J 677 -63.24 -45.48 45.26
N LEU J 678 -63.21 -44.99 44.02
CA LEU J 678 -62.78 -43.62 43.77
C LEU J 678 -63.86 -42.62 44.18
N GLU J 679 -65.12 -43.05 44.22
CA GLU J 679 -66.19 -42.17 44.66
C GLU J 679 -66.28 -42.04 46.17
N GLU J 680 -65.66 -42.97 46.90
CA GLU J 680 -65.68 -42.90 48.36
C GLU J 680 -64.58 -41.99 48.91
N VAL J 681 -63.43 -41.92 48.23
CA VAL J 681 -62.36 -41.05 48.69
C VAL J 681 -62.67 -39.60 48.35
N PHE J 682 -63.27 -39.34 47.18
CA PHE J 682 -63.61 -37.98 46.82
C PHE J 682 -64.76 -37.44 47.66
N LYS J 683 -65.67 -38.31 48.10
CA LYS J 683 -66.75 -37.87 48.97
C LYS J 683 -66.23 -37.54 50.37
N LEU J 684 -65.38 -38.41 50.92
CA LEU J 684 -64.75 -38.12 52.20
C LEU J 684 -63.68 -37.05 52.12
N GLY J 685 -63.21 -36.71 50.93
CA GLY J 685 -62.21 -35.67 50.76
C GLY J 685 -62.79 -34.27 50.88
N ASN J 686 -63.98 -34.07 50.33
CA ASN J 686 -64.62 -32.76 50.41
C ASN J 686 -65.20 -32.49 51.79
N LYS J 687 -65.38 -33.53 52.61
CA LYS J 687 -65.87 -33.31 53.97
C LYS J 687 -64.80 -32.67 54.83
N VAL J 688 -63.60 -33.26 54.85
CA VAL J 688 -62.51 -32.68 55.62
C VAL J 688 -61.99 -31.40 54.98
N LYS J 689 -62.26 -31.18 53.70
CA LYS J 689 -61.85 -29.94 53.06
C LYS J 689 -62.71 -28.78 53.52
N SER J 690 -64.02 -28.98 53.63
CA SER J 690 -64.91 -27.92 54.08
C SER J 690 -64.84 -27.72 55.59
N GLU J 691 -64.50 -28.77 56.34
CA GLU J 691 -64.36 -28.63 57.79
C GLU J 691 -63.15 -27.77 58.15
N VAL J 692 -62.13 -27.76 57.28
CA VAL J 692 -60.96 -26.91 57.54
C VAL J 692 -61.26 -25.47 57.15
N ASN J 693 -61.86 -25.27 55.98
CA ASN J 693 -62.19 -23.92 55.52
C ASN J 693 -63.22 -23.23 56.41
N LYS J 694 -63.96 -23.99 57.21
CA LYS J 694 -64.94 -23.40 58.12
C LYS J 694 -64.28 -22.61 59.25
N LEU J 695 -62.96 -22.71 59.40
CA LEU J 695 -62.24 -21.98 60.44
C LEU J 695 -61.59 -20.70 59.92
N TYR J 696 -61.31 -20.62 58.63
CA TYR J 696 -60.57 -19.50 58.05
C TYR J 696 -61.46 -18.70 57.12
N LYS J 697 -61.08 -17.44 56.93
CA LYS J 697 -61.80 -16.51 56.06
C LYS J 697 -61.22 -16.47 54.65
N LEU J 698 -59.93 -16.18 54.53
CA LEU J 698 -59.27 -16.09 53.24
C LEU J 698 -58.39 -17.30 52.93
N LEU J 699 -57.90 -18.00 53.95
CA LEU J 699 -57.10 -19.20 53.73
C LEU J 699 -58.00 -20.34 53.27
N GLU J 700 -57.72 -20.88 52.09
CA GLU J 700 -58.50 -21.97 51.52
C GLU J 700 -57.63 -23.20 51.32
N ILE J 701 -58.21 -24.37 51.58
CA ILE J 701 -57.55 -25.65 51.37
C ILE J 701 -58.31 -26.39 50.27
N ASP J 702 -57.57 -27.13 49.45
CA ASP J 702 -58.16 -27.83 48.31
C ASP J 702 -57.49 -29.19 48.16
N ILE J 703 -58.08 -30.03 47.32
CA ILE J 703 -57.55 -31.34 47.02
C ILE J 703 -56.59 -31.22 45.84
N ASP J 704 -55.35 -31.68 46.04
CA ASP J 704 -54.35 -31.69 44.97
C ASP J 704 -54.29 -33.02 44.26
N GLY J 705 -55.36 -33.80 44.31
CA GLY J 705 -55.43 -35.07 43.62
C GLY J 705 -55.25 -36.26 44.55
N VAL J 706 -55.46 -37.44 43.98
CA VAL J 706 -55.27 -38.71 44.68
C VAL J 706 -54.33 -39.57 43.85
N PHE J 707 -53.68 -40.51 44.52
CA PHE J 707 -52.74 -41.43 43.88
C PHE J 707 -53.24 -42.86 44.00
N LYS J 708 -53.12 -43.61 42.91
CA LYS J 708 -53.49 -45.02 42.94
C LYS J 708 -52.46 -45.84 43.71
N SER J 709 -51.22 -45.37 43.77
CA SER J 709 -50.16 -46.04 44.51
C SER J 709 -49.14 -45.00 44.95
N LEU J 710 -48.49 -45.26 46.08
CA LEU J 710 -47.50 -44.35 46.64
C LEU J 710 -46.32 -45.14 47.17
N LEU J 711 -45.11 -44.64 46.90
CA LEU J 711 -43.88 -45.17 47.47
C LEU J 711 -43.23 -44.05 48.27
N LEU J 712 -43.50 -44.03 49.57
CA LEU J 712 -43.01 -42.99 50.47
C LEU J 712 -41.73 -43.50 51.14
N LEU J 713 -40.59 -42.94 50.74
CA LEU J 713 -39.30 -43.40 51.22
C LEU J 713 -38.81 -42.58 52.40
N LYS J 714 -38.50 -41.30 52.17
CA LYS J 714 -38.01 -40.41 53.21
C LYS J 714 -38.71 -39.06 53.08
N LYS J 715 -38.27 -38.09 53.87
CA LYS J 715 -38.83 -36.76 53.79
C LYS J 715 -38.44 -36.09 52.47
N LYS J 716 -39.44 -35.53 51.78
CA LYS J 716 -39.25 -34.85 50.50
C LYS J 716 -38.70 -35.81 49.44
N LYS J 717 -38.99 -37.10 49.58
CA LYS J 717 -38.60 -38.11 48.58
C LYS J 717 -39.71 -39.14 48.51
N TYR J 718 -40.54 -39.05 47.48
CA TYR J 718 -41.62 -40.01 47.30
C TYR J 718 -42.01 -40.05 45.83
N ALA J 719 -42.59 -41.19 45.43
CA ALA J 719 -43.08 -41.40 44.08
C ALA J 719 -44.50 -41.93 44.14
N ALA J 720 -45.33 -41.49 43.20
CA ALA J 720 -46.74 -41.88 43.20
C ALA J 720 -47.30 -41.71 41.80
N LEU J 721 -48.37 -42.46 41.53
CA LEU J 721 -49.08 -42.38 40.26
C LEU J 721 -50.34 -41.54 40.46
N VAL J 722 -50.32 -40.31 39.94
CA VAL J 722 -51.45 -39.40 40.13
C VAL J 722 -52.64 -39.88 39.31
N VAL J 723 -53.84 -39.58 39.80
CA VAL J 723 -55.09 -39.99 39.18
C VAL J 723 -55.66 -38.81 38.42
N GLU J 724 -55.77 -38.95 37.10
CA GLU J 724 -56.39 -37.93 36.25
C GLU J 724 -57.69 -38.48 35.70
N PRO J 725 -58.85 -37.97 36.13
CA PRO J 725 -60.12 -38.55 35.68
C PRO J 725 -60.35 -38.31 34.20
N THR J 726 -61.03 -39.28 33.58
CA THR J 726 -61.40 -39.16 32.17
C THR J 726 -62.64 -38.29 32.04
N SER J 727 -63.31 -38.35 30.89
CA SER J 727 -64.49 -37.51 30.68
C SER J 727 -65.70 -38.04 31.45
N ASP J 728 -65.81 -39.36 31.61
CA ASP J 728 -66.99 -39.95 32.24
C ASP J 728 -66.63 -41.30 32.85
N GLY J 729 -66.66 -41.37 34.17
CA GLY J 729 -66.61 -42.65 34.88
C GLY J 729 -65.36 -43.47 34.69
N ASN J 730 -64.19 -42.81 34.66
CA ASN J 730 -62.91 -43.51 34.54
C ASN J 730 -61.81 -42.49 34.78
N TYR J 731 -60.60 -42.99 35.05
CA TYR J 731 -59.45 -42.14 35.25
C TYR J 731 -58.22 -42.75 34.59
N VAL J 732 -57.28 -41.90 34.22
CA VAL J 732 -56.00 -42.31 33.67
C VAL J 732 -54.90 -41.94 34.66
N THR J 733 -53.88 -42.78 34.74
CA THR J 733 -52.82 -42.63 35.74
C THR J 733 -51.58 -42.00 35.12
N LYS J 734 -50.94 -41.11 35.87
CA LYS J 734 -49.68 -40.50 35.47
C LYS J 734 -48.79 -40.43 36.70
N GLN J 735 -47.56 -40.92 36.58
CA GLN J 735 -46.68 -40.99 37.74
C GLN J 735 -46.11 -39.62 38.07
N GLU J 736 -45.58 -39.51 39.29
CA GLU J 736 -44.98 -38.28 39.79
C GLU J 736 -43.72 -38.62 40.56
N LEU J 737 -42.64 -37.89 40.29
CA LEU J 737 -41.36 -38.10 40.94
C LEU J 737 -40.97 -36.82 41.67
N LYS J 738 -40.79 -36.91 42.98
CA LYS J 738 -40.48 -35.76 43.81
C LYS J 738 -39.33 -36.10 44.75
N GLY J 739 -38.17 -35.50 44.51
CA GLY J 739 -37.05 -35.58 45.42
C GLY J 739 -36.17 -36.79 45.31
N LEU J 740 -36.65 -37.85 44.65
CA LEU J 740 -35.87 -39.08 44.55
C LEU J 740 -34.55 -38.82 43.83
N ASP J 741 -33.61 -39.76 43.99
CA ASP J 741 -32.32 -39.64 43.32
C ASP J 741 -32.47 -39.60 41.80
N ILE J 742 -33.52 -40.23 41.27
CA ILE J 742 -33.76 -40.21 39.83
C ILE J 742 -34.22 -38.86 39.33
N VAL J 743 -34.54 -37.93 40.22
CA VAL J 743 -34.91 -36.58 39.82
C VAL J 743 -33.70 -35.65 39.84
N ARG J 744 -32.74 -35.89 40.72
CA ARG J 744 -31.59 -35.01 40.86
C ARG J 744 -30.62 -35.19 39.69
N ARG J 745 -29.77 -34.18 39.50
CA ARG J 745 -28.80 -34.19 38.42
C ARG J 745 -27.40 -34.62 38.86
N ASP J 746 -27.16 -34.74 40.17
CA ASP J 746 -25.88 -35.20 40.66
C ASP J 746 -25.70 -36.71 40.57
N TRP J 747 -26.72 -37.42 40.08
CA TRP J 747 -26.63 -38.85 39.83
C TRP J 747 -26.56 -39.10 38.33
N CYS J 748 -25.96 -40.23 37.96
CA CYS J 748 -25.80 -40.55 36.54
C CYS J 748 -27.14 -40.91 35.91
N ASP J 749 -27.24 -40.67 34.60
CA ASP J 749 -28.48 -40.95 33.88
C ASP J 749 -28.75 -42.43 33.75
N LEU J 750 -27.72 -43.28 33.89
CA LEU J 750 -27.93 -44.72 33.81
C LEU J 750 -28.68 -45.24 35.03
N ALA J 751 -28.35 -44.73 36.23
CA ALA J 751 -29.05 -45.15 37.42
C ALA J 751 -30.45 -44.55 37.50
N LYS J 752 -30.60 -43.30 37.04
CA LYS J 752 -31.91 -42.66 37.07
C LYS J 752 -32.89 -43.37 36.13
N ASP J 753 -32.42 -43.83 34.98
CA ASP J 753 -33.27 -44.61 34.09
C ASP J 753 -33.53 -46.00 34.65
N THR J 754 -32.58 -46.54 35.41
CA THR J 754 -32.78 -47.83 36.08
C THR J 754 -33.82 -47.71 37.18
N GLY J 755 -33.70 -46.67 38.02
CA GLY J 755 -34.67 -46.47 39.09
C GLY J 755 -36.06 -46.16 38.61
N ASN J 756 -36.19 -45.41 37.51
CA ASN J 756 -37.51 -45.12 36.96
C ASN J 756 -38.24 -46.38 36.51
N PHE J 757 -37.53 -47.44 36.16
CA PHE J 757 -38.18 -48.72 35.86
C PHE J 757 -38.59 -49.44 37.15
N VAL J 758 -37.74 -49.40 38.17
CA VAL J 758 -38.12 -49.99 39.46
C VAL J 758 -39.28 -49.22 40.08
N ILE J 759 -39.24 -47.89 39.99
CA ILE J 759 -40.34 -47.07 40.50
C ILE J 759 -41.63 -47.40 39.77
N GLY J 760 -41.55 -47.59 38.46
CA GLY J 760 -42.74 -47.92 37.68
C GLY J 760 -43.28 -49.31 38.01
N GLN J 761 -42.39 -50.27 38.22
CA GLN J 761 -42.82 -51.63 38.54
C GLN J 761 -43.43 -51.71 39.94
N ILE J 762 -42.97 -50.89 40.87
CA ILE J 762 -43.54 -50.90 42.21
C ILE J 762 -44.95 -50.30 42.18
N LEU J 763 -45.14 -49.20 41.47
CA LEU J 763 -46.45 -48.57 41.35
C LEU J 763 -47.35 -49.28 40.34
N SER J 764 -46.83 -50.23 39.58
CA SER J 764 -47.60 -50.87 38.51
C SER J 764 -48.75 -51.68 39.07
N ASP J 765 -49.72 -51.97 38.20
CA ASP J 765 -50.88 -52.79 38.55
C ASP J 765 -50.60 -54.24 38.16
N GLN J 766 -49.63 -54.82 38.86
CA GLN J 766 -49.23 -56.21 38.65
C GLN J 766 -49.20 -56.93 39.98
N SER J 767 -49.12 -58.26 39.92
CA SER J 767 -49.08 -59.07 41.12
C SER J 767 -47.77 -58.86 41.87
N ARG J 768 -47.77 -59.25 43.15
CA ARG J 768 -46.57 -59.08 43.97
C ARG J 768 -45.44 -59.97 43.50
N ASP J 769 -45.76 -61.19 43.06
CA ASP J 769 -44.71 -62.09 42.58
C ASP J 769 -44.14 -61.63 41.25
N THR J 770 -44.96 -60.98 40.41
CA THR J 770 -44.46 -60.52 39.12
C THR J 770 -43.69 -59.22 39.25
N ILE J 771 -44.10 -58.34 40.18
CA ILE J 771 -43.41 -57.07 40.37
C ILE J 771 -41.99 -57.30 40.86
N VAL J 772 -41.76 -58.37 41.62
CA VAL J 772 -40.40 -58.71 42.05
C VAL J 772 -39.62 -59.32 40.91
N GLU J 773 -40.27 -60.12 40.06
CA GLU J 773 -39.57 -60.77 38.95
C GLU J 773 -39.20 -59.77 37.87
N ASN J 774 -40.00 -58.73 37.67
CA ASN J 774 -39.69 -57.73 36.65
C ASN J 774 -38.49 -56.89 37.04
N ILE J 775 -38.48 -56.40 38.28
CA ILE J 775 -37.34 -55.61 38.76
C ILE J 775 -36.09 -56.45 38.90
N GLN J 776 -36.22 -57.77 38.91
CA GLN J 776 -35.08 -58.67 38.96
C GLN J 776 -34.58 -59.06 37.58
N LYS J 777 -35.50 -59.23 36.62
CA LYS J 777 -35.11 -59.58 35.26
C LYS J 777 -34.48 -58.41 34.52
N ARG J 778 -34.71 -57.18 34.97
CA ARG J 778 -34.11 -56.01 34.34
C ARG J 778 -32.75 -55.67 34.93
N LEU J 779 -32.59 -55.84 36.24
CA LEU J 779 -31.31 -55.52 36.86
C LEU J 779 -30.23 -56.51 36.45
N ILE J 780 -30.60 -57.78 36.26
CA ILE J 780 -29.62 -58.77 35.83
C ILE J 780 -29.22 -58.53 34.38
N GLU J 781 -30.12 -57.92 33.59
CA GLU J 781 -29.78 -57.61 32.20
C GLU J 781 -28.83 -56.42 32.14
N ILE J 782 -29.19 -55.31 32.79
CA ILE J 782 -28.33 -54.13 32.82
C ILE J 782 -27.07 -54.35 33.62
N GLY J 783 -27.00 -55.41 34.43
CA GLY J 783 -25.77 -55.74 35.13
C GLY J 783 -24.68 -56.25 34.22
N GLU J 784 -25.02 -56.66 33.00
CA GLU J 784 -24.04 -57.12 32.02
C GLU J 784 -23.72 -56.08 30.96
N ASN J 785 -24.68 -55.21 30.62
CA ASN J 785 -24.44 -54.18 29.62
C ASN J 785 -23.40 -53.16 30.07
N VAL J 786 -23.16 -53.04 31.37
CA VAL J 786 -22.12 -52.14 31.84
C VAL J 786 -20.74 -52.78 31.75
N LEU J 787 -20.67 -54.12 31.86
CA LEU J 787 -19.39 -54.81 31.82
C LEU J 787 -18.77 -54.74 30.42
N ASN J 788 -19.57 -55.01 29.39
CA ASN J 788 -19.08 -55.01 28.03
C ASN J 788 -19.11 -53.63 27.37
N GLY J 789 -19.66 -52.62 28.06
CA GLY J 789 -19.64 -51.27 27.53
C GLY J 789 -20.71 -50.96 26.51
N SER J 790 -21.83 -51.68 26.54
CA SER J 790 -22.92 -51.42 25.59
C SER J 790 -23.65 -50.12 25.89
N VAL J 791 -23.46 -49.53 27.05
CA VAL J 791 -24.14 -48.28 27.41
C VAL J 791 -23.42 -47.12 26.76
N PRO J 792 -24.13 -46.07 26.34
CA PRO J 792 -23.48 -44.91 25.73
C PRO J 792 -22.57 -44.19 26.72
N VAL J 793 -21.75 -43.30 26.18
CA VAL J 793 -20.80 -42.55 27.01
C VAL J 793 -21.54 -41.51 27.85
N SER J 794 -22.47 -40.78 27.23
CA SER J 794 -23.27 -39.78 27.93
C SER J 794 -24.43 -40.39 28.71
N GLN J 795 -24.38 -41.68 29.00
CA GLN J 795 -25.45 -42.36 29.73
C GLN J 795 -25.21 -42.42 31.24
N PHE J 796 -23.95 -42.38 31.67
CA PHE J 796 -23.62 -42.40 33.10
C PHE J 796 -22.69 -41.23 33.44
N GLU J 797 -23.17 -40.02 33.16
CA GLU J 797 -22.44 -38.80 33.49
C GLU J 797 -23.06 -38.13 34.70
N ILE J 798 -22.21 -37.64 35.60
CA ILE J 798 -22.63 -36.93 36.81
C ILE J 798 -22.49 -35.44 36.57
N ASN J 799 -23.46 -34.67 37.06
CA ASN J 799 -23.52 -33.23 36.82
C ASN J 799 -23.68 -32.51 38.15
N LYS J 800 -22.68 -31.70 38.50
CA LYS J 800 -22.71 -30.90 39.72
C LYS J 800 -22.17 -29.51 39.41
N ALA J 801 -22.86 -28.49 39.91
CA ALA J 801 -22.49 -27.11 39.63
C ALA J 801 -21.55 -26.57 40.69
N LEU J 802 -20.92 -25.43 40.37
CA LEU J 802 -20.00 -24.77 41.26
C LEU J 802 -20.71 -23.66 42.03
N THR J 803 -20.38 -23.56 43.32
CA THR J 803 -20.88 -22.46 44.14
C THR J 803 -19.98 -21.23 44.06
N LYS J 804 -18.68 -21.42 43.89
CA LYS J 804 -17.72 -20.33 43.71
C LYS J 804 -16.81 -20.67 42.54
N ASP J 805 -15.94 -19.74 42.20
CA ASP J 805 -14.98 -19.99 41.13
C ASP J 805 -13.99 -21.07 41.54
N PRO J 806 -13.54 -21.90 40.58
CA PRO J 806 -12.58 -22.95 40.93
C PRO J 806 -11.27 -22.43 41.47
N GLN J 807 -10.94 -21.16 41.22
CA GLN J 807 -9.75 -20.56 41.81
C GLN J 807 -9.94 -20.29 43.30
N ASP J 808 -11.14 -19.82 43.67
CA ASP J 808 -11.48 -19.50 45.06
C ASP J 808 -12.28 -20.62 45.73
N TYR J 809 -12.26 -21.81 45.14
CA TYR J 809 -12.89 -23.01 45.68
C TYR J 809 -11.92 -24.01 46.35
N PRO J 810 -10.70 -23.64 46.75
CA PRO J 810 -9.76 -24.68 47.15
C PRO J 810 -10.20 -25.35 48.44
N ASP J 811 -10.20 -26.68 48.42
CA ASP J 811 -10.55 -27.50 49.56
C ASP J 811 -9.58 -28.68 49.57
N LYS J 812 -8.30 -28.35 49.80
CA LYS J 812 -7.19 -29.31 49.92
C LYS J 812 -7.08 -30.08 48.60
N LYS J 813 -7.33 -31.39 48.56
CA LYS J 813 -7.15 -32.16 47.32
C LYS J 813 -8.11 -31.77 46.23
N SER J 814 -9.21 -31.08 46.59
CA SER J 814 -10.27 -30.56 45.72
C SER J 814 -11.37 -31.60 45.52
N LEU J 815 -12.52 -31.16 45.05
CA LEU J 815 -13.74 -31.93 44.88
C LEU J 815 -13.83 -32.48 43.45
N PRO J 816 -14.53 -33.60 43.27
CA PRO J 816 -14.54 -34.25 41.94
C PRO J 816 -15.03 -33.37 40.81
N HIS J 817 -15.92 -32.41 41.08
CA HIS J 817 -16.36 -31.50 40.04
C HIS J 817 -15.53 -30.23 39.96
N VAL J 818 -14.78 -29.90 41.01
CA VAL J 818 -13.88 -28.76 40.95
C VAL J 818 -12.59 -29.12 40.24
N HIS J 819 -12.11 -30.35 40.43
CA HIS J 819 -10.89 -30.80 39.75
C HIS J 819 -11.10 -30.80 38.24
N VAL J 820 -12.28 -31.22 37.78
CA VAL J 820 -12.57 -31.17 36.35
C VAL J 820 -12.70 -29.73 35.87
N ALA J 821 -13.23 -28.85 36.71
CA ALA J 821 -13.38 -27.44 36.33
C ALA J 821 -12.02 -26.78 36.15
N LEU J 822 -11.04 -27.13 37.01
CA LEU J 822 -9.71 -26.56 36.87
C LEU J 822 -9.01 -27.02 35.60
N TRP J 823 -9.28 -28.26 35.17
CA TRP J 823 -8.65 -28.76 33.95
C TRP J 823 -9.19 -28.05 32.72
N ILE J 824 -10.49 -27.71 32.73
CA ILE J 824 -11.06 -26.98 31.60
C ILE J 824 -10.47 -25.58 31.50
N ASN J 825 -10.13 -24.98 32.64
CA ASN J 825 -9.53 -23.65 32.63
C ASN J 825 -8.11 -23.66 32.06
N SER J 826 -7.44 -24.82 32.04
CA SER J 826 -6.14 -24.91 31.40
C SER J 826 -6.26 -25.03 29.89
N GLN J 827 -7.40 -25.48 29.38
CA GLN J 827 -7.62 -25.60 27.95
C GLN J 827 -8.08 -24.27 27.37
N GLY J 828 -8.24 -24.24 26.05
CA GLY J 828 -8.70 -23.06 25.35
C GLY J 828 -10.20 -22.94 25.21
N GLY J 829 -10.97 -23.80 25.86
CA GLY J 829 -12.41 -23.75 25.78
C GLY J 829 -13.01 -22.67 26.67
N ARG J 830 -14.34 -22.69 26.73
CA ARG J 830 -15.07 -21.73 27.56
C ARG J 830 -14.75 -21.98 29.03
N LYS J 831 -14.20 -20.97 29.69
CA LYS J 831 -13.85 -21.10 31.10
C LYS J 831 -15.09 -21.32 31.95
N VAL J 832 -14.99 -22.23 32.91
CA VAL J 832 -16.09 -22.53 33.82
C VAL J 832 -15.96 -21.62 35.03
N LYS J 833 -16.95 -20.75 35.23
CA LYS J 833 -16.98 -19.84 36.36
C LYS J 833 -18.01 -20.35 37.38
N ALA J 834 -18.29 -19.52 38.39
CA ALA J 834 -19.25 -19.91 39.41
C ALA J 834 -20.66 -20.00 38.83
N GLY J 835 -21.43 -20.96 39.31
CA GLY J 835 -22.78 -21.18 38.86
C GLY J 835 -22.93 -22.12 37.69
N ASP J 836 -21.87 -22.32 36.92
CA ASP J 836 -21.92 -23.23 35.78
C ASP J 836 -21.88 -24.68 36.25
N THR J 837 -22.45 -25.56 35.43
CA THR J 837 -22.49 -26.98 35.73
C THR J 837 -21.32 -27.69 35.07
N VAL J 838 -20.67 -28.57 35.82
CA VAL J 838 -19.55 -29.37 35.33
C VAL J 838 -19.99 -30.82 35.27
N SER J 839 -19.96 -31.40 34.07
CA SER J 839 -20.30 -32.80 33.88
C SER J 839 -19.01 -33.62 33.89
N TYR J 840 -18.93 -34.61 34.77
CA TYR J 840 -17.75 -35.45 34.90
C TYR J 840 -18.17 -36.92 34.87
N VAL J 841 -17.17 -37.79 34.91
CA VAL J 841 -17.39 -39.24 34.82
C VAL J 841 -16.20 -39.93 35.45
N ILE J 842 -16.47 -40.99 36.22
CA ILE J 842 -15.42 -41.72 36.91
C ILE J 842 -14.75 -42.69 35.95
N CYS J 843 -13.47 -42.97 36.21
CA CYS J 843 -12.66 -43.82 35.34
C CYS J 843 -11.48 -44.35 36.12
N GLN J 844 -10.90 -45.45 35.62
CA GLN J 844 -9.85 -46.14 36.38
C GLN J 844 -8.55 -45.35 36.38
N ASP J 845 -8.19 -44.72 35.26
CA ASP J 845 -6.92 -44.01 35.06
C ASP J 845 -5.73 -44.76 35.64
N GLY J 846 -4.75 -44.03 36.19
CA GLY J 846 -3.62 -44.67 36.84
C GLY J 846 -3.98 -45.53 38.02
N SER J 847 -5.20 -45.38 38.55
CA SER J 847 -5.82 -46.14 39.63
C SER J 847 -5.27 -45.78 41.00
N ASN J 848 -4.25 -44.93 41.10
CA ASN J 848 -3.82 -44.45 42.40
C ASN J 848 -4.89 -43.56 43.02
N LEU J 849 -4.91 -43.52 44.35
CA LEU J 849 -5.79 -42.66 45.14
C LEU J 849 -7.25 -43.10 45.08
N THR J 850 -8.14 -42.27 45.61
CA THR J 850 -9.53 -42.61 45.83
C THR J 850 -10.33 -42.51 44.54
N ALA J 851 -11.55 -43.05 44.59
CA ALA J 851 -12.43 -43.02 43.42
C ALA J 851 -12.84 -41.60 43.07
N SER J 852 -13.02 -40.74 44.08
CA SER J 852 -13.35 -39.34 43.81
C SER J 852 -12.24 -38.65 43.02
N GLN J 853 -10.98 -39.00 43.30
CA GLN J 853 -9.87 -38.46 42.54
C GLN J 853 -9.85 -38.99 41.11
N ARG J 854 -10.44 -40.16 40.87
CA ARG J 854 -10.47 -40.77 39.55
C ARG J 854 -11.64 -40.21 38.73
N ALA J 855 -11.63 -38.89 38.57
CA ALA J 855 -12.71 -38.16 37.91
C ALA J 855 -12.13 -37.19 36.90
N TYR J 856 -12.65 -37.24 35.67
CA TYR J 856 -12.19 -36.37 34.59
C TYR J 856 -13.39 -35.98 33.74
N ALA J 857 -13.15 -35.05 32.81
CA ALA J 857 -14.18 -34.65 31.88
C ALA J 857 -14.45 -35.77 30.88
N PRO J 858 -15.67 -35.86 30.34
CA PRO J 858 -15.96 -36.93 29.37
C PRO J 858 -15.18 -36.78 28.07
N GLU J 859 -14.63 -35.60 27.78
CA GLU J 859 -13.83 -35.44 26.58
C GLU J 859 -12.52 -36.23 26.66
N GLN J 860 -11.95 -36.37 27.85
CA GLN J 860 -10.74 -37.16 28.02
C GLN J 860 -11.00 -38.65 27.86
N LEU J 861 -12.22 -39.11 28.13
CA LEU J 861 -12.55 -40.53 27.96
C LEU J 861 -12.55 -40.93 26.49
N GLN J 862 -13.07 -40.07 25.62
CA GLN J 862 -13.12 -40.37 24.19
C GLN J 862 -11.83 -40.02 23.47
N LYS J 863 -11.02 -39.12 24.03
CA LYS J 863 -9.76 -38.73 23.40
C LYS J 863 -8.58 -39.57 23.84
N GLN J 864 -8.65 -40.16 25.03
CA GLN J 864 -7.57 -40.99 25.57
C GLN J 864 -8.11 -42.35 25.95
N ASP J 865 -7.46 -43.41 25.46
CA ASP J 865 -7.85 -44.77 25.80
C ASP J 865 -7.16 -45.30 27.04
N ASN J 866 -6.19 -44.58 27.58
CA ASN J 866 -5.58 -44.97 28.85
C ASN J 866 -6.51 -44.69 30.03
N LEU J 867 -7.55 -43.90 29.84
CA LEU J 867 -8.58 -43.64 30.85
C LEU J 867 -9.80 -44.46 30.48
N THR J 868 -9.96 -45.62 31.11
CA THR J 868 -11.07 -46.51 30.83
C THR J 868 -12.16 -46.34 31.88
N ILE J 869 -13.40 -46.61 31.47
CA ILE J 869 -14.55 -46.44 32.35
C ILE J 869 -14.45 -47.38 33.53
N ASP J 870 -14.59 -46.84 34.74
CA ASP J 870 -14.61 -47.66 35.94
C ASP J 870 -16.00 -48.28 36.06
N THR J 871 -16.12 -49.54 35.66
CA THR J 871 -17.38 -50.25 35.80
C THR J 871 -17.73 -50.51 37.26
N GLN J 872 -16.73 -50.77 38.10
CA GLN J 872 -16.98 -51.09 39.50
C GLN J 872 -17.64 -49.93 40.26
N TYR J 873 -17.27 -48.69 39.93
CA TYR J 873 -17.82 -47.54 40.64
C TYR J 873 -19.32 -47.39 40.38
N TYR J 874 -19.76 -47.64 39.15
CA TYR J 874 -21.16 -47.43 38.80
C TYR J 874 -22.05 -48.61 39.17
N LEU J 875 -21.48 -49.78 39.43
CA LEU J 875 -22.30 -50.95 39.73
C LEU J 875 -22.74 -51.00 41.19
N ALA J 876 -21.91 -50.50 42.11
CA ALA J 876 -22.18 -50.62 43.54
C ALA J 876 -22.48 -49.30 44.22
N GLN J 877 -21.89 -48.20 43.77
CA GLN J 877 -22.05 -46.90 44.40
C GLN J 877 -22.95 -45.95 43.62
N GLN J 878 -23.42 -46.35 42.44
CA GLN J 878 -24.31 -45.53 41.63
C GLN J 878 -25.64 -46.22 41.39
N ILE J 879 -25.65 -47.38 40.73
CA ILE J 879 -26.91 -48.04 40.42
C ILE J 879 -27.44 -48.80 41.62
N HIS J 880 -26.56 -49.42 42.40
CA HIS J 880 -27.00 -50.20 43.55
C HIS J 880 -27.73 -49.37 44.61
N PRO J 881 -27.21 -48.23 45.07
CA PRO J 881 -27.93 -47.50 46.14
C PRO J 881 -29.28 -46.95 45.70
N VAL J 882 -29.41 -46.52 44.44
CA VAL J 882 -30.66 -45.94 43.98
C VAL J 882 -31.77 -46.98 43.98
N VAL J 883 -31.48 -48.20 43.53
CA VAL J 883 -32.49 -49.26 43.54
C VAL J 883 -32.69 -49.79 44.95
N ALA J 884 -31.64 -49.77 45.77
CA ALA J 884 -31.75 -50.30 47.12
C ALA J 884 -32.75 -49.51 47.96
N ARG J 885 -32.71 -48.18 47.86
CA ARG J 885 -33.63 -47.36 48.65
C ARG J 885 -35.04 -47.39 48.06
N ILE J 886 -35.15 -47.41 46.73
CA ILE J 886 -36.46 -47.44 46.11
C ILE J 886 -37.14 -48.78 46.37
N CYS J 887 -36.37 -49.86 46.40
CA CYS J 887 -36.89 -51.20 46.67
C CYS J 887 -36.65 -51.64 48.11
N GLU J 888 -36.35 -50.69 49.01
CA GLU J 888 -36.17 -51.05 50.41
C GLU J 888 -37.48 -51.51 51.06
N PRO J 889 -38.60 -50.77 50.98
CA PRO J 889 -39.84 -51.26 51.60
C PRO J 889 -40.51 -52.38 50.82
N ILE J 890 -39.96 -52.80 49.69
CA ILE J 890 -40.52 -53.93 48.95
C ILE J 890 -40.30 -55.21 49.75
N ASP J 891 -41.36 -56.02 49.86
CA ASP J 891 -41.29 -57.21 50.70
C ASP J 891 -40.30 -58.23 50.15
N GLY J 892 -40.30 -58.44 48.84
CA GLY J 892 -39.44 -59.45 48.25
C GLY J 892 -38.01 -59.00 48.03
N ILE J 893 -37.82 -57.84 47.43
CA ILE J 893 -36.48 -57.39 47.06
C ILE J 893 -35.68 -57.04 48.30
N ASP J 894 -34.48 -57.59 48.40
CA ASP J 894 -33.55 -57.30 49.49
C ASP J 894 -32.36 -56.52 48.96
N ALA J 895 -31.70 -55.80 49.87
CA ALA J 895 -30.55 -54.99 49.48
C ALA J 895 -29.37 -55.87 49.07
N VAL J 896 -29.19 -57.01 49.72
CA VAL J 896 -28.12 -57.92 49.34
C VAL J 896 -28.48 -58.69 48.07
N LEU J 897 -29.77 -58.88 47.80
CA LEU J 897 -30.19 -59.56 46.58
C LEU J 897 -29.91 -58.72 45.35
N ILE J 898 -29.91 -57.39 45.48
CA ILE J 898 -29.62 -56.52 44.35
C ILE J 898 -28.20 -56.76 43.85
N ALA J 899 -27.25 -56.96 44.76
CA ALA J 899 -25.89 -57.26 44.36
C ALA J 899 -25.80 -58.60 43.63
N THR J 900 -26.71 -59.53 43.93
CA THR J 900 -26.70 -60.83 43.27
C THR J 900 -27.21 -60.72 41.84
N TRP J 901 -28.29 -59.95 41.63
CA TRP J 901 -28.82 -59.80 40.28
C TRP J 901 -27.83 -59.10 39.36
N LEU J 902 -27.18 -58.05 39.86
CA LEU J 902 -26.27 -57.27 39.02
C LEU J 902 -25.06 -58.09 38.58
N GLY J 903 -24.44 -58.79 39.53
CA GLY J 903 -23.25 -59.56 39.23
C GLY J 903 -22.12 -59.19 40.18
N LEU J 904 -22.48 -58.82 41.40
CA LEU J 904 -21.54 -58.42 42.42
C LEU J 904 -21.55 -59.43 43.56
N ASP J 905 -20.37 -59.75 44.08
CA ASP J 905 -20.30 -60.49 45.33
C ASP J 905 -21.05 -59.73 46.41
N PRO J 906 -21.84 -60.40 47.23
CA PRO J 906 -22.61 -59.64 48.23
C PRO J 906 -21.74 -59.20 49.41
N THR J 907 -20.77 -58.32 49.12
CA THR J 907 -20.09 -57.62 50.20
C THR J 907 -21.11 -56.88 51.06
N GLN J 908 -22.12 -56.28 50.43
CA GLN J 908 -23.24 -55.62 51.09
C GLN J 908 -23.83 -56.47 52.21
#